data_4B3L
#
_entry.id   4B3L
#
_cell.length_a   107.830
_cell.length_b   198.040
_cell.length_c   107.880
_cell.angle_alpha   90.00
_cell.angle_beta   118.51
_cell.angle_gamma   90.00
#
_symmetry.space_group_name_H-M   'P 1 21 1'
#
loop_
_entity.id
_entity.type
_entity.pdbx_description
1 polymer BETA-GLUCOSIDASE
2 water water
#
_entity_poly.entity_id   1
_entity_poly.type   'polypeptide(L)'
_entity_poly.pdbx_seq_one_letter_code
;LAFPKEFWWGGATSGPQSEGRFAKQHRNLFDYWYEEEPDLFYDYVGPDTASDAYHQIESDLTLLASLGHNSYRTSIQWTR
LIDDFEQATINPDGLAYYNRVIDACLANGIRPVINLHHFDLPIALYQAYGGWESKHVVDLFVAFSKVCFEQFGDRVKDWF
VHNEPMVVVEGSYLMQFHYPAIVDGKKAVQVAYNLALATAKVIQAYRRGPAELSDGRIGTILNLTPAYPASQSEADMAAA
HFAELWNNDLFMEAAVHGKFPEELVAVLKKDGVLWQSTPEELALIAENRVDYLGLNFYHPKRVKAPDAIPVISPSWSPEW
YYDPYLMPGRRMNVDKGWEIYPEAVYDIAIKMRDHYDNIPWFLSENGVGISGEDRYRDETGQIQDDYRIQFLKEHLTYLH
KGIEAGSNCFGYHVWTPIDGWSWLNAYKNRYGLVENNIHTQVRRPKASAYWFKKVATHNRLISLEVMEEFGGSASHLSD
;
_entity_poly.pdbx_strand_id   A,B,C,D,E,F
#
# COMPACT_ATOMS: atom_id res chain seq x y z
N LEU A 1 44.27 22.10 -16.46
CA LEU A 1 44.61 20.72 -16.01
C LEU A 1 43.45 19.73 -16.13
N ALA A 2 43.50 18.84 -17.14
CA ALA A 2 42.39 17.89 -17.38
C ALA A 2 42.74 16.41 -17.28
N PHE A 3 41.78 15.63 -16.81
CA PHE A 3 41.98 14.20 -16.51
C PHE A 3 41.47 13.28 -17.62
N PRO A 4 41.86 11.99 -17.60
CA PRO A 4 41.35 11.13 -18.66
C PRO A 4 39.84 11.09 -18.62
N LYS A 5 39.25 10.54 -19.70
CA LYS A 5 37.83 10.20 -19.79
C LYS A 5 37.61 9.09 -18.80
N GLU A 6 36.45 9.07 -18.14
CA GLU A 6 36.05 7.91 -17.28
C GLU A 6 36.82 7.88 -15.96
N PHE A 7 37.31 9.05 -15.52
CA PHE A 7 38.16 9.06 -14.35
C PHE A 7 37.23 8.89 -13.18
N TRP A 8 37.55 7.96 -12.27
CA TRP A 8 36.82 7.88 -11.01
C TRP A 8 37.09 9.05 -10.17
N TRP A 9 35.99 9.58 -9.68
CA TRP A 9 35.96 10.64 -8.71
C TRP A 9 34.98 10.18 -7.68
N GLY A 10 35.22 10.54 -6.42
CA GLY A 10 34.41 10.03 -5.33
C GLY A 10 35.26 9.93 -4.11
N GLY A 11 34.81 9.16 -3.14
CA GLY A 11 35.57 8.94 -1.90
C GLY A 11 35.45 7.51 -1.43
N ALA A 12 36.24 7.20 -0.40
CA ALA A 12 36.28 5.89 0.20
C ALA A 12 35.81 5.90 1.67
N THR A 13 35.19 4.78 2.07
CA THR A 13 34.91 4.50 3.49
C THR A 13 34.96 2.98 3.65
N SER A 14 34.45 2.49 4.77
CA SER A 14 34.43 1.08 5.08
C SER A 14 33.14 0.71 5.84
N GLY A 15 32.83 -0.60 5.87
CA GLY A 15 31.67 -1.06 6.60
C GLY A 15 31.76 -0.72 8.08
N PRO A 16 32.85 -1.18 8.74
CA PRO A 16 33.06 -0.95 10.17
C PRO A 16 33.08 0.52 10.51
N GLN A 17 33.44 1.40 9.60
CA GLN A 17 33.55 2.84 10.01
C GLN A 17 32.32 3.70 9.74
N SER A 18 31.42 3.19 8.89
CA SER A 18 30.30 3.99 8.49
C SER A 18 28.94 3.45 8.96
N GLU A 19 28.82 2.15 9.13
CA GLU A 19 27.50 1.54 9.30
C GLU A 19 26.85 1.72 10.65
N GLY A 20 27.60 1.49 11.72
CA GLY A 20 26.99 1.20 13.01
C GLY A 20 26.75 -0.32 13.16
N ARG A 21 26.62 -0.82 14.39
CA ARG A 21 26.48 -2.26 14.55
C ARG A 21 25.04 -2.66 14.54
N PHE A 22 24.15 -1.78 14.06
CA PHE A 22 22.72 -2.11 13.98
C PHE A 22 22.51 -3.47 13.30
N ALA A 23 21.77 -4.35 13.98
CA ALA A 23 21.37 -5.63 13.37
C ALA A 23 22.58 -6.51 12.99
N LYS A 24 23.80 -6.04 13.22
CA LYS A 24 24.97 -6.83 12.85
C LYS A 24 25.08 -8.08 13.72
N GLN A 25 25.04 -9.26 13.12
CA GLN A 25 25.07 -10.50 13.89
C GLN A 25 26.35 -10.76 14.70
N HIS A 26 27.53 -10.59 14.10
CA HIS A 26 28.78 -10.84 14.82
C HIS A 26 29.57 -9.60 15.18
N ARG A 27 30.61 -9.79 15.98
CA ARG A 27 31.51 -8.74 16.36
C ARG A 27 32.80 -8.89 15.61
N ASN A 28 33.28 -7.78 15.03
CA ASN A 28 34.63 -7.82 14.47
C ASN A 28 35.69 -7.44 15.53
N LEU A 29 36.95 -7.66 15.23
CA LEU A 29 37.99 -7.35 16.20
C LEU A 29 37.80 -5.98 16.91
N PHE A 30 37.45 -4.94 16.15
CA PHE A 30 37.27 -3.65 16.81
C PHE A 30 36.00 -3.55 17.69
N ASP A 31 34.94 -4.28 17.32
CA ASP A 31 33.68 -4.17 18.05
C ASP A 31 33.96 -4.78 19.41
N TYR A 32 34.59 -5.96 19.40
CA TYR A 32 35.02 -6.64 20.64
C TYR A 32 35.91 -5.76 21.54
N TRP A 33 36.94 -5.17 20.94
CA TRP A 33 37.85 -4.26 21.62
C TRP A 33 37.16 -3.11 22.26
N TYR A 34 36.12 -2.60 21.63
CA TYR A 34 35.45 -1.47 22.21
C TYR A 34 34.62 -1.91 23.40
N GLU A 35 33.97 -3.07 23.32
CA GLU A 35 33.18 -3.55 24.48
C GLU A 35 34.07 -3.81 25.71
N GLU A 36 35.32 -4.28 25.46
CA GLU A 36 36.30 -4.57 26.52
C GLU A 36 37.01 -3.37 27.08
N GLU A 37 37.36 -2.41 26.24
CA GLU A 37 38.20 -1.32 26.71
C GLU A 37 37.80 0.03 26.11
N PRO A 38 36.59 0.51 26.46
CA PRO A 38 36.09 1.65 25.76
C PRO A 38 36.92 2.91 26.07
N ASP A 39 37.76 2.84 27.11
CA ASP A 39 38.61 3.97 27.55
C ASP A 39 39.71 4.24 26.52
N LEU A 40 40.06 3.22 25.73
CA LEU A 40 41.04 3.35 24.64
C LEU A 40 40.54 4.18 23.43
N PHE A 41 39.23 4.56 23.39
CA PHE A 41 38.61 5.23 22.23
C PHE A 41 38.32 6.69 22.46
N TYR A 42 38.71 7.53 21.51
CA TYR A 42 38.62 8.95 21.78
C TYR A 42 37.22 9.34 22.17
N ASP A 43 37.12 10.03 23.28
CA ASP A 43 35.81 10.39 23.82
C ASP A 43 34.87 9.19 24.03
N TYR A 44 35.41 7.98 24.13
CA TYR A 44 34.58 6.83 24.45
C TYR A 44 33.51 6.51 23.37
N VAL A 45 33.70 7.02 22.16
CA VAL A 45 32.83 6.73 21.05
C VAL A 45 33.38 5.55 20.29
N GLY A 46 32.62 4.45 20.32
CA GLY A 46 32.97 3.25 19.61
C GLY A 46 32.14 3.11 18.36
N PRO A 47 32.04 1.88 17.84
CA PRO A 47 31.51 1.75 16.51
C PRO A 47 30.03 1.34 16.49
N ASP A 48 29.35 1.38 17.64
CA ASP A 48 27.89 1.02 17.68
C ASP A 48 26.96 1.79 16.72
N THR A 49 27.12 3.10 16.66
CA THR A 49 26.40 3.93 15.71
C THR A 49 27.30 4.40 14.52
N ALA A 50 28.57 4.69 14.82
CA ALA A 50 29.52 5.20 13.86
C ALA A 50 28.83 6.39 13.13
N SER A 51 28.82 6.41 11.82
CA SER A 51 28.19 7.42 11.03
C SER A 51 26.82 6.98 10.45
N ASP A 52 26.18 5.97 11.06
CA ASP A 52 24.74 5.65 10.78
C ASP A 52 24.39 5.26 9.33
N ALA A 53 25.38 4.84 8.54
CA ALA A 53 25.09 4.42 7.17
C ALA A 53 24.23 3.15 7.05
N TYR A 54 24.00 2.46 8.16
CA TYR A 54 23.15 1.32 8.05
C TYR A 54 21.77 1.91 7.74
N HIS A 55 21.43 3.02 8.38
CA HIS A 55 20.15 3.68 8.04
C HIS A 55 20.21 4.60 6.83
N GLN A 56 21.21 5.47 6.79
CA GLN A 56 21.30 6.53 5.81
C GLN A 56 22.05 6.24 4.51
N ILE A 57 22.25 4.99 4.14
CA ILE A 57 23.07 4.82 2.96
C ILE A 57 22.41 5.45 1.74
N GLU A 58 21.11 5.22 1.56
CA GLU A 58 20.42 5.71 0.32
C GLU A 58 20.52 7.20 0.23
N SER A 59 20.14 7.94 1.27
CA SER A 59 20.24 9.42 1.19
C SER A 59 21.71 9.92 1.12
N ASP A 60 22.65 9.20 1.73
CA ASP A 60 24.04 9.58 1.56
C ASP A 60 24.37 9.58 0.07
N LEU A 61 24.13 8.45 -0.59
CA LEU A 61 24.50 8.32 -2.01
C LEU A 61 23.85 9.38 -2.93
N THR A 62 22.64 9.83 -2.59
CA THR A 62 21.92 10.86 -3.33
C THR A 62 22.66 12.17 -3.15
N LEU A 63 23.05 12.47 -1.90
CA LEU A 63 23.80 13.67 -1.59
C LEU A 63 25.12 13.66 -2.37
N LEU A 64 25.79 12.49 -2.41
CA LEU A 64 27.08 12.38 -3.10
C LEU A 64 27.00 12.57 -4.59
N ALA A 65 26.02 11.93 -5.24
CA ALA A 65 25.78 12.22 -6.66
C ALA A 65 25.46 13.69 -6.88
N SER A 66 24.70 14.29 -5.99
CA SER A 66 24.41 15.73 -6.18
C SER A 66 25.66 16.59 -5.94
N LEU A 67 26.75 15.93 -5.56
CA LEU A 67 28.01 16.61 -5.24
C LEU A 67 29.03 16.17 -6.26
N GLY A 68 28.58 15.40 -7.25
CA GLY A 68 29.37 15.13 -8.46
C GLY A 68 30.12 13.82 -8.54
N HIS A 69 29.89 12.95 -7.57
CA HIS A 69 30.65 11.73 -7.49
C HIS A 69 30.12 10.72 -8.46
N ASN A 70 31.00 9.97 -9.12
CA ASN A 70 30.58 8.91 -10.05
C ASN A 70 30.94 7.53 -9.57
N SER A 71 31.54 7.45 -8.39
CA SER A 71 31.97 6.14 -7.83
C SER A 71 32.06 6.30 -6.35
N TYR A 72 32.10 5.16 -5.64
CA TYR A 72 32.04 5.11 -4.17
C TYR A 72 32.60 3.83 -3.71
N ARG A 73 33.52 3.90 -2.74
CA ARG A 73 34.05 2.66 -2.25
C ARG A 73 33.79 2.48 -0.78
N THR A 74 33.23 1.30 -0.48
CA THR A 74 33.00 0.90 0.88
C THR A 74 33.36 -0.56 0.97
N SER A 75 33.06 -1.16 2.12
CA SER A 75 33.46 -2.56 2.35
C SER A 75 32.27 -3.36 2.86
N ILE A 76 32.30 -4.67 2.57
CA ILE A 76 31.27 -5.59 3.02
C ILE A 76 31.80 -6.31 4.21
N GLN A 77 31.09 -6.20 5.32
CA GLN A 77 31.55 -6.77 6.55
C GLN A 77 31.34 -8.28 6.69
N TRP A 78 32.42 -9.00 6.82
CA TRP A 78 32.31 -10.44 7.08
C TRP A 78 31.35 -10.74 8.19
N THR A 79 31.38 -9.87 9.21
CA THR A 79 30.62 -10.08 10.42
C THR A 79 29.15 -9.65 10.27
N ARG A 80 28.82 -8.96 9.16
CA ARG A 80 27.40 -8.69 8.87
C ARG A 80 26.76 -9.71 7.93
N LEU A 81 27.45 -10.11 6.85
CA LEU A 81 26.89 -11.00 5.79
C LEU A 81 26.76 -12.51 6.13
N ILE A 82 27.67 -13.00 6.99
CA ILE A 82 27.83 -14.42 7.26
C ILE A 82 27.29 -14.85 8.62
N ASP A 83 26.45 -15.87 8.58
CA ASP A 83 25.86 -16.47 9.74
C ASP A 83 26.85 -17.42 10.37
N ASP A 84 27.07 -18.54 9.68
CA ASP A 84 28.04 -19.53 10.16
C ASP A 84 29.31 -19.41 9.31
N PHE A 85 30.40 -19.13 9.99
CA PHE A 85 31.64 -18.87 9.31
C PHE A 85 32.12 -20.13 8.57
N GLU A 86 32.02 -21.25 9.28
CA GLU A 86 32.57 -22.52 8.83
C GLU A 86 32.05 -22.91 7.46
N GLN A 87 30.77 -22.66 7.22
CA GLN A 87 30.15 -23.08 5.95
C GLN A 87 29.83 -21.85 5.09
N ALA A 88 30.18 -20.67 5.57
CA ALA A 88 29.72 -19.44 4.92
C ALA A 88 28.22 -19.45 4.61
N THR A 89 27.38 -19.64 5.63
CA THR A 89 25.95 -19.42 5.40
C THR A 89 25.58 -17.92 5.42
N ILE A 90 24.49 -17.59 4.71
CA ILE A 90 24.09 -16.22 4.52
C ILE A 90 23.07 -15.76 5.55
N ASN A 91 23.32 -14.59 6.12
CA ASN A 91 22.37 -13.93 7.00
C ASN A 91 21.44 -13.07 6.13
N PRO A 92 20.15 -13.41 6.05
CA PRO A 92 19.30 -12.68 5.09
C PRO A 92 19.32 -11.16 5.23
N ASP A 93 19.32 -10.67 6.47
CA ASP A 93 19.34 -9.22 6.74
C ASP A 93 20.59 -8.54 6.23
N GLY A 94 21.72 -9.18 6.53
CA GLY A 94 23.01 -8.74 5.99
C GLY A 94 22.91 -8.59 4.48
N LEU A 95 22.32 -9.62 3.87
CA LEU A 95 22.28 -9.74 2.44
C LEU A 95 21.43 -8.62 1.89
N ALA A 96 20.28 -8.40 2.51
CA ALA A 96 19.40 -7.32 2.09
C ALA A 96 20.05 -5.93 2.30
N TYR A 97 20.83 -5.75 3.39
CA TYR A 97 21.56 -4.49 3.58
C TYR A 97 22.57 -4.18 2.45
N TYR A 98 23.44 -5.12 2.10
CA TYR A 98 24.39 -4.80 1.04
C TYR A 98 23.72 -4.62 -0.33
N ASN A 99 22.58 -5.31 -0.58
CA ASN A 99 21.88 -5.13 -1.89
C ASN A 99 21.32 -3.75 -1.96
N ARG A 100 20.90 -3.23 -0.81
CA ARG A 100 20.41 -1.84 -0.73
C ARG A 100 21.55 -0.95 -1.12
N VAL A 101 22.75 -1.31 -0.64
CA VAL A 101 23.92 -0.48 -0.88
C VAL A 101 24.27 -0.48 -2.37
N ILE A 102 24.41 -1.69 -2.95
CA ILE A 102 24.72 -1.79 -4.39
C ILE A 102 23.66 -1.06 -5.20
N ASP A 103 22.39 -1.46 -5.04
CA ASP A 103 21.29 -0.87 -5.83
C ASP A 103 21.21 0.63 -5.71
N ALA A 104 21.51 1.15 -4.52
CA ALA A 104 21.47 2.59 -4.36
C ALA A 104 22.61 3.31 -5.11
N CYS A 105 23.76 2.62 -5.30
CA CYS A 105 24.82 3.19 -6.16
C CYS A 105 24.33 3.31 -7.57
N LEU A 106 24.06 2.16 -8.19
CA LEU A 106 23.53 2.12 -9.55
C LEU A 106 22.38 3.13 -9.74
N ALA A 107 21.39 3.09 -8.84
CA ALA A 107 20.25 3.98 -8.90
C ALA A 107 20.66 5.43 -8.95
N ASN A 108 21.82 5.78 -8.37
CA ASN A 108 22.27 7.20 -8.41
C ASN A 108 23.37 7.42 -9.41
N GLY A 109 23.67 6.39 -10.18
CA GLY A 109 24.66 6.52 -11.25
C GLY A 109 26.03 6.66 -10.65
N ILE A 110 26.39 5.70 -9.78
CA ILE A 110 27.59 5.71 -9.00
C ILE A 110 28.16 4.33 -9.12
N ARG A 111 29.32 4.22 -9.75
CA ARG A 111 29.92 2.91 -9.85
C ARG A 111 30.20 2.43 -8.42
N PRO A 112 29.67 1.24 -8.08
CA PRO A 112 29.92 0.64 -6.76
C PRO A 112 31.30 -0.01 -6.70
N VAL A 113 32.20 0.46 -5.82
CA VAL A 113 33.50 -0.20 -5.63
C VAL A 113 33.62 -0.92 -4.29
N ILE A 114 33.89 -2.23 -4.31
CA ILE A 114 33.77 -3.02 -3.08
C ILE A 114 35.01 -3.72 -2.56
N ASN A 115 35.33 -3.44 -1.30
CA ASN A 115 36.46 -4.04 -0.60
C ASN A 115 35.91 -5.08 0.33
N LEU A 116 36.64 -6.17 0.50
CA LEU A 116 36.13 -7.31 1.21
C LEU A 116 36.58 -7.40 2.65
N HIS A 117 37.54 -6.58 3.01
CA HIS A 117 38.17 -6.73 4.33
C HIS A 117 38.87 -5.44 4.70
N HIS A 118 38.37 -4.84 5.75
CA HIS A 118 38.90 -3.58 6.21
C HIS A 118 39.07 -3.74 7.68
N PHE A 119 40.17 -4.36 8.09
CA PHE A 119 40.58 -4.49 9.51
C PHE A 119 39.47 -5.13 10.39
N ASP A 120 38.59 -5.93 9.82
CA ASP A 120 37.37 -6.33 10.52
C ASP A 120 37.16 -7.83 10.57
N LEU A 121 38.23 -8.55 10.85
CA LEU A 121 38.16 -9.98 11.11
C LEU A 121 37.19 -10.26 12.26
N PRO A 122 36.33 -11.28 12.10
CA PRO A 122 35.41 -11.62 13.17
C PRO A 122 36.18 -12.01 14.43
N ILE A 123 35.88 -11.45 15.61
CA ILE A 123 36.60 -11.85 16.84
C ILE A 123 36.53 -13.37 17.09
N ALA A 124 35.43 -14.04 16.70
CA ALA A 124 35.29 -15.46 17.05
C ALA A 124 36.34 -16.28 16.34
N LEU A 125 36.69 -15.85 15.12
CA LEU A 125 37.77 -16.47 14.32
C LEU A 125 39.15 -16.27 14.92
N TYR A 126 39.40 -15.13 15.57
CA TYR A 126 40.69 -14.97 16.24
C TYR A 126 40.79 -15.87 17.46
N GLN A 127 39.67 -16.01 18.16
CA GLN A 127 39.59 -16.77 19.41
C GLN A 127 39.75 -18.25 19.13
N ALA A 128 38.99 -18.77 18.17
CA ALA A 128 39.10 -20.19 17.83
C ALA A 128 40.46 -20.56 17.21
N TYR A 129 40.94 -19.77 16.25
CA TYR A 129 42.09 -20.18 15.41
C TYR A 129 43.32 -19.27 15.42
N GLY A 130 43.23 -18.08 15.98
CA GLY A 130 44.33 -17.08 15.88
C GLY A 130 44.18 -16.28 14.60
N GLY A 131 42.96 -16.23 14.10
CA GLY A 131 42.63 -15.39 12.95
C GLY A 131 43.56 -15.59 11.81
N TRP A 132 44.12 -14.49 11.32
CA TRP A 132 44.98 -14.51 10.13
C TRP A 132 46.21 -15.33 10.34
N GLU A 133 46.47 -15.80 11.55
CA GLU A 133 47.61 -16.71 11.71
C GLU A 133 47.27 -18.06 11.11
N SER A 134 45.99 -18.28 10.77
CA SER A 134 45.56 -19.60 10.41
C SER A 134 45.14 -19.72 8.99
N LYS A 135 45.62 -20.76 8.32
CA LYS A 135 45.25 -20.94 6.91
C LYS A 135 43.84 -21.51 6.81
N HIS A 136 43.30 -21.98 7.92
CA HIS A 136 41.91 -22.37 7.89
C HIS A 136 41.05 -21.16 7.67
N VAL A 137 41.31 -20.13 8.49
CA VAL A 137 40.59 -18.87 8.42
C VAL A 137 40.66 -18.28 7.03
N VAL A 138 41.85 -18.41 6.44
CA VAL A 138 42.03 -17.99 5.07
C VAL A 138 40.98 -18.70 4.21
N ASP A 139 40.71 -19.99 4.46
CA ASP A 139 39.70 -20.69 3.61
C ASP A 139 38.31 -20.09 3.85
N LEU A 140 37.95 -19.90 5.11
CA LEU A 140 36.68 -19.27 5.46
C LEU A 140 36.50 -17.89 4.82
N PHE A 141 37.59 -17.13 4.76
CA PHE A 141 37.55 -15.81 4.13
C PHE A 141 37.35 -16.02 2.64
N VAL A 142 38.01 -17.04 2.12
CA VAL A 142 37.78 -17.34 0.72
C VAL A 142 36.32 -17.71 0.46
N ALA A 143 35.73 -18.52 1.33
CA ALA A 143 34.33 -18.91 1.15
C ALA A 143 33.38 -17.67 1.24
N PHE A 144 33.68 -16.77 2.19
CA PHE A 144 32.92 -15.53 2.38
C PHE A 144 32.93 -14.77 1.09
N SER A 145 34.09 -14.71 0.46
CA SER A 145 34.18 -13.93 -0.78
C SER A 145 33.39 -14.54 -1.96
N LYS A 146 33.30 -15.88 -2.09
CA LYS A 146 32.46 -16.50 -3.17
C LYS A 146 31.01 -16.06 -3.02
N VAL A 147 30.50 -16.12 -1.80
CA VAL A 147 29.16 -15.62 -1.51
C VAL A 147 28.96 -14.21 -2.11
N CYS A 148 29.91 -13.30 -1.87
CA CYS A 148 29.80 -11.90 -2.34
C CYS A 148 29.77 -11.81 -3.85
N PHE A 149 30.72 -12.53 -4.47
CA PHE A 149 30.78 -12.68 -5.91
C PHE A 149 29.44 -13.21 -6.46
N GLU A 150 28.97 -14.31 -5.89
CA GLU A 150 27.66 -14.87 -6.26
C GLU A 150 26.49 -13.89 -6.12
N GLN A 151 26.42 -13.19 -5.00
CA GLN A 151 25.28 -12.30 -4.72
C GLN A 151 25.40 -10.92 -5.32
N PHE A 152 26.63 -10.51 -5.64
CA PHE A 152 26.76 -9.08 -6.02
C PHE A 152 27.51 -8.88 -7.31
N GLY A 153 28.18 -9.93 -7.78
CA GLY A 153 28.94 -9.84 -9.04
C GLY A 153 28.09 -9.45 -10.24
N ASP A 154 26.77 -9.56 -10.13
CA ASP A 154 25.89 -9.20 -11.22
C ASP A 154 25.91 -7.68 -11.37
N ARG A 155 25.92 -6.95 -10.24
CA ARG A 155 25.95 -5.47 -10.26
C ARG A 155 27.33 -4.86 -9.97
N VAL A 156 28.18 -5.59 -9.24
CA VAL A 156 29.50 -5.11 -8.81
C VAL A 156 30.61 -5.71 -9.66
N LYS A 157 31.33 -4.80 -10.30
CA LYS A 157 32.33 -5.13 -11.33
C LYS A 157 33.73 -4.63 -10.94
N ASP A 158 33.94 -4.43 -9.64
CA ASP A 158 35.13 -3.77 -9.15
C ASP A 158 35.40 -4.23 -7.75
N TRP A 159 36.30 -5.17 -7.59
CA TRP A 159 36.54 -5.84 -6.33
C TRP A 159 37.96 -5.65 -5.78
N PHE A 160 38.06 -5.54 -4.45
CA PHE A 160 39.36 -5.45 -3.78
C PHE A 160 39.29 -6.30 -2.55
N VAL A 161 40.31 -7.14 -2.40
CA VAL A 161 40.38 -8.17 -1.37
C VAL A 161 40.71 -7.58 0.02
N HIS A 162 41.69 -6.67 0.12
CA HIS A 162 42.06 -6.08 1.42
C HIS A 162 42.26 -4.61 1.33
N ASN A 163 41.89 -3.91 2.38
CA ASN A 163 42.46 -2.59 2.53
C ASN A 163 43.75 -2.67 3.36
N GLU A 164 44.90 -2.51 2.69
CA GLU A 164 46.22 -2.31 3.36
C GLU A 164 46.51 -3.38 4.39
N PRO A 165 46.57 -4.63 3.94
CA PRO A 165 46.91 -5.73 4.81
C PRO A 165 48.22 -5.53 5.66
N MET A 166 49.21 -4.76 5.21
CA MET A 166 50.34 -4.47 6.10
C MET A 166 49.91 -3.67 7.32
N VAL A 167 48.84 -2.90 7.21
CA VAL A 167 48.39 -2.19 8.41
C VAL A 167 47.81 -3.15 9.44
N VAL A 168 47.11 -4.18 8.97
CA VAL A 168 46.70 -5.29 9.81
C VAL A 168 47.90 -6.05 10.41
N VAL A 169 48.90 -6.34 9.56
CA VAL A 169 50.09 -7.02 10.05
C VAL A 169 50.66 -6.24 11.19
N GLU A 170 50.85 -4.93 10.98
CA GLU A 170 51.47 -4.07 11.94
C GLU A 170 50.62 -3.79 13.18
N GLY A 171 49.36 -3.48 12.96
CA GLY A 171 48.55 -3.07 14.10
C GLY A 171 48.31 -4.21 15.03
N SER A 172 48.21 -5.41 14.48
CA SER A 172 47.86 -6.58 15.25
C SER A 172 49.08 -7.24 15.92
N TYR A 173 50.16 -7.42 15.17
CA TYR A 173 51.31 -8.18 15.66
C TYR A 173 52.60 -7.37 15.92
N LEU A 174 52.57 -6.06 15.75
CA LEU A 174 53.82 -5.26 15.85
C LEU A 174 53.68 -3.98 16.62
N MET A 175 52.74 -3.10 16.30
CA MET A 175 52.72 -1.79 16.97
C MET A 175 51.58 -1.52 17.92
N GLN A 176 50.71 -2.52 18.16
CA GLN A 176 49.66 -2.35 19.17
C GLN A 176 48.62 -1.28 18.87
N PHE A 177 47.99 -1.36 17.70
CA PHE A 177 46.87 -0.45 17.41
C PHE A 177 45.66 -1.15 16.78
N HIS A 178 45.81 -2.45 16.46
CA HIS A 178 44.68 -3.38 16.29
C HIS A 178 44.73 -4.38 17.40
N TYR A 179 43.57 -4.87 17.81
CA TYR A 179 43.49 -6.08 18.65
C TYR A 179 44.04 -7.21 17.79
N PRO A 180 44.76 -8.17 18.39
CA PRO A 180 45.08 -8.29 19.81
C PRO A 180 46.20 -7.38 20.34
N ALA A 181 46.81 -6.58 19.48
CA ALA A 181 47.83 -5.63 19.91
C ALA A 181 48.96 -6.34 20.67
N ILE A 182 49.42 -7.46 20.11
CA ILE A 182 50.59 -8.11 20.65
C ILE A 182 51.85 -7.83 19.84
N VAL A 183 53.01 -7.96 20.51
CA VAL A 183 54.30 -7.88 19.82
C VAL A 183 54.88 -9.26 19.53
N ASP A 184 55.04 -9.60 18.27
CA ASP A 184 55.50 -10.93 17.88
C ASP A 184 55.82 -10.99 16.39
N GLY A 185 57.07 -10.66 16.07
CA GLY A 185 57.57 -10.66 14.71
C GLY A 185 57.24 -11.92 13.93
N LYS A 186 57.22 -13.05 14.64
CA LYS A 186 57.13 -14.36 13.95
C LYS A 186 55.70 -14.53 13.44
N LYS A 187 54.76 -14.15 14.30
CA LYS A 187 53.37 -14.08 13.93
C LYS A 187 53.13 -12.98 12.88
N ALA A 188 53.71 -11.79 13.06
CA ALA A 188 53.61 -10.75 12.03
C ALA A 188 53.90 -11.30 10.63
N VAL A 189 55.06 -11.92 10.50
CA VAL A 189 55.53 -12.32 9.18
C VAL A 189 54.65 -13.39 8.54
N GLN A 190 54.17 -14.33 9.34
CA GLN A 190 53.37 -15.44 8.83
C GLN A 190 52.06 -14.87 8.32
N VAL A 191 51.51 -13.96 9.14
CA VAL A 191 50.26 -13.27 8.87
C VAL A 191 50.43 -12.44 7.60
N ALA A 192 51.59 -11.80 7.42
CA ALA A 192 51.82 -11.11 6.12
C ALA A 192 51.59 -12.08 5.00
N TYR A 193 52.29 -13.23 5.10
CA TYR A 193 52.21 -14.30 4.11
C TYR A 193 50.77 -14.71 3.88
N ASN A 194 50.03 -14.97 4.97
CA ASN A 194 48.65 -15.46 4.79
C ASN A 194 47.71 -14.47 4.09
N LEU A 195 47.96 -13.18 4.34
CA LEU A 195 47.17 -12.16 3.75
C LEU A 195 47.44 -12.14 2.26
N ALA A 196 48.68 -12.43 1.90
CA ALA A 196 49.08 -12.40 0.48
C ALA A 196 48.46 -13.60 -0.22
N LEU A 197 48.46 -14.73 0.50
CA LEU A 197 47.90 -15.99 0.06
C LEU A 197 46.40 -15.84 -0.15
N ALA A 198 45.71 -15.40 0.90
CA ALA A 198 44.29 -15.04 0.82
C ALA A 198 43.99 -14.25 -0.43
N THR A 199 44.87 -13.29 -0.74
CA THR A 199 44.64 -12.43 -1.87
C THR A 199 44.59 -13.25 -3.17
N ALA A 200 45.59 -14.12 -3.36
CA ALA A 200 45.62 -14.93 -4.58
C ALA A 200 44.46 -15.93 -4.63
N LYS A 201 44.15 -16.51 -3.47
CA LYS A 201 43.08 -17.49 -3.36
C LYS A 201 41.75 -16.82 -3.68
N VAL A 202 41.55 -15.61 -3.18
CA VAL A 202 40.32 -14.89 -3.50
C VAL A 202 40.25 -14.54 -4.97
N ILE A 203 41.39 -14.17 -5.55
CA ILE A 203 41.37 -13.78 -6.93
C ILE A 203 41.07 -15.02 -7.76
N GLN A 204 41.66 -16.15 -7.36
CA GLN A 204 41.36 -17.39 -8.02
C GLN A 204 39.85 -17.62 -8.06
N ALA A 205 39.26 -17.62 -6.87
CA ALA A 205 37.84 -17.93 -6.71
C ALA A 205 36.99 -16.99 -7.58
N TYR A 206 37.31 -15.70 -7.54
CA TYR A 206 36.56 -14.74 -8.34
C TYR A 206 36.55 -15.17 -9.78
N ARG A 207 37.73 -15.53 -10.27
CA ARG A 207 37.90 -15.78 -11.69
C ARG A 207 37.31 -17.12 -12.18
N ARG A 208 36.99 -18.05 -11.26
CA ARG A 208 36.31 -19.31 -11.59
C ARG A 208 34.80 -19.17 -11.83
N GLY A 209 34.16 -18.18 -11.21
CA GLY A 209 32.72 -17.99 -11.38
C GLY A 209 32.25 -17.73 -12.82
N PRO A 210 31.00 -18.15 -13.13
CA PRO A 210 30.34 -17.98 -14.43
C PRO A 210 30.55 -16.61 -15.04
N ALA A 211 30.75 -16.59 -16.35
CA ALA A 211 30.89 -15.37 -17.13
C ALA A 211 30.29 -14.06 -16.56
N GLU A 212 29.00 -14.07 -16.24
CA GLU A 212 28.24 -12.85 -15.89
C GLU A 212 28.62 -12.22 -14.53
N LEU A 213 29.38 -12.98 -13.74
CA LEU A 213 29.76 -12.61 -12.38
C LEU A 213 31.31 -12.43 -12.24
N SER A 214 32.02 -12.64 -13.35
CA SER A 214 33.48 -12.63 -13.39
C SER A 214 34.04 -11.80 -14.55
N ASP A 215 33.26 -10.87 -15.07
CA ASP A 215 33.65 -10.03 -16.19
C ASP A 215 34.02 -8.65 -15.66
N GLY A 216 34.27 -8.56 -14.35
CA GLY A 216 34.73 -7.31 -13.77
C GLY A 216 36.22 -7.41 -13.53
N ARG A 217 36.77 -6.45 -12.80
CA ARG A 217 38.18 -6.46 -12.42
C ARG A 217 38.27 -6.70 -10.92
N ILE A 218 39.35 -7.38 -10.51
CA ILE A 218 39.67 -7.55 -9.10
C ILE A 218 41.14 -7.18 -8.77
N GLY A 219 41.34 -6.56 -7.60
CA GLY A 219 42.68 -6.43 -7.06
C GLY A 219 42.78 -6.27 -5.56
N THR A 220 43.66 -5.36 -5.17
CA THR A 220 43.93 -5.14 -3.76
C THR A 220 44.34 -3.71 -3.47
N ILE A 221 44.30 -3.34 -2.21
CA ILE A 221 44.56 -1.93 -1.89
C ILE A 221 45.80 -1.79 -1.04
N LEU A 222 46.84 -1.29 -1.67
CA LEU A 222 48.13 -1.27 -1.00
C LEU A 222 48.68 0.12 -0.77
N ASN A 223 49.94 0.13 -0.37
CA ASN A 223 50.66 1.37 -0.16
C ASN A 223 51.92 1.37 -0.99
N LEU A 224 52.35 2.53 -1.43
CA LEU A 224 53.60 2.59 -2.18
C LEU A 224 54.41 3.83 -1.83
N THR A 225 54.15 4.40 -0.65
CA THR A 225 54.74 5.67 -0.30
C THR A 225 56.23 5.45 -0.22
N PRO A 226 57.02 6.34 -0.80
CA PRO A 226 58.45 6.03 -0.66
C PRO A 226 58.95 6.20 0.78
N ALA A 227 60.07 5.59 1.05
CA ALA A 227 60.76 5.79 2.30
C ALA A 227 61.96 6.62 1.90
N TYR A 228 61.87 7.88 2.14
CA TYR A 228 62.94 8.74 1.68
C TYR A 228 64.05 8.61 2.71
N PRO A 229 65.28 8.29 2.25
CA PRO A 229 66.48 8.24 3.09
C PRO A 229 66.84 9.66 3.54
N ALA A 230 67.35 9.77 4.78
CA ALA A 230 67.77 11.06 5.38
C ALA A 230 68.85 11.72 4.51
N SER A 231 69.80 10.92 4.02
CA SER A 231 70.81 11.45 3.10
C SER A 231 71.11 10.36 2.08
N GLN A 232 72.15 10.59 1.30
CA GLN A 232 72.50 9.73 0.21
C GLN A 232 73.66 8.88 0.64
N SER A 233 73.99 8.88 1.95
CA SER A 233 75.01 7.99 2.50
C SER A 233 74.63 6.55 2.22
N GLU A 234 75.56 5.62 2.36
CA GLU A 234 75.20 4.24 2.05
C GLU A 234 74.45 3.59 3.23
N ALA A 235 74.62 4.10 4.44
CA ALA A 235 73.93 3.46 5.55
C ALA A 235 72.44 3.90 5.60
N ASP A 236 72.20 5.20 5.40
CA ASP A 236 70.87 5.74 5.26
C ASP A 236 70.16 5.11 4.05
N MET A 237 70.89 4.93 2.96
CA MET A 237 70.31 4.34 1.76
C MET A 237 69.87 2.91 1.96
N ALA A 238 70.69 2.12 2.63
CA ALA A 238 70.37 0.71 2.98
C ALA A 238 69.14 0.64 3.87
N ALA A 239 68.99 1.63 4.75
CA ALA A 239 67.83 1.74 5.64
C ALA A 239 66.51 1.97 4.85
N ALA A 240 66.53 2.94 3.95
CA ALA A 240 65.37 3.20 3.11
C ALA A 240 65.04 1.97 2.27
N HIS A 241 66.09 1.32 1.80
CA HIS A 241 65.92 0.21 0.89
C HIS A 241 65.25 -0.90 1.64
N PHE A 242 65.58 -1.10 2.89
CA PHE A 242 64.86 -2.10 3.63
C PHE A 242 63.44 -1.64 3.96
N ALA A 243 63.30 -0.37 4.30
CA ALA A 243 62.00 0.11 4.69
C ALA A 243 60.95 -0.18 3.59
N GLU A 244 61.37 -0.04 2.35
CA GLU A 244 60.51 -0.31 1.20
C GLU A 244 60.27 -1.80 0.91
N LEU A 245 61.28 -2.64 1.13
CA LEU A 245 61.11 -4.07 0.88
C LEU A 245 60.05 -4.62 1.78
N TRP A 246 60.07 -4.17 3.02
CA TRP A 246 59.05 -4.60 3.96
C TRP A 246 57.73 -3.91 3.71
N ASN A 247 57.75 -2.58 3.79
CA ASN A 247 56.53 -1.75 3.82
C ASN A 247 55.75 -1.71 2.48
N ASN A 248 56.44 -1.84 1.35
CA ASN A 248 55.86 -1.61 0.04
C ASN A 248 55.97 -2.84 -0.82
N ASP A 249 57.15 -3.40 -0.85
CA ASP A 249 57.45 -4.38 -1.88
C ASP A 249 56.84 -5.74 -1.63
N LEU A 250 56.85 -6.17 -0.38
CA LEU A 250 56.32 -7.48 -0.01
C LEU A 250 54.97 -7.74 -0.63
N PHE A 251 54.04 -6.80 -0.48
CA PHE A 251 52.69 -7.04 -0.93
C PHE A 251 52.57 -6.68 -2.40
N MET A 252 53.29 -5.63 -2.80
CA MET A 252 53.24 -5.16 -4.20
C MET A 252 53.69 -6.25 -5.17
N GLU A 253 54.84 -6.86 -4.89
CA GLU A 253 55.37 -7.96 -5.68
C GLU A 253 54.46 -9.19 -5.73
N ALA A 254 53.89 -9.57 -4.59
CA ALA A 254 52.91 -10.65 -4.57
C ALA A 254 51.70 -10.39 -5.49
N ALA A 255 51.11 -9.23 -5.39
CA ALA A 255 49.96 -8.88 -6.20
C ALA A 255 50.21 -8.63 -7.68
N VAL A 256 51.33 -7.99 -8.03
CA VAL A 256 51.55 -7.60 -9.41
C VAL A 256 52.39 -8.62 -10.16
N HIS A 257 53.30 -9.31 -9.46
CA HIS A 257 54.31 -10.14 -10.13
C HIS A 257 54.31 -11.60 -9.86
N GLY A 258 53.52 -12.04 -8.89
CA GLY A 258 53.34 -13.47 -8.65
C GLY A 258 54.30 -14.05 -7.65
N LYS A 259 55.18 -13.18 -7.15
CA LYS A 259 56.33 -13.57 -6.33
C LYS A 259 56.51 -12.62 -5.14
N PHE A 260 57.16 -13.12 -4.09
CA PHE A 260 57.69 -12.29 -3.01
C PHE A 260 59.07 -11.79 -3.42
N PRO A 261 59.53 -10.65 -2.87
CA PRO A 261 60.90 -10.17 -3.15
C PRO A 261 62.02 -11.02 -2.50
N GLU A 262 63.00 -11.44 -3.30
CA GLU A 262 64.09 -12.34 -2.85
C GLU A 262 64.92 -11.75 -1.76
N GLU A 263 65.26 -10.49 -1.94
CA GLU A 263 66.08 -9.87 -0.96
C GLU A 263 65.39 -9.95 0.42
N LEU A 264 64.07 -9.77 0.43
CA LEU A 264 63.33 -9.73 1.67
C LEU A 264 63.25 -11.08 2.30
N VAL A 265 62.97 -12.11 1.49
CA VAL A 265 63.01 -13.47 1.97
C VAL A 265 64.35 -13.81 2.62
N ALA A 266 65.45 -13.37 2.02
CA ALA A 266 66.78 -13.73 2.55
C ALA A 266 67.00 -13.14 3.93
N VAL A 267 66.56 -11.91 4.12
CA VAL A 267 66.65 -11.28 5.44
C VAL A 267 65.80 -12.02 6.47
N LEU A 268 64.58 -12.35 6.10
CA LEU A 268 63.68 -13.08 6.99
C LEU A 268 64.26 -14.45 7.40
N LYS A 269 64.78 -15.21 6.44
CA LYS A 269 65.46 -16.47 6.79
C LYS A 269 66.62 -16.22 7.74
N LYS A 270 67.52 -15.34 7.35
CA LYS A 270 68.70 -15.08 8.16
C LYS A 270 68.29 -14.74 9.58
N ASP A 271 67.02 -14.38 9.76
CA ASP A 271 66.49 -13.95 11.07
C ASP A 271 65.50 -14.97 11.66
N GLY A 272 65.44 -16.16 11.07
CA GLY A 272 64.61 -17.28 11.54
C GLY A 272 63.14 -16.89 11.72
N VAL A 273 62.65 -16.07 10.80
CA VAL A 273 61.34 -15.52 10.93
C VAL A 273 60.54 -15.79 9.66
N LEU A 274 61.19 -16.38 8.67
CA LEU A 274 60.48 -16.71 7.45
C LEU A 274 59.22 -17.54 7.69
N TRP A 275 58.24 -17.29 6.85
CA TRP A 275 56.93 -17.89 6.88
C TRP A 275 56.95 -19.31 6.37
N GLN A 276 56.06 -20.15 6.91
CA GLN A 276 55.78 -21.49 6.37
C GLN A 276 54.98 -21.39 5.10
N SER A 277 55.49 -21.99 4.03
CA SER A 277 54.79 -22.00 2.77
C SER A 277 54.75 -23.39 2.16
N THR A 278 54.31 -23.44 0.91
CA THR A 278 53.98 -24.68 0.26
C THR A 278 54.17 -24.35 -1.20
N PRO A 279 54.96 -25.15 -1.91
CA PRO A 279 55.12 -24.82 -3.32
C PRO A 279 53.79 -24.72 -4.04
N GLU A 280 52.79 -25.49 -3.60
CA GLU A 280 51.46 -25.35 -4.21
C GLU A 280 50.94 -23.94 -3.91
N GLU A 281 51.16 -23.48 -2.68
CA GLU A 281 50.77 -22.12 -2.30
C GLU A 281 51.46 -21.04 -3.16
N LEU A 282 52.82 -21.07 -3.24
CA LEU A 282 53.56 -20.14 -4.11
C LEU A 282 53.09 -20.05 -5.58
N ALA A 283 52.58 -21.15 -6.11
CA ALA A 283 52.09 -21.17 -7.47
C ALA A 283 50.71 -20.54 -7.63
N LEU A 284 49.82 -20.77 -6.66
CA LEU A 284 48.51 -20.10 -6.69
C LEU A 284 48.79 -18.63 -6.80
N ILE A 285 49.69 -18.16 -5.93
CA ILE A 285 50.18 -16.78 -5.91
C ILE A 285 50.84 -16.37 -7.23
N ALA A 286 51.56 -17.27 -7.89
CA ALA A 286 52.11 -16.92 -9.20
C ALA A 286 50.99 -16.83 -10.27
N GLU A 287 49.94 -17.59 -10.05
CA GLU A 287 48.92 -17.72 -11.07
C GLU A 287 47.83 -16.63 -11.03
N ASN A 288 47.70 -15.96 -9.88
CA ASN A 288 46.57 -15.07 -9.64
C ASN A 288 46.98 -13.66 -9.23
N ARG A 289 47.11 -12.80 -10.24
CA ARG A 289 47.60 -11.44 -10.05
C ARG A 289 46.48 -10.44 -10.32
N VAL A 290 46.65 -9.23 -9.82
CA VAL A 290 45.56 -8.28 -9.84
C VAL A 290 45.36 -7.70 -11.20
N ASP A 291 44.12 -7.38 -11.50
CA ASP A 291 43.79 -6.76 -12.73
C ASP A 291 44.21 -5.32 -12.62
N TYR A 292 44.19 -4.84 -11.36
CA TYR A 292 44.47 -3.48 -11.02
C TYR A 292 44.75 -3.23 -9.50
N LEU A 293 45.02 -1.98 -9.10
CA LEU A 293 45.32 -1.68 -7.70
C LEU A 293 44.81 -0.36 -7.29
N GLY A 294 44.48 -0.28 -6.00
CA GLY A 294 44.37 0.98 -5.31
C GLY A 294 45.58 1.15 -4.42
N LEU A 295 46.14 2.35 -4.46
CA LEU A 295 47.22 2.76 -3.54
C LEU A 295 46.71 3.90 -2.70
N ASN A 296 46.78 3.75 -1.38
CA ASN A 296 46.45 4.81 -0.44
C ASN A 296 47.64 5.66 -0.05
N PHE A 297 47.46 6.96 0.01
CA PHE A 297 48.57 7.79 0.44
C PHE A 297 48.07 8.98 1.30
N TYR A 298 48.63 9.16 2.50
CA TYR A 298 48.32 10.28 3.42
C TYR A 298 49.51 11.13 3.81
N HIS A 299 50.72 10.54 3.82
CA HIS A 299 51.94 11.19 4.30
C HIS A 299 53.19 10.48 3.83
N PRO A 300 54.26 11.24 3.60
CA PRO A 300 55.48 10.53 3.21
C PRO A 300 56.05 9.77 4.44
N LYS A 301 57.02 8.91 4.20
CA LYS A 301 57.80 8.26 5.23
C LYS A 301 59.26 8.63 4.96
N ARG A 302 60.01 8.76 6.05
CA ARG A 302 61.41 9.14 5.95
C ARG A 302 62.21 8.32 6.91
N VAL A 303 63.34 7.79 6.44
CA VAL A 303 64.14 6.92 7.30
C VAL A 303 65.62 7.24 7.33
N LYS A 304 66.27 6.87 8.44
CA LYS A 304 67.73 6.84 8.50
C LYS A 304 68.21 5.50 9.01
N ALA A 305 69.53 5.32 8.94
CA ALA A 305 70.25 4.21 9.62
C ALA A 305 69.93 4.27 11.11
N PRO A 306 69.75 3.11 11.74
CA PRO A 306 69.36 3.07 13.14
C PRO A 306 70.41 3.74 14.01
N ASP A 307 69.99 4.57 14.97
CA ASP A 307 70.97 5.14 15.94
C ASP A 307 71.66 4.12 16.82
N ALA A 308 70.99 2.98 17.00
CA ALA A 308 71.32 1.93 17.97
C ALA A 308 71.06 0.58 17.36
N ILE A 309 72.05 -0.31 17.37
CA ILE A 309 71.84 -1.68 16.95
C ILE A 309 71.87 -2.59 18.19
N PRO A 310 70.78 -3.36 18.41
CA PRO A 310 70.68 -4.13 19.65
C PRO A 310 71.18 -5.54 19.43
N VAL A 311 71.72 -6.20 20.43
CA VAL A 311 72.22 -7.52 20.14
C VAL A 311 71.17 -8.55 20.44
N ILE A 312 70.32 -8.25 21.42
CA ILE A 312 69.19 -9.12 21.63
C ILE A 312 67.88 -8.37 21.48
N SER A 313 66.90 -9.01 20.85
CA SER A 313 65.58 -8.45 20.71
C SER A 313 64.53 -9.33 21.33
N PRO A 314 63.75 -8.77 22.29
CA PRO A 314 62.48 -9.37 22.65
C PRO A 314 61.76 -9.94 21.39
N SER A 315 61.44 -9.09 20.41
CA SER A 315 60.76 -9.60 19.21
C SER A 315 61.37 -9.07 17.92
N TRP A 316 61.23 -9.83 16.84
CA TRP A 316 61.64 -9.33 15.53
C TRP A 316 60.75 -8.18 15.07
N SER A 317 61.33 -7.29 14.26
CA SER A 317 60.70 -6.03 13.84
C SER A 317 61.43 -5.34 12.66
N PRO A 318 60.71 -5.06 11.58
CA PRO A 318 61.44 -4.44 10.46
C PRO A 318 62.23 -3.21 10.92
N GLU A 319 61.80 -2.57 12.04
CA GLU A 319 62.47 -1.38 12.62
C GLU A 319 63.91 -1.56 13.23
N TRP A 320 64.40 -2.80 13.20
CA TRP A 320 65.81 -3.12 13.33
C TRP A 320 66.65 -2.38 12.34
N TYR A 321 66.20 -2.41 11.08
CA TYR A 321 67.03 -1.93 9.98
C TYR A 321 66.87 -0.45 9.61
N TYR A 322 66.08 0.29 10.39
CA TYR A 322 65.86 1.72 10.13
C TYR A 322 65.20 2.42 11.30
N ASP A 323 65.41 3.74 11.37
CA ASP A 323 64.69 4.63 12.26
C ASP A 323 63.90 5.71 11.49
N PRO A 324 62.79 6.19 12.07
CA PRO A 324 62.17 7.38 11.50
C PRO A 324 63.19 8.52 11.45
N TYR A 325 63.00 9.46 10.52
CA TYR A 325 63.80 10.69 10.37
C TYR A 325 62.92 11.88 10.12
N LEU A 326 63.11 12.96 10.88
CA LEU A 326 62.39 14.22 10.66
C LEU A 326 63.24 15.14 9.82
N MET A 327 62.60 15.79 8.86
CA MET A 327 63.31 16.69 8.01
C MET A 327 63.08 18.14 8.43
N PRO A 328 64.14 18.83 8.89
CA PRO A 328 64.07 20.26 9.28
C PRO A 328 63.40 21.07 8.20
N GLY A 329 62.34 21.77 8.52
CA GLY A 329 61.73 22.63 7.52
C GLY A 329 60.55 22.02 6.80
N ARG A 330 60.17 20.81 7.15
CA ARG A 330 59.04 20.21 6.46
C ARG A 330 57.68 20.74 6.92
N ARG A 331 56.70 20.62 6.05
CA ARG A 331 55.36 21.12 6.27
C ARG A 331 54.67 20.09 7.10
N MET A 332 53.89 20.48 8.12
CA MET A 332 53.20 19.41 8.87
C MET A 332 51.75 19.67 9.28
N ASN A 333 51.02 18.57 9.38
CA ASN A 333 49.71 18.52 10.05
C ASN A 333 49.87 18.19 11.53
N VAL A 334 49.75 19.21 12.38
CA VAL A 334 49.89 19.03 13.82
C VAL A 334 48.91 18.03 14.44
N ASP A 335 47.64 18.12 14.10
CA ASP A 335 46.61 17.26 14.71
C ASP A 335 46.98 15.78 14.67
N LYS A 336 47.80 15.44 13.69
CA LYS A 336 48.08 14.05 13.38
C LYS A 336 49.59 13.76 13.43
N GLY A 337 50.39 14.82 13.59
CA GLY A 337 51.84 14.68 13.63
C GLY A 337 52.38 14.09 12.34
N TRP A 338 51.80 14.53 11.22
CA TRP A 338 52.16 13.98 9.91
C TRP A 338 52.72 15.02 9.02
N GLU A 339 53.73 14.62 8.26
CA GLU A 339 54.32 15.51 7.28
C GLU A 339 53.40 15.56 6.07
N ILE A 340 53.16 16.76 5.60
CA ILE A 340 52.51 17.00 4.33
C ILE A 340 53.56 17.15 3.24
N TYR A 341 53.58 16.23 2.27
CA TYR A 341 54.54 16.34 1.13
C TYR A 341 53.92 15.70 -0.12
N PRO A 342 53.07 16.46 -0.82
CA PRO A 342 52.33 15.94 -1.96
C PRO A 342 53.16 15.46 -3.14
N GLU A 343 54.47 15.75 -3.17
CA GLU A 343 55.28 15.44 -4.37
C GLU A 343 55.41 13.94 -4.45
N ALA A 344 55.18 13.30 -3.32
CA ALA A 344 55.31 11.88 -3.22
C ALA A 344 54.32 11.16 -4.11
N VAL A 345 53.20 11.82 -4.43
CA VAL A 345 52.18 11.17 -5.25
C VAL A 345 52.75 10.99 -6.66
N TYR A 346 53.55 11.96 -7.09
CA TYR A 346 54.24 11.88 -8.37
C TYR A 346 55.15 10.68 -8.34
N ASP A 347 55.95 10.56 -7.27
CA ASP A 347 56.87 9.42 -7.12
C ASP A 347 56.16 8.08 -7.12
N ILE A 348 55.04 7.99 -6.41
CA ILE A 348 54.22 6.79 -6.45
C ILE A 348 53.77 6.53 -7.90
N ALA A 349 53.40 7.57 -8.63
CA ALA A 349 52.95 7.35 -10.00
C ALA A 349 54.06 6.76 -10.90
N ILE A 350 55.28 7.30 -10.76
CA ILE A 350 56.48 6.85 -11.49
C ILE A 350 56.88 5.45 -11.07
N LYS A 351 56.69 5.13 -9.81
CA LYS A 351 57.14 3.82 -9.31
C LYS A 351 56.24 2.75 -9.91
N MET A 352 54.96 3.07 -10.09
CA MET A 352 54.00 2.16 -10.73
C MET A 352 54.39 2.03 -12.20
N ARG A 353 54.77 3.15 -12.81
CA ARG A 353 55.13 3.18 -14.22
C ARG A 353 56.30 2.26 -14.58
N ASP A 354 57.37 2.31 -13.79
CA ASP A 354 58.64 1.72 -14.19
C ASP A 354 58.92 0.41 -13.48
N HIS A 355 58.25 0.19 -12.34
CA HIS A 355 58.47 -1.04 -11.58
C HIS A 355 57.33 -1.96 -11.35
N TYR A 356 56.11 -1.57 -11.66
CA TYR A 356 55.00 -2.53 -11.63
C TYR A 356 54.26 -2.38 -12.92
N ASP A 357 55.02 -2.49 -14.01
CA ASP A 357 54.50 -2.73 -15.33
C ASP A 357 53.45 -1.72 -15.80
N ASN A 358 53.38 -0.57 -15.12
CA ASN A 358 52.36 0.45 -15.43
C ASN A 358 50.93 -0.16 -15.50
N ILE A 359 50.66 -1.21 -14.72
CA ILE A 359 49.29 -1.77 -14.65
C ILE A 359 48.38 -0.68 -14.12
N PRO A 360 47.08 -0.78 -14.41
CA PRO A 360 46.22 0.33 -14.00
C PRO A 360 46.09 0.33 -12.47
N TRP A 361 45.99 1.51 -11.88
CA TRP A 361 45.87 1.65 -10.48
C TRP A 361 45.12 2.94 -10.26
N PHE A 362 44.50 3.09 -9.09
CA PHE A 362 43.95 4.42 -8.77
C PHE A 362 44.38 4.87 -7.38
N LEU A 363 44.36 6.19 -7.15
CA LEU A 363 44.63 6.65 -5.83
C LEU A 363 43.37 6.40 -4.98
N SER A 364 43.33 5.30 -4.26
CA SER A 364 42.13 4.91 -3.52
C SER A 364 41.88 5.59 -2.16
N GLU A 365 42.85 6.32 -1.64
CA GLU A 365 42.61 7.18 -0.44
C GLU A 365 43.55 8.35 -0.48
N ASN A 366 43.00 9.52 -0.29
CA ASN A 366 43.77 10.68 -0.07
C ASN A 366 42.87 11.62 0.72
N GLY A 367 43.41 12.19 1.79
CA GLY A 367 42.65 13.06 2.64
C GLY A 367 43.48 13.67 3.76
N VAL A 368 42.91 14.64 4.49
CA VAL A 368 43.58 15.22 5.63
C VAL A 368 42.65 15.28 6.84
N GLY A 369 43.14 14.87 8.01
CA GLY A 369 42.35 14.89 9.26
C GLY A 369 42.64 16.11 10.19
N ILE A 370 41.62 16.90 10.55
CA ILE A 370 41.79 18.06 11.43
C ILE A 370 40.77 17.95 12.55
N SER A 371 41.11 18.48 13.72
CA SER A 371 40.31 18.17 14.89
C SER A 371 39.41 19.22 15.49
N GLY A 372 39.29 20.40 14.99
CA GLY A 372 38.31 21.24 15.74
C GLY A 372 37.51 22.03 14.76
N GLU A 373 36.78 21.33 13.89
CA GLU A 373 36.33 21.96 12.67
C GLU A 373 35.30 23.03 12.99
N ASP A 374 34.66 22.89 14.15
CA ASP A 374 33.81 23.95 14.64
C ASP A 374 34.49 25.37 14.60
N ARG A 375 35.79 25.44 14.79
CA ARG A 375 36.49 26.71 14.69
C ARG A 375 36.45 27.38 13.30
N TYR A 376 36.01 26.67 12.26
CA TYR A 376 36.08 27.23 10.91
C TYR A 376 34.72 27.43 10.29
N ARG A 377 33.66 27.29 11.11
CA ARG A 377 32.35 27.63 10.60
C ARG A 377 32.34 29.12 10.26
N ASP A 378 31.71 29.46 9.13
CA ASP A 378 31.36 30.86 8.86
C ASP A 378 29.96 31.17 9.45
N GLU A 379 29.55 32.43 9.33
CA GLU A 379 28.25 32.85 9.84
C GLU A 379 27.07 32.03 9.25
N THR A 380 27.32 31.22 8.22
CA THR A 380 26.29 30.32 7.69
C THR A 380 26.27 28.92 8.33
N GLY A 381 27.12 28.70 9.34
CA GLY A 381 27.23 27.37 9.92
C GLY A 381 28.10 26.34 9.16
N GLN A 382 28.38 26.60 7.88
CA GLN A 382 29.20 25.73 7.08
C GLN A 382 30.70 25.82 7.44
N ILE A 383 31.36 24.66 7.50
CA ILE A 383 32.79 24.61 7.73
C ILE A 383 33.53 25.11 6.48
N GLN A 384 34.41 26.08 6.68
CA GLN A 384 35.21 26.62 5.59
C GLN A 384 36.58 25.96 5.70
N ASP A 385 36.68 24.75 5.15
CA ASP A 385 37.85 23.93 5.27
C ASP A 385 38.80 24.21 4.08
N ASP A 386 39.27 25.46 4.04
CA ASP A 386 40.19 25.91 3.01
C ASP A 386 41.49 25.05 2.99
N TYR A 387 42.00 24.66 4.17
CA TYR A 387 43.14 23.73 4.34
C TYR A 387 42.91 22.40 3.60
N ARG A 388 41.72 21.81 3.76
CA ARG A 388 41.39 20.58 3.06
C ARG A 388 41.45 20.76 1.54
N ILE A 389 41.01 21.94 1.09
CA ILE A 389 40.94 22.23 -0.35
C ILE A 389 42.34 22.28 -0.94
N GLN A 390 43.19 23.08 -0.30
CA GLN A 390 44.59 23.23 -0.69
C GLN A 390 45.34 21.87 -0.71
N PHE A 391 45.14 21.05 0.30
CA PHE A 391 45.74 19.74 0.42
C PHE A 391 45.31 18.85 -0.73
N LEU A 392 44.01 18.72 -0.92
CA LEU A 392 43.48 17.80 -1.95
C LEU A 392 43.96 18.25 -3.32
N LYS A 393 43.98 19.58 -3.50
CA LYS A 393 44.38 20.23 -4.72
C LYS A 393 45.83 19.94 -5.09
N GLU A 394 46.75 20.23 -4.17
CA GLU A 394 48.17 19.93 -4.31
C GLU A 394 48.36 18.43 -4.61
N HIS A 395 47.65 17.54 -3.90
CA HIS A 395 47.93 16.14 -4.18
C HIS A 395 47.41 15.76 -5.52
N LEU A 396 46.27 16.33 -5.89
CA LEU A 396 45.68 16.07 -7.19
C LEU A 396 46.56 16.59 -8.33
N THR A 397 47.11 17.80 -8.17
CA THR A 397 48.07 18.38 -9.09
C THR A 397 49.17 17.41 -9.43
N TYR A 398 49.83 16.85 -8.41
CA TYR A 398 50.96 15.94 -8.64
C TYR A 398 50.54 14.65 -9.26
N LEU A 399 49.35 14.20 -8.90
CA LEU A 399 48.75 13.01 -9.53
C LEU A 399 48.63 13.29 -11.02
N HIS A 400 48.10 14.46 -11.37
CA HIS A 400 48.05 14.90 -12.79
C HIS A 400 49.39 14.82 -13.49
N LYS A 401 50.46 15.39 -12.89
CA LYS A 401 51.83 15.29 -13.45
C LYS A 401 52.18 13.86 -13.62
N GLY A 402 51.82 13.03 -12.65
CA GLY A 402 52.12 11.62 -12.78
C GLY A 402 51.42 10.99 -13.98
N ILE A 403 50.15 11.36 -14.21
CA ILE A 403 49.45 10.84 -15.38
C ILE A 403 50.10 11.40 -16.66
N GLU A 404 50.22 12.71 -16.69
CA GLU A 404 50.85 13.38 -17.82
C GLU A 404 52.16 12.72 -18.19
N ALA A 405 52.79 12.07 -17.22
CA ALA A 405 54.08 11.45 -17.42
C ALA A 405 53.97 10.03 -17.88
N GLY A 406 52.77 9.51 -18.06
CA GLY A 406 52.59 8.12 -18.61
C GLY A 406 52.07 7.06 -17.65
N SER A 407 51.82 7.45 -16.40
CA SER A 407 51.35 6.47 -15.40
C SER A 407 49.89 6.18 -15.59
N ASN A 408 49.55 4.92 -15.43
CA ASN A 408 48.27 4.37 -15.77
C ASN A 408 47.28 4.50 -14.59
N CYS A 409 47.06 5.74 -14.19
CA CYS A 409 46.20 6.03 -13.08
C CYS A 409 44.85 6.35 -13.64
N PHE A 410 43.84 5.59 -13.26
CA PHE A 410 42.46 5.90 -13.69
C PHE A 410 41.50 6.60 -12.69
N GLY A 411 41.96 7.03 -11.52
CA GLY A 411 41.02 7.53 -10.52
C GLY A 411 41.63 8.08 -9.23
N TYR A 412 40.84 8.87 -8.51
CA TYR A 412 41.19 9.52 -7.31
C TYR A 412 40.00 9.38 -6.33
N HIS A 413 40.24 8.81 -5.15
CA HIS A 413 39.25 8.82 -4.09
C HIS A 413 39.68 9.59 -2.86
N VAL A 414 38.82 10.46 -2.38
CA VAL A 414 39.06 11.16 -1.15
C VAL A 414 38.65 10.29 0.03
N TRP A 415 39.57 10.08 0.99
CA TRP A 415 39.14 9.65 2.31
C TRP A 415 38.79 10.93 2.97
N THR A 416 37.52 11.23 3.21
CA THR A 416 36.35 10.34 3.14
C THR A 416 35.14 11.24 2.89
N PRO A 417 34.07 10.72 2.25
CA PRO A 417 32.93 11.63 1.94
C PRO A 417 32.26 12.31 3.13
N ILE A 418 31.94 11.51 4.13
CA ILE A 418 31.24 11.96 5.29
C ILE A 418 32.10 11.56 6.51
N ASP A 419 32.29 12.48 7.45
CA ASP A 419 33.11 12.18 8.61
C ASP A 419 32.68 10.80 9.08
N GLY A 420 33.67 9.92 9.30
CA GLY A 420 33.48 8.53 9.72
C GLY A 420 34.28 8.20 10.96
N TRP A 421 34.11 6.99 11.50
CA TRP A 421 34.76 6.68 12.76
C TRP A 421 36.10 6.09 12.48
N SER A 422 37.13 6.73 13.05
CA SER A 422 38.51 6.38 12.73
C SER A 422 39.20 5.49 13.80
N TRP A 423 38.60 4.37 14.16
CA TRP A 423 39.23 3.46 15.08
C TRP A 423 39.50 4.10 16.44
N LEU A 424 40.72 3.98 16.95
CA LEU A 424 40.98 4.38 18.32
C LEU A 424 40.76 5.86 18.49
N ASN A 425 41.11 6.60 17.45
CA ASN A 425 40.75 8.00 17.33
C ASN A 425 39.28 8.34 17.11
N ALA A 426 38.47 7.37 16.69
CA ALA A 426 37.05 7.63 16.66
C ALA A 426 36.82 8.88 15.82
N TYR A 427 36.17 9.92 16.39
CA TYR A 427 35.82 11.18 15.71
C TYR A 427 36.64 12.43 16.14
N LYS A 428 37.75 12.19 16.86
CA LYS A 428 38.84 13.17 17.11
C LYS A 428 39.22 14.08 15.95
N ASN A 429 39.63 13.47 14.84
CA ASN A 429 40.00 14.12 13.58
C ASN A 429 38.96 13.82 12.50
N ARG A 430 38.55 14.83 11.75
CA ARG A 430 37.52 14.66 10.78
C ARG A 430 38.22 14.73 9.46
N TYR A 431 37.73 13.92 8.52
CA TYR A 431 38.34 13.78 7.22
C TYR A 431 37.32 14.08 6.15
N GLY A 432 36.09 14.36 6.56
CA GLY A 432 34.99 14.28 5.59
C GLY A 432 34.93 15.46 4.63
N LEU A 433 34.49 15.21 3.40
CA LEU A 433 33.99 16.34 2.58
C LEU A 433 32.69 16.93 3.16
N VAL A 434 31.91 16.07 3.81
CA VAL A 434 30.66 16.44 4.41
C VAL A 434 30.71 16.18 5.90
N GLU A 435 30.50 17.22 6.68
CA GLU A 435 30.39 17.12 8.12
C GLU A 435 29.36 16.11 8.52
N ASN A 436 29.59 15.47 9.66
CA ASN A 436 28.58 14.67 10.32
C ASN A 436 28.61 15.00 11.81
N ASN A 437 27.45 15.25 12.35
CA ASN A 437 27.28 15.50 13.76
C ASN A 437 26.93 14.13 14.41
N ILE A 438 27.85 13.63 15.24
CA ILE A 438 27.73 12.26 15.70
C ILE A 438 26.59 12.12 16.69
N HIS A 439 26.05 13.23 17.20
CA HIS A 439 24.84 13.12 18.07
C HIS A 439 23.53 12.88 17.29
N THR A 440 23.33 13.68 16.24
CA THR A 440 22.04 13.71 15.52
C THR A 440 22.12 12.94 14.21
N GLN A 441 23.35 12.61 13.82
CA GLN A 441 23.64 12.02 12.53
C GLN A 441 23.22 12.86 11.30
N VAL A 442 23.13 14.19 11.44
CA VAL A 442 22.77 15.09 10.36
C VAL A 442 24.08 15.39 9.56
N ARG A 443 24.08 15.11 8.26
CA ARG A 443 25.24 15.43 7.40
C ARG A 443 25.15 16.87 6.94
N ARG A 444 26.26 17.45 6.53
CA ARG A 444 26.28 18.85 6.07
C ARG A 444 27.61 19.20 5.39
N PRO A 445 27.54 19.46 4.07
CA PRO A 445 28.65 19.64 3.15
C PRO A 445 29.54 20.76 3.58
N LYS A 446 30.85 20.53 3.55
CA LYS A 446 31.80 21.53 3.93
C LYS A 446 32.18 22.21 2.61
N ALA A 447 32.93 23.32 2.69
CA ALA A 447 33.39 24.01 1.47
C ALA A 447 34.10 22.99 0.57
N SER A 448 34.81 22.05 1.18
CA SER A 448 35.66 21.20 0.36
C SER A 448 34.81 20.40 -0.62
N ALA A 449 33.55 20.18 -0.27
CA ALA A 449 32.69 19.28 -1.03
C ALA A 449 32.25 19.96 -2.31
N TYR A 450 32.09 21.28 -2.21
CA TYR A 450 31.68 22.10 -3.35
C TYR A 450 32.87 22.33 -4.27
N TRP A 451 34.06 22.50 -3.69
CA TRP A 451 35.26 22.53 -4.53
C TRP A 451 35.41 21.22 -5.23
N PHE A 452 35.17 20.10 -4.53
CA PHE A 452 35.36 18.79 -5.17
C PHE A 452 34.33 18.52 -6.25
N LYS A 453 33.11 18.99 -6.05
CA LYS A 453 32.03 18.87 -7.05
C LYS A 453 32.43 19.55 -8.37
N LYS A 454 32.89 20.79 -8.27
CA LYS A 454 33.41 21.50 -9.42
C LYS A 454 34.50 20.66 -10.15
N VAL A 455 35.47 20.12 -9.39
CA VAL A 455 36.55 19.32 -10.00
C VAL A 455 35.97 18.12 -10.73
N ALA A 456 35.16 17.33 -10.01
CA ALA A 456 34.55 16.08 -10.49
C ALA A 456 33.63 16.25 -11.72
N THR A 457 32.72 17.22 -11.64
CA THR A 457 31.76 17.47 -12.71
C THR A 457 32.43 17.85 -14.05
N HIS A 458 33.42 18.74 -14.03
CA HIS A 458 34.16 19.15 -15.23
C HIS A 458 35.41 18.35 -15.56
N ASN A 459 35.65 17.25 -14.84
CA ASN A 459 36.88 16.44 -15.00
C ASN A 459 38.22 17.22 -15.13
N ARG A 460 38.45 18.21 -14.25
CA ARG A 460 39.66 19.05 -14.31
C ARG A 460 39.93 19.96 -13.07
N LEU A 461 41.05 20.68 -13.07
CA LEU A 461 41.35 21.64 -12.02
C LEU A 461 41.33 23.08 -12.52
N LEU B 1 -43.08 -25.25 18.76
CA LEU B 1 -41.86 -26.06 19.15
C LEU B 1 -40.58 -25.22 19.33
N ALA B 2 -40.33 -24.85 20.58
CA ALA B 2 -39.28 -23.94 20.94
C ALA B 2 -38.15 -24.75 21.48
N PHE B 3 -36.90 -24.29 21.31
CA PHE B 3 -35.73 -25.06 21.70
C PHE B 3 -35.03 -24.43 22.89
N PRO B 4 -34.07 -25.13 23.53
CA PRO B 4 -33.45 -24.42 24.66
C PRO B 4 -32.65 -23.16 24.21
N LYS B 5 -32.29 -22.34 25.19
CA LYS B 5 -31.62 -21.08 24.87
C LYS B 5 -30.15 -21.40 24.66
N GLU B 6 -29.50 -20.69 23.74
CA GLU B 6 -28.08 -20.99 23.38
C GLU B 6 -27.89 -22.23 22.45
N PHE B 7 -28.99 -22.82 22.00
CA PHE B 7 -28.94 -24.00 21.18
C PHE B 7 -28.04 -23.78 19.94
N TRP B 8 -27.00 -24.62 19.78
CA TRP B 8 -26.18 -24.54 18.57
C TRP B 8 -27.01 -24.83 17.35
N TRP B 9 -26.88 -23.99 16.35
CA TRP B 9 -27.51 -24.19 15.09
C TRP B 9 -26.38 -23.99 14.18
N GLY B 10 -26.33 -24.78 13.11
CA GLY B 10 -25.17 -24.73 12.23
C GLY B 10 -24.94 -26.01 11.49
N GLY B 11 -23.80 -26.12 10.84
CA GLY B 11 -23.48 -27.31 10.07
C GLY B 11 -22.09 -27.85 10.40
N ALA B 12 -21.86 -29.11 10.00
CA ALA B 12 -20.59 -29.83 10.14
C ALA B 12 -19.94 -30.16 8.79
N THR B 13 -18.62 -30.25 8.78
CA THR B 13 -17.87 -30.62 7.57
C THR B 13 -16.54 -31.01 8.13
N SER B 14 -15.53 -31.15 7.28
CA SER B 14 -14.22 -31.58 7.74
C SER B 14 -13.18 -30.94 6.85
N GLY B 15 -11.93 -30.91 7.35
CA GLY B 15 -10.84 -30.38 6.56
C GLY B 15 -10.61 -31.10 5.23
N PRO B 16 -10.41 -32.42 5.29
CA PRO B 16 -10.15 -33.25 4.11
C PRO B 16 -11.23 -33.11 3.03
N GLN B 17 -12.48 -32.89 3.43
CA GLN B 17 -13.60 -32.96 2.49
C GLN B 17 -14.04 -31.60 1.99
N SER B 18 -13.46 -30.53 2.56
CA SER B 18 -13.86 -29.15 2.21
C SER B 18 -12.72 -28.25 1.63
N GLU B 19 -11.48 -28.48 2.06
CA GLU B 19 -10.35 -27.58 1.78
C GLU B 19 -9.77 -27.64 0.38
N GLY B 20 -9.55 -28.86 -0.12
CA GLY B 20 -8.62 -29.05 -1.25
C GLY B 20 -7.18 -29.27 -0.72
N ARG B 21 -6.27 -29.75 -1.55
CA ARG B 21 -4.92 -29.98 -1.03
C ARG B 21 -4.00 -28.79 -1.29
N PHE B 22 -4.51 -27.67 -1.78
CA PHE B 22 -3.68 -26.47 -2.00
C PHE B 22 -2.72 -26.26 -0.84
N ALA B 23 -1.43 -26.19 -1.14
CA ALA B 23 -0.43 -25.75 -0.13
C ALA B 23 -0.24 -26.71 1.03
N LYS B 24 -0.97 -27.84 1.01
CA LYS B 24 -0.89 -28.84 2.07
C LYS B 24 0.35 -29.70 1.91
N GLN B 25 1.19 -29.67 2.94
CA GLN B 25 2.43 -30.42 2.89
C GLN B 25 2.31 -31.94 2.75
N HIS B 26 1.37 -32.57 3.45
CA HIS B 26 1.39 -34.05 3.47
C HIS B 26 0.17 -34.70 2.88
N ARG B 27 0.25 -36.00 2.66
CA ARG B 27 -0.86 -36.77 2.19
C ARG B 27 -1.53 -37.53 3.35
N ASN B 28 -2.82 -37.24 3.60
CA ASN B 28 -3.60 -38.14 4.45
C ASN B 28 -3.94 -39.41 3.69
N LEU B 29 -4.53 -40.39 4.36
CA LEU B 29 -4.77 -41.69 3.71
C LEU B 29 -5.56 -41.61 2.37
N PHE B 30 -6.59 -40.75 2.31
CA PHE B 30 -7.39 -40.63 1.10
C PHE B 30 -6.68 -39.86 0.00
N ASP B 31 -5.84 -38.90 0.39
CA ASP B 31 -4.97 -38.24 -0.58
C ASP B 31 -4.25 -39.26 -1.42
N TYR B 32 -3.68 -40.22 -0.69
CA TYR B 32 -2.78 -41.23 -1.19
C TYR B 32 -3.55 -42.23 -2.01
N TRP B 33 -4.59 -42.77 -1.40
CA TRP B 33 -5.52 -43.70 -2.09
C TRP B 33 -5.92 -43.10 -3.41
N TYR B 34 -6.21 -41.81 -3.41
CA TYR B 34 -6.67 -41.21 -4.65
C TYR B 34 -5.55 -41.10 -5.69
N GLU B 35 -4.33 -40.75 -5.27
CA GLU B 35 -3.19 -40.74 -6.22
C GLU B 35 -2.97 -42.11 -6.87
N GLU B 36 -3.13 -43.17 -6.05
CA GLU B 36 -2.97 -44.57 -6.48
C GLU B 36 -4.09 -45.10 -7.35
N GLU B 37 -5.33 -44.89 -6.92
CA GLU B 37 -6.49 -45.58 -7.49
C GLU B 37 -7.68 -44.70 -7.82
N PRO B 38 -7.45 -43.72 -8.68
CA PRO B 38 -8.49 -42.75 -8.91
C PRO B 38 -9.79 -43.37 -9.36
N ASP B 39 -9.69 -44.49 -10.07
CA ASP B 39 -10.90 -45.09 -10.65
C ASP B 39 -11.86 -45.60 -9.57
N LEU B 40 -11.43 -45.62 -8.31
CA LEU B 40 -12.35 -46.00 -7.23
C LEU B 40 -13.28 -44.90 -6.77
N PHE B 41 -13.06 -43.65 -7.24
CA PHE B 41 -13.76 -42.45 -6.77
C PHE B 41 -14.80 -41.99 -7.75
N TYR B 42 -15.94 -41.60 -7.24
CA TYR B 42 -17.01 -41.36 -8.19
C TYR B 42 -16.55 -40.31 -9.18
N ASP B 43 -16.83 -40.55 -10.45
CA ASP B 43 -16.44 -39.63 -11.53
C ASP B 43 -14.96 -39.22 -11.54
N TYR B 44 -14.13 -39.90 -10.78
CA TYR B 44 -12.72 -39.58 -10.83
C TYR B 44 -12.37 -38.34 -10.02
N VAL B 45 -13.35 -37.70 -9.40
CA VAL B 45 -13.11 -36.56 -8.56
C VAL B 45 -12.41 -36.94 -7.26
N GLY B 46 -11.25 -36.35 -7.03
CA GLY B 46 -10.49 -36.67 -5.83
C GLY B 46 -10.54 -35.49 -4.89
N PRO B 47 -9.64 -35.46 -3.89
CA PRO B 47 -9.73 -34.41 -2.87
C PRO B 47 -8.79 -33.21 -3.13
N ASP B 48 -8.18 -33.12 -4.31
CA ASP B 48 -7.22 -32.07 -4.62
C ASP B 48 -7.78 -30.66 -4.48
N THR B 49 -8.91 -30.40 -5.13
CA THR B 49 -9.67 -29.18 -4.96
C THR B 49 -10.80 -29.27 -3.89
N ALA B 50 -11.47 -30.41 -3.80
CA ALA B 50 -12.62 -30.60 -2.91
C ALA B 50 -13.59 -29.45 -3.10
N SER B 51 -14.15 -28.88 -2.04
CA SER B 51 -15.03 -27.69 -2.16
C SER B 51 -14.28 -26.36 -1.91
N ASP B 52 -12.97 -26.36 -2.08
CA ASP B 52 -12.15 -25.16 -2.16
C ASP B 52 -12.17 -24.24 -0.94
N ALA B 53 -12.59 -24.75 0.22
CA ALA B 53 -12.62 -23.89 1.42
C ALA B 53 -11.23 -23.31 1.78
N TYR B 54 -10.18 -23.80 1.10
CA TYR B 54 -8.85 -23.25 1.28
C TYR B 54 -8.81 -21.78 0.90
N HIS B 55 -9.49 -21.40 -0.19
CA HIS B 55 -9.67 -19.99 -0.62
C HIS B 55 -10.93 -19.32 -0.11
N GLN B 56 -12.02 -20.06 -0.01
CA GLN B 56 -13.34 -19.51 0.20
C GLN B 56 -13.89 -19.55 1.63
N ILE B 57 -13.08 -19.99 2.61
CA ILE B 57 -13.59 -20.09 3.98
C ILE B 57 -14.18 -18.77 4.54
N GLU B 58 -13.49 -17.63 4.34
CA GLU B 58 -14.00 -16.33 4.81
C GLU B 58 -15.36 -15.97 4.16
N SER B 59 -15.52 -16.14 2.85
CA SER B 59 -16.85 -15.83 2.29
C SER B 59 -17.90 -16.88 2.68
N ASP B 60 -17.46 -18.11 2.94
CA ASP B 60 -18.37 -19.21 3.29
C ASP B 60 -18.97 -18.84 4.62
N LEU B 61 -18.12 -18.37 5.53
CA LEU B 61 -18.63 -18.11 6.84
C LEU B 61 -19.55 -16.88 6.85
N THR B 62 -19.27 -15.93 5.98
CA THR B 62 -20.13 -14.77 5.83
C THR B 62 -21.50 -15.28 5.39
N LEU B 63 -21.55 -16.08 4.31
CA LEU B 63 -22.80 -16.65 3.84
C LEU B 63 -23.56 -17.39 5.00
N LEU B 64 -22.84 -18.19 5.78
CA LEU B 64 -23.53 -18.97 6.81
C LEU B 64 -24.11 -18.08 7.93
N ALA B 65 -23.37 -17.05 8.34
CA ALA B 65 -23.97 -16.12 9.33
C ALA B 65 -25.21 -15.45 8.73
N SER B 66 -25.14 -15.02 7.48
CA SER B 66 -26.34 -14.44 6.94
C SER B 66 -27.47 -15.51 6.84
N LEU B 67 -27.09 -16.79 6.92
CA LEU B 67 -28.09 -17.87 6.79
C LEU B 67 -28.59 -18.33 8.16
N GLY B 68 -27.93 -17.84 9.21
CA GLY B 68 -28.51 -17.81 10.52
C GLY B 68 -27.75 -18.66 11.47
N HIS B 69 -26.61 -19.15 11.02
CA HIS B 69 -25.81 -20.10 11.76
C HIS B 69 -25.01 -19.44 12.86
N ASN B 70 -25.04 -20.01 14.06
CA ASN B 70 -24.25 -19.47 15.19
C ASN B 70 -23.06 -20.34 15.53
N SER B 71 -22.87 -21.43 14.80
CA SER B 71 -21.77 -22.34 15.08
C SER B 71 -21.52 -23.07 13.81
N TYR B 72 -20.33 -23.65 13.71
CA TYR B 72 -19.78 -24.31 12.53
C TYR B 72 -18.73 -25.28 12.99
N ARG B 73 -18.75 -26.48 12.45
CA ARG B 73 -17.76 -27.44 12.88
C ARG B 73 -16.97 -27.96 11.72
N THR B 74 -15.64 -27.94 11.86
CA THR B 74 -14.79 -28.46 10.79
C THR B 74 -13.66 -29.13 11.46
N SER B 75 -12.64 -29.56 10.73
CA SER B 75 -11.55 -30.28 11.38
C SER B 75 -10.18 -29.74 10.99
N ILE B 76 -9.20 -29.95 11.86
CA ILE B 76 -7.84 -29.54 11.59
C ILE B 76 -7.04 -30.73 11.09
N GLN B 77 -6.51 -30.61 9.88
CA GLN B 77 -5.73 -31.69 9.32
C GLN B 77 -4.29 -31.83 9.84
N TRP B 78 -4.05 -32.96 10.50
CA TRP B 78 -2.71 -33.37 10.89
C TRP B 78 -1.75 -33.08 9.77
N THR B 79 -2.11 -33.53 8.57
CA THR B 79 -1.25 -33.38 7.39
C THR B 79 -1.12 -31.93 6.85
N ARG B 80 -1.81 -30.96 7.45
CA ARG B 80 -1.58 -29.60 7.03
C ARG B 80 -0.76 -28.78 8.06
N LEU B 81 -1.05 -28.97 9.33
CA LEU B 81 -0.45 -28.13 10.37
C LEU B 81 0.97 -28.56 10.81
N ILE B 82 1.28 -29.85 10.65
CA ILE B 82 2.52 -30.44 11.12
C ILE B 82 3.54 -30.75 10.02
N ASP B 83 4.76 -30.30 10.28
CA ASP B 83 5.93 -30.45 9.44
C ASP B 83 6.64 -31.78 9.76
N ASP B 84 7.41 -31.82 10.85
CA ASP B 84 7.93 -33.09 11.26
C ASP B 84 6.94 -33.68 12.28
N PHE B 85 6.49 -34.87 11.95
CA PHE B 85 5.52 -35.57 12.74
C PHE B 85 6.14 -36.07 14.05
N GLU B 86 7.37 -36.61 13.97
CA GLU B 86 7.98 -37.28 15.13
C GLU B 86 8.12 -36.24 16.24
N GLN B 87 8.38 -35.00 15.87
CA GLN B 87 8.57 -33.92 16.83
C GLN B 87 7.37 -32.99 16.94
N ALA B 88 6.39 -33.13 16.04
CA ALA B 88 5.29 -32.16 15.96
C ALA B 88 5.72 -30.66 15.75
N THR B 89 6.53 -30.40 14.74
CA THR B 89 6.88 -29.01 14.37
C THR B 89 5.69 -28.36 13.62
N ILE B 90 5.64 -27.04 13.54
CA ILE B 90 4.52 -26.34 12.95
C ILE B 90 4.83 -25.84 11.55
N ASN B 91 4.06 -26.29 10.55
CA ASN B 91 4.06 -25.64 9.24
C ASN B 91 3.35 -24.28 9.37
N PRO B 92 4.12 -23.17 9.20
CA PRO B 92 3.55 -21.82 9.46
C PRO B 92 2.42 -21.42 8.49
N ASP B 93 2.44 -21.98 7.28
CA ASP B 93 1.36 -21.72 6.34
C ASP B 93 0.11 -22.45 6.82
N GLY B 94 0.30 -23.70 7.23
CA GLY B 94 -0.71 -24.50 7.91
C GLY B 94 -1.32 -23.72 9.06
N LEU B 95 -0.44 -23.18 9.92
CA LEU B 95 -0.89 -22.39 11.07
C LEU B 95 -1.72 -21.20 10.60
N ALA B 96 -1.18 -20.42 9.65
CA ALA B 96 -1.91 -19.25 9.13
C ALA B 96 -3.28 -19.63 8.54
N TYR B 97 -3.39 -20.83 7.96
CA TYR B 97 -4.68 -21.32 7.44
C TYR B 97 -5.71 -21.51 8.58
N TYR B 98 -5.38 -22.31 9.56
CA TYR B 98 -6.34 -22.54 10.62
C TYR B 98 -6.75 -21.26 11.40
N ASN B 99 -5.77 -20.38 11.65
CA ASN B 99 -6.09 -19.05 12.24
C ASN B 99 -7.08 -18.24 11.37
N ARG B 100 -6.89 -18.23 10.05
CA ARG B 100 -7.90 -17.59 9.22
C ARG B 100 -9.29 -18.19 9.45
N VAL B 101 -9.33 -19.51 9.65
CA VAL B 101 -10.58 -20.25 9.81
C VAL B 101 -11.22 -19.83 11.12
N ILE B 102 -10.42 -19.90 12.19
CA ILE B 102 -10.91 -19.54 13.53
C ILE B 102 -11.31 -18.07 13.53
N ASP B 103 -10.40 -17.18 13.08
CA ASP B 103 -10.70 -15.75 13.14
C ASP B 103 -11.95 -15.36 12.34
N ALA B 104 -12.23 -16.06 11.22
CA ALA B 104 -13.43 -15.78 10.42
C ALA B 104 -14.71 -16.22 11.12
N CYS B 105 -14.66 -17.27 11.94
CA CYS B 105 -15.81 -17.66 12.80
C CYS B 105 -16.16 -16.58 13.81
N LEU B 106 -15.20 -16.26 14.69
CA LEU B 106 -15.42 -15.18 15.65
C LEU B 106 -15.92 -13.92 14.95
N ALA B 107 -15.18 -13.49 13.92
CA ALA B 107 -15.55 -12.28 13.17
C ALA B 107 -16.98 -12.28 12.59
N ASN B 108 -17.64 -13.44 12.51
CA ASN B 108 -19.01 -13.49 11.98
C ASN B 108 -20.03 -13.92 13.04
N GLY B 109 -19.59 -14.11 14.29
CA GLY B 109 -20.52 -14.34 15.38
C GLY B 109 -20.86 -15.81 15.47
N ILE B 110 -19.86 -16.65 15.19
CA ILE B 110 -19.96 -18.10 14.98
C ILE B 110 -18.96 -18.85 15.85
N ARG B 111 -19.50 -19.72 16.69
CA ARG B 111 -18.71 -20.48 17.57
C ARG B 111 -17.94 -21.47 16.71
N PRO B 112 -16.60 -21.52 16.87
CA PRO B 112 -15.89 -22.52 16.08
C PRO B 112 -15.82 -23.85 16.83
N VAL B 113 -16.26 -24.94 16.19
CA VAL B 113 -16.15 -26.26 16.80
C VAL B 113 -15.15 -27.05 16.02
N ILE B 114 -14.20 -27.63 16.73
CA ILE B 114 -13.06 -28.18 16.07
C ILE B 114 -12.87 -29.63 16.44
N ASN B 115 -12.75 -30.43 15.37
CA ASN B 115 -12.39 -31.83 15.45
C ASN B 115 -10.92 -32.04 15.04
N LEU B 116 -10.20 -32.93 15.69
CA LEU B 116 -8.78 -33.16 15.36
C LEU B 116 -8.53 -34.27 14.31
N HIS B 117 -9.46 -35.20 14.19
CA HIS B 117 -9.23 -36.36 13.33
C HIS B 117 -10.44 -36.84 12.59
N HIS B 118 -10.41 -36.71 11.28
CA HIS B 118 -11.57 -37.08 10.50
C HIS B 118 -11.16 -37.94 9.36
N PHE B 119 -10.82 -39.19 9.63
CA PHE B 119 -10.50 -40.21 8.61
C PHE B 119 -9.18 -39.85 7.84
N ASP B 120 -8.36 -38.98 8.45
CA ASP B 120 -7.27 -38.31 7.73
C ASP B 120 -5.88 -38.46 8.34
N LEU B 121 -5.62 -39.63 8.91
CA LEU B 121 -4.25 -40.00 9.33
C LEU B 121 -3.26 -39.87 8.15
N PRO B 122 -2.10 -39.22 8.42
CA PRO B 122 -1.06 -39.08 7.40
C PRO B 122 -0.62 -40.45 6.86
N ILE B 123 -0.44 -40.57 5.56
CA ILE B 123 0.07 -41.82 4.99
C ILE B 123 1.48 -42.24 5.47
N ALA B 124 2.33 -41.28 5.83
CA ALA B 124 3.68 -41.61 6.32
C ALA B 124 3.60 -42.47 7.60
N LEU B 125 2.70 -42.10 8.50
CA LEU B 125 2.57 -42.84 9.75
C LEU B 125 1.97 -44.21 9.52
N TYR B 126 1.22 -44.37 8.43
CA TYR B 126 0.76 -45.72 8.12
C TYR B 126 1.94 -46.58 7.70
N GLN B 127 2.72 -46.06 6.75
CA GLN B 127 3.78 -46.78 6.00
C GLN B 127 4.92 -47.03 6.95
N ALA B 128 5.16 -46.07 7.84
CA ALA B 128 6.21 -46.18 8.81
C ALA B 128 5.88 -47.09 10.03
N TYR B 129 4.63 -47.14 10.49
CA TYR B 129 4.34 -47.83 11.75
C TYR B 129 3.10 -48.71 11.79
N GLY B 130 2.36 -48.79 10.67
CA GLY B 130 1.03 -49.40 10.64
C GLY B 130 -0.07 -48.49 11.22
N GLY B 131 0.11 -47.18 11.12
CA GLY B 131 -0.91 -46.21 11.50
C GLY B 131 -1.53 -46.41 12.87
N TRP B 132 -2.85 -46.60 12.96
CA TRP B 132 -3.48 -46.69 14.29
C TRP B 132 -3.07 -47.92 15.08
N GLU B 133 -2.48 -48.92 14.42
CA GLU B 133 -2.06 -50.14 15.10
C GLU B 133 -0.94 -49.88 16.10
N SER B 134 -0.23 -48.77 15.92
CA SER B 134 0.97 -48.47 16.71
C SER B 134 0.65 -47.51 17.81
N LYS B 135 1.14 -47.80 19.01
CA LYS B 135 1.00 -46.86 20.09
C LYS B 135 1.95 -45.67 19.98
N HIS B 136 3.02 -45.82 19.19
CA HIS B 136 3.89 -44.67 18.95
C HIS B 136 3.06 -43.64 18.21
N VAL B 137 2.33 -44.09 17.19
CA VAL B 137 1.48 -43.13 16.47
C VAL B 137 0.61 -42.33 17.43
N VAL B 138 0.04 -43.03 18.42
CA VAL B 138 -0.88 -42.38 19.34
C VAL B 138 -0.17 -41.23 19.98
N ASP B 139 1.07 -41.49 20.39
CA ASP B 139 1.87 -40.41 21.00
C ASP B 139 2.00 -39.18 20.10
N LEU B 140 2.34 -39.42 18.83
CA LEU B 140 2.47 -38.35 17.81
C LEU B 140 1.18 -37.59 17.65
N PHE B 141 0.10 -38.34 17.66
CA PHE B 141 -1.22 -37.77 17.58
C PHE B 141 -1.46 -36.87 18.78
N VAL B 142 -1.09 -37.32 19.98
CA VAL B 142 -1.21 -36.46 21.17
C VAL B 142 -0.42 -35.15 21.02
N ALA B 143 0.79 -35.26 20.48
CA ALA B 143 1.67 -34.11 20.43
C ALA B 143 1.11 -33.07 19.43
N PHE B 144 0.50 -33.56 18.34
CA PHE B 144 -0.30 -32.76 17.43
C PHE B 144 -1.49 -32.05 18.12
N SER B 145 -2.17 -32.74 19.02
CA SER B 145 -3.24 -32.06 19.73
C SER B 145 -2.69 -30.97 20.64
N LYS B 146 -1.63 -31.25 21.39
CA LYS B 146 -0.92 -30.19 22.15
C LYS B 146 -0.67 -28.92 21.30
N VAL B 147 -0.03 -29.08 20.15
CA VAL B 147 0.09 -27.90 19.25
C VAL B 147 -1.25 -27.17 19.05
N CYS B 148 -2.34 -27.91 18.75
CA CYS B 148 -3.59 -27.21 18.42
C CYS B 148 -4.13 -26.47 19.62
N PHE B 149 -4.08 -27.11 20.79
CA PHE B 149 -4.58 -26.48 22.00
C PHE B 149 -3.75 -25.21 22.29
N GLU B 150 -2.43 -25.33 22.09
CA GLU B 150 -1.50 -24.19 22.26
C GLU B 150 -1.75 -22.99 21.34
N GLN B 151 -1.86 -23.26 20.03
CA GLN B 151 -2.05 -22.17 19.05
C GLN B 151 -3.46 -21.63 19.01
N PHE B 152 -4.45 -22.48 19.32
CA PHE B 152 -5.83 -22.15 18.97
C PHE B 152 -6.73 -22.11 20.16
N GLY B 153 -6.24 -22.68 21.26
CA GLY B 153 -6.98 -22.76 22.52
C GLY B 153 -7.46 -21.45 23.09
N ASP B 154 -6.89 -20.34 22.61
CA ASP B 154 -7.26 -19.04 23.16
C ASP B 154 -8.61 -18.70 22.63
N ARG B 155 -8.80 -18.96 21.34
CA ARG B 155 -10.04 -18.60 20.68
C ARG B 155 -11.02 -19.77 20.47
N VAL B 156 -10.58 -21.02 20.66
CA VAL B 156 -11.49 -22.15 20.46
C VAL B 156 -11.81 -22.78 21.82
N LYS B 157 -13.11 -22.88 22.10
CA LYS B 157 -13.53 -23.37 23.39
C LYS B 157 -14.16 -24.78 23.31
N ASP B 158 -14.33 -25.25 22.06
CA ASP B 158 -15.05 -26.47 21.83
C ASP B 158 -14.25 -27.46 20.98
N TRP B 159 -13.74 -28.51 21.64
CA TRP B 159 -12.85 -29.48 21.01
C TRP B 159 -13.33 -30.91 20.89
N PHE B 160 -13.16 -31.52 19.72
CA PHE B 160 -13.41 -32.96 19.60
C PHE B 160 -12.21 -33.75 19.08
N VAL B 161 -11.86 -34.83 19.78
CA VAL B 161 -10.76 -35.66 19.36
C VAL B 161 -10.97 -36.29 17.96
N HIS B 162 -12.03 -37.10 17.83
CA HIS B 162 -12.32 -37.89 16.60
C HIS B 162 -13.71 -37.69 16.07
N ASN B 163 -13.82 -37.86 14.75
CA ASN B 163 -15.11 -38.11 14.15
C ASN B 163 -15.33 -39.61 13.89
N GLU B 164 -16.16 -40.25 14.73
CA GLU B 164 -16.56 -41.65 14.63
C GLU B 164 -15.39 -42.60 14.36
N PRO B 165 -14.61 -42.87 15.40
CA PRO B 165 -13.51 -43.81 15.32
C PRO B 165 -13.94 -45.27 14.86
N MET B 166 -15.16 -45.67 15.16
CA MET B 166 -15.52 -46.99 14.72
C MET B 166 -15.56 -47.05 13.22
N VAL B 167 -15.79 -45.91 12.56
CA VAL B 167 -15.78 -45.88 11.11
C VAL B 167 -14.34 -46.04 10.60
N VAL B 168 -13.40 -45.39 11.28
CA VAL B 168 -11.99 -45.64 11.01
C VAL B 168 -11.63 -47.11 11.20
N VAL B 169 -12.07 -47.69 12.31
CA VAL B 169 -11.85 -49.10 12.55
C VAL B 169 -12.36 -49.91 11.36
N GLU B 170 -13.65 -49.78 11.04
CA GLU B 170 -14.30 -50.66 10.10
C GLU B 170 -13.84 -50.43 8.71
N GLY B 171 -13.56 -49.18 8.40
CA GLY B 171 -13.25 -48.85 7.03
C GLY B 171 -11.86 -49.28 6.65
N SER B 172 -10.97 -49.23 7.63
CA SER B 172 -9.57 -49.59 7.43
C SER B 172 -9.30 -51.11 7.61
N TYR B 173 -9.94 -51.71 8.61
CA TYR B 173 -9.63 -53.09 8.98
C TYR B 173 -10.69 -54.14 8.77
N LEU B 174 -11.86 -53.78 8.21
CA LEU B 174 -12.95 -54.74 8.09
C LEU B 174 -13.68 -54.74 6.79
N MET B 175 -14.08 -53.56 6.33
CA MET B 175 -15.16 -53.44 5.34
C MET B 175 -14.64 -52.79 4.09
N GLN B 176 -13.34 -52.47 4.08
CA GLN B 176 -12.65 -52.05 2.88
C GLN B 176 -13.18 -50.74 2.31
N PHE B 177 -13.35 -49.70 3.13
CA PHE B 177 -13.78 -48.40 2.57
C PHE B 177 -12.86 -47.22 3.01
N HIS B 178 -11.81 -47.53 3.75
CA HIS B 178 -10.71 -46.58 4.04
C HIS B 178 -9.48 -47.34 3.69
N TYR B 179 -8.53 -46.69 3.01
CA TYR B 179 -7.15 -47.17 2.99
C TYR B 179 -6.77 -47.66 4.37
N PRO B 180 -6.11 -48.84 4.48
CA PRO B 180 -5.57 -49.69 3.44
C PRO B 180 -6.55 -50.71 2.92
N ALA B 181 -7.73 -50.76 3.51
CA ALA B 181 -8.79 -51.63 3.05
C ALA B 181 -8.35 -53.06 3.23
N ILE B 182 -7.87 -53.38 4.43
CA ILE B 182 -7.63 -54.78 4.72
C ILE B 182 -8.71 -55.38 5.63
N VAL B 183 -8.92 -56.68 5.46
CA VAL B 183 -9.72 -57.51 6.32
C VAL B 183 -8.85 -58.24 7.35
N ASP B 184 -8.99 -57.87 8.62
CA ASP B 184 -8.12 -58.36 9.67
C ASP B 184 -8.62 -57.86 11.04
N GLY B 185 -9.47 -58.68 11.63
CA GLY B 185 -10.16 -58.28 12.84
C GLY B 185 -9.24 -58.12 14.04
N LYS B 186 -8.10 -58.78 13.97
CA LYS B 186 -7.10 -58.73 14.99
C LYS B 186 -6.50 -57.33 15.07
N LYS B 187 -6.12 -56.75 13.93
CA LYS B 187 -5.70 -55.32 13.91
C LYS B 187 -6.87 -54.33 14.23
N ALA B 188 -8.05 -54.61 13.68
CA ALA B 188 -9.23 -53.80 13.96
C ALA B 188 -9.45 -53.59 15.43
N VAL B 189 -9.39 -54.69 16.18
CA VAL B 189 -9.65 -54.61 17.63
C VAL B 189 -8.65 -53.72 18.35
N GLN B 190 -7.38 -53.90 18.01
CA GLN B 190 -6.28 -53.15 18.56
C GLN B 190 -6.44 -51.67 18.21
N VAL B 191 -6.75 -51.42 16.96
CA VAL B 191 -6.93 -50.05 16.48
C VAL B 191 -8.06 -49.35 17.27
N ALA B 192 -9.15 -50.07 17.51
CA ALA B 192 -10.23 -49.58 18.34
C ALA B 192 -9.69 -49.23 19.71
N TYR B 193 -9.01 -50.21 20.33
CA TYR B 193 -8.33 -49.91 21.60
C TYR B 193 -7.47 -48.65 21.48
N ASN B 194 -6.59 -48.57 20.48
CA ASN B 194 -5.70 -47.42 20.39
C ASN B 194 -6.47 -46.13 20.21
N LEU B 195 -7.60 -46.19 19.49
CA LEU B 195 -8.40 -44.98 19.28
C LEU B 195 -9.01 -44.52 20.59
N ALA B 196 -9.57 -45.49 21.32
CA ALA B 196 -10.18 -45.18 22.61
C ALA B 196 -9.10 -44.56 23.50
N LEU B 197 -7.87 -45.13 23.42
CA LEU B 197 -6.72 -44.58 24.14
C LEU B 197 -6.40 -43.15 23.76
N ALA B 198 -6.21 -42.93 22.46
CA ALA B 198 -5.87 -41.59 21.95
C ALA B 198 -6.78 -40.49 22.53
N THR B 199 -8.07 -40.81 22.54
CA THR B 199 -9.08 -39.95 23.11
C THR B 199 -8.80 -39.58 24.54
N ALA B 200 -8.46 -40.58 25.37
CA ALA B 200 -8.17 -40.27 26.79
C ALA B 200 -6.89 -39.43 26.92
N LYS B 201 -5.84 -39.86 26.20
CA LYS B 201 -4.55 -39.16 26.28
C LYS B 201 -4.63 -37.71 25.81
N VAL B 202 -5.41 -37.45 24.75
CA VAL B 202 -5.61 -36.10 24.27
C VAL B 202 -6.43 -35.29 25.26
N ILE B 203 -7.40 -35.90 25.92
CA ILE B 203 -8.20 -35.15 26.90
C ILE B 203 -7.32 -34.69 28.04
N GLN B 204 -6.58 -35.63 28.64
CA GLN B 204 -5.57 -35.30 29.66
C GLN B 204 -4.63 -34.18 29.21
N ALA B 205 -3.99 -34.35 28.05
CA ALA B 205 -3.18 -33.27 27.49
C ALA B 205 -3.94 -31.94 27.41
N TYR B 206 -5.20 -31.96 26.99
CA TYR B 206 -5.93 -30.69 26.96
C TYR B 206 -5.97 -30.04 28.34
N ARG B 207 -6.15 -30.87 29.37
CA ARG B 207 -6.48 -30.39 30.74
C ARG B 207 -5.26 -29.99 31.58
N ARG B 208 -4.09 -30.54 31.25
CA ARG B 208 -2.82 -30.13 31.83
C ARG B 208 -2.41 -28.76 31.34
N GLY B 209 -2.81 -28.41 30.12
CA GLY B 209 -2.61 -27.06 29.59
C GLY B 209 -2.91 -25.96 30.60
N PRO B 210 -2.39 -24.74 30.34
CA PRO B 210 -2.63 -23.56 31.16
C PRO B 210 -4.10 -23.21 31.23
N ALA B 211 -4.48 -22.52 32.31
CA ALA B 211 -5.87 -22.18 32.59
C ALA B 211 -6.56 -21.23 31.61
N GLU B 212 -5.79 -20.55 30.77
CA GLU B 212 -6.41 -19.66 29.79
C GLU B 212 -6.64 -20.43 28.47
N LEU B 213 -6.06 -21.63 28.39
CA LEU B 213 -6.15 -22.46 27.21
C LEU B 213 -6.97 -23.76 27.45
N SER B 214 -7.29 -24.04 28.72
CA SER B 214 -7.97 -25.29 29.08
C SER B 214 -9.27 -25.05 29.82
N ASP B 215 -9.86 -23.89 29.60
CA ASP B 215 -11.10 -23.53 30.28
C ASP B 215 -12.33 -23.79 29.39
N GLY B 216 -12.17 -24.55 28.31
CA GLY B 216 -13.32 -24.93 27.51
C GLY B 216 -13.67 -26.40 27.71
N ARG B 217 -14.38 -26.93 26.72
CA ARG B 217 -14.84 -28.30 26.77
C ARG B 217 -14.21 -29.11 25.65
N ILE B 218 -13.81 -30.33 26.03
CA ILE B 218 -13.34 -31.31 25.05
C ILE B 218 -14.20 -32.56 25.11
N GLY B 219 -14.46 -33.14 23.95
CA GLY B 219 -15.12 -34.45 23.84
C GLY B 219 -14.67 -35.30 22.67
N THR B 220 -15.62 -36.08 22.15
CA THR B 220 -15.41 -36.97 20.99
C THR B 220 -16.75 -37.16 20.26
N ILE B 221 -16.71 -37.56 19.00
CA ILE B 221 -17.93 -37.68 18.20
C ILE B 221 -18.24 -39.14 17.85
N LEU B 222 -19.34 -39.61 18.41
CA LEU B 222 -19.66 -41.04 18.36
C LEU B 222 -21.00 -41.30 17.68
N ASN B 223 -21.42 -42.57 17.73
CA ASN B 223 -22.71 -42.98 17.19
C ASN B 223 -23.49 -43.73 18.26
N LEU B 224 -24.77 -43.41 18.39
CA LEU B 224 -25.56 -44.14 19.34
C LEU B 224 -26.82 -44.75 18.73
N THR B 225 -26.86 -44.89 17.40
CA THR B 225 -28.04 -45.40 16.73
C THR B 225 -28.38 -46.83 17.19
N PRO B 226 -29.60 -47.07 17.63
CA PRO B 226 -29.78 -48.45 18.09
C PRO B 226 -29.71 -49.48 16.94
N ALA B 227 -29.47 -50.73 17.28
CA ALA B 227 -29.60 -51.80 16.28
C ALA B 227 -30.91 -52.47 16.62
N TYR B 228 -31.96 -52.16 15.88
CA TYR B 228 -33.26 -52.76 16.18
C TYR B 228 -33.27 -54.27 15.77
N PRO B 229 -33.61 -55.15 16.73
CA PRO B 229 -33.81 -56.56 16.44
C PRO B 229 -35.05 -56.81 15.57
N ALA B 230 -34.87 -57.56 14.49
CA ALA B 230 -36.02 -58.06 13.68
C ALA B 230 -37.27 -58.44 14.48
N SER B 231 -37.09 -59.15 15.58
CA SER B 231 -38.23 -59.61 16.39
C SER B 231 -37.79 -59.68 17.81
N GLN B 232 -38.73 -60.06 18.66
CA GLN B 232 -38.47 -60.30 20.07
C GLN B 232 -37.95 -61.73 20.43
N SER B 233 -37.57 -62.55 19.44
CA SER B 233 -37.07 -63.89 19.74
C SER B 233 -35.72 -63.70 20.37
N GLU B 234 -35.31 -64.64 21.20
CA GLU B 234 -34.08 -64.41 21.93
C GLU B 234 -32.85 -64.46 21.02
N ALA B 235 -32.90 -65.18 19.90
CA ALA B 235 -31.77 -65.21 18.98
C ALA B 235 -31.57 -63.83 18.31
N ASP B 236 -32.67 -63.22 17.85
CA ASP B 236 -32.69 -61.84 17.32
C ASP B 236 -32.20 -60.80 18.32
N MET B 237 -32.57 -60.96 19.57
CA MET B 237 -32.19 -60.07 20.70
C MET B 237 -30.68 -60.11 21.02
N ALA B 238 -30.12 -61.30 21.10
CA ALA B 238 -28.69 -61.45 21.32
C ALA B 238 -27.90 -60.78 20.18
N ALA B 239 -28.27 -61.05 18.93
CA ALA B 239 -27.73 -60.30 17.77
C ALA B 239 -27.80 -58.78 17.98
N ALA B 240 -28.96 -58.29 18.37
CA ALA B 240 -29.08 -56.87 18.61
C ALA B 240 -28.12 -56.41 19.70
N HIS B 241 -28.06 -57.16 20.79
CA HIS B 241 -27.27 -56.78 21.95
C HIS B 241 -25.84 -56.66 21.54
N PHE B 242 -25.31 -57.69 20.92
CA PHE B 242 -23.93 -57.67 20.54
C PHE B 242 -23.65 -56.53 19.55
N ALA B 243 -24.56 -56.30 18.63
CA ALA B 243 -24.37 -55.29 17.62
C ALA B 243 -24.15 -53.92 18.27
N GLU B 244 -24.83 -53.69 19.39
CA GLU B 244 -24.69 -52.46 20.14
C GLU B 244 -23.41 -52.47 20.98
N LEU B 245 -23.12 -53.60 21.63
CA LEU B 245 -21.87 -53.73 22.39
C LEU B 245 -20.68 -53.21 21.56
N TRP B 246 -20.56 -53.75 20.35
CA TRP B 246 -19.45 -53.42 19.48
C TRP B 246 -19.49 -52.03 18.90
N ASN B 247 -20.62 -51.71 18.25
CA ASN B 247 -20.78 -50.54 17.41
C ASN B 247 -21.01 -49.28 18.21
N ASN B 248 -21.52 -49.41 19.42
CA ASN B 248 -21.99 -48.27 20.19
C ASN B 248 -21.21 -48.18 21.50
N ASP B 249 -21.28 -49.29 22.22
CA ASP B 249 -20.81 -49.39 23.59
C ASP B 249 -19.31 -49.24 23.80
N LEU B 250 -18.53 -49.84 22.93
CA LEU B 250 -17.08 -49.78 23.04
C LEU B 250 -16.60 -48.36 23.33
N PHE B 251 -16.86 -47.44 22.42
CA PHE B 251 -16.33 -46.13 22.52
C PHE B 251 -17.11 -45.27 23.47
N MET B 252 -18.42 -45.49 23.50
CA MET B 252 -19.31 -44.76 24.40
C MET B 252 -18.93 -45.02 25.85
N GLU B 253 -18.61 -46.25 26.21
CA GLU B 253 -18.41 -46.45 27.63
C GLU B 253 -16.99 -46.03 28.01
N ALA B 254 -16.06 -46.20 27.08
CA ALA B 254 -14.74 -45.69 27.32
C ALA B 254 -14.82 -44.16 27.59
N ALA B 255 -15.44 -43.44 26.67
CA ALA B 255 -15.43 -42.00 26.70
C ALA B 255 -16.21 -41.41 27.88
N VAL B 256 -17.17 -42.15 28.42
CA VAL B 256 -18.12 -41.54 29.33
C VAL B 256 -18.00 -42.13 30.71
N HIS B 257 -17.76 -43.43 30.74
CA HIS B 257 -17.64 -44.16 31.99
C HIS B 257 -16.23 -44.48 32.42
N GLY B 258 -15.27 -44.31 31.50
CA GLY B 258 -13.87 -44.54 31.82
C GLY B 258 -13.50 -46.00 31.67
N LYS B 259 -14.49 -46.81 31.33
CA LYS B 259 -14.30 -48.25 31.25
C LYS B 259 -14.76 -48.83 29.93
N PHE B 260 -13.98 -49.79 29.41
CA PHE B 260 -14.47 -50.70 28.36
C PHE B 260 -15.54 -51.65 28.94
N PRO B 261 -16.58 -52.02 28.13
CA PRO B 261 -17.68 -52.83 28.69
C PRO B 261 -17.35 -54.33 28.83
N GLU B 262 -17.42 -54.75 30.08
CA GLU B 262 -17.07 -56.10 30.53
C GLU B 262 -17.43 -57.16 29.50
N GLU B 263 -18.68 -57.12 29.03
CA GLU B 263 -19.24 -58.21 28.30
C GLU B 263 -18.54 -58.39 26.97
N LEU B 264 -18.17 -57.26 26.37
CA LEU B 264 -17.48 -57.26 25.08
C LEU B 264 -16.03 -57.74 25.25
N VAL B 265 -15.37 -57.23 26.32
CA VAL B 265 -14.03 -57.68 26.71
C VAL B 265 -14.01 -59.22 26.69
N ALA B 266 -14.98 -59.82 27.38
CA ALA B 266 -15.10 -61.27 27.46
C ALA B 266 -15.19 -61.95 26.08
N VAL B 267 -16.12 -61.49 25.26
CA VAL B 267 -16.31 -62.07 23.94
C VAL B 267 -15.04 -62.02 23.13
N LEU B 268 -14.39 -60.88 23.20
CA LEU B 268 -13.22 -60.67 22.39
C LEU B 268 -12.14 -61.63 22.83
N LYS B 269 -12.00 -61.79 24.15
CA LYS B 269 -11.09 -62.78 24.75
C LYS B 269 -11.48 -64.17 24.28
N LYS B 270 -12.72 -64.57 24.56
CA LYS B 270 -13.17 -65.86 24.10
C LYS B 270 -12.74 -66.12 22.64
N ASP B 271 -12.79 -65.09 21.78
CA ASP B 271 -12.48 -65.29 20.36
C ASP B 271 -10.99 -65.17 20.02
N GLY B 272 -10.20 -64.76 21.01
CA GLY B 272 -8.74 -64.75 20.92
C GLY B 272 -8.33 -63.67 19.96
N VAL B 273 -8.72 -62.44 20.33
CA VAL B 273 -8.78 -61.33 19.41
C VAL B 273 -8.72 -60.08 20.24
N LEU B 274 -8.85 -60.26 21.56
CA LEU B 274 -8.78 -59.12 22.50
C LEU B 274 -7.51 -58.30 22.26
N TRP B 275 -7.47 -57.08 22.80
CA TRP B 275 -6.43 -56.14 22.46
C TRP B 275 -5.35 -56.14 23.52
N GLN B 276 -4.26 -55.43 23.24
CA GLN B 276 -3.11 -55.44 24.12
C GLN B 276 -3.10 -54.20 25.02
N SER B 277 -3.53 -54.33 26.27
CA SER B 277 -3.55 -53.15 27.14
C SER B 277 -2.45 -53.13 28.22
N THR B 278 -2.69 -52.32 29.24
CA THR B 278 -1.72 -51.97 30.25
C THR B 278 -2.48 -51.30 31.36
N PRO B 279 -2.30 -51.80 32.60
CA PRO B 279 -2.98 -51.16 33.72
C PRO B 279 -2.76 -49.67 33.68
N GLU B 280 -1.56 -49.24 33.25
CA GLU B 280 -1.25 -47.80 33.08
C GLU B 280 -2.24 -47.11 32.12
N GLU B 281 -2.53 -47.80 31.00
CA GLU B 281 -3.46 -47.29 30.01
C GLU B 281 -4.91 -47.29 30.44
N LEU B 282 -5.35 -48.37 31.08
CA LEU B 282 -6.72 -48.39 31.61
C LEU B 282 -7.02 -47.27 32.64
N ALA B 283 -6.08 -46.96 33.53
CA ALA B 283 -6.36 -45.92 34.56
C ALA B 283 -6.33 -44.56 33.89
N LEU B 284 -5.52 -44.45 32.84
CA LEU B 284 -5.54 -43.26 32.00
C LEU B 284 -6.94 -43.05 31.44
N ILE B 285 -7.47 -44.12 30.82
CA ILE B 285 -8.85 -44.10 30.33
C ILE B 285 -9.83 -43.87 31.47
N ALA B 286 -9.66 -44.58 32.59
CA ALA B 286 -10.65 -44.47 33.67
C ALA B 286 -10.67 -43.05 34.19
N GLU B 287 -9.59 -42.32 33.91
CA GLU B 287 -9.35 -40.99 34.48
C GLU B 287 -9.85 -39.85 33.62
N ASN B 288 -9.73 -39.99 32.31
CA ASN B 288 -10.04 -38.85 31.42
C ASN B 288 -11.29 -39.06 30.58
N ARG B 289 -12.36 -38.44 31.05
CA ARG B 289 -13.71 -38.61 30.53
C ARG B 289 -14.13 -37.32 29.87
N VAL B 290 -14.99 -37.44 28.86
CA VAL B 290 -15.43 -36.26 28.11
C VAL B 290 -16.20 -35.30 28.97
N ASP B 291 -16.17 -34.01 28.60
CA ASP B 291 -17.08 -33.01 29.14
C ASP B 291 -18.42 -33.18 28.49
N TYR B 292 -18.40 -33.58 27.22
CA TYR B 292 -19.62 -33.71 26.45
C TYR B 292 -19.44 -34.59 25.21
N LEU B 293 -20.49 -34.73 24.39
CA LEU B 293 -20.38 -35.55 23.16
C LEU B 293 -21.14 -34.97 22.01
N GLY B 294 -20.67 -35.30 20.83
CA GLY B 294 -21.48 -35.11 19.64
C GLY B 294 -21.86 -36.48 19.11
N LEU B 295 -23.10 -36.68 18.68
CA LEU B 295 -23.56 -38.00 18.19
C LEU B 295 -24.07 -37.82 16.77
N ASN B 296 -23.69 -38.73 15.88
CA ASN B 296 -23.99 -38.59 14.44
C ASN B 296 -25.17 -39.51 14.13
N PHE B 297 -26.12 -39.07 13.31
CA PHE B 297 -27.21 -39.97 12.96
C PHE B 297 -27.79 -39.71 11.58
N TYR B 298 -27.77 -40.74 10.72
CA TYR B 298 -28.29 -40.68 9.34
C TYR B 298 -29.35 -41.72 9.05
N HIS B 299 -29.26 -42.87 9.71
CA HIS B 299 -30.15 -43.99 9.42
C HIS B 299 -30.18 -45.02 10.53
N PRO B 300 -31.31 -45.71 10.67
CA PRO B 300 -31.37 -46.75 11.69
C PRO B 300 -30.59 -47.99 11.27
N LYS B 301 -30.45 -48.93 12.18
CA LYS B 301 -29.73 -50.15 11.93
C LYS B 301 -30.64 -51.28 12.43
N ARG B 302 -30.71 -52.34 11.66
CA ARG B 302 -31.61 -53.41 12.04
C ARG B 302 -30.88 -54.70 11.84
N VAL B 303 -30.96 -55.57 12.84
CA VAL B 303 -30.24 -56.83 12.81
C VAL B 303 -31.14 -58.00 13.13
N LYS B 304 -30.72 -59.15 12.63
CA LYS B 304 -31.25 -60.46 13.03
C LYS B 304 -30.12 -61.42 13.40
N ALA B 305 -30.51 -62.56 13.99
CA ALA B 305 -29.60 -63.70 14.27
C ALA B 305 -29.02 -64.12 12.95
N PRO B 306 -27.76 -64.49 12.94
CA PRO B 306 -27.16 -64.82 11.65
C PRO B 306 -27.83 -66.07 11.02
N ASP B 307 -28.03 -66.05 9.70
CA ASP B 307 -28.60 -67.19 8.97
C ASP B 307 -27.66 -68.40 9.04
N ALA B 308 -26.36 -68.11 9.03
CA ALA B 308 -25.30 -69.09 9.06
C ALA B 308 -24.29 -68.73 10.16
N ILE B 309 -23.95 -69.70 10.99
CA ILE B 309 -22.97 -69.52 12.06
C ILE B 309 -21.73 -70.21 11.54
N PRO B 310 -20.64 -69.42 11.34
CA PRO B 310 -19.44 -70.04 10.79
C PRO B 310 -18.64 -70.69 11.91
N VAL B 311 -17.86 -71.72 11.58
CA VAL B 311 -16.97 -72.29 12.57
C VAL B 311 -15.56 -71.88 12.21
N ILE B 312 -15.17 -72.08 10.96
CA ILE B 312 -13.96 -71.40 10.61
C ILE B 312 -14.24 -70.09 9.91
N SER B 313 -13.46 -69.07 10.30
CA SER B 313 -13.42 -67.79 9.63
C SER B 313 -11.98 -67.29 9.46
N PRO B 314 -11.53 -67.20 8.21
CA PRO B 314 -10.30 -66.47 7.92
C PRO B 314 -10.04 -65.32 8.93
N SER B 315 -11.03 -64.45 9.14
CA SER B 315 -10.84 -63.27 9.98
C SER B 315 -12.04 -62.98 10.90
N TRP B 316 -11.74 -62.50 12.09
CA TRP B 316 -12.80 -62.18 13.04
C TRP B 316 -13.53 -60.97 12.57
N SER B 317 -14.85 -61.02 12.68
CA SER B 317 -15.74 -59.92 12.33
C SER B 317 -16.87 -59.84 13.36
N PRO B 318 -17.28 -58.60 13.75
CA PRO B 318 -18.44 -58.51 14.64
C PRO B 318 -19.71 -59.07 13.96
N GLU B 319 -19.68 -59.20 12.64
CA GLU B 319 -20.80 -59.73 11.86
C GLU B 319 -20.97 -61.26 11.89
N TRP B 320 -20.11 -61.91 12.67
CA TRP B 320 -20.32 -63.29 13.12
C TRP B 320 -21.55 -63.37 13.94
N TYR B 321 -21.84 -62.34 14.73
CA TYR B 321 -22.93 -62.44 15.70
C TYR B 321 -24.23 -61.80 15.30
N TYR B 322 -24.29 -61.20 14.10
CA TYR B 322 -25.55 -60.66 13.59
C TYR B 322 -25.53 -60.47 12.06
N ASP B 323 -26.72 -60.38 11.49
CA ASP B 323 -26.87 -60.09 10.10
C ASP B 323 -27.81 -58.87 9.94
N PRO B 324 -27.62 -58.07 8.89
CA PRO B 324 -28.56 -56.99 8.56
C PRO B 324 -29.97 -57.50 8.34
N TYR B 325 -30.96 -56.69 8.69
CA TYR B 325 -32.36 -57.00 8.46
C TYR B 325 -33.06 -55.84 7.75
N LEU B 326 -33.85 -56.15 6.73
CA LEU B 326 -34.69 -55.13 6.09
C LEU B 326 -36.12 -55.32 6.52
N MET B 327 -36.73 -54.24 6.95
CA MET B 327 -38.03 -54.34 7.50
C MET B 327 -39.08 -54.01 6.44
N PRO B 328 -39.97 -54.99 6.14
CA PRO B 328 -41.06 -54.73 5.22
C PRO B 328 -41.78 -53.43 5.52
N GLY B 329 -41.91 -52.57 4.51
CA GLY B 329 -42.68 -51.32 4.59
C GLY B 329 -41.96 -50.07 5.07
N ARG B 330 -40.65 -50.15 5.29
CA ARG B 330 -39.93 -49.01 5.82
C ARG B 330 -39.67 -47.96 4.74
N ARG B 331 -39.44 -46.73 5.18
CA ARG B 331 -39.24 -45.62 4.26
C ARG B 331 -37.82 -45.62 3.82
N MET B 332 -37.58 -45.23 2.57
CA MET B 332 -36.27 -45.49 2.01
C MET B 332 -35.74 -44.30 1.24
N ASN B 333 -34.44 -44.05 1.37
CA ASN B 333 -33.76 -43.11 0.47
C ASN B 333 -32.96 -43.89 -0.55
N VAL B 334 -33.56 -44.04 -1.73
CA VAL B 334 -33.00 -44.87 -2.78
C VAL B 334 -31.56 -44.58 -3.19
N ASP B 335 -31.18 -43.30 -3.25
CA ASP B 335 -29.82 -42.98 -3.66
C ASP B 335 -28.79 -43.62 -2.78
N LYS B 336 -29.14 -43.80 -1.52
CA LYS B 336 -28.11 -44.18 -0.57
C LYS B 336 -28.33 -45.60 -0.01
N GLY B 337 -29.40 -46.25 -0.47
CA GLY B 337 -29.84 -47.56 0.04
C GLY B 337 -30.27 -47.51 1.50
N TRP B 338 -30.73 -46.34 1.96
CA TRP B 338 -30.79 -46.06 3.41
C TRP B 338 -32.20 -45.88 3.90
N GLU B 339 -32.50 -46.57 5.02
CA GLU B 339 -33.79 -46.46 5.68
C GLU B 339 -33.90 -45.07 6.27
N ILE B 340 -35.10 -44.52 6.33
CA ILE B 340 -35.31 -43.27 6.99
C ILE B 340 -36.24 -43.49 8.16
N TYR B 341 -35.75 -43.21 9.37
CA TYR B 341 -36.55 -43.44 10.55
C TYR B 341 -36.19 -42.43 11.64
N PRO B 342 -36.70 -41.21 11.52
CA PRO B 342 -36.40 -40.13 12.47
C PRO B 342 -36.71 -40.50 13.93
N GLU B 343 -37.64 -41.43 14.14
CA GLU B 343 -37.95 -41.84 15.49
C GLU B 343 -36.70 -42.17 16.30
N ALA B 344 -35.67 -42.68 15.65
CA ALA B 344 -34.49 -43.17 16.36
C ALA B 344 -33.77 -42.03 17.08
N VAL B 345 -34.06 -40.79 16.70
CA VAL B 345 -33.41 -39.67 17.36
C VAL B 345 -33.95 -39.62 18.79
N TYR B 346 -35.25 -39.74 18.97
CA TYR B 346 -35.82 -39.86 20.31
C TYR B 346 -35.15 -40.97 21.14
N ASP B 347 -35.03 -42.18 20.56
CA ASP B 347 -34.38 -43.29 21.26
C ASP B 347 -33.00 -42.94 21.73
N ILE B 348 -32.26 -42.23 20.87
CA ILE B 348 -30.92 -41.90 21.17
C ILE B 348 -30.95 -40.92 22.36
N ALA B 349 -31.91 -40.01 22.33
CA ALA B 349 -32.00 -39.00 23.34
C ALA B 349 -32.34 -39.60 24.71
N ILE B 350 -33.30 -40.51 24.73
CA ILE B 350 -33.61 -41.30 25.94
C ILE B 350 -32.43 -42.14 26.49
N LYS B 351 -31.63 -42.68 25.58
CA LYS B 351 -30.50 -43.53 25.92
C LYS B 351 -29.48 -42.63 26.65
N MET B 352 -29.27 -41.43 26.11
CA MET B 352 -28.34 -40.51 26.75
C MET B 352 -28.73 -40.19 28.22
N ARG B 353 -30.02 -39.89 28.39
CA ARG B 353 -30.63 -39.57 29.65
C ARG B 353 -30.58 -40.67 30.73
N ASP B 354 -30.83 -41.93 30.35
CA ASP B 354 -30.95 -42.98 31.37
C ASP B 354 -29.68 -43.80 31.52
N HIS B 355 -28.86 -43.88 30.46
CA HIS B 355 -27.64 -44.70 30.53
C HIS B 355 -26.29 -43.99 30.49
N TYR B 356 -26.31 -42.69 30.18
CA TYR B 356 -25.07 -41.93 30.10
C TYR B 356 -25.11 -40.71 30.97
N ASP B 357 -25.62 -40.94 32.18
CA ASP B 357 -25.62 -39.92 33.26
C ASP B 357 -26.19 -38.57 32.74
N ASN B 358 -26.74 -38.58 31.54
CA ASN B 358 -27.34 -37.39 30.98
C ASN B 358 -26.34 -36.22 30.81
N ILE B 359 -25.11 -36.55 30.42
CA ILE B 359 -24.18 -35.49 30.18
C ILE B 359 -24.56 -34.71 28.95
N PRO B 360 -23.99 -33.50 28.82
CA PRO B 360 -24.43 -32.72 27.68
C PRO B 360 -24.03 -33.43 26.40
N TRP B 361 -24.92 -33.40 25.39
CA TRP B 361 -24.56 -33.85 24.07
C TRP B 361 -25.22 -33.03 23.03
N PHE B 362 -24.68 -33.06 21.82
CA PHE B 362 -25.40 -32.48 20.70
C PHE B 362 -25.50 -33.45 19.52
N LEU B 363 -26.52 -33.26 18.67
CA LEU B 363 -26.60 -34.06 17.44
C LEU B 363 -25.64 -33.50 16.38
N SER B 364 -24.41 -34.01 16.35
CA SER B 364 -23.32 -33.42 15.59
C SER B 364 -23.34 -33.61 14.05
N GLU B 365 -24.21 -34.52 13.57
CA GLU B 365 -24.43 -34.70 12.12
C GLU B 365 -25.78 -35.30 11.92
N ASN B 366 -26.55 -34.71 11.01
CA ASN B 366 -27.82 -35.24 10.57
C ASN B 366 -28.01 -34.63 9.22
N GLY B 367 -28.44 -35.41 8.25
CA GLY B 367 -28.49 -34.89 6.89
C GLY B 367 -28.84 -35.99 5.92
N VAL B 368 -29.07 -35.61 4.66
CA VAL B 368 -29.59 -36.49 3.66
C VAL B 368 -29.01 -36.17 2.32
N GLY B 369 -28.54 -37.22 1.62
CA GLY B 369 -27.77 -37.07 0.39
C GLY B 369 -28.49 -37.65 -0.81
N ILE B 370 -28.54 -36.86 -1.88
CA ILE B 370 -29.37 -37.14 -3.06
C ILE B 370 -28.50 -36.83 -4.27
N SER B 371 -28.72 -37.53 -5.36
CA SER B 371 -27.93 -37.31 -6.58
C SER B 371 -28.80 -36.57 -7.60
N GLY B 372 -28.23 -36.01 -8.65
CA GLY B 372 -29.03 -35.31 -9.64
C GLY B 372 -30.00 -34.25 -9.12
N GLU B 373 -29.53 -33.42 -8.21
CA GLU B 373 -30.26 -32.28 -7.68
C GLU B 373 -30.67 -31.26 -8.76
N ASP B 374 -29.84 -31.13 -9.77
CA ASP B 374 -30.22 -30.50 -11.01
C ASP B 374 -31.70 -30.59 -11.44
N ARG B 375 -32.36 -31.72 -11.22
CA ARG B 375 -33.75 -31.90 -11.63
C ARG B 375 -34.74 -31.07 -10.80
N TYR B 376 -34.28 -30.50 -9.68
CA TYR B 376 -35.17 -29.85 -8.73
C TYR B 376 -34.98 -28.36 -8.72
N ARG B 377 -34.17 -27.83 -9.65
CA ARG B 377 -34.03 -26.39 -9.75
C ARG B 377 -35.26 -25.83 -10.46
N ASP B 378 -35.88 -24.86 -9.82
CA ASP B 378 -36.96 -24.11 -10.41
C ASP B 378 -36.42 -23.09 -11.43
N GLU B 379 -37.34 -22.39 -12.11
CA GLU B 379 -36.97 -21.35 -13.09
C GLU B 379 -35.98 -20.29 -12.57
N THR B 380 -35.84 -20.17 -11.26
CA THR B 380 -34.84 -19.23 -10.74
C THR B 380 -33.41 -19.76 -10.59
N GLY B 381 -33.19 -21.04 -10.83
CA GLY B 381 -31.85 -21.66 -10.63
C GLY B 381 -31.61 -22.28 -9.24
N GLN B 382 -32.58 -22.11 -8.33
CA GLN B 382 -32.47 -22.52 -6.93
C GLN B 382 -33.05 -23.91 -6.75
N ILE B 383 -32.26 -24.76 -6.09
CA ILE B 383 -32.63 -26.17 -5.89
C ILE B 383 -33.73 -26.23 -4.88
N GLN B 384 -34.92 -26.63 -5.32
CA GLN B 384 -36.08 -26.74 -4.42
C GLN B 384 -36.05 -28.12 -3.70
N ASP B 385 -35.21 -28.20 -2.68
CA ASP B 385 -34.92 -29.49 -2.03
C ASP B 385 -35.84 -29.76 -0.83
N ASP B 386 -37.15 -29.84 -1.14
CA ASP B 386 -38.20 -30.11 -0.17
C ASP B 386 -37.91 -31.35 0.68
N TYR B 387 -37.48 -32.39 -0.02
CA TYR B 387 -37.16 -33.64 0.59
C TYR B 387 -36.19 -33.41 1.76
N ARG B 388 -35.20 -32.53 1.60
CA ARG B 388 -34.22 -32.22 2.67
C ARG B 388 -34.90 -31.45 3.74
N ILE B 389 -35.85 -30.59 3.40
CA ILE B 389 -36.52 -29.83 4.47
C ILE B 389 -37.33 -30.82 5.31
N GLN B 390 -38.13 -31.64 4.65
CA GLN B 390 -38.97 -32.58 5.32
C GLN B 390 -38.11 -33.50 6.18
N PHE B 391 -36.99 -33.99 5.63
CA PHE B 391 -36.09 -34.88 6.34
C PHE B 391 -35.64 -34.22 7.64
N LEU B 392 -35.04 -33.01 7.54
CA LEU B 392 -34.45 -32.31 8.70
C LEU B 392 -35.48 -31.95 9.75
N LYS B 393 -36.64 -31.50 9.30
CA LYS B 393 -37.78 -31.24 10.17
C LYS B 393 -38.13 -32.48 10.99
N GLU B 394 -38.46 -33.56 10.28
CA GLU B 394 -38.77 -34.79 10.95
C GLU B 394 -37.72 -35.14 12.01
N HIS B 395 -36.42 -35.07 11.67
CA HIS B 395 -35.40 -35.42 12.67
C HIS B 395 -35.35 -34.45 13.79
N LEU B 396 -35.50 -33.17 13.48
CA LEU B 396 -35.52 -32.14 14.50
C LEU B 396 -36.76 -32.20 15.42
N THR B 397 -37.90 -32.65 14.85
CA THR B 397 -39.08 -32.86 15.67
C THR B 397 -38.83 -33.95 16.72
N TYR B 398 -38.15 -35.04 16.36
CA TYR B 398 -37.97 -36.10 17.35
C TYR B 398 -36.88 -35.65 18.32
N LEU B 399 -35.97 -34.82 17.82
CA LEU B 399 -34.95 -34.30 18.71
C LEU B 399 -35.64 -33.49 19.80
N HIS B 400 -36.61 -32.67 19.40
CA HIS B 400 -37.45 -31.92 20.38
C HIS B 400 -38.22 -32.79 21.37
N LYS B 401 -38.82 -33.89 20.88
CA LYS B 401 -39.53 -34.82 21.77
C LYS B 401 -38.54 -35.30 22.83
N GLY B 402 -37.30 -35.58 22.42
CA GLY B 402 -36.25 -35.99 23.42
C GLY B 402 -35.83 -34.91 24.44
N ILE B 403 -35.73 -33.67 23.98
CA ILE B 403 -35.28 -32.62 24.87
C ILE B 403 -36.41 -32.42 25.90
N GLU B 404 -37.63 -32.40 25.37
CA GLU B 404 -38.83 -32.23 26.15
C GLU B 404 -38.93 -33.29 27.23
N ALA B 405 -38.41 -34.50 26.99
CA ALA B 405 -38.43 -35.55 28.02
C ALA B 405 -37.26 -35.46 29.00
N GLY B 406 -36.43 -34.42 28.85
CA GLY B 406 -35.40 -34.17 29.84
C GLY B 406 -34.02 -34.59 29.39
N SER B 407 -33.82 -34.78 28.09
CA SER B 407 -32.52 -35.16 27.56
C SER B 407 -31.61 -33.93 27.39
N ASN B 408 -30.42 -34.04 27.93
CA ASN B 408 -29.47 -32.96 27.92
C ASN B 408 -28.79 -32.70 26.56
N CYS B 409 -29.62 -32.29 25.60
CA CYS B 409 -29.12 -31.94 24.27
C CYS B 409 -28.90 -30.43 24.10
N PHE B 410 -27.81 -30.03 23.46
CA PHE B 410 -27.58 -28.59 23.34
C PHE B 410 -27.44 -28.03 21.92
N GLY B 411 -27.57 -28.88 20.91
CA GLY B 411 -27.48 -28.39 19.58
C GLY B 411 -27.70 -29.43 18.51
N TYR B 412 -27.70 -28.93 17.27
CA TYR B 412 -28.03 -29.66 16.10
C TYR B 412 -27.21 -29.11 14.96
N HIS B 413 -26.31 -29.92 14.41
CA HIS B 413 -25.60 -29.57 13.19
C HIS B 413 -26.04 -30.41 12.02
N VAL B 414 -26.37 -29.72 10.94
CA VAL B 414 -26.65 -30.35 9.68
C VAL B 414 -25.40 -30.79 8.95
N TRP B 415 -25.34 -32.05 8.53
CA TRP B 415 -24.34 -32.45 7.50
C TRP B 415 -25.03 -32.23 6.21
N THR B 416 -24.63 -31.23 5.41
CA THR B 416 -23.48 -30.34 5.60
C THR B 416 -23.84 -28.94 5.01
N PRO B 417 -23.23 -27.85 5.53
CA PRO B 417 -23.49 -26.48 5.01
C PRO B 417 -23.42 -26.33 3.47
N ILE B 418 -22.28 -26.70 2.89
CA ILE B 418 -22.06 -26.57 1.43
C ILE B 418 -21.66 -27.94 0.86
N ASP B 419 -22.21 -28.35 -0.28
CA ASP B 419 -21.91 -29.70 -0.83
C ASP B 419 -20.42 -29.98 -0.65
N GLY B 420 -20.10 -31.14 -0.10
CA GLY B 420 -18.72 -31.54 0.18
C GLY B 420 -18.30 -32.77 -0.59
N TRP B 421 -17.02 -33.16 -0.45
CA TRP B 421 -16.49 -34.37 -1.12
C TRP B 421 -16.64 -35.55 -0.20
N SER B 422 -17.35 -36.57 -0.67
CA SER B 422 -17.76 -37.58 0.25
C SER B 422 -17.00 -38.85 0.00
N TRP B 423 -15.71 -38.81 0.27
CA TRP B 423 -14.87 -39.99 0.14
C TRP B 423 -14.92 -40.65 -1.22
N LEU B 424 -14.99 -41.98 -1.26
CA LEU B 424 -15.15 -42.71 -2.54
C LEU B 424 -16.35 -42.21 -3.36
N ASN B 425 -17.41 -41.82 -2.66
CA ASN B 425 -18.57 -41.21 -3.30
C ASN B 425 -18.34 -39.82 -3.83
N ALA B 426 -17.26 -39.16 -3.39
CA ALA B 426 -17.01 -37.84 -3.97
C ALA B 426 -18.34 -37.08 -3.99
N TYR B 427 -18.82 -36.65 -5.14
CA TYR B 427 -19.90 -35.67 -5.20
C TYR B 427 -21.14 -36.30 -5.79
N LYS B 428 -21.12 -37.63 -5.85
CA LYS B 428 -22.25 -38.42 -6.24
C LYS B 428 -23.50 -37.99 -5.56
N ASN B 429 -23.50 -37.88 -4.24
CA ASN B 429 -24.69 -37.48 -3.51
C ASN B 429 -24.40 -36.20 -2.75
N ARG B 430 -25.32 -35.24 -2.83
CA ARG B 430 -25.16 -33.97 -2.16
C ARG B 430 -25.97 -33.92 -0.89
N TYR B 431 -25.34 -33.37 0.13
CA TYR B 431 -25.97 -33.25 1.43
C TYR B 431 -26.16 -31.79 1.77
N GLY B 432 -25.72 -30.91 0.87
CA GLY B 432 -25.55 -29.51 1.21
C GLY B 432 -26.83 -28.74 1.48
N LEU B 433 -26.85 -27.89 2.50
CA LEU B 433 -27.87 -26.78 2.48
C LEU B 433 -27.61 -25.85 1.27
N VAL B 434 -26.33 -25.72 0.90
CA VAL B 434 -25.89 -24.81 -0.11
C VAL B 434 -25.17 -25.59 -1.21
N GLU B 435 -25.63 -25.35 -2.43
CA GLU B 435 -25.12 -25.99 -3.61
C GLU B 435 -23.72 -25.51 -3.88
N ASN B 436 -22.91 -26.39 -4.43
CA ASN B 436 -21.58 -26.00 -4.83
C ASN B 436 -21.36 -26.60 -6.15
N ASN B 437 -21.00 -25.79 -7.10
CA ASN B 437 -20.70 -26.30 -8.41
C ASN B 437 -19.22 -26.68 -8.36
N ILE B 438 -18.88 -27.93 -8.64
CA ILE B 438 -17.51 -28.40 -8.44
C ILE B 438 -16.53 -28.03 -9.55
N HIS B 439 -17.05 -27.51 -10.64
CA HIS B 439 -16.18 -26.97 -11.67
C HIS B 439 -15.73 -25.52 -11.38
N THR B 440 -16.63 -24.69 -10.84
CA THR B 440 -16.42 -23.22 -10.76
C THR B 440 -16.26 -22.76 -9.33
N GLN B 441 -16.63 -23.65 -8.43
CA GLN B 441 -16.64 -23.41 -7.00
C GLN B 441 -17.58 -22.32 -6.54
N VAL B 442 -18.60 -22.06 -7.33
CA VAL B 442 -19.60 -21.08 -6.99
C VAL B 442 -20.70 -21.74 -6.11
N ARG B 443 -21.08 -21.06 -5.03
CA ARG B 443 -22.05 -21.60 -4.08
C ARG B 443 -23.42 -21.03 -4.41
N ARG B 444 -24.46 -21.87 -4.39
CA ARG B 444 -25.84 -21.38 -4.46
C ARG B 444 -26.73 -22.05 -3.37
N PRO B 445 -27.30 -21.27 -2.45
CA PRO B 445 -28.17 -21.78 -1.37
C PRO B 445 -29.40 -22.45 -1.90
N LYS B 446 -29.75 -23.59 -1.34
CA LYS B 446 -30.92 -24.29 -1.84
C LYS B 446 -32.07 -23.85 -0.94
N ALA B 447 -33.29 -24.21 -1.30
CA ALA B 447 -34.40 -23.85 -0.43
C ALA B 447 -34.16 -24.25 1.02
N SER B 448 -33.49 -25.38 1.25
CA SER B 448 -33.30 -25.84 2.63
C SER B 448 -32.55 -24.82 3.50
N ALA B 449 -31.65 -24.06 2.92
CA ALA B 449 -30.87 -23.05 3.64
C ALA B 449 -31.74 -21.93 4.29
N TYR B 450 -32.77 -21.54 3.56
CA TYR B 450 -33.67 -20.50 4.00
C TYR B 450 -34.59 -21.11 5.04
N TRP B 451 -35.16 -22.27 4.74
CA TRP B 451 -35.87 -22.99 5.77
C TRP B 451 -35.02 -23.08 7.03
N PHE B 452 -33.75 -23.53 6.96
CA PHE B 452 -32.97 -23.66 8.17
C PHE B 452 -32.68 -22.28 8.81
N LYS B 453 -32.59 -21.23 8.00
CA LYS B 453 -32.34 -19.86 8.53
C LYS B 453 -33.44 -19.46 9.55
N LYS B 454 -34.69 -19.60 9.12
CA LYS B 454 -35.88 -19.30 9.91
C LYS B 454 -35.86 -19.98 11.29
N VAL B 455 -35.65 -21.30 11.27
CA VAL B 455 -35.49 -22.12 12.47
C VAL B 455 -34.33 -21.66 13.37
N ALA B 456 -33.15 -21.49 12.79
CA ALA B 456 -31.97 -21.17 13.59
C ALA B 456 -32.16 -19.82 14.26
N THR B 457 -32.65 -18.85 13.47
CA THR B 457 -32.90 -17.48 13.88
C THR B 457 -33.96 -17.41 15.00
N HIS B 458 -35.12 -18.02 14.79
CA HIS B 458 -36.15 -17.95 15.82
C HIS B 458 -36.07 -19.00 16.90
N ASN B 459 -35.11 -19.92 16.78
CA ASN B 459 -34.93 -20.98 17.78
C ASN B 459 -36.16 -21.92 17.94
N ARG B 460 -36.91 -22.12 16.85
CA ARG B 460 -38.18 -22.86 16.84
C ARG B 460 -38.47 -23.60 15.53
N LEU B 461 -39.30 -24.63 15.62
CA LEU B 461 -39.78 -25.30 14.42
C LEU B 461 -41.04 -24.71 13.76
N LEU C 1 -8.41 -13.86 40.35
CA LEU C 1 -8.18 -12.36 40.48
C LEU C 1 -8.36 -11.53 39.19
N ALA C 2 -9.43 -10.72 39.11
CA ALA C 2 -9.87 -10.13 37.83
C ALA C 2 -9.97 -8.63 37.86
N PHE C 3 -9.65 -7.97 36.74
CA PHE C 3 -9.54 -6.50 36.72
C PHE C 3 -10.78 -5.80 36.14
N PRO C 4 -10.95 -4.47 36.34
CA PRO C 4 -12.08 -3.81 35.67
C PRO C 4 -11.98 -3.99 34.17
N LYS C 5 -13.09 -3.74 33.50
CA LYS C 5 -13.13 -3.90 32.07
C LYS C 5 -12.59 -2.63 31.48
N GLU C 6 -11.85 -2.75 30.37
CA GLU C 6 -11.28 -1.57 29.72
C GLU C 6 -10.00 -1.11 30.41
N PHE C 7 -9.43 -2.00 31.19
CA PHE C 7 -8.33 -1.65 32.03
C PHE C 7 -7.05 -1.52 31.22
N TRP C 8 -6.43 -0.34 31.16
CA TRP C 8 -5.12 -0.22 30.46
C TRP C 8 -4.09 -1.20 30.90
N TRP C 9 -3.51 -1.85 29.91
CA TRP C 9 -2.37 -2.70 30.14
C TRP C 9 -1.33 -2.27 29.13
N GLY C 10 -0.09 -2.14 29.60
CA GLY C 10 0.95 -1.63 28.77
C GLY C 10 2.18 -1.25 29.54
N GLY C 11 2.93 -0.33 28.96
CA GLY C 11 4.24 0.04 29.42
C GLY C 11 4.45 1.51 29.16
N ALA C 12 5.37 2.09 29.95
CA ALA C 12 5.72 3.48 29.81
C ALA C 12 7.20 3.69 29.46
N THR C 13 7.45 4.67 28.59
CA THR C 13 8.78 5.09 28.29
C THR C 13 8.74 6.61 28.06
N SER C 14 9.76 7.17 27.45
CA SER C 14 9.74 8.58 27.08
C SER C 14 10.61 8.75 25.84
N GLY C 15 10.50 9.90 25.20
CA GLY C 15 11.21 10.18 23.96
C GLY C 15 12.71 10.27 24.19
N PRO C 16 13.11 11.05 25.20
CA PRO C 16 14.51 11.20 25.49
C PRO C 16 15.13 9.83 25.77
N GLN C 17 14.37 8.90 26.31
CA GLN C 17 15.01 7.67 26.79
C GLN C 17 14.93 6.56 25.83
N SER C 18 14.12 6.74 24.80
CA SER C 18 13.83 5.64 23.86
C SER C 18 14.24 6.05 22.45
N GLU C 19 14.07 7.31 22.08
CA GLU C 19 14.25 7.68 20.67
C GLU C 19 15.64 7.63 20.08
N GLY C 20 16.56 8.35 20.71
CA GLY C 20 17.85 8.63 20.06
C GLY C 20 17.79 10.08 19.61
N ARG C 21 18.94 10.69 19.40
CA ARG C 21 18.93 12.12 19.02
C ARG C 21 18.88 12.33 17.49
N PHE C 22 18.78 11.24 16.73
CA PHE C 22 18.68 11.27 15.24
C PHE C 22 17.81 12.43 14.78
N ALA C 23 18.36 13.31 13.94
CA ALA C 23 17.57 14.36 13.25
C ALA C 23 16.98 15.48 14.13
N LYS C 24 17.10 15.34 15.46
CA LYS C 24 16.55 16.31 16.43
C LYS C 24 17.24 17.66 16.35
N GLN C 25 16.47 18.65 15.97
CA GLN C 25 16.97 20.02 15.85
C GLN C 25 17.66 20.61 17.10
N HIS C 26 17.10 20.36 18.29
CA HIS C 26 17.69 20.97 19.53
C HIS C 26 18.13 19.97 20.54
N ARG C 27 18.83 20.45 21.56
CA ARG C 27 19.27 19.61 22.65
C ARG C 27 18.39 19.89 23.87
N ASN C 28 17.89 18.83 24.52
CA ASN C 28 17.27 18.96 25.84
C ASN C 28 18.38 18.99 26.85
N LEU C 29 18.04 19.22 28.11
CA LEU C 29 19.07 19.41 29.17
C LEU C 29 20.05 18.26 29.29
N PHE C 30 19.57 17.05 29.05
CA PHE C 30 20.45 15.90 29.16
C PHE C 30 21.36 15.79 27.94
N ASP C 31 20.86 16.18 26.79
CA ASP C 31 21.64 16.05 25.57
C ASP C 31 22.83 16.97 25.80
N TYR C 32 22.51 18.18 26.29
CA TYR C 32 23.52 19.15 26.56
C TYR C 32 24.52 18.65 27.60
N TRP C 33 24.00 18.01 28.64
CA TRP C 33 24.81 17.54 29.76
C TRP C 33 25.76 16.43 29.38
N TYR C 34 25.24 15.44 28.67
CA TYR C 34 26.07 14.41 28.06
C TYR C 34 27.19 14.92 27.08
N GLU C 35 26.91 15.91 26.23
CA GLU C 35 27.97 16.62 25.43
C GLU C 35 29.10 17.19 26.29
N GLU C 36 28.77 17.71 27.47
CA GLU C 36 29.75 18.43 28.30
C GLU C 36 30.47 17.49 29.23
N GLU C 37 29.72 16.57 29.81
CA GLU C 37 30.26 15.75 30.84
C GLU C 37 29.92 14.25 30.66
N PRO C 38 30.40 13.63 29.58
CA PRO C 38 29.98 12.25 29.36
C PRO C 38 30.37 11.28 30.45
N ASP C 39 31.46 11.52 31.18
CA ASP C 39 31.88 10.60 32.25
C ASP C 39 30.84 10.51 33.40
N LEU C 40 29.96 11.50 33.54
CA LEU C 40 28.88 11.37 34.53
C LEU C 40 27.86 10.24 34.22
N PHE C 41 27.96 9.63 33.02
CA PHE C 41 26.95 8.69 32.53
C PHE C 41 27.50 7.33 32.48
N TYR C 42 26.77 6.40 33.01
CA TYR C 42 27.34 5.08 33.12
C TYR C 42 27.84 4.53 31.79
N ASP C 43 29.05 3.98 31.83
CA ASP C 43 29.65 3.37 30.68
C ASP C 43 29.83 4.34 29.50
N TYR C 44 29.73 5.64 29.77
CA TYR C 44 29.84 6.66 28.71
C TYR C 44 28.70 6.66 27.71
N VAL C 45 27.63 5.92 28.01
CA VAL C 45 26.49 5.80 27.12
C VAL C 45 25.50 6.93 27.37
N GLY C 46 25.41 7.82 26.37
CA GLY C 46 24.54 8.99 26.43
C GLY C 46 23.21 8.76 25.68
N PRO C 47 22.47 9.85 25.41
CA PRO C 47 21.19 9.66 24.72
C PRO C 47 21.30 9.61 23.18
N ASP C 48 22.50 9.71 22.62
CA ASP C 48 22.61 9.87 21.18
C ASP C 48 21.82 8.84 20.37
N THR C 49 21.85 7.59 20.80
CA THR C 49 21.21 6.50 20.08
C THR C 49 20.11 5.91 20.97
N ALA C 50 20.32 6.00 22.28
CA ALA C 50 19.45 5.44 23.31
C ALA C 50 18.99 4.07 22.80
N SER C 51 17.66 3.89 22.73
CA SER C 51 17.11 2.65 22.32
C SER C 51 16.53 2.65 20.90
N ASP C 52 16.87 3.65 20.09
CA ASP C 52 16.61 3.56 18.63
C ASP C 52 15.11 3.57 18.22
N ALA C 53 14.22 3.88 19.15
CA ALA C 53 12.81 4.10 18.79
C ALA C 53 12.60 4.99 17.55
N TYR C 54 13.50 5.93 17.30
CA TYR C 54 13.42 6.75 16.08
C TYR C 54 13.29 5.88 14.80
N HIS C 55 14.04 4.81 14.69
CA HIS C 55 13.87 3.93 13.55
C HIS C 55 12.91 2.80 13.83
N GLN C 56 12.82 2.38 15.09
CA GLN C 56 12.17 1.13 15.42
C GLN C 56 10.79 1.27 16.00
N ILE C 57 10.29 2.49 16.13
CA ILE C 57 8.99 2.61 16.81
C ILE C 57 7.89 1.72 16.21
N GLU C 58 7.91 1.56 14.88
CA GLU C 58 6.91 0.72 14.18
C GLU C 58 7.02 -0.73 14.57
N SER C 59 8.19 -1.31 14.40
CA SER C 59 8.34 -2.73 14.70
C SER C 59 8.16 -3.10 16.18
N ASP C 60 8.35 -2.09 17.06
CA ASP C 60 8.22 -2.30 18.48
C ASP C 60 6.75 -2.35 18.83
N LEU C 61 5.99 -1.37 18.32
CA LEU C 61 4.57 -1.33 18.67
C LEU C 61 3.91 -2.63 18.20
N THR C 62 4.24 -3.02 16.98
CA THR C 62 3.85 -4.36 16.52
C THR C 62 4.31 -5.43 17.51
N LEU C 63 5.54 -5.32 18.01
CA LEU C 63 6.03 -6.33 18.93
C LEU C 63 5.16 -6.36 20.16
N LEU C 64 4.79 -5.18 20.66
CA LEU C 64 4.02 -5.11 21.90
C LEU C 64 2.53 -5.53 21.75
N ALA C 65 1.95 -5.28 20.55
CA ALA C 65 0.60 -5.79 20.22
C ALA C 65 0.62 -7.28 20.37
N SER C 66 1.57 -7.91 19.69
CA SER C 66 1.69 -9.38 19.86
C SER C 66 1.95 -9.85 21.29
N LEU C 67 2.29 -8.93 22.19
CA LEU C 67 2.60 -9.30 23.56
C LEU C 67 1.51 -8.82 24.50
N GLY C 68 0.39 -8.39 23.91
CA GLY C 68 -0.89 -8.26 24.63
C GLY C 68 -1.24 -6.86 25.08
N HIS C 69 -0.46 -5.86 24.66
CA HIS C 69 -0.59 -4.49 25.15
C HIS C 69 -1.74 -3.77 24.49
N ASN C 70 -2.61 -3.12 25.26
CA ASN C 70 -3.65 -2.28 24.68
C ASN C 70 -3.37 -0.79 24.71
N SER C 71 -2.20 -0.42 25.24
CA SER C 71 -1.84 0.99 25.37
C SER C 71 -0.32 1.16 25.60
N TYR C 72 0.12 2.41 25.44
CA TYR C 72 1.52 2.71 25.36
C TYR C 72 1.68 4.17 25.68
N ARG C 73 2.57 4.48 26.62
CA ARG C 73 2.76 5.87 26.94
C ARG C 73 4.19 6.28 26.65
N THR C 74 4.31 7.38 25.94
CA THR C 74 5.61 7.93 25.68
C THR C 74 5.41 9.41 25.69
N SER C 75 6.40 10.17 25.24
CA SER C 75 6.31 11.59 25.43
C SER C 75 6.76 12.24 24.14
N ILE C 76 6.38 13.49 23.97
CA ILE C 76 6.71 14.23 22.78
C ILE C 76 7.78 15.18 23.20
N GLN C 77 8.85 15.27 22.41
CA GLN C 77 9.96 16.15 22.76
C GLN C 77 9.86 17.59 22.23
N TRP C 78 9.80 18.53 23.14
CA TRP C 78 9.73 19.93 22.78
C TRP C 78 10.92 20.24 21.88
N THR C 79 12.04 19.56 22.14
CA THR C 79 13.28 19.76 21.38
C THR C 79 13.27 19.14 19.95
N ARG C 80 12.44 18.11 19.72
CA ARG C 80 12.19 17.55 18.38
C ARG C 80 11.14 18.34 17.54
N LEU C 81 10.03 18.73 18.16
CA LEU C 81 8.86 19.21 17.40
C LEU C 81 8.87 20.71 16.99
N ILE C 82 9.51 21.55 17.80
CA ILE C 82 9.43 22.99 17.67
C ILE C 82 10.72 23.53 17.06
N ASP C 83 10.59 24.21 15.93
CA ASP C 83 11.73 24.90 15.31
C ASP C 83 12.07 26.23 16.04
N ASP C 84 11.21 27.24 16.01
CA ASP C 84 11.44 28.47 16.82
C ASP C 84 10.63 28.38 18.13
N PHE C 85 11.33 28.49 19.25
CA PHE C 85 10.67 28.37 20.54
C PHE C 85 9.78 29.56 20.87
N GLU C 86 10.28 30.78 20.68
CA GLU C 86 9.52 32.00 20.93
C GLU C 86 8.17 31.95 20.21
N GLN C 87 8.16 31.29 19.06
CA GLN C 87 7.05 31.32 18.11
C GLN C 87 6.28 30.00 18.04
N ALA C 88 6.89 28.94 18.54
CA ALA C 88 6.33 27.59 18.38
C ALA C 88 6.03 27.21 16.93
N THR C 89 7.03 27.39 16.07
CA THR C 89 6.92 26.94 14.69
C THR C 89 7.27 25.45 14.65
N ILE C 90 6.60 24.72 13.77
CA ILE C 90 6.78 23.31 13.66
C ILE C 90 8.09 22.98 12.88
N ASN C 91 8.89 22.07 13.41
CA ASN C 91 9.87 21.36 12.62
C ASN C 91 9.13 20.21 11.90
N PRO C 92 9.03 20.29 10.56
CA PRO C 92 8.18 19.30 9.80
C PRO C 92 8.60 17.83 9.96
N ASP C 93 9.90 17.57 10.12
CA ASP C 93 10.33 16.18 10.33
C ASP C 93 9.98 15.71 11.75
N GLY C 94 10.01 16.64 12.72
CA GLY C 94 9.55 16.37 14.06
C GLY C 94 8.13 15.89 14.03
N LEU C 95 7.31 16.68 13.34
CA LEU C 95 5.89 16.38 13.13
C LEU C 95 5.67 15.00 12.52
N ALA C 96 6.39 14.71 11.44
CA ALA C 96 6.22 13.44 10.69
C ALA C 96 6.63 12.27 11.57
N TYR C 97 7.62 12.53 12.44
CA TYR C 97 8.08 11.50 13.35
C TYR C 97 6.96 11.12 14.32
N TYR C 98 6.45 12.11 15.06
CA TYR C 98 5.39 11.82 16.02
C TYR C 98 4.10 11.30 15.36
N ASN C 99 3.81 11.72 14.11
CA ASN C 99 2.67 11.06 13.40
C ASN C 99 2.93 9.57 13.12
N ARG C 100 4.16 9.22 12.82
CA ARG C 100 4.45 7.79 12.73
C ARG C 100 4.17 7.11 14.09
N VAL C 101 4.52 7.78 15.19
CA VAL C 101 4.35 7.18 16.53
C VAL C 101 2.88 6.98 16.78
N ILE C 102 2.07 8.04 16.69
CA ILE C 102 0.58 7.86 16.85
C ILE C 102 -0.04 6.85 15.86
N ASP C 103 0.18 7.05 14.56
CA ASP C 103 -0.47 6.18 13.56
C ASP C 103 -0.14 4.71 13.79
N ALA C 104 1.07 4.45 14.23
CA ALA C 104 1.50 3.06 14.41
C ALA C 104 0.89 2.45 15.67
N CYS C 105 0.69 3.29 16.69
CA CYS C 105 -0.15 2.92 17.81
C CYS C 105 -1.55 2.42 17.35
N LEU C 106 -2.35 3.34 16.78
CA LEU C 106 -3.70 2.99 16.23
C LEU C 106 -3.69 1.82 15.25
N ALA C 107 -2.73 1.80 14.33
CA ALA C 107 -2.62 0.68 13.38
C ALA C 107 -2.56 -0.70 14.08
N ASN C 108 -2.21 -0.70 15.36
CA ASN C 108 -1.92 -1.92 16.09
C ASN C 108 -2.93 -2.13 17.22
N GLY C 109 -3.96 -1.29 17.23
CA GLY C 109 -4.97 -1.26 18.28
C GLY C 109 -4.41 -0.89 19.63
N ILE C 110 -3.46 0.04 19.66
CA ILE C 110 -2.86 0.44 20.92
C ILE C 110 -3.26 1.85 21.25
N ARG C 111 -3.87 2.03 22.42
CA ARG C 111 -4.23 3.36 22.81
C ARG C 111 -2.93 4.16 23.02
N PRO C 112 -2.81 5.32 22.38
CA PRO C 112 -1.57 6.07 22.58
C PRO C 112 -1.65 7.07 23.72
N VAL C 113 -0.79 6.96 24.72
CA VAL C 113 -0.84 7.92 25.82
C VAL C 113 0.34 8.87 25.75
N ILE C 114 0.09 10.18 25.80
CA ILE C 114 1.14 11.10 25.55
C ILE C 114 1.40 12.08 26.68
N ASN C 115 2.68 12.16 27.07
CA ASN C 115 3.18 13.08 28.07
C ASN C 115 3.89 14.18 27.31
N LEU C 116 3.84 15.40 27.82
CA LEU C 116 4.44 16.53 27.10
C LEU C 116 5.85 16.91 27.54
N HIS C 117 6.22 16.47 28.75
CA HIS C 117 7.49 16.87 29.37
C HIS C 117 8.00 15.76 30.24
N HIS C 118 9.15 15.20 29.91
CA HIS C 118 9.75 14.16 30.71
C HIS C 118 11.21 14.52 30.91
N PHE C 119 11.47 15.51 31.76
CA PHE C 119 12.82 15.99 32.18
C PHE C 119 13.65 16.56 31.04
N ASP C 120 12.99 17.19 30.10
CA ASP C 120 13.68 17.49 28.86
C ASP C 120 13.38 18.89 28.30
N LEU C 121 13.36 19.86 29.19
CA LEU C 121 13.37 21.28 28.77
C LEU C 121 14.51 21.57 27.77
N PRO C 122 14.28 22.47 26.81
CA PRO C 122 15.36 22.82 25.88
C PRO C 122 16.52 23.54 26.56
N ILE C 123 17.74 23.07 26.35
CA ILE C 123 18.87 23.81 26.92
C ILE C 123 18.85 25.35 26.58
N ALA C 124 18.43 25.71 25.39
CA ALA C 124 18.45 27.12 25.00
C ALA C 124 17.53 27.93 25.92
N LEU C 125 16.32 27.44 26.17
CA LEU C 125 15.43 28.15 27.11
C LEU C 125 15.99 28.26 28.53
N TYR C 126 16.79 27.30 28.99
CA TYR C 126 17.44 27.45 30.28
C TYR C 126 18.43 28.59 30.18
N GLN C 127 19.38 28.47 29.23
CA GLN C 127 20.47 29.48 29.03
C GLN C 127 19.98 30.91 28.91
N ALA C 128 18.85 31.10 28.22
CA ALA C 128 18.28 32.42 27.98
C ALA C 128 17.50 33.02 29.16
N TYR C 129 16.96 32.19 30.06
CA TYR C 129 15.92 32.71 30.96
C TYR C 129 15.86 32.05 32.32
N GLY C 130 16.65 31.01 32.51
CA GLY C 130 16.58 30.24 33.74
C GLY C 130 15.54 29.12 33.68
N GLY C 131 15.08 28.80 32.48
CA GLY C 131 14.27 27.62 32.25
C GLY C 131 12.99 27.69 33.01
N TRP C 132 12.76 26.71 33.88
CA TRP C 132 11.48 26.71 34.59
C TRP C 132 11.32 27.80 35.61
N GLU C 133 12.43 28.47 35.96
CA GLU C 133 12.45 29.68 36.82
C GLU C 133 11.66 30.86 36.23
N SER C 134 11.37 30.79 34.93
CA SER C 134 10.79 31.91 34.19
C SER C 134 9.37 31.63 33.72
N LYS C 135 8.49 32.61 33.92
CA LYS C 135 7.10 32.43 33.54
C LYS C 135 6.92 32.59 32.05
N HIS C 136 7.83 33.33 31.41
CA HIS C 136 7.96 33.35 29.93
C HIS C 136 8.04 31.94 29.34
N VAL C 137 9.02 31.18 29.83
CA VAL C 137 9.18 29.78 29.45
C VAL C 137 7.89 28.97 29.54
N VAL C 138 7.17 29.15 30.65
CA VAL C 138 5.83 28.56 30.78
C VAL C 138 4.98 28.92 29.56
N ASP C 139 4.95 30.20 29.21
CA ASP C 139 4.15 30.62 28.06
C ASP C 139 4.60 29.86 26.80
N LEU C 140 5.91 29.66 26.64
CA LEU C 140 6.39 28.91 25.48
C LEU C 140 5.98 27.44 25.57
N PHE C 141 6.00 26.91 26.78
CA PHE C 141 5.63 25.52 26.97
C PHE C 141 4.16 25.36 26.59
N VAL C 142 3.36 26.31 27.06
CA VAL C 142 1.97 26.40 26.66
C VAL C 142 1.86 26.45 25.15
N ALA C 143 2.63 27.31 24.47
CA ALA C 143 2.43 27.40 23.03
C ALA C 143 2.68 26.03 22.43
N PHE C 144 3.84 25.44 22.79
CA PHE C 144 4.20 24.12 22.31
C PHE C 144 3.09 23.09 22.54
N SER C 145 2.45 23.16 23.71
CA SER C 145 1.34 22.22 23.99
C SER C 145 0.16 22.38 23.02
N LYS C 146 -0.18 23.63 22.72
CA LYS C 146 -1.23 23.95 21.74
C LYS C 146 -0.99 23.22 20.42
N VAL C 147 0.23 23.38 19.89
CA VAL C 147 0.61 22.70 18.64
C VAL C 147 0.37 21.19 18.69
N CYS C 148 0.71 20.51 19.79
CA CYS C 148 0.47 19.05 19.95
C CYS C 148 -1.01 18.71 19.93
N PHE C 149 -1.79 19.50 20.66
CA PHE C 149 -3.24 19.34 20.61
C PHE C 149 -3.76 19.55 19.21
N GLU C 150 -3.22 20.55 18.53
CA GLU C 150 -3.59 20.88 17.15
C GLU C 150 -3.24 19.81 16.11
N GLN C 151 -2.13 19.08 16.32
CA GLN C 151 -1.67 18.13 15.29
C GLN C 151 -2.09 16.70 15.56
N PHE C 152 -2.32 16.42 16.83
CA PHE C 152 -2.41 15.06 17.28
C PHE C 152 -3.72 14.89 18.00
N GLY C 153 -4.27 16.02 18.46
CA GLY C 153 -5.62 16.07 19.04
C GLY C 153 -6.70 15.20 18.41
N ASP C 154 -6.60 14.95 17.11
CA ASP C 154 -7.60 14.14 16.42
C ASP C 154 -7.48 12.63 16.65
N ARG C 155 -6.25 12.14 16.90
CA ARG C 155 -6.01 10.69 17.18
C ARG C 155 -5.63 10.41 18.67
N VAL C 156 -4.99 11.40 19.34
CA VAL C 156 -4.58 11.27 20.75
C VAL C 156 -5.65 11.82 21.67
N LYS C 157 -6.20 10.96 22.52
CA LYS C 157 -7.25 11.39 23.47
C LYS C 157 -6.87 11.31 24.97
N ASP C 158 -5.59 11.06 25.21
CA ASP C 158 -5.06 10.90 26.55
C ASP C 158 -3.78 11.70 26.69
N TRP C 159 -3.85 12.78 27.45
CA TRP C 159 -2.73 13.70 27.54
C TRP C 159 -2.18 13.82 28.94
N PHE C 160 -0.88 13.95 29.06
CA PHE C 160 -0.34 14.32 30.35
C PHE C 160 0.69 15.41 30.23
N VAL C 161 0.59 16.41 31.10
CA VAL C 161 1.44 17.59 31.00
C VAL C 161 2.92 17.35 31.41
N HIS C 162 3.13 16.75 32.59
CA HIS C 162 4.43 16.51 33.16
C HIS C 162 4.54 15.10 33.67
N ASN C 163 5.76 14.53 33.51
CA ASN C 163 6.09 13.39 34.30
C ASN C 163 6.87 13.80 35.51
N GLU C 164 6.27 13.63 36.68
CA GLU C 164 6.89 13.81 38.00
C GLU C 164 7.65 15.15 38.10
N PRO C 165 6.90 16.27 38.09
CA PRO C 165 7.49 17.62 38.17
C PRO C 165 8.36 17.81 39.41
N MET C 166 7.99 17.21 40.53
CA MET C 166 8.78 17.30 41.75
C MET C 166 10.20 16.82 41.50
N VAL C 167 10.35 15.80 40.66
CA VAL C 167 11.65 15.26 40.28
C VAL C 167 12.47 16.25 39.46
N VAL C 168 11.79 17.11 38.70
CA VAL C 168 12.46 18.16 37.94
C VAL C 168 13.01 19.23 38.91
N VAL C 169 12.18 19.55 39.90
CA VAL C 169 12.49 20.53 40.92
C VAL C 169 13.70 20.06 41.71
N GLU C 170 13.62 18.85 42.24
CA GLU C 170 14.67 18.32 43.05
C GLU C 170 15.93 18.16 42.22
N GLY C 171 15.78 17.62 41.01
CA GLY C 171 16.93 17.19 40.25
C GLY C 171 17.75 18.40 39.96
N SER C 172 17.06 19.45 39.55
CA SER C 172 17.71 20.61 39.02
C SER C 172 18.20 21.53 40.12
N TYR C 173 17.34 21.75 41.10
CA TYR C 173 17.60 22.74 42.10
C TYR C 173 17.85 22.31 43.52
N LEU C 174 17.88 21.00 43.80
CA LEU C 174 18.11 20.51 45.18
C LEU C 174 19.15 19.43 45.26
N MET C 175 19.01 18.38 44.45
CA MET C 175 19.85 17.20 44.67
C MET C 175 20.86 16.81 43.60
N GLN C 176 21.04 17.65 42.57
CA GLN C 176 22.17 17.47 41.64
C GLN C 176 22.13 16.20 40.76
N PHE C 177 20.99 15.90 40.14
CA PHE C 177 20.88 14.79 39.17
C PHE C 177 20.09 15.18 37.89
N HIS C 178 19.74 16.45 37.77
CA HIS C 178 19.42 17.04 36.46
C HIS C 178 20.24 18.28 36.31
N TYR C 179 20.63 18.58 35.08
CA TYR C 179 21.26 19.84 34.78
C TYR C 179 20.22 20.91 35.15
N PRO C 180 20.65 22.05 35.72
CA PRO C 180 22.00 22.52 35.95
C PRO C 180 22.64 22.09 37.25
N ALA C 181 21.96 21.23 38.00
CA ALA C 181 22.52 20.59 39.22
C ALA C 181 23.06 21.60 40.27
N ILE C 182 22.29 22.66 40.51
CA ILE C 182 22.60 23.68 41.51
C ILE C 182 21.75 23.48 42.77
N VAL C 183 22.27 23.91 43.92
CA VAL C 183 21.56 23.84 45.17
C VAL C 183 21.06 25.20 45.59
N ASP C 184 19.87 25.56 45.11
CA ASP C 184 19.17 26.81 45.41
C ASP C 184 17.69 26.52 45.74
N GLY C 185 17.40 26.53 47.03
CA GLY C 185 16.08 26.27 47.58
C GLY C 185 15.02 27.22 47.10
N LYS C 186 15.33 28.51 47.19
CA LYS C 186 14.41 29.56 46.78
C LYS C 186 13.97 29.37 45.32
N LYS C 187 14.95 29.13 44.44
CA LYS C 187 14.66 28.78 43.04
C LYS C 187 13.83 27.52 42.96
N ALA C 188 14.24 26.45 43.61
CA ALA C 188 13.40 25.24 43.65
C ALA C 188 11.89 25.54 43.78
N VAL C 189 11.56 26.26 44.83
CA VAL C 189 10.17 26.53 45.17
C VAL C 189 9.44 27.28 44.08
N GLN C 190 10.12 28.26 43.49
CA GLN C 190 9.54 29.04 42.40
C GLN C 190 9.25 28.08 41.24
N VAL C 191 10.27 27.30 40.86
CA VAL C 191 10.15 26.27 39.82
C VAL C 191 8.97 25.32 40.07
N ALA C 192 8.81 24.92 41.33
CA ALA C 192 7.69 24.08 41.75
C ALA C 192 6.35 24.74 41.46
N TYR C 193 6.28 26.02 41.85
CA TYR C 193 5.12 26.84 41.56
C TYR C 193 4.92 26.85 40.05
N ASN C 194 5.98 27.19 39.33
CA ASN C 194 5.84 27.41 37.89
C ASN C 194 5.39 26.15 37.18
N LEU C 195 5.92 25.01 37.63
CA LEU C 195 5.55 23.75 37.10
C LEU C 195 4.05 23.52 37.34
N ALA C 196 3.55 24.01 38.47
CA ALA C 196 2.13 23.80 38.78
C ALA C 196 1.28 24.75 37.93
N LEU C 197 1.70 26.01 37.84
CA LEU C 197 1.03 26.98 36.97
C LEU C 197 0.90 26.45 35.55
N ALA C 198 2.02 25.89 35.05
CA ALA C 198 2.13 25.32 33.70
C ALA C 198 1.06 24.26 33.41
N THR C 199 1.04 23.22 34.25
CA THR C 199 -0.02 22.23 34.25
C THR C 199 -1.41 22.88 34.07
N ALA C 200 -1.62 24.06 34.66
CA ALA C 200 -2.96 24.62 34.68
C ALA C 200 -3.23 25.39 33.42
N LYS C 201 -2.24 26.12 32.92
CA LYS C 201 -2.41 26.79 31.62
C LYS C 201 -2.54 25.80 30.48
N VAL C 202 -1.86 24.68 30.59
CA VAL C 202 -1.90 23.73 29.49
C VAL C 202 -3.25 23.07 29.44
N ILE C 203 -3.80 22.81 30.62
CA ILE C 203 -5.14 22.28 30.73
C ILE C 203 -6.13 23.31 30.19
N GLN C 204 -5.92 24.58 30.51
CA GLN C 204 -6.69 25.66 29.88
C GLN C 204 -6.64 25.60 28.35
N ALA C 205 -5.43 25.65 27.80
CA ALA C 205 -5.25 25.58 26.36
C ALA C 205 -5.95 24.36 25.79
N TYR C 206 -5.77 23.18 26.40
CA TYR C 206 -6.40 21.96 25.86
C TYR C 206 -7.89 22.11 25.69
N ARG C 207 -8.53 22.78 26.66
CA ARG C 207 -9.99 22.84 26.73
C ARG C 207 -10.68 23.90 25.86
N ARG C 208 -10.03 25.02 25.59
CA ARG C 208 -10.47 25.93 24.53
C ARG C 208 -10.31 25.44 23.09
N GLY C 209 -9.40 24.50 22.83
CA GLY C 209 -9.33 23.93 21.48
C GLY C 209 -10.67 23.39 20.98
N PRO C 210 -10.88 23.42 19.65
CA PRO C 210 -12.03 22.83 18.95
C PRO C 210 -12.36 21.41 19.43
N ALA C 211 -13.66 21.12 19.54
CA ALA C 211 -14.16 19.91 20.21
C ALA C 211 -13.63 18.58 19.67
N GLU C 212 -13.41 18.48 18.36
CA GLU C 212 -12.93 17.21 17.79
C GLU C 212 -11.48 16.92 18.16
N LEU C 213 -10.81 17.95 18.72
CA LEU C 213 -9.42 17.91 19.15
C LEU C 213 -9.25 17.94 20.67
N SER C 214 -10.26 18.45 21.37
CA SER C 214 -10.24 18.59 22.82
C SER C 214 -11.27 17.72 23.61
N ASP C 215 -11.66 16.56 23.05
CA ASP C 215 -12.72 15.70 23.66
C ASP C 215 -12.21 14.46 24.45
N GLY C 216 -10.92 14.43 24.74
CA GLY C 216 -10.40 13.39 25.63
C GLY C 216 -10.08 13.99 26.99
N ARG C 217 -9.31 13.24 27.77
CA ARG C 217 -8.95 13.63 29.12
C ARG C 217 -7.55 14.18 29.22
N ILE C 218 -7.37 15.21 30.03
CA ILE C 218 -6.02 15.69 30.32
C ILE C 218 -5.64 15.59 31.80
N GLY C 219 -4.34 15.38 32.01
CA GLY C 219 -3.81 14.97 33.29
C GLY C 219 -2.35 15.35 33.46
N THR C 220 -1.80 14.90 34.59
CA THR C 220 -0.39 15.08 34.94
C THR C 220 -0.02 13.84 35.72
N ILE C 221 1.27 13.51 35.69
CA ILE C 221 1.74 12.33 36.37
C ILE C 221 2.55 12.70 37.62
N LEU C 222 2.13 12.16 38.75
CA LEU C 222 2.64 12.58 40.03
C LEU C 222 3.02 11.36 40.85
N ASN C 223 3.35 11.63 42.10
CA ASN C 223 3.74 10.61 43.05
C ASN C 223 2.87 10.77 44.27
N LEU C 224 2.53 9.66 44.91
CA LEU C 224 1.77 9.71 46.11
C LEU C 224 2.26 8.68 47.09
N THR C 225 3.50 8.22 46.91
CA THR C 225 4.01 7.18 47.80
C THR C 225 4.07 7.72 49.24
N PRO C 226 3.66 6.88 50.19
CA PRO C 226 3.60 7.56 51.47
C PRO C 226 5.01 7.64 52.09
N ALA C 227 5.15 8.55 53.04
CA ALA C 227 6.37 8.70 53.78
C ALA C 227 6.08 8.03 55.13
N TYR C 228 6.48 6.77 55.27
CA TYR C 228 6.26 6.08 56.52
C TYR C 228 7.13 6.65 57.65
N PRO C 229 6.50 7.17 58.72
CA PRO C 229 7.29 7.63 59.88
C PRO C 229 7.99 6.41 60.50
N ALA C 230 9.22 6.58 60.94
CA ALA C 230 10.01 5.50 61.55
C ALA C 230 9.35 4.89 62.79
N SER C 231 8.63 5.73 63.52
CA SER C 231 7.95 5.27 64.71
C SER C 231 6.75 6.21 64.94
N GLN C 232 5.97 5.91 65.97
CA GLN C 232 4.75 6.64 66.27
C GLN C 232 4.92 7.94 67.09
N SER C 233 6.16 8.35 67.35
CA SER C 233 6.44 9.57 68.14
C SER C 233 5.91 10.84 67.48
N GLU C 234 5.71 11.89 68.26
CA GLU C 234 5.25 13.18 67.72
C GLU C 234 6.27 13.78 66.72
N ALA C 235 7.54 13.55 66.98
CA ALA C 235 8.59 14.13 66.17
C ALA C 235 8.72 13.47 64.80
N ASP C 236 8.66 12.12 64.75
CA ASP C 236 8.66 11.35 63.50
C ASP C 236 7.41 11.60 62.70
N MET C 237 6.30 11.82 63.41
CA MET C 237 4.98 11.99 62.82
C MET C 237 4.97 13.32 62.09
N ALA C 238 5.57 14.34 62.70
CA ALA C 238 5.62 15.68 62.10
C ALA C 238 6.57 15.63 60.93
N ALA C 239 7.69 14.95 61.09
CA ALA C 239 8.57 14.69 59.96
C ALA C 239 7.80 14.08 58.71
N ALA C 240 7.13 12.94 58.91
CA ALA C 240 6.44 12.27 57.83
C ALA C 240 5.40 13.21 57.24
N HIS C 241 4.77 14.00 58.11
CA HIS C 241 3.75 14.90 57.66
C HIS C 241 4.33 15.93 56.74
N PHE C 242 5.44 16.56 57.13
CA PHE C 242 6.03 17.56 56.24
C PHE C 242 6.53 16.96 54.92
N ALA C 243 7.15 15.77 54.99
CA ALA C 243 7.55 15.05 53.80
C ALA C 243 6.42 14.91 52.76
N GLU C 244 5.26 14.46 53.22
CA GLU C 244 4.12 14.32 52.34
C GLU C 244 3.61 15.66 51.84
N LEU C 245 3.54 16.64 52.74
CA LEU C 245 3.17 18.00 52.32
C LEU C 245 3.94 18.51 51.13
N TRP C 246 5.24 18.25 51.09
CA TRP C 246 6.14 18.74 50.06
C TRP C 246 6.15 17.74 48.94
N ASN C 247 6.59 16.51 49.26
CA ASN C 247 6.85 15.56 48.21
C ASN C 247 5.62 15.04 47.52
N ASN C 248 4.42 15.30 48.05
CA ASN C 248 3.12 14.75 47.51
C ASN C 248 2.03 15.80 47.43
N ASP C 249 1.78 16.42 48.57
CA ASP C 249 0.61 17.25 48.68
C ASP C 249 0.65 18.46 47.77
N LEU C 250 1.81 19.11 47.62
CA LEU C 250 1.95 20.28 46.74
C LEU C 250 1.36 20.09 45.35
N PHE C 251 1.83 19.08 44.63
CA PHE C 251 1.37 18.95 43.28
C PHE C 251 0.02 18.29 43.22
N MET C 252 -0.21 17.33 44.09
CA MET C 252 -1.51 16.65 44.13
C MET C 252 -2.69 17.60 44.40
N GLU C 253 -2.52 18.50 45.35
CA GLU C 253 -3.59 19.39 45.76
C GLU C 253 -3.81 20.47 44.73
N ALA C 254 -2.75 20.87 44.05
CA ALA C 254 -2.86 21.90 43.03
C ALA C 254 -3.58 21.35 41.82
N ALA C 255 -3.24 20.10 41.52
CA ALA C 255 -3.76 19.38 40.39
C ALA C 255 -5.23 19.02 40.55
N VAL C 256 -5.62 18.46 41.71
CA VAL C 256 -6.97 17.93 41.87
C VAL C 256 -7.93 18.92 42.52
N HIS C 257 -7.41 19.74 43.43
CA HIS C 257 -8.26 20.70 44.13
C HIS C 257 -8.09 22.14 43.75
N GLY C 258 -7.08 22.45 42.94
CA GLY C 258 -6.91 23.80 42.46
C GLY C 258 -6.36 24.78 43.50
N LYS C 259 -5.78 24.25 44.58
CA LYS C 259 -5.22 25.09 45.63
C LYS C 259 -3.92 24.45 46.11
N PHE C 260 -2.98 25.28 46.55
CA PHE C 260 -1.79 24.75 47.19
C PHE C 260 -2.15 24.44 48.63
N PRO C 261 -1.49 23.45 49.24
CA PRO C 261 -1.87 23.10 50.58
C PRO C 261 -1.62 24.29 51.54
N GLU C 262 -2.66 24.70 52.27
CA GLU C 262 -2.54 25.84 53.17
C GLU C 262 -1.28 25.74 54.03
N GLU C 263 -1.08 24.56 54.61
CA GLU C 263 -0.07 24.34 55.64
C GLU C 263 1.36 24.49 55.10
N LEU C 264 1.55 24.12 53.83
CA LEU C 264 2.83 24.24 53.15
C LEU C 264 3.19 25.72 52.89
N VAL C 265 2.26 26.45 52.27
CA VAL C 265 2.39 27.88 52.14
C VAL C 265 2.89 28.51 53.44
N ALA C 266 2.26 28.17 54.56
CA ALA C 266 2.65 28.66 55.88
C ALA C 266 4.14 28.42 56.18
N VAL C 267 4.59 27.19 56.07
CA VAL C 267 6.01 26.87 56.27
C VAL C 267 6.93 27.58 55.28
N LEU C 268 6.48 27.73 54.05
CA LEU C 268 7.35 28.26 53.03
C LEU C 268 7.62 29.73 53.31
N LYS C 269 6.52 30.46 53.59
CA LYS C 269 6.49 31.90 53.88
C LYS C 269 7.27 32.21 55.15
N LYS C 270 7.12 31.34 56.16
CA LYS C 270 7.87 31.42 57.41
C LYS C 270 9.37 31.29 57.16
N ASP C 271 9.78 30.62 56.08
CA ASP C 271 11.22 30.49 55.78
C ASP C 271 11.75 31.43 54.67
N GLY C 272 10.91 32.35 54.19
CA GLY C 272 11.37 33.45 53.31
C GLY C 272 11.54 33.06 51.86
N VAL C 273 10.93 31.93 51.52
CA VAL C 273 11.32 31.14 50.38
C VAL C 273 10.15 30.98 49.39
N LEU C 274 8.97 31.33 49.85
CA LEU C 274 7.76 31.34 49.03
C LEU C 274 7.89 31.98 47.62
N TRP C 275 7.06 31.49 46.70
CA TRP C 275 7.04 31.97 45.32
C TRP C 275 6.31 33.27 45.13
N GLN C 276 6.57 33.95 44.01
CA GLN C 276 5.68 35.02 43.52
C GLN C 276 4.45 34.44 42.83
N SER C 277 3.28 34.69 43.40
CA SER C 277 2.08 34.32 42.67
C SER C 277 1.36 35.58 42.14
N THR C 278 0.12 35.39 41.69
CA THR C 278 -0.68 36.41 41.08
C THR C 278 -2.10 35.86 41.16
N PRO C 279 -3.06 36.67 41.64
CA PRO C 279 -4.37 36.06 41.90
C PRO C 279 -5.01 35.58 40.61
N GLU C 280 -4.63 36.19 39.49
CA GLU C 280 -5.13 35.77 38.20
C GLU C 280 -4.56 34.37 37.97
N GLU C 281 -3.27 34.21 38.27
CA GLU C 281 -2.66 32.90 38.13
C GLU C 281 -3.33 31.86 39.04
N LEU C 282 -3.38 32.13 40.35
CA LEU C 282 -4.05 31.22 41.30
C LEU C 282 -5.47 30.83 40.87
N ALA C 283 -6.15 31.77 40.21
CA ALA C 283 -7.52 31.55 39.81
C ALA C 283 -7.57 30.65 38.58
N LEU C 284 -6.53 30.70 37.74
CA LEU C 284 -6.38 29.76 36.61
C LEU C 284 -6.21 28.35 37.19
N ILE C 285 -5.21 28.21 38.06
CA ILE C 285 -4.99 26.98 38.83
C ILE C 285 -6.32 26.44 39.36
N ALA C 286 -6.98 27.24 40.20
CA ALA C 286 -8.26 26.87 40.78
C ALA C 286 -9.26 26.54 39.68
N GLU C 287 -9.17 27.25 38.56
CA GLU C 287 -10.10 27.01 37.49
C GLU C 287 -9.82 25.68 36.73
N ASN C 288 -8.57 25.24 36.67
CA ASN C 288 -8.20 24.18 35.72
C ASN C 288 -7.60 22.91 36.35
N ARG C 289 -8.47 21.97 36.70
CA ARG C 289 -8.09 20.76 37.41
C ARG C 289 -7.99 19.65 36.42
N VAL C 290 -7.37 18.54 36.84
CA VAL C 290 -7.08 17.40 35.98
C VAL C 290 -8.35 16.59 35.81
N ASP C 291 -8.48 15.88 34.69
CA ASP C 291 -9.58 14.92 34.54
C ASP C 291 -9.25 13.64 35.30
N TYR C 292 -7.96 13.34 35.39
CA TYR C 292 -7.48 12.09 35.94
C TYR C 292 -5.99 12.19 36.16
N LEU C 293 -5.36 11.12 36.67
CA LEU C 293 -3.95 11.13 37.07
C LEU C 293 -3.29 9.82 36.85
N GLY C 294 -1.99 9.91 36.62
CA GLY C 294 -1.09 8.76 36.71
C GLY C 294 -0.18 8.94 37.92
N LEU C 295 -0.02 7.87 38.67
CA LEU C 295 0.87 7.88 39.78
C LEU C 295 1.94 6.87 39.50
N ASN C 296 3.18 7.26 39.73
CA ASN C 296 4.28 6.31 39.63
C ASN C 296 4.73 5.80 40.99
N PHE C 297 5.12 4.53 40.99
CA PHE C 297 5.58 3.90 42.21
C PHE C 297 6.63 2.78 41.95
N TYR C 298 7.78 2.93 42.61
CA TYR C 298 8.93 2.04 42.52
C TYR C 298 9.43 1.51 43.87
N HIS C 299 9.25 2.29 44.93
CA HIS C 299 9.76 1.92 46.23
C HIS C 299 9.09 2.82 47.21
N PRO C 300 8.90 2.35 48.46
CA PRO C 300 8.36 3.20 49.52
C PRO C 300 9.39 4.23 49.96
N LYS C 301 8.93 5.24 50.68
CA LYS C 301 9.76 6.24 51.27
C LYS C 301 9.58 6.19 52.80
N ARG C 302 10.67 6.42 53.53
CA ARG C 302 10.61 6.35 54.97
C ARG C 302 11.40 7.48 55.61
N VAL C 303 10.89 7.99 56.72
CA VAL C 303 11.42 9.20 57.31
C VAL C 303 11.56 9.13 58.83
N LYS C 304 12.34 10.06 59.38
CA LYS C 304 12.39 10.31 60.83
C LYS C 304 12.62 11.78 61.07
N ALA C 305 12.50 12.22 62.31
CA ALA C 305 12.92 13.60 62.66
C ALA C 305 14.41 13.74 62.37
N PRO C 306 14.86 14.98 62.06
CA PRO C 306 16.26 15.19 61.69
C PRO C 306 17.23 14.92 62.86
N ASP C 307 18.27 14.13 62.67
CA ASP C 307 19.29 13.94 63.69
C ASP C 307 19.98 15.24 64.16
N ALA C 308 19.88 16.28 63.37
CA ALA C 308 20.70 17.48 63.60
C ALA C 308 19.97 18.59 62.93
N ILE C 309 19.70 19.66 63.67
CA ILE C 309 19.02 20.85 63.18
C ILE C 309 20.08 21.95 62.99
N PRO C 310 20.34 22.35 61.73
CA PRO C 310 21.46 23.25 61.44
C PRO C 310 21.07 24.63 61.81
N VAL C 311 22.01 25.54 62.08
CA VAL C 311 21.60 26.89 62.44
C VAL C 311 21.87 27.77 61.29
N ILE C 312 22.87 27.40 60.51
CA ILE C 312 23.06 28.13 59.30
C ILE C 312 22.96 27.17 58.14
N SER C 313 22.01 27.43 57.24
CA SER C 313 21.92 26.65 56.02
C SER C 313 22.33 27.46 54.77
N PRO C 314 23.31 26.92 54.01
CA PRO C 314 23.67 27.41 52.70
C PRO C 314 22.41 27.83 51.92
N SER C 315 21.45 26.90 51.83
CA SER C 315 20.25 27.08 50.98
C SER C 315 19.03 26.37 51.58
N TRP C 316 17.83 26.77 51.17
CA TRP C 316 16.61 26.17 51.69
C TRP C 316 16.38 24.76 51.20
N SER C 317 16.10 23.83 52.13
CA SER C 317 15.81 22.44 51.77
C SER C 317 14.56 21.86 52.49
N PRO C 318 13.84 20.93 51.86
CA PRO C 318 12.80 20.28 52.64
C PRO C 318 13.37 19.31 53.68
N GLU C 319 14.64 18.93 53.53
CA GLU C 319 15.29 17.93 54.40
C GLU C 319 15.72 18.50 55.76
N TRP C 320 15.46 19.80 55.92
CA TRP C 320 15.49 20.46 57.23
C TRP C 320 14.56 19.70 58.10
N TYR C 321 13.37 19.37 57.56
CA TYR C 321 12.34 18.77 58.40
C TYR C 321 12.30 17.22 58.55
N TYR C 322 13.15 16.50 57.82
CA TYR C 322 13.18 15.04 57.98
C TYR C 322 14.44 14.44 57.38
N ASP C 323 14.71 13.20 57.76
CA ASP C 323 15.84 12.50 57.26
C ASP C 323 15.37 11.13 56.80
N PRO C 324 16.11 10.52 55.87
CA PRO C 324 15.83 9.14 55.51
C PRO C 324 15.98 8.19 56.67
N TYR C 325 15.07 7.23 56.75
CA TYR C 325 15.16 6.19 57.72
C TYR C 325 15.25 4.90 56.98
N LEU C 326 16.22 4.07 57.38
CA LEU C 326 16.36 2.69 56.93
C LEU C 326 15.58 1.88 57.91
N MET C 327 14.91 0.83 57.48
CA MET C 327 14.24 -0.07 58.43
C MET C 327 14.87 -1.46 58.47
N PRO C 328 15.29 -1.90 59.69
CA PRO C 328 15.98 -3.17 59.77
C PRO C 328 15.05 -4.27 59.37
N GLY C 329 15.57 -5.22 58.61
CA GLY C 329 14.87 -6.44 58.32
C GLY C 329 14.14 -6.40 57.00
N ARG C 330 14.12 -5.22 56.35
CA ARG C 330 13.26 -5.06 55.17
C ARG C 330 13.86 -5.71 53.96
N ARG C 331 13.05 -5.76 52.90
CA ARG C 331 13.43 -6.32 51.62
C ARG C 331 14.04 -5.28 50.71
N MET C 332 14.95 -5.75 49.86
CA MET C 332 15.73 -4.83 49.08
C MET C 332 16.12 -5.31 47.68
N ASN C 333 16.11 -4.35 46.75
CA ASN C 333 16.82 -4.43 45.49
C ASN C 333 18.19 -3.79 45.68
N VAL C 334 19.20 -4.63 45.85
CA VAL C 334 20.55 -4.15 46.09
C VAL C 334 21.08 -3.31 44.95
N ASP C 335 21.01 -3.82 43.70
CA ASP C 335 21.35 -3.02 42.49
C ASP C 335 20.98 -1.57 42.67
N LYS C 336 19.81 -1.32 43.25
CA LYS C 336 19.35 0.06 43.31
C LYS C 336 19.39 0.64 44.74
N GLY C 337 19.74 -0.20 45.73
CA GLY C 337 19.59 0.17 47.15
C GLY C 337 18.16 0.61 47.49
N TRP C 338 17.17 -0.02 46.83
CA TRP C 338 15.75 0.36 47.06
C TRP C 338 14.96 -0.67 47.79
N GLU C 339 14.14 -0.19 48.72
CA GLU C 339 13.34 -1.11 49.52
C GLU C 339 12.19 -1.65 48.65
N ILE C 340 11.83 -2.90 48.85
CA ILE C 340 10.72 -3.52 48.15
C ILE C 340 9.54 -3.74 49.11
N TYR C 341 8.49 -2.94 48.92
CA TYR C 341 7.32 -2.94 49.80
C TYR C 341 6.03 -2.69 49.02
N PRO C 342 5.53 -3.70 48.29
CA PRO C 342 4.36 -3.53 47.41
C PRO C 342 3.04 -3.16 48.09
N GLU C 343 2.95 -3.30 49.42
CA GLU C 343 1.79 -2.88 50.20
C GLU C 343 1.56 -1.38 50.05
N ALA C 344 2.62 -0.66 49.68
CA ALA C 344 2.45 0.76 49.48
C ALA C 344 1.43 1.07 48.38
N VAL C 345 1.20 0.10 47.47
CA VAL C 345 0.26 0.39 46.38
C VAL C 345 -1.16 0.55 46.91
N TYR C 346 -1.50 -0.40 47.76
CA TYR C 346 -2.75 -0.34 48.50
C TYR C 346 -2.85 0.99 49.17
N ASP C 347 -1.81 1.47 49.87
CA ASP C 347 -1.96 2.72 50.65
C ASP C 347 -2.15 3.94 49.72
N ILE C 348 -1.59 3.82 48.51
CA ILE C 348 -1.70 4.83 47.47
C ILE C 348 -3.15 4.80 47.01
N ALA C 349 -3.70 3.60 46.80
CA ALA C 349 -5.07 3.47 46.28
C ALA C 349 -6.08 4.03 47.28
N ILE C 350 -6.00 3.51 48.50
CA ILE C 350 -6.79 4.07 49.59
C ILE C 350 -6.71 5.58 49.66
N LYS C 351 -5.51 6.14 49.48
CA LYS C 351 -5.34 7.58 49.66
C LYS C 351 -6.13 8.28 48.57
N MET C 352 -6.08 7.70 47.36
CA MET C 352 -6.83 8.25 46.22
C MET C 352 -8.29 8.31 46.58
N ARG C 353 -8.79 7.18 47.09
CA ARG C 353 -10.20 7.01 47.43
C ARG C 353 -10.70 8.00 48.49
N ASP C 354 -9.94 8.21 49.57
CA ASP C 354 -10.42 9.10 50.67
C ASP C 354 -10.00 10.59 50.59
N HIS C 355 -8.86 10.92 49.95
CA HIS C 355 -8.41 12.34 49.91
C HIS C 355 -8.47 13.03 48.59
N TYR C 356 -8.57 12.27 47.53
CA TYR C 356 -8.67 12.94 46.24
C TYR C 356 -9.94 12.61 45.47
N ASP C 357 -11.06 12.67 46.21
CA ASP C 357 -12.44 12.60 45.71
C ASP C 357 -12.58 11.36 44.79
N ASN C 358 -11.96 10.26 45.19
CA ASN C 358 -11.85 9.08 44.34
C ASN C 358 -11.86 9.28 42.81
N ILE C 359 -11.22 10.34 42.29
CA ILE C 359 -11.10 10.49 40.82
C ILE C 359 -10.41 9.32 40.08
N PRO C 360 -10.59 9.23 38.76
CA PRO C 360 -9.88 8.12 38.12
C PRO C 360 -8.34 8.40 38.02
N TRP C 361 -7.56 7.31 37.98
CA TRP C 361 -6.13 7.39 38.09
C TRP C 361 -5.63 6.05 37.72
N PHE C 362 -4.43 5.99 37.08
CA PHE C 362 -3.78 4.69 36.88
C PHE C 362 -2.36 4.63 37.45
N LEU C 363 -1.83 3.41 37.63
CA LEU C 363 -0.46 3.31 38.04
C LEU C 363 0.40 3.36 36.77
N SER C 364 0.95 4.56 36.51
CA SER C 364 1.63 4.90 35.24
C SER C 364 3.06 4.41 35.09
N GLU C 365 3.72 4.14 36.21
CA GLU C 365 4.97 3.41 36.18
C GLU C 365 5.02 2.47 37.35
N ASN C 366 5.45 1.25 37.08
CA ASN C 366 5.82 0.36 38.14
C ASN C 366 6.77 -0.59 37.50
N GLY C 367 7.99 -0.70 38.03
CA GLY C 367 8.95 -1.69 37.50
C GLY C 367 10.11 -1.94 38.42
N VAL C 368 10.97 -2.88 38.06
CA VAL C 368 12.13 -3.15 38.83
C VAL C 368 13.39 -3.24 37.93
N GLY C 369 14.47 -2.56 38.36
CA GLY C 369 15.72 -2.47 37.60
C GLY C 369 16.86 -3.29 38.15
N ILE C 370 17.40 -4.19 37.31
CA ILE C 370 18.40 -5.13 37.74
C ILE C 370 19.54 -5.02 36.76
N SER C 371 20.76 -5.32 37.18
CA SER C 371 21.90 -5.35 36.26
C SER C 371 22.37 -6.79 35.97
N GLY C 372 23.37 -6.96 35.11
CA GLY C 372 23.87 -8.28 34.78
C GLY C 372 22.79 -9.31 34.40
N GLU C 373 21.81 -8.93 33.61
CA GLU C 373 20.71 -9.83 33.28
C GLU C 373 21.18 -11.02 32.44
N ASP C 374 22.36 -10.88 31.85
CA ASP C 374 23.06 -11.95 31.16
C ASP C 374 23.21 -13.23 32.02
N ARG C 375 23.31 -13.05 33.33
CA ARG C 375 23.49 -14.22 34.19
C ARG C 375 22.24 -15.11 34.30
N TYR C 376 21.11 -14.61 33.79
CA TYR C 376 19.81 -15.29 33.92
C TYR C 376 19.23 -15.81 32.60
N ARG C 377 20.06 -15.92 31.56
CA ARG C 377 19.54 -16.43 30.29
C ARG C 377 19.65 -17.93 30.26
N ASP C 378 18.58 -18.61 29.82
CA ASP C 378 18.58 -20.08 29.75
C ASP C 378 19.37 -20.50 28.50
N GLU C 379 19.33 -21.77 28.11
CA GLU C 379 20.03 -22.20 26.89
C GLU C 379 19.32 -21.74 25.61
N THR C 380 18.06 -21.31 25.71
CA THR C 380 17.33 -20.83 24.53
C THR C 380 17.83 -19.44 24.13
N GLY C 381 18.35 -18.71 25.11
CA GLY C 381 18.85 -17.36 24.90
C GLY C 381 18.03 -16.35 25.67
N GLN C 382 16.81 -16.72 26.03
CA GLN C 382 15.86 -15.83 26.71
C GLN C 382 16.20 -15.53 28.17
N ILE C 383 16.15 -14.25 28.56
CA ILE C 383 16.47 -13.90 29.94
C ILE C 383 15.32 -14.42 30.85
N GLN C 384 15.65 -15.20 31.88
CA GLN C 384 14.63 -15.72 32.80
C GLN C 384 14.44 -14.80 33.98
N ASP C 385 13.78 -13.68 33.75
CA ASP C 385 13.69 -12.67 34.77
C ASP C 385 12.59 -12.89 35.80
N ASP C 386 12.70 -14.01 36.55
CA ASP C 386 11.67 -14.43 37.54
C ASP C 386 11.36 -13.39 38.53
N TYR C 387 12.42 -12.85 39.13
CA TYR C 387 12.37 -11.69 40.05
C TYR C 387 11.50 -10.54 39.53
N ARG C 388 11.55 -10.25 38.22
CA ARG C 388 10.68 -9.19 37.66
C ARG C 388 9.22 -9.64 37.54
N ILE C 389 9.01 -10.92 37.23
CA ILE C 389 7.67 -11.47 37.24
C ILE C 389 7.05 -11.36 38.67
N GLN C 390 7.68 -12.02 39.64
CA GLN C 390 7.32 -11.94 41.04
C GLN C 390 7.06 -10.48 41.47
N PHE C 391 7.97 -9.58 41.11
CA PHE C 391 7.87 -8.18 41.54
C PHE C 391 6.57 -7.57 41.02
N LEU C 392 6.30 -7.83 39.74
CA LEU C 392 5.16 -7.23 39.09
C LEU C 392 3.87 -7.82 39.62
N LYS C 393 3.86 -9.14 39.80
CA LYS C 393 2.76 -9.85 40.47
C LYS C 393 2.35 -9.27 41.83
N GLU C 394 3.31 -9.23 42.77
CA GLU C 394 3.09 -8.63 44.06
C GLU C 394 2.49 -7.23 44.00
N HIS C 395 2.90 -6.38 43.05
CA HIS C 395 2.43 -4.98 43.06
C HIS C 395 1.05 -4.90 42.51
N LEU C 396 0.80 -5.73 41.52
CA LEU C 396 -0.51 -5.79 40.90
C LEU C 396 -1.54 -6.35 41.89
N THR C 397 -1.13 -7.43 42.59
CA THR C 397 -1.90 -8.04 43.69
C THR C 397 -2.42 -6.99 44.64
N TYR C 398 -1.55 -6.25 45.30
CA TYR C 398 -1.98 -5.09 46.12
C TYR C 398 -2.75 -4.04 45.33
N LEU C 399 -2.49 -3.92 44.02
CA LEU C 399 -3.23 -2.91 43.25
C LEU C 399 -4.74 -3.26 43.20
N HIS C 400 -5.01 -4.55 42.97
CA HIS C 400 -6.32 -5.17 42.97
C HIS C 400 -7.04 -4.92 44.27
N LYS C 401 -6.48 -5.42 45.37
CA LYS C 401 -6.94 -5.12 46.73
C LYS C 401 -7.47 -3.69 46.82
N GLY C 402 -6.74 -2.74 46.24
CA GLY C 402 -7.14 -1.36 46.28
C GLY C 402 -8.39 -1.14 45.48
N ILE C 403 -8.48 -1.81 44.32
CA ILE C 403 -9.65 -1.62 43.45
C ILE C 403 -10.87 -2.22 44.19
N GLU C 404 -10.68 -3.47 44.66
CA GLU C 404 -11.63 -4.16 45.47
C GLU C 404 -12.27 -3.29 46.55
N ALA C 405 -11.47 -2.49 47.22
CA ALA C 405 -11.97 -1.60 48.25
C ALA C 405 -12.45 -0.26 47.69
N GLY C 406 -12.63 -0.19 46.36
CA GLY C 406 -13.37 0.94 45.76
C GLY C 406 -12.53 2.06 45.23
N SER C 407 -11.26 1.80 44.96
CA SER C 407 -10.37 2.90 44.50
C SER C 407 -10.47 2.98 42.99
N ASN C 408 -10.59 4.19 42.48
CA ASN C 408 -10.89 4.34 41.05
C ASN C 408 -9.63 4.26 40.12
N CYS C 409 -9.00 3.11 40.16
CA CYS C 409 -7.86 2.87 39.32
C CYS C 409 -8.25 2.17 38.01
N PHE C 410 -7.86 2.72 36.86
CA PHE C 410 -8.27 2.16 35.56
C PHE C 410 -7.14 1.63 34.69
N GLY C 411 -5.93 1.48 35.24
CA GLY C 411 -4.84 0.87 34.48
C GLY C 411 -3.48 0.69 35.16
N TYR C 412 -2.59 0.01 34.45
CA TYR C 412 -1.29 -0.31 34.97
C TYR C 412 -0.24 -0.41 33.88
N HIS C 413 0.80 0.39 34.03
CA HIS C 413 1.89 0.50 33.08
C HIS C 413 3.18 0.10 33.74
N VAL C 414 3.78 -0.92 33.16
CA VAL C 414 5.08 -1.33 33.53
C VAL C 414 6.11 -0.33 33.00
N TRP C 415 7.00 0.16 33.87
CA TRP C 415 8.25 0.78 33.40
C TRP C 415 9.23 -0.36 33.29
N THR C 416 9.66 -0.78 32.11
CA THR C 416 9.38 -0.22 30.80
C THR C 416 9.30 -1.37 29.76
N PRO C 417 8.55 -1.20 28.63
CA PRO C 417 8.43 -2.29 27.64
C PRO C 417 9.76 -2.80 27.11
N ILE C 418 10.60 -1.87 26.63
CA ILE C 418 11.93 -2.20 26.08
C ILE C 418 13.07 -1.46 26.85
N ASP C 419 14.10 -2.20 27.29
CA ASP C 419 15.24 -1.62 28.04
C ASP C 419 15.59 -0.23 27.49
N GLY C 420 15.62 0.78 28.34
CA GLY C 420 15.85 2.15 27.85
C GLY C 420 16.94 2.89 28.59
N TRP C 421 17.22 4.10 28.15
CA TRP C 421 18.35 4.82 28.67
C TRP C 421 17.99 5.53 29.93
N SER C 422 18.54 5.11 31.06
CA SER C 422 18.00 5.63 32.29
C SER C 422 18.77 6.85 32.86
N TRP C 423 18.78 7.96 32.14
CA TRP C 423 19.53 9.16 32.57
C TRP C 423 20.99 8.85 32.95
N LEU C 424 21.50 9.42 34.05
CA LEU C 424 22.89 9.17 34.43
C LEU C 424 23.26 7.72 34.47
N ASN C 425 22.32 6.87 34.91
CA ASN C 425 22.61 5.42 34.98
C ASN C 425 22.56 4.75 33.64
N ALA C 426 22.05 5.45 32.62
CA ALA C 426 22.14 4.86 31.30
C ALA C 426 21.54 3.45 31.34
N TYR C 427 22.32 2.48 30.92
CA TYR C 427 21.88 1.08 30.79
C TYR C 427 22.48 0.18 31.88
N LYS C 428 22.93 0.82 32.93
CA LYS C 428 23.42 0.13 34.10
C LYS C 428 22.41 -0.88 34.59
N ASN C 429 21.23 -0.42 34.98
CA ASN C 429 20.18 -1.32 35.39
C ASN C 429 19.12 -1.46 34.27
N ARG C 430 18.69 -2.69 33.96
CA ARG C 430 17.61 -2.90 32.99
C ARG C 430 16.23 -3.04 33.61
N TYR C 431 15.23 -2.39 32.99
CA TYR C 431 13.82 -2.49 33.47
C TYR C 431 12.83 -3.17 32.50
N GLY C 432 13.28 -3.44 31.28
CA GLY C 432 12.36 -3.90 30.27
C GLY C 432 11.71 -5.28 30.48
N LEU C 433 10.50 -5.44 29.95
CA LEU C 433 9.89 -6.75 29.72
C LEU C 433 10.60 -7.31 28.53
N VAL C 434 11.11 -6.41 27.67
CA VAL C 434 11.87 -6.81 26.48
C VAL C 434 13.33 -6.30 26.43
N GLU C 435 14.27 -7.22 26.21
CA GLU C 435 15.69 -6.93 26.18
C GLU C 435 16.10 -6.13 24.96
N ASN C 436 17.02 -5.19 25.17
CA ASN C 436 17.67 -4.44 24.10
C ASN C 436 19.20 -4.57 24.28
N ASN C 437 19.81 -5.19 23.31
CA ASN C 437 21.20 -5.19 23.14
C ASN C 437 21.55 -3.84 22.53
N ILE C 438 22.28 -3.02 23.28
CA ILE C 438 22.48 -1.64 22.89
C ILE C 438 23.59 -1.47 21.87
N HIS C 439 24.25 -2.57 21.49
CA HIS C 439 25.17 -2.50 20.38
C HIS C 439 24.44 -2.64 19.08
N THR C 440 23.50 -3.56 18.98
CA THR C 440 22.88 -3.95 17.72
C THR C 440 21.43 -3.50 17.65
N GLN C 441 20.86 -3.23 18.84
CA GLN C 441 19.54 -2.67 18.96
C GLN C 441 18.52 -3.72 18.63
N VAL C 442 18.92 -4.98 18.67
CA VAL C 442 18.04 -6.11 18.41
C VAL C 442 17.26 -6.37 19.74
N ARG C 443 15.94 -6.43 19.65
CA ARG C 443 15.10 -6.69 20.83
C ARG C 443 14.83 -8.20 20.99
N ARG C 444 14.64 -8.61 22.24
CA ARG C 444 14.43 -10.00 22.57
C ARG C 444 13.58 -10.07 23.80
N PRO C 445 12.30 -10.46 23.65
CA PRO C 445 11.41 -10.64 24.79
C PRO C 445 12.00 -11.48 25.90
N LYS C 446 11.83 -11.04 27.15
CA LYS C 446 12.26 -11.78 28.36
C LYS C 446 11.09 -12.64 28.82
N ALA C 447 11.34 -13.59 29.73
CA ALA C 447 10.25 -14.31 30.42
C ALA C 447 9.09 -13.40 30.87
N SER C 448 9.45 -12.28 31.48
CA SER C 448 8.45 -11.38 32.03
C SER C 448 7.50 -10.86 30.99
N ALA C 449 7.92 -10.82 29.73
CA ALA C 449 7.04 -10.31 28.66
C ALA C 449 5.84 -11.22 28.44
N TYR C 450 6.14 -12.53 28.40
CA TYR C 450 5.22 -13.66 28.14
C TYR C 450 4.27 -13.83 29.27
N TRP C 451 4.79 -13.60 30.49
CA TRP C 451 3.91 -13.55 31.67
C TRP C 451 3.01 -12.33 31.63
N PHE C 452 3.51 -11.19 31.22
CA PHE C 452 2.65 -10.04 31.28
C PHE C 452 1.62 -10.13 30.15
N LYS C 453 1.91 -10.91 29.10
CA LYS C 453 0.93 -11.23 28.04
C LYS C 453 -0.39 -11.80 28.60
N LYS C 454 -0.32 -13.03 29.13
CA LYS C 454 -1.40 -13.65 29.90
C LYS C 454 -2.22 -12.63 30.70
N VAL C 455 -1.55 -11.80 31.48
CA VAL C 455 -2.28 -10.91 32.36
C VAL C 455 -3.14 -9.95 31.57
N ALA C 456 -2.54 -9.29 30.60
CA ALA C 456 -3.22 -8.20 29.93
C ALA C 456 -4.29 -8.75 29.02
N THR C 457 -3.97 -9.87 28.38
CA THR C 457 -4.87 -10.44 27.38
C THR C 457 -6.18 -10.89 28.06
N HIS C 458 -6.02 -11.48 29.23
CA HIS C 458 -7.14 -12.04 30.00
C HIS C 458 -7.61 -11.23 31.19
N ASN C 459 -7.11 -10.00 31.34
CA ASN C 459 -7.55 -9.06 32.39
C ASN C 459 -7.57 -9.66 33.80
N ARG C 460 -6.62 -10.57 34.07
CA ARG C 460 -6.62 -11.41 35.26
C ARG C 460 -5.23 -11.67 35.83
N LEU C 461 -5.20 -12.03 37.12
CA LEU C 461 -4.09 -12.79 37.75
C LEU C 461 -4.49 -14.26 38.18
N LEU D 1 27.32 -14.67 -28.60
CA LEU D 1 25.98 -14.67 -29.26
C LEU D 1 24.95 -13.72 -28.61
N ALA D 2 24.61 -12.63 -29.29
CA ALA D 2 23.86 -11.54 -28.66
C ALA D 2 22.65 -11.16 -29.49
N PHE D 3 21.54 -10.87 -28.81
CA PHE D 3 20.26 -10.70 -29.49
C PHE D 3 19.95 -9.23 -29.59
N PRO D 4 19.04 -8.85 -30.52
CA PRO D 4 18.61 -7.46 -30.66
C PRO D 4 18.24 -6.72 -29.36
N LYS D 5 18.28 -5.40 -29.43
CA LYS D 5 17.89 -4.60 -28.31
C LYS D 5 16.40 -4.75 -28.20
N GLU D 6 15.93 -4.98 -26.97
CA GLU D 6 14.48 -5.02 -26.72
C GLU D 6 13.85 -6.39 -26.96
N PHE D 7 14.67 -7.42 -27.13
CA PHE D 7 14.20 -8.77 -27.44
C PHE D 7 13.29 -9.26 -26.33
N TRP D 8 12.05 -9.62 -26.70
CA TRP D 8 11.10 -10.22 -25.75
C TRP D 8 11.68 -11.50 -25.23
N TRP D 9 11.75 -11.60 -23.92
CA TRP D 9 12.06 -12.86 -23.32
C TRP D 9 10.95 -13.09 -22.36
N GLY D 10 10.53 -14.36 -22.35
CA GLY D 10 9.43 -14.86 -21.55
C GLY D 10 8.80 -16.19 -22.02
N GLY D 11 7.57 -16.39 -21.53
CA GLY D 11 6.85 -17.60 -21.80
C GLY D 11 5.42 -17.40 -22.26
N ALA D 12 4.89 -18.47 -22.83
CA ALA D 12 3.58 -18.49 -23.38
C ALA D 12 2.75 -19.51 -22.57
N THR D 13 1.51 -19.15 -22.25
CA THR D 13 0.48 -20.05 -21.74
C THR D 13 -0.90 -19.60 -22.32
N SER D 14 -2.01 -20.09 -21.74
CA SER D 14 -3.34 -19.55 -22.07
C SER D 14 -4.29 -19.60 -20.88
N GLY D 15 -5.46 -18.97 -21.04
CA GLY D 15 -6.46 -18.94 -19.99
C GLY D 15 -6.88 -20.34 -19.61
N PRO D 16 -7.29 -21.15 -20.64
CA PRO D 16 -7.86 -22.47 -20.36
C PRO D 16 -6.86 -23.38 -19.71
N GLN D 17 -5.60 -23.25 -20.08
CA GLN D 17 -4.59 -24.15 -19.63
C GLN D 17 -3.99 -23.83 -18.28
N SER D 18 -4.22 -22.62 -17.81
CA SER D 18 -3.54 -22.21 -16.60
C SER D 18 -4.53 -21.74 -15.55
N GLU D 19 -5.70 -21.27 -15.96
CA GLU D 19 -6.55 -20.54 -14.97
C GLU D 19 -7.29 -21.36 -13.95
N GLY D 20 -7.89 -22.48 -14.41
CA GLY D 20 -8.89 -23.21 -13.67
C GLY D 20 -10.24 -22.61 -14.01
N ARG D 21 -11.33 -23.30 -13.73
CA ARG D 21 -12.64 -22.75 -14.10
C ARG D 21 -13.28 -21.97 -12.91
N PHE D 22 -12.55 -21.79 -11.81
CA PHE D 22 -13.06 -20.89 -10.74
C PHE D 22 -13.88 -19.68 -11.26
N ALA D 23 -15.06 -19.49 -10.68
CA ALA D 23 -15.86 -18.27 -10.96
C ALA D 23 -16.28 -18.08 -12.43
N LYS D 24 -15.82 -18.96 -13.33
CA LYS D 24 -16.03 -18.75 -14.75
C LYS D 24 -17.46 -19.02 -15.15
N GLN D 25 -18.06 -18.03 -15.80
CA GLN D 25 -19.45 -18.10 -16.10
C GLN D 25 -19.91 -19.20 -17.12
N HIS D 26 -19.17 -19.40 -18.21
CA HIS D 26 -19.59 -20.32 -19.25
C HIS D 26 -18.62 -21.45 -19.41
N ARG D 27 -19.01 -22.48 -20.15
CA ARG D 27 -18.06 -23.51 -20.56
C ARG D 27 -17.49 -23.24 -21.95
N ASN D 28 -16.18 -23.36 -22.11
CA ASN D 28 -15.62 -23.45 -23.45
C ASN D 28 -15.65 -24.93 -23.93
N LEU D 29 -15.23 -25.19 -25.16
CA LEU D 29 -15.38 -26.53 -25.77
C LEU D 29 -14.79 -27.60 -24.92
N PHE D 30 -13.65 -27.32 -24.30
CA PHE D 30 -12.90 -28.34 -23.61
C PHE D 30 -13.52 -28.52 -22.23
N ASP D 31 -14.01 -27.46 -21.60
CA ASP D 31 -14.69 -27.60 -20.32
C ASP D 31 -15.84 -28.61 -20.50
N TYR D 32 -16.66 -28.37 -21.54
CA TYR D 32 -17.78 -29.21 -21.89
C TYR D 32 -17.31 -30.64 -22.16
N TRP D 33 -16.25 -30.75 -22.95
CA TRP D 33 -15.74 -32.06 -23.31
C TRP D 33 -15.40 -32.81 -22.08
N TYR D 34 -14.78 -32.14 -21.11
CA TYR D 34 -14.34 -32.86 -19.94
C TYR D 34 -15.56 -33.24 -19.06
N GLU D 35 -16.57 -32.37 -19.00
CA GLU D 35 -17.82 -32.72 -18.30
C GLU D 35 -18.46 -34.03 -18.82
N GLU D 36 -18.40 -34.23 -20.14
CA GLU D 36 -19.10 -35.32 -20.84
C GLU D 36 -18.30 -36.59 -20.80
N GLU D 37 -16.98 -36.44 -20.95
CA GLU D 37 -16.06 -37.54 -21.24
C GLU D 37 -14.71 -37.47 -20.53
N PRO D 38 -14.73 -37.50 -19.18
CA PRO D 38 -13.47 -37.42 -18.44
C PRO D 38 -12.43 -38.42 -18.84
N ASP D 39 -12.83 -39.59 -19.38
CA ASP D 39 -11.89 -40.73 -19.53
C ASP D 39 -10.99 -40.53 -20.70
N LEU D 40 -11.27 -39.50 -21.50
CA LEU D 40 -10.39 -39.15 -22.62
C LEU D 40 -9.12 -38.40 -22.12
N PHE D 41 -9.18 -37.94 -20.86
CA PHE D 41 -8.18 -37.03 -20.34
C PHE D 41 -7.18 -37.73 -19.47
N TYR D 42 -5.93 -37.57 -19.81
CA TYR D 42 -4.95 -38.38 -19.13
C TYR D 42 -5.18 -38.25 -17.63
N ASP D 43 -5.14 -39.37 -16.91
CA ASP D 43 -5.44 -39.42 -15.46
C ASP D 43 -6.76 -38.77 -15.03
N TYR D 44 -7.68 -38.50 -15.95
CA TYR D 44 -8.94 -37.89 -15.49
C TYR D 44 -8.80 -36.45 -14.96
N VAL D 45 -7.61 -35.88 -15.13
CA VAL D 45 -7.45 -34.45 -14.83
C VAL D 45 -7.95 -33.58 -15.97
N GLY D 46 -8.94 -32.74 -15.66
CA GLY D 46 -9.43 -31.78 -16.60
C GLY D 46 -9.09 -30.35 -16.22
N PRO D 47 -9.85 -29.39 -16.75
CA PRO D 47 -9.37 -28.03 -16.63
C PRO D 47 -10.06 -27.29 -15.45
N ASP D 48 -10.72 -28.04 -14.57
CA ASP D 48 -11.49 -27.42 -13.48
C ASP D 48 -10.57 -26.59 -12.61
N THR D 49 -9.35 -27.10 -12.42
CA THR D 49 -8.38 -26.41 -11.59
C THR D 49 -7.13 -25.97 -12.37
N ALA D 50 -6.80 -26.73 -13.41
CA ALA D 50 -5.57 -26.57 -14.18
C ALA D 50 -4.41 -26.23 -13.26
N SER D 51 -3.71 -25.16 -13.61
CA SER D 51 -2.62 -24.67 -12.78
C SER D 51 -2.93 -23.48 -11.84
N ASP D 52 -4.20 -23.25 -11.47
CA ASP D 52 -4.53 -22.29 -10.39
C ASP D 52 -4.06 -20.82 -10.63
N ALA D 53 -3.89 -20.40 -11.88
CA ALA D 53 -3.57 -19.00 -12.19
C ALA D 53 -4.74 -18.04 -11.83
N TYR D 54 -5.95 -18.57 -11.62
CA TYR D 54 -7.03 -17.74 -11.17
C TYR D 54 -6.68 -17.19 -9.76
N HIS D 55 -6.07 -18.03 -8.91
CA HIS D 55 -5.64 -17.57 -7.61
C HIS D 55 -4.24 -17.03 -7.61
N GLN D 56 -3.32 -17.58 -8.41
CA GLN D 56 -1.90 -17.31 -8.21
C GLN D 56 -1.23 -16.43 -9.24
N ILE D 57 -2.00 -15.78 -10.11
CA ILE D 57 -1.40 -15.07 -11.25
C ILE D 57 -0.46 -13.98 -10.75
N GLU D 58 -0.88 -13.24 -9.72
CA GLU D 58 0.02 -12.24 -9.09
C GLU D 58 1.34 -12.87 -8.57
N SER D 59 1.27 -13.97 -7.81
CA SER D 59 2.56 -14.50 -7.28
C SER D 59 3.42 -15.21 -8.34
N ASP D 60 2.77 -15.57 -9.45
CA ASP D 60 3.46 -16.19 -10.55
C ASP D 60 4.27 -15.14 -11.30
N LEU D 61 3.66 -13.98 -11.54
CA LEU D 61 4.33 -12.98 -12.29
C LEU D 61 5.55 -12.41 -11.52
N THR D 62 5.38 -12.21 -10.22
CA THR D 62 6.50 -11.89 -9.35
C THR D 62 7.60 -12.94 -9.46
N LEU D 63 7.25 -14.22 -9.45
CA LEU D 63 8.24 -15.29 -9.66
C LEU D 63 9.00 -15.15 -11.02
N LEU D 64 8.23 -14.97 -12.11
CA LEU D 64 8.79 -14.85 -13.46
C LEU D 64 9.64 -13.57 -13.65
N ALA D 65 9.19 -12.44 -13.12
CA ALA D 65 10.04 -11.20 -13.13
C ALA D 65 11.37 -11.47 -12.41
N SER D 66 11.35 -12.13 -11.25
CA SER D 66 12.63 -12.59 -10.66
C SER D 66 13.35 -13.64 -11.51
N LEU D 67 12.67 -14.14 -12.54
CA LEU D 67 13.37 -15.10 -13.40
C LEU D 67 13.76 -14.49 -14.74
N GLY D 68 13.71 -13.18 -14.82
CA GLY D 68 14.26 -12.47 -15.98
C GLY D 68 13.28 -12.21 -17.12
N HIS D 69 12.00 -12.44 -16.88
CA HIS D 69 11.06 -12.33 -17.98
C HIS D 69 10.67 -10.92 -18.18
N ASN D 70 10.86 -10.43 -19.38
CA ASN D 70 10.41 -9.05 -19.66
C ASN D 70 9.03 -9.04 -20.26
N SER D 71 8.51 -10.25 -20.57
CA SER D 71 7.20 -10.34 -21.21
C SER D 71 6.54 -11.64 -20.85
N TYR D 72 5.25 -11.74 -21.19
CA TYR D 72 4.35 -12.82 -20.78
C TYR D 72 3.18 -12.80 -21.69
N ARG D 73 2.91 -13.96 -22.24
CA ARG D 73 1.84 -14.08 -23.16
C ARG D 73 0.81 -15.03 -22.55
N THR D 74 -0.45 -14.60 -22.44
CA THR D 74 -1.52 -15.49 -22.05
C THR D 74 -2.74 -15.09 -22.88
N SER D 75 -3.94 -15.48 -22.43
CA SER D 75 -5.13 -15.23 -23.24
C SER D 75 -6.38 -14.95 -22.40
N ILE D 76 -7.31 -14.22 -23.00
CA ILE D 76 -8.53 -13.83 -22.35
C ILE D 76 -9.66 -14.78 -22.79
N GLN D 77 -10.31 -15.41 -21.83
CA GLN D 77 -11.34 -16.33 -22.19
C GLN D 77 -12.65 -15.61 -22.48
N TRP D 78 -13.09 -15.74 -23.72
CA TRP D 78 -14.40 -15.34 -24.14
C TRP D 78 -15.45 -15.85 -23.15
N THR D 79 -15.25 -17.03 -22.57
CA THR D 79 -16.22 -17.57 -21.63
C THR D 79 -16.01 -17.05 -20.18
N ARG D 80 -14.90 -16.37 -19.90
CA ARG D 80 -14.78 -15.63 -18.63
C ARG D 80 -15.32 -14.16 -18.71
N LEU D 81 -14.87 -13.40 -19.69
CA LEU D 81 -15.20 -12.00 -19.83
C LEU D 81 -16.66 -11.71 -20.16
N ILE D 82 -17.28 -12.53 -21.03
CA ILE D 82 -18.56 -12.12 -21.57
C ILE D 82 -19.75 -12.73 -20.83
N ASP D 83 -20.79 -11.91 -20.58
CA ASP D 83 -21.98 -12.36 -19.89
C ASP D 83 -22.92 -12.86 -20.97
N ASP D 84 -23.43 -11.94 -21.77
CA ASP D 84 -24.33 -12.28 -22.84
C ASP D 84 -23.58 -12.20 -24.15
N PHE D 85 -23.48 -13.32 -24.85
CA PHE D 85 -22.67 -13.38 -26.06
C PHE D 85 -23.28 -12.56 -27.16
N GLU D 86 -24.61 -12.64 -27.31
CA GLU D 86 -25.33 -11.92 -28.36
C GLU D 86 -25.06 -10.41 -28.33
N GLN D 87 -25.06 -9.81 -27.14
CA GLN D 87 -24.93 -8.35 -26.99
C GLN D 87 -23.52 -7.91 -26.59
N ALA D 88 -22.65 -8.88 -26.25
CA ALA D 88 -21.28 -8.63 -25.78
C ALA D 88 -21.14 -7.78 -24.48
N THR D 89 -21.97 -8.11 -23.49
CA THR D 89 -21.91 -7.45 -22.22
C THR D 89 -20.85 -8.14 -21.36
N ILE D 90 -20.46 -7.45 -20.30
CA ILE D 90 -19.32 -7.80 -19.50
C ILE D 90 -19.75 -8.47 -18.16
N ASN D 91 -19.08 -9.57 -17.86
CA ASN D 91 -19.08 -10.19 -16.54
C ASN D 91 -18.11 -9.40 -15.66
N PRO D 92 -18.66 -8.59 -14.76
CA PRO D 92 -17.87 -7.79 -13.81
C PRO D 92 -16.67 -8.56 -13.22
N ASP D 93 -16.88 -9.67 -12.53
CA ASP D 93 -15.75 -10.41 -11.94
C ASP D 93 -14.70 -10.87 -12.94
N GLY D 94 -15.17 -11.12 -14.16
CA GLY D 94 -14.29 -11.52 -15.26
C GLY D 94 -13.40 -10.36 -15.64
N LEU D 95 -14.02 -9.18 -15.79
CA LEU D 95 -13.27 -7.92 -15.98
C LEU D 95 -12.22 -7.70 -14.87
N ALA D 96 -12.68 -7.75 -13.62
CA ALA D 96 -11.75 -7.58 -12.50
C ALA D 96 -10.61 -8.58 -12.58
N TYR D 97 -10.92 -9.85 -12.94
CA TYR D 97 -9.89 -10.89 -13.01
C TYR D 97 -8.78 -10.52 -14.05
N TYR D 98 -9.17 -10.20 -15.30
CA TYR D 98 -8.18 -9.85 -16.33
C TYR D 98 -7.47 -8.53 -16.06
N ASN D 99 -8.17 -7.54 -15.49
CA ASN D 99 -7.46 -6.43 -14.81
C ASN D 99 -6.43 -6.81 -13.76
N ARG D 100 -6.65 -7.87 -12.95
CA ARG D 100 -5.55 -8.29 -12.08
C ARG D 100 -4.37 -8.77 -12.92
N VAL D 101 -4.64 -9.41 -14.05
CA VAL D 101 -3.54 -10.05 -14.81
C VAL D 101 -2.64 -8.99 -15.43
N ILE D 102 -3.25 -8.11 -16.20
CA ILE D 102 -2.57 -6.95 -16.75
C ILE D 102 -1.76 -6.19 -15.68
N ASP D 103 -2.45 -5.71 -14.65
CA ASP D 103 -1.82 -4.83 -13.67
C ASP D 103 -0.68 -5.55 -12.99
N ALA D 104 -0.75 -6.88 -12.95
CA ALA D 104 0.32 -7.63 -12.32
C ALA D 104 1.54 -7.65 -13.24
N CYS D 105 1.32 -7.57 -14.54
CA CYS D 105 2.42 -7.66 -15.49
C CYS D 105 3.20 -6.35 -15.43
N LEU D 106 2.44 -5.27 -15.40
CA LEU D 106 3.01 -3.94 -15.48
C LEU D 106 3.69 -3.63 -14.17
N ALA D 107 3.06 -4.00 -13.05
CA ALA D 107 3.66 -3.82 -11.75
C ALA D 107 4.96 -4.61 -11.63
N ASN D 108 5.21 -5.54 -12.54
CA ASN D 108 6.43 -6.38 -12.42
C ASN D 108 7.41 -6.10 -13.53
N GLY D 109 7.07 -5.10 -14.36
CA GLY D 109 7.90 -4.67 -15.47
C GLY D 109 7.90 -5.71 -16.55
N ILE D 110 6.81 -6.47 -16.61
CA ILE D 110 6.63 -7.48 -17.63
C ILE D 110 5.65 -6.92 -18.64
N ARG D 111 6.04 -6.94 -19.91
CA ARG D 111 5.13 -6.61 -20.98
C ARG D 111 3.96 -7.62 -21.10
N PRO D 112 2.71 -7.13 -21.12
CA PRO D 112 1.66 -8.15 -21.27
C PRO D 112 1.30 -8.39 -22.76
N VAL D 113 1.45 -9.64 -23.23
CA VAL D 113 0.99 -10.03 -24.57
C VAL D 113 -0.31 -10.84 -24.43
N ILE D 114 -1.40 -10.37 -25.02
CA ILE D 114 -2.70 -11.05 -24.91
C ILE D 114 -3.20 -11.70 -26.21
N ASN D 115 -3.54 -12.99 -26.13
CA ASN D 115 -4.15 -13.62 -27.28
C ASN D 115 -5.62 -13.70 -26.96
N LEU D 116 -6.46 -13.50 -27.97
CA LEU D 116 -7.90 -13.43 -27.75
C LEU D 116 -8.69 -14.76 -27.89
N HIS D 117 -8.06 -15.79 -28.45
CA HIS D 117 -8.74 -17.06 -28.72
C HIS D 117 -7.73 -18.13 -28.78
N HIS D 118 -7.83 -19.06 -27.84
CA HIS D 118 -6.89 -20.18 -27.73
C HIS D 118 -7.63 -21.52 -27.58
N PHE D 119 -8.09 -22.09 -28.70
CA PHE D 119 -8.90 -23.32 -28.68
C PHE D 119 -10.13 -23.27 -27.74
N ASP D 120 -10.79 -22.11 -27.54
CA ASP D 120 -11.83 -21.97 -26.49
C ASP D 120 -13.13 -21.30 -26.83
N LEU D 121 -13.70 -21.64 -27.98
CA LEU D 121 -15.06 -21.23 -28.29
C LEU D 121 -16.03 -21.65 -27.18
N PRO D 122 -17.03 -20.81 -26.89
CA PRO D 122 -18.04 -21.19 -25.92
C PRO D 122 -18.83 -22.32 -26.50
N ILE D 123 -19.16 -23.32 -25.67
CA ILE D 123 -19.92 -24.46 -26.14
C ILE D 123 -21.29 -23.95 -26.62
N ALA D 124 -21.85 -22.98 -25.90
CA ALA D 124 -23.16 -22.44 -26.25
C ALA D 124 -23.27 -21.99 -27.71
N LEU D 125 -22.15 -21.57 -28.30
CA LEU D 125 -22.16 -21.00 -29.66
C LEU D 125 -21.94 -22.09 -30.68
N TYR D 126 -21.26 -23.15 -30.25
CA TYR D 126 -21.23 -24.32 -31.09
C TYR D 126 -22.66 -24.88 -31.20
N GLN D 127 -23.33 -25.04 -30.06
CA GLN D 127 -24.63 -25.68 -30.01
C GLN D 127 -25.68 -24.86 -30.75
N ALA D 128 -25.63 -23.53 -30.59
CA ALA D 128 -26.64 -22.67 -31.22
C ALA D 128 -26.44 -22.48 -32.74
N TYR D 129 -25.18 -22.38 -33.22
CA TYR D 129 -24.88 -21.91 -34.59
C TYR D 129 -23.88 -22.73 -35.40
N GLY D 130 -23.25 -23.71 -34.75
CA GLY D 130 -22.16 -24.42 -35.36
C GLY D 130 -20.81 -23.76 -35.06
N GLY D 131 -20.76 -22.96 -33.99
CA GLY D 131 -19.50 -22.38 -33.55
C GLY D 131 -18.83 -21.64 -34.69
N TRP D 132 -17.61 -22.00 -35.06
CA TRP D 132 -16.94 -21.19 -36.10
C TRP D 132 -17.42 -21.34 -37.52
N GLU D 133 -18.31 -22.30 -37.80
CA GLU D 133 -18.92 -22.49 -39.16
C GLU D 133 -19.79 -21.31 -39.49
N SER D 134 -20.21 -20.59 -38.46
CA SER D 134 -21.17 -19.49 -38.57
C SER D 134 -20.51 -18.13 -38.53
N LYS D 135 -20.79 -17.34 -39.56
CA LYS D 135 -20.34 -15.95 -39.66
C LYS D 135 -20.94 -15.06 -38.60
N HIS D 136 -22.12 -15.45 -38.10
CA HIS D 136 -22.70 -14.75 -36.96
C HIS D 136 -21.80 -14.86 -35.73
N VAL D 137 -21.34 -16.07 -35.41
CA VAL D 137 -20.34 -16.29 -34.33
C VAL D 137 -19.08 -15.45 -34.55
N VAL D 138 -18.68 -15.31 -35.79
CA VAL D 138 -17.54 -14.44 -36.11
C VAL D 138 -17.82 -13.00 -35.61
N ASP D 139 -18.99 -12.47 -35.93
CA ASP D 139 -19.39 -11.15 -35.44
C ASP D 139 -19.37 -11.08 -33.93
N LEU D 140 -19.91 -12.11 -33.26
CA LEU D 140 -19.99 -12.08 -31.81
C LEU D 140 -18.56 -12.05 -31.29
N PHE D 141 -17.70 -12.74 -32.00
CA PHE D 141 -16.29 -12.70 -31.64
C PHE D 141 -15.64 -11.31 -31.82
N VAL D 142 -16.05 -10.60 -32.86
CA VAL D 142 -15.51 -9.27 -33.11
C VAL D 142 -15.93 -8.40 -31.96
N ALA D 143 -17.21 -8.48 -31.59
CA ALA D 143 -17.71 -7.68 -30.47
C ALA D 143 -16.89 -8.03 -29.21
N PHE D 144 -16.68 -9.33 -28.97
CA PHE D 144 -15.91 -9.69 -27.78
C PHE D 144 -14.57 -8.96 -27.86
N SER D 145 -13.98 -8.91 -29.05
CA SER D 145 -12.64 -8.37 -29.16
C SER D 145 -12.66 -6.87 -28.83
N LYS D 146 -13.59 -6.12 -29.43
CA LYS D 146 -13.77 -4.70 -29.06
C LYS D 146 -13.85 -4.53 -27.55
N VAL D 147 -14.66 -5.37 -26.88
CA VAL D 147 -14.76 -5.27 -25.44
C VAL D 147 -13.37 -5.33 -24.83
N CYS D 148 -12.53 -6.22 -25.32
CA CYS D 148 -11.18 -6.31 -24.76
C CYS D 148 -10.40 -5.05 -25.06
N PHE D 149 -10.59 -4.51 -26.25
CA PHE D 149 -9.84 -3.34 -26.66
C PHE D 149 -10.23 -2.13 -25.82
N GLU D 150 -11.53 -1.97 -25.61
CA GLU D 150 -12.03 -0.82 -24.86
C GLU D 150 -11.64 -0.81 -23.39
N GLN D 151 -11.50 -2.00 -22.83
CA GLN D 151 -11.36 -2.20 -21.42
C GLN D 151 -9.93 -2.35 -21.00
N PHE D 152 -9.07 -2.75 -21.95
CA PHE D 152 -7.71 -3.19 -21.62
C PHE D 152 -6.69 -2.59 -22.53
N GLY D 153 -7.18 -1.99 -23.62
CA GLY D 153 -6.30 -1.35 -24.59
C GLY D 153 -5.51 -0.16 -24.06
N ASP D 154 -5.95 0.42 -22.93
CA ASP D 154 -5.14 1.47 -22.26
C ASP D 154 -3.78 0.92 -21.78
N ARG D 155 -3.81 -0.29 -21.18
CA ARG D 155 -2.60 -0.94 -20.70
C ARG D 155 -1.97 -1.99 -21.65
N VAL D 156 -2.77 -2.64 -22.50
CA VAL D 156 -2.21 -3.67 -23.39
C VAL D 156 -1.98 -3.11 -24.80
N LYS D 157 -0.79 -3.30 -25.36
CA LYS D 157 -0.38 -2.72 -26.65
C LYS D 157 0.04 -3.84 -27.62
N ASP D 158 -0.28 -5.06 -27.23
CA ASP D 158 0.15 -6.26 -27.96
C ASP D 158 -0.92 -7.32 -27.97
N TRP D 159 -1.49 -7.51 -29.15
CA TRP D 159 -2.67 -8.30 -29.30
C TRP D 159 -2.48 -9.34 -30.32
N PHE D 160 -3.18 -10.45 -30.08
CA PHE D 160 -3.24 -11.57 -31.01
C PHE D 160 -4.62 -12.17 -31.07
N VAL D 161 -5.11 -12.29 -32.31
CA VAL D 161 -6.45 -12.71 -32.55
C VAL D 161 -6.60 -14.21 -32.20
N HIS D 162 -5.73 -15.07 -32.76
CA HIS D 162 -5.86 -16.52 -32.62
C HIS D 162 -4.53 -17.13 -32.39
N ASN D 163 -4.48 -18.14 -31.53
CA ASN D 163 -3.35 -19.06 -31.57
C ASN D 163 -3.63 -20.26 -32.50
N GLU D 164 -2.75 -20.45 -33.48
CA GLU D 164 -2.79 -21.54 -34.48
C GLU D 164 -4.20 -21.95 -34.95
N PRO D 165 -4.86 -21.04 -35.68
CA PRO D 165 -6.21 -21.34 -36.16
C PRO D 165 -6.26 -22.67 -36.93
N MET D 166 -5.20 -23.03 -37.66
CA MET D 166 -5.22 -24.30 -38.39
C MET D 166 -5.44 -25.48 -37.41
N VAL D 167 -4.77 -25.44 -36.26
CA VAL D 167 -5.01 -26.45 -35.25
C VAL D 167 -6.51 -26.55 -34.88
N VAL D 168 -7.23 -25.42 -34.88
CA VAL D 168 -8.64 -25.48 -34.54
C VAL D 168 -9.38 -26.22 -35.67
N VAL D 169 -8.92 -25.96 -36.88
CA VAL D 169 -9.55 -26.45 -38.07
C VAL D 169 -9.37 -27.95 -38.07
N GLU D 170 -8.15 -28.38 -37.82
CA GLU D 170 -7.80 -29.78 -37.78
C GLU D 170 -8.40 -30.47 -36.55
N GLY D 171 -8.16 -29.94 -35.37
CA GLY D 171 -8.66 -30.53 -34.16
C GLY D 171 -10.15 -30.75 -34.21
N SER D 172 -10.88 -29.86 -34.84
CA SER D 172 -12.32 -29.80 -34.62
C SER D 172 -13.09 -30.46 -35.73
N TYR D 173 -12.52 -30.46 -36.94
CA TYR D 173 -13.23 -30.88 -38.17
C TYR D 173 -12.47 -31.87 -39.02
N LEU D 174 -11.29 -32.32 -38.60
CA LEU D 174 -10.53 -33.40 -39.32
C LEU D 174 -9.89 -34.55 -38.51
N MET D 175 -9.22 -34.22 -37.42
CA MET D 175 -8.40 -35.25 -36.78
C MET D 175 -8.80 -35.61 -35.38
N GLN D 176 -9.97 -35.13 -34.95
CA GLN D 176 -10.58 -35.62 -33.73
C GLN D 176 -9.76 -35.37 -32.44
N PHE D 177 -9.29 -34.16 -32.23
CA PHE D 177 -8.69 -33.84 -30.92
C PHE D 177 -9.20 -32.55 -30.27
N HIS D 178 -10.15 -31.86 -30.95
CA HIS D 178 -11.00 -30.84 -30.35
C HIS D 178 -12.43 -31.25 -30.49
N TYR D 179 -13.25 -30.90 -29.49
CA TYR D 179 -14.70 -30.98 -29.62
C TYR D 179 -15.08 -30.11 -30.80
N PRO D 180 -16.03 -30.54 -31.63
CA PRO D 180 -16.85 -31.74 -31.53
C PRO D 180 -16.18 -32.98 -32.16
N ALA D 181 -14.93 -32.88 -32.61
CA ALA D 181 -14.21 -34.06 -33.08
C ALA D 181 -14.94 -34.80 -34.21
N ILE D 182 -15.51 -34.07 -35.17
CA ILE D 182 -16.08 -34.70 -36.34
C ILE D 182 -15.11 -34.69 -37.55
N VAL D 183 -15.47 -35.44 -38.60
CA VAL D 183 -14.70 -35.49 -39.81
C VAL D 183 -15.57 -34.97 -40.92
N ASP D 184 -15.41 -33.69 -41.22
CA ASP D 184 -16.15 -33.09 -42.32
C ASP D 184 -15.24 -32.04 -42.92
N GLY D 185 -14.59 -32.44 -44.02
CA GLY D 185 -13.66 -31.61 -44.79
C GLY D 185 -14.25 -30.29 -45.25
N LYS D 186 -15.53 -30.30 -45.59
CA LYS D 186 -16.22 -29.10 -46.11
C LYS D 186 -16.41 -28.07 -45.02
N LYS D 187 -16.77 -28.54 -43.83
CA LYS D 187 -16.83 -27.65 -42.69
C LYS D 187 -15.41 -27.19 -42.35
N ALA D 188 -14.46 -28.11 -42.33
CA ALA D 188 -13.04 -27.76 -42.13
C ALA D 188 -12.59 -26.53 -42.92
N VAL D 189 -12.87 -26.55 -44.23
CA VAL D 189 -12.40 -25.50 -45.11
C VAL D 189 -13.16 -24.23 -44.79
N GLN D 190 -14.45 -24.37 -44.56
CA GLN D 190 -15.28 -23.20 -44.35
C GLN D 190 -14.83 -22.53 -43.02
N VAL D 191 -14.56 -23.35 -42.00
CA VAL D 191 -14.11 -22.85 -40.71
C VAL D 191 -12.80 -22.07 -40.86
N ALA D 192 -11.88 -22.59 -41.68
CA ALA D 192 -10.60 -21.94 -41.97
C ALA D 192 -10.77 -20.52 -42.48
N TYR D 193 -11.54 -20.41 -43.55
CA TYR D 193 -11.97 -19.15 -44.07
C TYR D 193 -12.56 -18.26 -43.00
N ASN D 194 -13.50 -18.78 -42.19
CA ASN D 194 -14.09 -17.93 -41.14
C ASN D 194 -13.07 -17.40 -40.14
N LEU D 195 -12.10 -18.23 -39.78
CA LEU D 195 -11.06 -17.79 -38.87
C LEU D 195 -10.13 -16.75 -39.50
N ALA D 196 -10.02 -16.74 -40.83
CA ALA D 196 -9.16 -15.74 -41.51
C ALA D 196 -9.91 -14.38 -41.62
N LEU D 197 -11.21 -14.47 -41.87
CA LEU D 197 -12.06 -13.31 -41.88
C LEU D 197 -12.08 -12.70 -40.48
N ALA D 198 -12.34 -13.54 -39.47
CA ALA D 198 -12.40 -13.04 -38.08
C ALA D 198 -11.12 -12.29 -37.82
N THR D 199 -10.01 -12.83 -38.29
CA THR D 199 -8.75 -12.16 -38.02
C THR D 199 -8.85 -10.74 -38.59
N ALA D 200 -9.20 -10.67 -39.87
CA ALA D 200 -9.25 -9.39 -40.56
C ALA D 200 -10.23 -8.41 -39.89
N LYS D 201 -11.46 -8.88 -39.61
CA LYS D 201 -12.47 -8.00 -39.02
C LYS D 201 -12.02 -7.52 -37.64
N VAL D 202 -11.34 -8.39 -36.88
CA VAL D 202 -10.99 -8.00 -35.53
C VAL D 202 -9.92 -6.92 -35.61
N ILE D 203 -8.96 -7.12 -36.54
CA ILE D 203 -7.95 -6.11 -36.81
C ILE D 203 -8.62 -4.78 -37.21
N GLN D 204 -9.60 -4.86 -38.11
CA GLN D 204 -10.41 -3.70 -38.50
C GLN D 204 -10.96 -3.06 -37.26
N ALA D 205 -11.61 -3.85 -36.38
CA ALA D 205 -12.24 -3.25 -35.19
C ALA D 205 -11.21 -2.65 -34.23
N TYR D 206 -10.00 -3.20 -34.24
CA TYR D 206 -8.95 -2.66 -33.42
C TYR D 206 -8.70 -1.26 -33.93
N ARG D 207 -8.30 -1.18 -35.21
CA ARG D 207 -7.78 0.04 -35.82
C ARG D 207 -8.76 1.22 -35.87
N ARG D 208 -10.03 0.93 -35.72
CA ARG D 208 -11.05 1.95 -35.60
C ARG D 208 -11.22 2.53 -34.19
N GLY D 209 -10.54 1.99 -33.18
CA GLY D 209 -10.74 2.49 -31.84
C GLY D 209 -10.12 3.87 -31.70
N PRO D 210 -10.47 4.60 -30.64
CA PRO D 210 -9.83 5.88 -30.27
C PRO D 210 -8.31 5.78 -30.18
N ALA D 211 -7.61 6.85 -30.49
CA ALA D 211 -6.17 6.81 -30.77
C ALA D 211 -5.29 6.19 -29.65
N GLU D 212 -5.76 6.27 -28.40
CA GLU D 212 -4.95 5.83 -27.25
C GLU D 212 -5.39 4.43 -26.77
N LEU D 213 -6.38 3.91 -27.49
CA LEU D 213 -6.65 2.48 -27.43
C LEU D 213 -6.15 1.77 -28.69
N SER D 214 -5.79 2.54 -29.72
CA SER D 214 -5.47 1.97 -31.02
C SER D 214 -4.04 2.19 -31.47
N ASP D 215 -3.15 2.45 -30.50
CA ASP D 215 -1.76 2.84 -30.75
C ASP D 215 -0.77 1.68 -30.59
N GLY D 216 -1.25 0.49 -30.24
CA GLY D 216 -0.40 -0.69 -30.11
C GLY D 216 -0.29 -1.45 -31.43
N ARG D 217 0.34 -2.62 -31.40
CA ARG D 217 0.36 -3.56 -32.51
C ARG D 217 -0.70 -4.70 -32.36
N ILE D 218 -1.21 -5.21 -33.47
CA ILE D 218 -2.10 -6.39 -33.47
C ILE D 218 -1.70 -7.40 -34.55
N GLY D 219 -1.79 -8.68 -34.21
CA GLY D 219 -1.24 -9.77 -35.05
C GLY D 219 -2.04 -11.06 -34.91
N THR D 220 -1.39 -12.16 -35.19
CA THR D 220 -2.03 -13.46 -35.02
C THR D 220 -0.91 -14.46 -34.91
N ILE D 221 -1.18 -15.62 -34.30
CA ILE D 221 -0.09 -16.61 -34.07
C ILE D 221 -0.22 -17.81 -34.97
N LEU D 222 0.81 -18.10 -35.75
CA LEU D 222 0.68 -19.14 -36.75
C LEU D 222 1.82 -20.08 -36.73
N ASN D 223 1.97 -20.79 -37.84
CA ASN D 223 2.91 -21.85 -37.93
C ASN D 223 3.48 -21.81 -39.30
N LEU D 224 4.78 -22.00 -39.37
CA LEU D 224 5.45 -21.94 -40.64
C LEU D 224 6.48 -23.04 -40.65
N THR D 225 6.33 -24.04 -39.80
CA THR D 225 7.32 -25.08 -39.85
C THR D 225 7.33 -25.65 -41.26
N PRO D 226 8.51 -25.96 -41.79
CA PRO D 226 8.43 -26.36 -43.21
C PRO D 226 8.03 -27.84 -43.36
N ALA D 227 7.64 -28.20 -44.57
CA ALA D 227 7.32 -29.59 -44.88
C ALA D 227 8.45 -30.25 -45.68
N TYR D 228 9.35 -30.89 -44.97
CA TYR D 228 10.47 -31.50 -45.66
C TYR D 228 10.00 -32.65 -46.52
N PRO D 229 10.32 -32.56 -47.82
CA PRO D 229 9.96 -33.62 -48.77
C PRO D 229 10.85 -34.79 -48.47
N ALA D 230 10.35 -36.00 -48.59
CA ALA D 230 11.11 -37.17 -48.18
C ALA D 230 12.31 -37.37 -49.08
N SER D 231 12.15 -37.04 -50.36
CA SER D 231 13.20 -37.22 -51.38
C SER D 231 13.02 -36.14 -52.43
N GLN D 232 14.01 -36.02 -53.30
CA GLN D 232 13.98 -35.00 -54.35
C GLN D 232 13.04 -35.34 -55.54
N SER D 233 12.31 -36.45 -55.44
CA SER D 233 11.39 -36.86 -56.52
C SER D 233 10.42 -35.73 -56.77
N GLU D 234 9.83 -35.69 -57.94
CA GLU D 234 8.81 -34.72 -58.13
C GLU D 234 7.47 -35.15 -57.50
N ALA D 235 7.25 -36.46 -57.34
CA ALA D 235 6.04 -36.91 -56.63
C ALA D 235 6.06 -36.47 -55.15
N ASP D 236 7.21 -36.62 -54.49
CA ASP D 236 7.41 -36.13 -53.12
C ASP D 236 7.42 -34.60 -53.05
N MET D 237 8.13 -33.96 -53.97
CA MET D 237 8.18 -32.49 -54.05
C MET D 237 6.75 -31.92 -54.10
N ALA D 238 5.87 -32.56 -54.87
CA ALA D 238 4.49 -32.07 -54.96
C ALA D 238 3.68 -32.27 -53.68
N ALA D 239 3.93 -33.38 -52.97
CA ALA D 239 3.30 -33.57 -51.67
C ALA D 239 3.71 -32.47 -50.67
N ALA D 240 5.02 -32.17 -50.58
CA ALA D 240 5.51 -31.09 -49.69
C ALA D 240 4.87 -29.75 -50.04
N HIS D 241 4.82 -29.45 -51.34
CA HIS D 241 4.29 -28.18 -51.76
C HIS D 241 2.90 -28.04 -51.24
N PHE D 242 2.06 -29.04 -51.50
CA PHE D 242 0.67 -28.91 -51.14
C PHE D 242 0.50 -28.87 -49.61
N ALA D 243 1.39 -29.57 -48.90
CA ALA D 243 1.36 -29.57 -47.44
C ALA D 243 1.64 -28.20 -46.87
N GLU D 244 2.47 -27.44 -47.55
CA GLU D 244 2.76 -26.10 -47.09
C GLU D 244 1.61 -25.20 -47.47
N LEU D 245 1.05 -25.43 -48.64
CA LEU D 245 -0.04 -24.60 -49.10
C LEU D 245 -1.10 -24.64 -48.08
N TRP D 246 -1.51 -25.84 -47.72
CA TRP D 246 -2.54 -25.98 -46.72
C TRP D 246 -2.07 -25.55 -45.34
N ASN D 247 -1.02 -26.17 -44.79
CA ASN D 247 -0.80 -25.96 -43.36
C ASN D 247 -0.27 -24.59 -42.99
N ASN D 248 0.54 -24.01 -43.89
CA ASN D 248 1.31 -22.78 -43.62
C ASN D 248 0.71 -21.59 -44.32
N ASP D 249 0.55 -21.74 -45.64
CA ASP D 249 0.22 -20.62 -46.53
C ASP D 249 -1.19 -20.04 -46.42
N LEU D 250 -2.19 -20.91 -46.32
CA LEU D 250 -3.58 -20.40 -46.18
C LEU D 250 -3.64 -19.25 -45.18
N PHE D 251 -3.14 -19.45 -43.97
CA PHE D 251 -3.28 -18.41 -42.98
C PHE D 251 -2.19 -17.35 -43.13
N MET D 252 -0.99 -17.77 -43.50
CA MET D 252 0.13 -16.84 -43.62
C MET D 252 -0.13 -15.77 -44.68
N GLU D 253 -0.60 -16.20 -45.85
CA GLU D 253 -0.76 -15.27 -46.96
C GLU D 253 -1.94 -14.35 -46.73
N ALA D 254 -2.94 -14.85 -46.01
CA ALA D 254 -4.08 -14.02 -45.67
C ALA D 254 -3.73 -12.99 -44.56
N ALA D 255 -2.79 -13.34 -43.69
CA ALA D 255 -2.49 -12.44 -42.59
C ALA D 255 -1.54 -11.34 -43.07
N VAL D 256 -0.63 -11.70 -43.99
CA VAL D 256 0.49 -10.81 -44.39
C VAL D 256 0.18 -10.06 -45.70
N HIS D 257 -0.15 -10.80 -46.77
CA HIS D 257 -0.46 -10.21 -48.07
C HIS D 257 -1.93 -10.05 -48.37
N GLY D 258 -2.81 -10.20 -47.38
CA GLY D 258 -4.26 -9.90 -47.55
C GLY D 258 -5.08 -10.80 -48.49
N LYS D 259 -4.50 -11.95 -48.83
CA LYS D 259 -4.98 -12.76 -49.95
C LYS D 259 -4.75 -14.22 -49.67
N PHE D 260 -5.67 -15.05 -50.17
CA PHE D 260 -5.53 -16.50 -50.15
C PHE D 260 -4.68 -16.97 -51.31
N PRO D 261 -3.82 -17.97 -51.09
CA PRO D 261 -2.93 -18.52 -52.14
C PRO D 261 -3.69 -19.03 -53.33
N GLU D 262 -3.54 -18.34 -54.47
CA GLU D 262 -4.23 -18.65 -55.71
C GLU D 262 -4.36 -20.14 -55.97
N GLU D 263 -3.23 -20.82 -55.84
CA GLU D 263 -3.11 -22.24 -56.17
C GLU D 263 -4.04 -23.11 -55.32
N LEU D 264 -4.11 -22.80 -54.02
CA LEU D 264 -4.89 -23.55 -53.04
C LEU D 264 -6.39 -23.47 -53.32
N VAL D 265 -6.89 -22.25 -53.46
CA VAL D 265 -8.24 -22.01 -53.94
C VAL D 265 -8.54 -22.99 -55.09
N ALA D 266 -7.73 -22.96 -56.16
CA ALA D 266 -7.94 -23.86 -57.32
C ALA D 266 -8.20 -25.28 -56.85
N VAL D 267 -7.23 -25.87 -56.15
CA VAL D 267 -7.39 -27.20 -55.60
C VAL D 267 -8.74 -27.40 -54.90
N LEU D 268 -9.14 -26.47 -54.04
CA LEU D 268 -10.37 -26.66 -53.24
C LEU D 268 -11.62 -26.55 -54.11
N LYS D 269 -11.55 -25.70 -55.13
CA LYS D 269 -12.64 -25.49 -56.07
C LYS D 269 -12.77 -26.78 -56.87
N LYS D 270 -11.61 -27.29 -57.31
CA LYS D 270 -11.51 -28.56 -58.03
C LYS D 270 -12.14 -29.70 -57.23
N ASP D 271 -12.00 -29.66 -55.92
CA ASP D 271 -12.46 -30.75 -55.10
C ASP D 271 -13.84 -30.53 -54.50
N GLY D 272 -14.58 -29.55 -55.01
CA GLY D 272 -15.93 -29.27 -54.55
C GLY D 272 -16.03 -28.72 -53.13
N VAL D 273 -14.90 -28.27 -52.59
CA VAL D 273 -14.85 -28.05 -51.16
C VAL D 273 -14.57 -26.62 -50.76
N LEU D 274 -14.35 -25.77 -51.75
CA LEU D 274 -14.12 -24.34 -51.53
C LEU D 274 -15.16 -23.68 -50.61
N TRP D 275 -14.69 -22.70 -49.85
CA TRP D 275 -15.54 -21.89 -49.00
C TRP D 275 -16.53 -20.98 -49.70
N GLN D 276 -17.49 -20.47 -48.94
CA GLN D 276 -18.34 -19.38 -49.39
C GLN D 276 -17.72 -18.04 -49.00
N SER D 277 -17.58 -17.15 -49.97
CA SER D 277 -17.11 -15.82 -49.67
C SER D 277 -18.01 -14.75 -50.26
N THR D 278 -17.52 -13.52 -50.24
CA THR D 278 -18.32 -12.36 -50.47
C THR D 278 -17.23 -11.38 -50.87
N PRO D 279 -17.46 -10.60 -51.96
CA PRO D 279 -16.36 -9.74 -52.41
C PRO D 279 -16.03 -8.65 -51.38
N GLU D 280 -17.04 -8.24 -50.59
CA GLU D 280 -16.85 -7.33 -49.45
C GLU D 280 -15.95 -7.98 -48.39
N GLU D 281 -16.15 -9.28 -48.15
CA GLU D 281 -15.31 -10.03 -47.22
C GLU D 281 -13.87 -10.10 -47.69
N LEU D 282 -13.66 -10.59 -48.92
CA LEU D 282 -12.32 -10.75 -49.48
C LEU D 282 -11.50 -9.46 -49.39
N ALA D 283 -12.23 -8.35 -49.35
CA ALA D 283 -11.69 -7.00 -49.40
C ALA D 283 -11.30 -6.54 -48.00
N LEU D 284 -12.19 -6.79 -47.04
CA LEU D 284 -11.85 -6.62 -45.62
C LEU D 284 -10.51 -7.31 -45.35
N ILE D 285 -10.38 -8.53 -45.88
CA ILE D 285 -9.14 -9.30 -45.73
C ILE D 285 -7.98 -8.57 -46.40
N ALA D 286 -8.16 -8.16 -47.67
CA ALA D 286 -7.11 -7.42 -48.37
C ALA D 286 -6.66 -6.17 -47.59
N GLU D 287 -7.60 -5.52 -46.92
CA GLU D 287 -7.38 -4.22 -46.26
C GLU D 287 -6.90 -4.32 -44.80
N ASN D 288 -7.04 -5.48 -44.16
CA ASN D 288 -6.57 -5.65 -42.79
C ASN D 288 -5.47 -6.65 -42.59
N ARG D 289 -4.25 -6.22 -42.93
CA ARG D 289 -3.09 -7.02 -42.71
C ARG D 289 -2.67 -6.86 -41.25
N VAL D 290 -1.84 -7.79 -40.78
CA VAL D 290 -1.39 -7.77 -39.40
C VAL D 290 -0.26 -6.76 -39.29
N ASP D 291 -0.02 -6.31 -38.06
CA ASP D 291 1.17 -5.51 -37.75
C ASP D 291 2.36 -6.44 -37.58
N TYR D 292 2.16 -7.57 -36.92
CA TYR D 292 3.26 -8.57 -36.75
C TYR D 292 2.71 -10.01 -36.57
N LEU D 293 3.62 -10.97 -36.48
CA LEU D 293 3.29 -12.38 -36.23
C LEU D 293 4.06 -13.05 -35.07
N GLY D 294 3.34 -13.88 -34.31
CA GLY D 294 3.95 -14.98 -33.60
C GLY D 294 3.95 -16.29 -34.43
N LEU D 295 5.12 -16.92 -34.55
CA LEU D 295 5.25 -18.26 -35.13
C LEU D 295 5.60 -19.24 -34.00
N ASN D 296 4.89 -20.38 -33.97
CA ASN D 296 5.12 -21.42 -32.98
C ASN D 296 5.90 -22.59 -33.55
N PHE D 297 6.83 -23.14 -32.79
CA PHE D 297 7.56 -24.27 -33.31
C PHE D 297 7.98 -25.32 -32.24
N TYR D 298 7.63 -26.58 -32.51
CA TYR D 298 7.99 -27.68 -31.63
C TYR D 298 8.69 -28.85 -32.28
N HIS D 299 8.61 -28.96 -33.59
CA HIS D 299 9.20 -30.15 -34.23
C HIS D 299 8.96 -30.03 -35.69
N PRO D 300 9.82 -30.66 -36.50
CA PRO D 300 9.64 -30.58 -37.93
C PRO D 300 8.50 -31.46 -38.42
N LYS D 301 8.10 -31.24 -39.68
CA LYS D 301 7.10 -32.01 -40.42
C LYS D 301 7.80 -32.60 -41.66
N ARG D 302 7.50 -33.85 -41.99
CA ARG D 302 8.05 -34.45 -43.17
C ARG D 302 6.96 -35.12 -43.96
N VAL D 303 7.08 -35.12 -45.28
CA VAL D 303 6.04 -35.75 -46.05
C VAL D 303 6.54 -36.52 -47.25
N LYS D 304 5.75 -37.52 -47.67
CA LYS D 304 5.94 -38.21 -48.96
C LYS D 304 4.68 -38.22 -49.80
N ALA D 305 4.84 -38.53 -51.09
CA ALA D 305 3.66 -38.80 -51.90
C ALA D 305 2.88 -39.96 -51.23
N PRO D 306 1.54 -39.92 -51.40
CA PRO D 306 0.63 -40.89 -50.81
C PRO D 306 0.95 -42.33 -51.27
N ASP D 307 1.05 -43.27 -50.31
CA ASP D 307 1.31 -44.68 -50.66
C ASP D 307 0.05 -45.30 -51.24
N ALA D 308 -1.02 -44.53 -51.24
CA ALA D 308 -2.32 -45.00 -51.66
C ALA D 308 -3.18 -43.82 -52.04
N ILE D 309 -3.79 -43.88 -53.23
CA ILE D 309 -4.81 -42.91 -53.69
C ILE D 309 -6.24 -43.52 -53.64
N PRO D 310 -7.08 -43.11 -52.66
CA PRO D 310 -8.43 -43.72 -52.53
C PRO D 310 -9.30 -43.16 -53.63
N VAL D 311 -10.27 -43.93 -54.10
CA VAL D 311 -11.10 -43.38 -55.19
C VAL D 311 -12.40 -42.92 -54.65
N ILE D 312 -12.78 -43.51 -53.51
CA ILE D 312 -13.81 -42.93 -52.69
C ILE D 312 -13.17 -42.47 -51.38
N SER D 313 -13.57 -41.29 -50.95
CA SER D 313 -13.22 -40.78 -49.65
C SER D 313 -14.49 -40.32 -49.01
N PRO D 314 -14.68 -40.65 -47.73
CA PRO D 314 -15.76 -40.06 -46.92
C PRO D 314 -15.74 -38.52 -46.96
N SER D 315 -14.65 -37.95 -46.42
CA SER D 315 -14.53 -36.51 -46.27
C SER D 315 -13.30 -36.03 -47.01
N TRP D 316 -13.32 -34.76 -47.43
CA TRP D 316 -12.10 -34.09 -47.91
C TRP D 316 -11.08 -33.93 -46.82
N SER D 317 -9.81 -34.07 -47.21
CA SER D 317 -8.70 -33.98 -46.29
C SER D 317 -7.40 -33.53 -46.99
N PRO D 318 -6.67 -32.57 -46.41
CA PRO D 318 -5.41 -32.20 -47.06
C PRO D 318 -4.50 -33.42 -47.33
N GLU D 319 -4.58 -34.44 -46.46
CA GLU D 319 -3.70 -35.62 -46.51
C GLU D 319 -4.04 -36.57 -47.68
N TRP D 320 -5.03 -36.17 -48.47
CA TRP D 320 -5.26 -36.76 -49.77
C TRP D 320 -4.01 -36.66 -50.52
N TYR D 321 -3.38 -35.50 -50.41
CA TYR D 321 -2.25 -35.19 -51.23
C TYR D 321 -0.87 -35.51 -50.62
N TYR D 322 -0.81 -36.10 -49.42
CA TYR D 322 0.53 -36.43 -48.82
C TYR D 322 0.41 -37.29 -47.58
N ASP D 323 1.44 -38.07 -47.28
CA ASP D 323 1.48 -38.87 -46.09
C ASP D 323 2.69 -38.48 -45.22
N PRO D 324 2.61 -38.67 -43.90
CA PRO D 324 3.79 -38.47 -43.05
C PRO D 324 4.96 -39.30 -43.53
N TYR D 325 6.17 -38.89 -43.16
CA TYR D 325 7.39 -39.64 -43.45
C TYR D 325 8.30 -39.58 -42.25
N LEU D 326 8.73 -40.75 -41.79
CA LEU D 326 9.65 -40.89 -40.68
C LEU D 326 10.98 -41.08 -41.35
N MET D 327 12.05 -40.58 -40.76
CA MET D 327 13.36 -40.61 -41.42
C MET D 327 14.37 -41.38 -40.60
N PRO D 328 14.90 -42.48 -41.17
CA PRO D 328 15.94 -43.24 -40.49
C PRO D 328 16.99 -42.34 -39.85
N GLY D 329 17.30 -42.62 -38.58
CA GLY D 329 18.41 -41.98 -37.89
C GLY D 329 18.10 -40.60 -37.36
N ARG D 330 16.83 -40.21 -37.45
CA ARG D 330 16.38 -38.94 -36.93
C ARG D 330 16.35 -38.91 -35.39
N ARG D 331 16.51 -37.73 -34.79
CA ARG D 331 16.58 -37.62 -33.33
C ARG D 331 15.18 -37.45 -32.81
N MET D 332 14.91 -37.99 -31.62
CA MET D 332 13.51 -38.11 -31.15
C MET D 332 13.23 -37.89 -29.65
N ASN D 333 12.20 -37.09 -29.39
CA ASN D 333 11.48 -37.04 -28.12
C ASN D 333 10.49 -38.23 -28.09
N VAL D 334 10.87 -39.29 -27.37
CA VAL D 334 10.04 -40.54 -27.34
C VAL D 334 8.62 -40.29 -26.81
N ASP D 335 8.54 -39.84 -25.56
CA ASP D 335 7.29 -39.42 -24.89
C ASP D 335 6.28 -38.85 -25.88
N LYS D 336 6.76 -38.14 -26.89
CA LYS D 336 5.85 -37.41 -27.73
C LYS D 336 5.79 -37.99 -29.15
N GLY D 337 6.78 -38.82 -29.50
CA GLY D 337 6.94 -39.33 -30.86
C GLY D 337 7.26 -38.19 -31.82
N TRP D 338 8.13 -37.30 -31.37
CA TRP D 338 8.35 -36.04 -32.09
C TRP D 338 9.78 -35.95 -32.50
N GLU D 339 10.02 -35.74 -33.78
CA GLU D 339 11.38 -35.63 -34.24
C GLU D 339 11.89 -34.30 -33.68
N ILE D 340 13.14 -34.30 -33.25
CA ILE D 340 13.83 -33.07 -32.88
C ILE D 340 14.79 -32.62 -33.98
N TYR D 341 14.55 -31.42 -34.51
CA TYR D 341 15.44 -30.89 -35.53
C TYR D 341 15.44 -29.34 -35.46
N PRO D 342 16.26 -28.78 -34.57
CA PRO D 342 16.36 -27.31 -34.44
C PRO D 342 16.66 -26.43 -35.71
N GLU D 343 17.46 -26.91 -36.66
CA GLU D 343 17.72 -26.22 -37.93
C GLU D 343 16.47 -25.58 -38.57
N ALA D 344 15.31 -26.14 -38.26
CA ALA D 344 14.07 -25.69 -38.89
C ALA D 344 13.73 -24.28 -38.43
N VAL D 345 14.22 -23.92 -37.25
CA VAL D 345 14.09 -22.53 -36.78
C VAL D 345 14.75 -21.59 -37.81
N TYR D 346 15.94 -21.97 -38.28
CA TYR D 346 16.64 -21.17 -39.25
C TYR D 346 15.83 -21.02 -40.56
N ASP D 347 15.28 -22.14 -41.07
CA ASP D 347 14.45 -22.08 -42.31
C ASP D 347 13.18 -21.24 -42.09
N ILE D 348 12.61 -21.33 -40.91
CA ILE D 348 11.48 -20.48 -40.63
C ILE D 348 11.87 -18.99 -40.69
N ALA D 349 12.97 -18.64 -40.00
CA ALA D 349 13.50 -17.28 -40.07
C ALA D 349 13.76 -16.86 -41.57
N ILE D 350 14.44 -17.73 -42.35
CA ILE D 350 14.65 -17.43 -43.79
C ILE D 350 13.34 -17.29 -44.61
N LYS D 351 12.32 -18.06 -44.26
CA LYS D 351 11.05 -17.99 -44.96
C LYS D 351 10.37 -16.65 -44.65
N MET D 352 10.43 -16.22 -43.39
CA MET D 352 9.91 -14.90 -43.00
C MET D 352 10.62 -13.85 -43.84
N ARG D 353 11.91 -14.08 -44.05
CA ARG D 353 12.75 -13.10 -44.70
C ARG D 353 12.45 -12.95 -46.17
N ASP D 354 12.37 -14.07 -46.89
CA ASP D 354 12.29 -13.98 -48.35
C ASP D 354 10.87 -14.04 -48.91
N HIS D 355 9.90 -14.31 -48.05
CA HIS D 355 8.55 -14.54 -48.54
C HIS D 355 7.50 -13.75 -47.85
N TYR D 356 7.79 -13.26 -46.66
CA TYR D 356 6.75 -12.51 -46.00
C TYR D 356 7.11 -11.03 -45.72
N ASP D 357 7.80 -10.45 -46.71
CA ASP D 357 8.26 -9.05 -46.72
C ASP D 357 9.05 -8.72 -45.49
N ASN D 358 9.61 -9.76 -44.87
CA ASN D 358 10.35 -9.62 -43.64
C ASN D 358 9.67 -8.77 -42.58
N ILE D 359 8.33 -8.74 -42.56
CA ILE D 359 7.62 -8.08 -41.45
C ILE D 359 8.14 -8.56 -40.08
N PRO D 360 7.83 -7.82 -39.01
CA PRO D 360 8.38 -8.35 -37.76
C PRO D 360 7.61 -9.57 -37.23
N TRP D 361 8.31 -10.44 -36.50
CA TRP D 361 7.76 -11.68 -35.98
C TRP D 361 8.59 -12.18 -34.84
N PHE D 362 7.97 -12.94 -33.93
CA PHE D 362 8.72 -13.59 -32.86
C PHE D 362 8.38 -15.09 -32.72
N LEU D 363 9.32 -15.87 -32.18
CA LEU D 363 9.06 -17.29 -31.89
C LEU D 363 8.16 -17.44 -30.68
N SER D 364 6.86 -17.46 -30.91
CA SER D 364 5.90 -17.28 -29.83
C SER D 364 5.67 -18.53 -29.00
N GLU D 365 6.08 -19.69 -29.51
CA GLU D 365 6.11 -20.95 -28.76
C GLU D 365 7.29 -21.82 -29.17
N ASN D 366 8.19 -22.06 -28.23
CA ASN D 366 9.17 -23.12 -28.38
C ASN D 366 9.27 -23.80 -27.03
N GLY D 367 9.43 -25.13 -27.03
CA GLY D 367 9.32 -25.94 -25.77
C GLY D 367 9.37 -27.47 -25.99
N VAL D 368 9.76 -28.21 -24.95
CA VAL D 368 9.91 -29.67 -25.04
C VAL D 368 9.19 -30.35 -23.88
N GLY D 369 8.35 -31.32 -24.22
CA GLY D 369 7.47 -31.97 -23.24
C GLY D 369 7.96 -33.33 -22.83
N ILE D 370 8.18 -33.54 -21.52
CA ILE D 370 8.65 -34.84 -20.98
C ILE D 370 7.79 -35.32 -19.85
N SER D 371 7.77 -36.63 -19.59
CA SER D 371 6.99 -37.19 -18.50
C SER D 371 7.91 -37.83 -17.48
N GLY D 372 7.38 -38.17 -16.30
CA GLY D 372 8.23 -38.69 -15.20
C GLY D 372 9.44 -37.82 -14.79
N GLU D 373 9.26 -36.50 -14.72
CA GLU D 373 10.34 -35.57 -14.33
C GLU D 373 10.87 -35.79 -12.92
N ASP D 374 10.16 -36.64 -12.18
CA ASP D 374 10.52 -36.96 -10.80
C ASP D 374 11.84 -37.70 -10.78
N ARG D 375 12.10 -38.44 -11.84
CA ARG D 375 13.35 -39.18 -11.97
C ARG D 375 14.52 -38.24 -12.03
N TYR D 376 14.26 -36.96 -12.31
CA TYR D 376 15.36 -36.04 -12.54
C TYR D 376 15.65 -35.09 -11.40
N ARG D 377 14.99 -35.22 -10.27
CA ARG D 377 15.25 -34.31 -9.17
C ARG D 377 16.59 -34.69 -8.51
N ASP D 378 17.34 -33.71 -8.01
CA ASP D 378 18.51 -33.99 -7.18
C ASP D 378 18.14 -33.96 -5.70
N GLU D 379 19.16 -33.99 -4.83
CA GLU D 379 18.97 -33.92 -3.37
C GLU D 379 18.11 -32.74 -2.93
N THR D 380 18.35 -31.59 -3.57
CA THR D 380 17.62 -30.37 -3.24
C THR D 380 16.13 -30.51 -3.49
N GLY D 381 15.76 -31.50 -4.31
CA GLY D 381 14.38 -31.72 -4.71
C GLY D 381 14.12 -30.96 -6.00
N GLN D 382 15.20 -30.52 -6.66
CA GLN D 382 15.05 -29.76 -7.89
C GLN D 382 15.22 -30.61 -9.14
N ILE D 383 14.36 -30.35 -10.10
CA ILE D 383 14.37 -31.08 -11.36
C ILE D 383 15.53 -30.59 -12.25
N GLN D 384 16.54 -31.44 -12.36
CA GLN D 384 17.66 -31.16 -13.22
C GLN D 384 17.29 -31.37 -14.67
N ASP D 385 16.44 -30.51 -15.21
CA ASP D 385 16.05 -30.69 -16.61
C ASP D 385 17.11 -30.30 -17.66
N ASP D 386 18.22 -31.04 -17.70
CA ASP D 386 19.26 -30.83 -18.74
C ASP D 386 18.78 -30.93 -20.17
N TYR D 387 17.93 -31.94 -20.44
CA TYR D 387 17.33 -32.15 -21.74
C TYR D 387 16.58 -30.87 -22.19
N ARG D 388 15.93 -30.19 -21.26
CA ARG D 388 15.16 -29.00 -21.60
C ARG D 388 16.08 -27.79 -21.93
N ILE D 389 17.16 -27.63 -21.13
CA ILE D 389 18.20 -26.66 -21.41
C ILE D 389 18.83 -26.86 -22.81
N GLN D 390 19.33 -28.08 -23.06
CA GLN D 390 19.95 -28.38 -24.32
C GLN D 390 19.00 -28.03 -25.49
N PHE D 391 17.73 -28.34 -25.30
CA PHE D 391 16.74 -28.21 -26.36
C PHE D 391 16.51 -26.76 -26.68
N LEU D 392 16.08 -25.98 -25.68
CA LEU D 392 16.00 -24.51 -25.82
C LEU D 392 17.32 -23.93 -26.31
N LYS D 393 18.46 -24.31 -25.69
CA LYS D 393 19.75 -23.85 -26.21
C LYS D 393 19.89 -24.03 -27.73
N GLU D 394 19.68 -25.27 -28.22
CA GLU D 394 19.85 -25.59 -29.63
C GLU D 394 18.91 -24.83 -30.54
N HIS D 395 17.67 -24.56 -30.11
CA HIS D 395 16.73 -23.89 -31.03
C HIS D 395 17.08 -22.43 -31.09
N LEU D 396 17.50 -21.90 -29.95
CA LEU D 396 17.76 -20.46 -29.82
C LEU D 396 18.98 -20.16 -30.69
N THR D 397 19.99 -21.03 -30.55
CA THR D 397 21.14 -20.96 -31.41
C THR D 397 20.73 -20.73 -32.84
N TYR D 398 19.86 -21.59 -33.36
CA TYR D 398 19.45 -21.45 -34.76
C TYR D 398 18.64 -20.20 -34.99
N LEU D 399 17.99 -19.70 -33.94
CA LEU D 399 17.14 -18.50 -34.09
C LEU D 399 18.07 -17.33 -34.35
N HIS D 400 19.20 -17.35 -33.65
CA HIS D 400 20.23 -16.34 -33.77
C HIS D 400 20.82 -16.32 -35.17
N LYS D 401 21.23 -17.46 -35.69
CA LYS D 401 21.70 -17.50 -37.07
C LYS D 401 20.69 -16.80 -37.98
N GLY D 402 19.41 -16.97 -37.72
CA GLY D 402 18.41 -16.34 -38.60
C GLY D 402 18.31 -14.84 -38.43
N ILE D 403 18.59 -14.39 -37.22
CA ILE D 403 18.63 -12.98 -36.97
C ILE D 403 19.93 -12.44 -37.57
N GLU D 404 21.00 -13.22 -37.45
CA GLU D 404 22.22 -12.85 -38.11
C GLU D 404 22.10 -12.71 -39.63
N ALA D 405 21.25 -13.50 -40.28
CA ALA D 405 21.16 -13.46 -41.73
C ALA D 405 20.05 -12.57 -42.21
N GLY D 406 19.59 -11.68 -41.32
CA GLY D 406 18.65 -10.58 -41.64
C GLY D 406 17.20 -10.74 -41.25
N SER D 407 16.81 -11.83 -40.58
CA SER D 407 15.38 -12.04 -40.34
C SER D 407 14.92 -11.14 -39.20
N ASN D 408 13.81 -10.49 -39.39
CA ASN D 408 13.35 -9.45 -38.45
C ASN D 408 12.50 -10.02 -37.29
N CYS D 409 13.17 -10.86 -36.50
CA CYS D 409 12.61 -11.51 -35.37
C CYS D 409 12.88 -10.62 -34.15
N PHE D 410 11.91 -10.44 -33.27
CA PHE D 410 12.08 -9.57 -32.06
C PHE D 410 11.77 -10.24 -30.72
N GLY D 411 11.73 -11.57 -30.69
CA GLY D 411 11.33 -12.28 -29.46
C GLY D 411 11.30 -13.79 -29.45
N TYR D 412 11.39 -14.34 -28.24
CA TYR D 412 11.43 -15.79 -28.00
C TYR D 412 10.70 -16.23 -26.72
N HIS D 413 9.53 -16.83 -26.88
CA HIS D 413 8.75 -17.33 -25.72
C HIS D 413 8.84 -18.83 -25.59
N VAL D 414 9.17 -19.29 -24.40
CA VAL D 414 9.20 -20.72 -24.10
C VAL D 414 7.79 -21.22 -23.79
N TRP D 415 7.35 -22.30 -24.43
CA TRP D 415 6.23 -23.11 -23.88
C TRP D 415 6.78 -24.02 -22.85
N THR D 416 6.56 -23.82 -21.54
CA THR D 416 5.68 -22.85 -20.93
C THR D 416 6.29 -22.42 -19.57
N PRO D 417 5.91 -21.27 -19.04
CA PRO D 417 6.62 -20.91 -17.81
C PRO D 417 6.39 -21.88 -16.66
N ILE D 418 5.13 -22.17 -16.37
CA ILE D 418 4.80 -23.07 -15.28
C ILE D 418 4.03 -24.28 -15.88
N ASP D 419 4.31 -25.49 -15.41
CA ASP D 419 3.63 -26.70 -15.96
C ASP D 419 2.16 -26.45 -16.06
N GLY D 420 1.59 -26.65 -17.26
CA GLY D 420 0.18 -26.44 -17.50
C GLY D 420 -0.60 -27.62 -18.08
N TRP D 421 -1.90 -27.39 -18.20
CA TRP D 421 -2.85 -28.42 -18.57
C TRP D 421 -2.90 -28.58 -20.04
N SER D 422 -2.51 -29.74 -20.54
CA SER D 422 -2.21 -29.84 -21.95
C SER D 422 -3.32 -30.55 -22.72
N TRP D 423 -4.55 -30.07 -22.59
CA TRP D 423 -5.73 -30.69 -23.28
C TRP D 423 -5.89 -32.14 -22.97
N LEU D 424 -6.13 -33.00 -23.96
CA LEU D 424 -6.30 -34.45 -23.68
C LEU D 424 -5.17 -35.05 -22.87
N ASN D 425 -3.95 -34.61 -23.15
CA ASN D 425 -2.80 -35.12 -22.42
C ASN D 425 -2.69 -34.51 -21.03
N ALA D 426 -3.51 -33.52 -20.77
CA ALA D 426 -3.55 -32.99 -19.40
C ALA D 426 -2.09 -32.74 -18.85
N TYR D 427 -1.70 -33.42 -17.79
CA TYR D 427 -0.39 -33.23 -17.19
C TYR D 427 0.57 -34.39 -17.39
N LYS D 428 0.29 -35.21 -18.40
CA LYS D 428 1.11 -36.33 -18.79
C LYS D 428 2.54 -35.91 -19.12
N ASN D 429 2.69 -34.96 -20.04
CA ASN D 429 3.97 -34.36 -20.40
C ASN D 429 4.13 -32.96 -19.79
N ARG D 430 5.25 -32.76 -19.11
CA ARG D 430 5.54 -31.47 -18.51
C ARG D 430 6.46 -30.62 -19.44
N TYR D 431 6.06 -29.35 -19.63
CA TYR D 431 6.76 -28.41 -20.49
C TYR D 431 7.39 -27.24 -19.71
N GLY D 432 7.25 -27.26 -18.39
CA GLY D 432 7.44 -26.06 -17.59
C GLY D 432 8.88 -25.65 -17.41
N LEU D 433 9.15 -24.32 -17.36
CA LEU D 433 10.43 -23.88 -16.79
C LEU D 433 10.34 -24.07 -15.30
N VAL D 434 9.11 -23.96 -14.77
CA VAL D 434 8.82 -24.09 -13.36
C VAL D 434 7.86 -25.27 -13.14
N GLU D 435 8.18 -26.10 -12.17
CA GLU D 435 7.36 -27.24 -11.86
C GLU D 435 6.04 -26.81 -11.24
N ASN D 436 4.97 -27.52 -11.56
CA ASN D 436 3.74 -27.40 -10.76
C ASN D 436 3.28 -28.77 -10.29
N ASN D 437 3.14 -28.88 -9.00
CA ASN D 437 2.61 -30.04 -8.39
C ASN D 437 1.08 -29.93 -8.48
N ILE D 438 0.42 -30.78 -9.24
CA ILE D 438 -1.01 -30.54 -9.49
C ILE D 438 -1.96 -30.86 -8.33
N HIS D 439 -1.42 -31.41 -7.24
CA HIS D 439 -2.19 -31.59 -6.00
C HIS D 439 -2.29 -30.36 -5.10
N THR D 440 -1.12 -29.82 -4.75
CA THR D 440 -0.96 -28.68 -3.82
C THR D 440 -0.90 -27.34 -4.56
N GLN D 441 -0.72 -27.40 -5.87
CA GLN D 441 -0.52 -26.22 -6.68
C GLN D 441 0.71 -25.38 -6.24
N VAL D 442 1.64 -26.00 -5.50
CA VAL D 442 2.96 -25.40 -5.24
C VAL D 442 3.88 -25.45 -6.49
N ARG D 443 4.55 -24.35 -6.78
CA ARG D 443 5.47 -24.24 -7.91
C ARG D 443 6.90 -24.35 -7.46
N ARG D 444 7.75 -24.92 -8.30
CA ARG D 444 9.13 -25.05 -7.97
C ARG D 444 9.99 -24.86 -9.21
N PRO D 445 10.80 -23.79 -9.25
CA PRO D 445 11.68 -23.55 -10.40
C PRO D 445 12.58 -24.74 -10.70
N LYS D 446 12.61 -25.17 -11.98
CA LYS D 446 13.47 -26.27 -12.43
C LYS D 446 14.80 -25.64 -12.89
N ALA D 447 15.84 -26.44 -13.11
CA ALA D 447 17.12 -25.89 -13.54
C ALA D 447 16.95 -25.00 -14.76
N SER D 448 16.16 -25.43 -15.75
CA SER D 448 16.04 -24.64 -16.96
C SER D 448 15.60 -23.21 -16.70
N ALA D 449 14.82 -23.00 -15.66
CA ALA D 449 14.33 -21.66 -15.36
C ALA D 449 15.48 -20.69 -15.08
N TYR D 450 16.56 -21.24 -14.51
CA TYR D 450 17.70 -20.47 -14.04
C TYR D 450 18.62 -20.22 -15.23
N TRP D 451 18.80 -21.28 -16.01
CA TRP D 451 19.56 -21.15 -17.20
C TRP D 451 18.95 -20.10 -18.08
N PHE D 452 17.61 -20.05 -18.13
CA PHE D 452 16.91 -19.05 -18.95
C PHE D 452 16.95 -17.63 -18.39
N LYS D 453 16.91 -17.50 -17.07
CA LYS D 453 17.10 -16.21 -16.37
C LYS D 453 18.41 -15.52 -16.84
N LYS D 454 19.50 -16.30 -16.90
CA LYS D 454 20.80 -15.86 -17.43
C LYS D 454 20.65 -15.27 -18.83
N VAL D 455 19.97 -16.01 -19.70
CA VAL D 455 19.89 -15.66 -21.10
C VAL D 455 19.14 -14.34 -21.29
N ALA D 456 17.97 -14.21 -20.69
CA ALA D 456 17.13 -13.03 -20.82
C ALA D 456 17.68 -11.81 -20.08
N THR D 457 18.34 -12.01 -18.94
CA THR D 457 18.84 -10.88 -18.15
C THR D 457 19.96 -10.18 -18.91
N HIS D 458 20.81 -11.01 -19.54
CA HIS D 458 21.99 -10.58 -20.27
C HIS D 458 21.83 -10.48 -21.78
N ASN D 459 20.67 -10.90 -22.32
CA ASN D 459 20.34 -10.78 -23.77
C ASN D 459 21.24 -11.58 -24.73
N ARG D 460 21.72 -12.74 -24.27
CA ARG D 460 22.69 -13.59 -24.99
C ARG D 460 22.79 -15.06 -24.50
N LEU D 461 23.47 -15.91 -25.29
CA LEU D 461 23.66 -17.32 -24.95
C LEU D 461 24.91 -17.66 -24.12
N LEU E 1 14.48 18.51 -42.23
CA LEU E 1 14.38 19.70 -41.28
C LEU E 1 14.56 19.42 -39.76
N ALA E 2 15.82 19.39 -39.32
CA ALA E 2 16.22 18.86 -38.00
C ALA E 2 16.55 19.96 -37.02
N PHE E 3 16.37 19.68 -35.72
CA PHE E 3 16.67 20.66 -34.65
C PHE E 3 17.89 20.29 -33.85
N PRO E 4 18.49 21.27 -33.11
CA PRO E 4 19.56 20.89 -32.19
C PRO E 4 19.21 19.70 -31.29
N LYS E 5 20.24 18.93 -30.92
CA LYS E 5 20.05 17.82 -30.01
C LYS E 5 19.78 18.43 -28.64
N GLU E 6 18.97 17.76 -27.83
CA GLU E 6 18.55 18.28 -26.50
C GLU E 6 17.53 19.42 -26.60
N PHE E 7 16.70 19.39 -27.64
CA PHE E 7 15.77 20.47 -27.92
C PHE E 7 14.51 20.26 -27.06
N TRP E 8 14.21 21.25 -26.20
CA TRP E 8 13.01 21.18 -25.39
C TRP E 8 11.81 21.07 -26.27
N TRP E 9 11.00 20.06 -26.02
CA TRP E 9 9.74 19.87 -26.72
C TRP E 9 8.75 19.70 -25.62
N GLY E 10 7.67 20.48 -25.63
CA GLY E 10 6.70 20.38 -24.54
C GLY E 10 5.71 21.49 -24.63
N GLY E 11 5.17 21.93 -23.50
CA GLY E 11 4.23 23.03 -23.48
C GLY E 11 4.25 23.82 -22.19
N ALA E 12 3.50 24.93 -22.17
CA ALA E 12 3.47 25.83 -21.04
C ALA E 12 2.08 26.05 -20.44
N THR E 13 2.09 26.33 -19.14
CA THR E 13 0.87 26.67 -18.39
C THR E 13 1.30 27.45 -17.16
N SER E 14 0.32 27.57 -16.27
CA SER E 14 0.50 28.27 -15.01
C SER E 14 -0.38 27.62 -13.92
N GLY E 15 0.07 27.70 -12.68
CA GLY E 15 -0.76 27.24 -11.58
C GLY E 15 -2.19 27.79 -11.61
N PRO E 16 -2.34 29.16 -11.57
CA PRO E 16 -3.64 29.83 -11.53
C PRO E 16 -4.63 29.33 -12.59
N GLN E 17 -4.15 29.07 -13.81
CA GLN E 17 -5.02 28.71 -14.94
C GLN E 17 -5.19 27.23 -15.11
N SER E 18 -4.50 26.42 -14.28
CA SER E 18 -4.57 24.94 -14.42
C SER E 18 -4.94 24.20 -13.14
N GLU E 19 -4.67 24.75 -11.97
CA GLU E 19 -4.78 23.90 -10.75
C GLU E 19 -6.16 23.75 -10.22
N GLY E 20 -6.76 24.88 -9.89
CA GLY E 20 -8.02 24.95 -9.19
C GLY E 20 -7.67 25.81 -7.98
N ARG E 21 -8.69 26.29 -7.31
CA ARG E 21 -8.41 26.92 -6.07
C ARG E 21 -8.45 25.90 -4.95
N PHE E 22 -8.76 24.61 -5.23
CA PHE E 22 -8.79 23.61 -4.13
C PHE E 22 -7.66 23.78 -3.10
N ALA E 23 -8.04 23.89 -1.83
CA ALA E 23 -7.11 23.88 -0.67
C ALA E 23 -6.20 25.09 -0.58
N LYS E 24 -6.16 25.85 -1.66
CA LYS E 24 -5.28 27.02 -1.74
C LYS E 24 -5.67 28.06 -0.69
N GLN E 25 -4.68 28.57 0.01
CA GLN E 25 -4.85 29.31 1.25
C GLN E 25 -5.21 30.76 1.07
N HIS E 26 -4.48 31.48 0.19
CA HIS E 26 -4.76 32.89 -0.07
C HIS E 26 -5.41 33.11 -1.41
N ARG E 27 -5.84 34.33 -1.65
CA ARG E 27 -6.49 34.71 -2.89
C ARG E 27 -5.54 35.52 -3.76
N ASN E 28 -5.22 35.02 -4.95
CA ASN E 28 -4.39 35.87 -5.81
C ASN E 28 -5.29 36.95 -6.41
N LEU E 29 -4.70 37.87 -7.14
CA LEU E 29 -5.48 38.96 -7.73
C LEU E 29 -6.72 38.49 -8.53
N PHE E 30 -6.55 37.47 -9.38
CA PHE E 30 -7.66 36.96 -10.20
C PHE E 30 -8.66 36.16 -9.41
N ASP E 31 -8.21 35.52 -8.32
CA ASP E 31 -9.14 34.81 -7.44
C ASP E 31 -10.08 35.85 -6.85
N TYR E 32 -9.48 36.94 -6.36
CA TYR E 32 -10.21 38.00 -5.71
C TYR E 32 -11.22 38.56 -6.68
N TRP E 33 -10.72 38.95 -7.83
CA TRP E 33 -11.52 39.59 -8.84
C TRP E 33 -12.73 38.82 -9.20
N TYR E 34 -12.59 37.50 -9.29
CA TYR E 34 -13.72 36.70 -9.67
C TYR E 34 -14.75 36.63 -8.54
N GLU E 35 -14.30 36.50 -7.31
CA GLU E 35 -15.23 36.56 -6.17
C GLU E 35 -16.08 37.82 -6.26
N GLU E 36 -15.45 38.96 -6.58
CA GLU E 36 -16.07 40.28 -6.52
C GLU E 36 -16.92 40.64 -7.74
N GLU E 37 -16.58 40.12 -8.91
CA GLU E 37 -17.20 40.59 -10.13
C GLU E 37 -17.25 39.45 -11.15
N PRO E 38 -18.06 38.42 -10.87
CA PRO E 38 -18.01 37.25 -11.72
C PRO E 38 -18.40 37.51 -13.13
N ASP E 39 -19.21 38.55 -13.36
CA ASP E 39 -19.90 38.68 -14.67
C ASP E 39 -18.84 39.11 -15.68
N LEU E 40 -17.65 39.41 -15.17
CA LEU E 40 -16.56 39.82 -16.00
C LEU E 40 -15.92 38.64 -16.72
N PHE E 41 -16.22 37.42 -16.26
CA PHE E 41 -15.56 36.21 -16.72
C PHE E 41 -16.48 35.45 -17.64
N TYR E 42 -15.91 35.02 -18.75
CA TYR E 42 -16.68 34.45 -19.84
C TYR E 42 -17.37 33.22 -19.34
N ASP E 43 -18.65 33.11 -19.69
CA ASP E 43 -19.58 32.08 -19.16
C ASP E 43 -19.66 32.01 -17.65
N TYR E 44 -19.09 33.00 -16.95
CA TYR E 44 -19.09 33.00 -15.48
C TYR E 44 -18.09 32.02 -14.89
N VAL E 45 -17.32 31.37 -15.76
CA VAL E 45 -16.39 30.37 -15.31
C VAL E 45 -15.15 31.07 -14.80
N GLY E 46 -14.85 30.90 -13.51
CA GLY E 46 -13.67 31.46 -12.89
C GLY E 46 -12.57 30.43 -12.59
N PRO E 47 -11.63 30.79 -11.72
CA PRO E 47 -10.46 29.94 -11.51
C PRO E 47 -10.62 28.86 -10.43
N ASP E 48 -11.85 28.60 -9.95
CA ASP E 48 -12.07 27.79 -8.77
C ASP E 48 -11.76 26.32 -9.00
N THR E 49 -12.02 25.87 -10.22
CA THR E 49 -11.70 24.51 -10.62
C THR E 49 -10.68 24.52 -11.75
N ALA E 50 -10.53 25.66 -12.45
CA ALA E 50 -9.75 25.72 -13.70
C ALA E 50 -9.78 24.33 -14.35
N SER E 51 -8.60 23.81 -14.63
CA SER E 51 -8.50 22.53 -15.33
C SER E 51 -8.11 21.37 -14.39
N ASP E 52 -8.41 21.52 -13.12
CA ASP E 52 -8.35 20.42 -12.14
C ASP E 52 -6.96 19.83 -11.89
N ALA E 53 -5.91 20.58 -12.19
CA ALA E 53 -4.60 19.97 -12.10
C ALA E 53 -4.15 19.72 -10.63
N TYR E 54 -5.01 20.08 -9.67
CA TYR E 54 -4.75 19.81 -8.26
C TYR E 54 -4.77 18.34 -8.10
N HIS E 55 -5.71 17.69 -8.80
CA HIS E 55 -5.93 16.23 -8.76
C HIS E 55 -5.34 15.44 -9.90
N GLN E 56 -5.12 16.05 -11.07
CA GLN E 56 -4.84 15.26 -12.27
C GLN E 56 -3.43 15.43 -12.82
N ILE E 57 -2.62 16.24 -12.16
CA ILE E 57 -1.26 16.46 -12.60
C ILE E 57 -0.44 15.19 -12.92
N GLU E 58 -0.53 14.14 -12.08
CA GLU E 58 0.22 12.88 -12.27
C GLU E 58 -0.26 12.30 -13.53
N SER E 59 -1.56 12.11 -13.64
CA SER E 59 -2.11 11.44 -14.82
C SER E 59 -1.96 12.33 -16.08
N ASP E 60 -1.74 13.63 -15.90
CA ASP E 60 -1.50 14.53 -17.04
C ASP E 60 -0.10 14.36 -17.58
N LEU E 61 0.87 14.44 -16.67
CA LEU E 61 2.28 14.35 -17.03
C LEU E 61 2.58 12.98 -17.68
N THR E 62 1.85 11.96 -17.28
CA THR E 62 1.86 10.62 -17.92
C THR E 62 1.33 10.73 -19.35
N LEU E 63 0.29 11.52 -19.57
CA LEU E 63 -0.25 11.64 -20.92
C LEU E 63 0.74 12.39 -21.82
N LEU E 64 1.38 13.41 -21.27
CA LEU E 64 2.27 14.25 -22.04
C LEU E 64 3.58 13.53 -22.45
N ALA E 65 4.23 12.84 -21.51
CA ALA E 65 5.41 12.01 -21.89
C ALA E 65 4.94 10.98 -22.91
N SER E 66 3.78 10.37 -22.63
CA SER E 66 3.13 9.47 -23.56
C SER E 66 3.09 10.14 -24.94
N LEU E 67 3.01 11.45 -24.97
CA LEU E 67 2.80 12.23 -26.20
C LEU E 67 4.08 12.96 -26.65
N GLY E 68 5.23 12.48 -26.18
CA GLY E 68 6.52 12.94 -26.67
C GLY E 68 7.27 13.98 -25.85
N HIS E 69 6.59 14.69 -24.96
CA HIS E 69 7.20 15.84 -24.27
C HIS E 69 8.38 15.45 -23.41
N ASN E 70 9.42 16.26 -23.44
CA ASN E 70 10.60 16.07 -22.62
C ASN E 70 10.71 17.17 -21.57
N SER E 71 9.81 18.15 -21.69
CA SER E 71 9.77 19.25 -20.73
C SER E 71 8.34 19.78 -20.50
N TYR E 72 8.21 20.61 -19.47
CA TYR E 72 6.93 21.07 -19.00
C TYR E 72 7.19 22.24 -18.06
N ARG E 73 6.39 23.28 -18.25
CA ARG E 73 6.55 24.46 -17.50
C ARG E 73 5.17 24.85 -17.00
N THR E 74 5.14 25.33 -15.78
CA THR E 74 3.93 25.64 -15.05
C THR E 74 4.46 26.65 -14.06
N SER E 75 3.65 27.12 -13.12
CA SER E 75 4.19 28.10 -12.15
C SER E 75 3.90 27.60 -10.74
N ILE E 76 4.60 28.16 -9.75
CA ILE E 76 4.33 27.87 -8.38
C ILE E 76 3.56 29.06 -7.84
N GLN E 77 2.44 28.83 -7.18
CA GLN E 77 1.71 29.97 -6.62
C GLN E 77 2.19 30.49 -5.26
N TRP E 78 2.65 31.72 -5.24
CA TRP E 78 2.91 32.47 -3.99
C TRP E 78 1.78 32.30 -2.99
N THR E 79 0.56 32.26 -3.52
CA THR E 79 -0.62 32.24 -2.70
C THR E 79 -0.94 30.84 -2.22
N ARG E 80 -0.28 29.82 -2.80
CA ARG E 80 -0.46 28.40 -2.36
C ARG E 80 0.64 27.88 -1.41
N LEU E 81 1.83 28.45 -1.53
CA LEU E 81 2.99 27.83 -0.91
C LEU E 81 3.28 28.51 0.38
N ILE E 82 3.15 29.83 0.39
CA ILE E 82 3.50 30.56 1.57
C ILE E 82 2.34 30.62 2.57
N ASP E 83 2.63 30.34 3.85
CA ASP E 83 1.65 30.52 4.94
C ASP E 83 1.57 31.99 5.35
N ASP E 84 2.61 32.48 6.01
CA ASP E 84 2.65 33.89 6.36
C ASP E 84 3.58 34.56 5.40
N PHE E 85 3.02 35.55 4.71
CA PHE E 85 3.76 36.31 3.73
C PHE E 85 4.91 37.11 4.32
N GLU E 86 4.77 37.54 5.57
CA GLU E 86 5.78 38.43 6.14
C GLU E 86 7.07 37.69 6.58
N GLN E 87 6.89 36.47 7.10
CA GLN E 87 7.96 35.54 7.46
C GLN E 87 8.38 34.71 6.26
N ALA E 88 7.46 34.61 5.30
CA ALA E 88 7.55 33.64 4.22
C ALA E 88 7.61 32.24 4.80
N THR E 89 6.66 31.92 5.68
CA THR E 89 6.58 30.55 6.23
C THR E 89 5.98 29.63 5.21
N ILE E 90 6.11 28.32 5.40
CA ILE E 90 5.63 27.31 4.44
C ILE E 90 4.29 26.65 4.81
N ASN E 91 3.36 26.62 3.85
CA ASN E 91 2.17 25.79 3.94
C ASN E 91 2.46 24.36 3.52
N PRO E 92 2.40 23.42 4.46
CA PRO E 92 2.81 22.04 4.14
C PRO E 92 1.97 21.36 3.07
N ASP E 93 0.70 21.70 2.98
CA ASP E 93 -0.12 21.08 1.94
C ASP E 93 0.26 21.49 0.55
N GLY E 94 0.51 22.79 0.41
CA GLY E 94 1.13 23.41 -0.74
C GLY E 94 2.43 22.73 -1.12
N LEU E 95 3.41 22.73 -0.18
CA LEU E 95 4.69 22.03 -0.38
C LEU E 95 4.46 20.64 -0.94
N ALA E 96 3.53 19.93 -0.32
CA ALA E 96 3.26 18.56 -0.80
C ALA E 96 2.86 18.59 -2.26
N TYR E 97 2.00 19.55 -2.61
CA TYR E 97 1.41 19.60 -3.93
C TYR E 97 2.48 19.79 -5.00
N TYR E 98 3.27 20.84 -4.84
CA TYR E 98 4.37 21.07 -5.78
C TYR E 98 5.34 19.89 -5.90
N ASN E 99 5.64 19.24 -4.78
CA ASN E 99 6.54 18.12 -4.79
C ASN E 99 5.94 16.99 -5.62
N ARG E 100 4.62 16.82 -5.57
CA ARG E 100 3.97 15.83 -6.46
C ARG E 100 4.26 16.18 -7.91
N VAL E 101 4.24 17.50 -8.18
CA VAL E 101 4.34 18.01 -9.54
C VAL E 101 5.73 17.74 -10.15
N ILE E 102 6.73 18.15 -9.40
CA ILE E 102 8.09 17.99 -9.77
C ILE E 102 8.50 16.54 -9.91
N ASP E 103 8.13 15.74 -8.92
CA ASP E 103 8.45 14.29 -8.88
C ASP E 103 7.75 13.55 -10.01
N ALA E 104 6.51 13.96 -10.31
CA ALA E 104 5.75 13.28 -11.40
C ALA E 104 6.37 13.56 -12.75
N CYS E 105 7.07 14.70 -12.85
CA CYS E 105 7.75 15.11 -14.08
C CYS E 105 8.93 14.20 -14.30
N LEU E 106 9.84 14.23 -13.31
CA LEU E 106 10.99 13.38 -13.26
C LEU E 106 10.59 11.93 -13.42
N ALA E 107 9.58 11.49 -12.69
CA ALA E 107 9.13 10.11 -12.82
C ALA E 107 8.80 9.75 -14.25
N ASN E 108 8.45 10.77 -15.05
CA ASN E 108 7.98 10.53 -16.41
C ASN E 108 9.04 10.89 -17.48
N GLY E 109 10.23 11.27 -17.01
CA GLY E 109 11.32 11.65 -17.90
C GLY E 109 11.07 12.98 -18.60
N ILE E 110 10.44 13.92 -17.88
CA ILE E 110 10.12 15.27 -18.33
C ILE E 110 10.84 16.29 -17.46
N ARG E 111 11.57 17.20 -18.06
CA ARG E 111 12.26 18.26 -17.28
C ARG E 111 11.23 19.26 -16.67
N PRO E 112 11.21 19.41 -15.33
CA PRO E 112 10.26 20.39 -14.82
C PRO E 112 10.84 21.78 -15.06
N VAL E 113 10.07 22.67 -15.70
CA VAL E 113 10.48 24.05 -15.90
C VAL E 113 9.54 24.92 -15.07
N ILE E 114 10.10 25.87 -14.33
CA ILE E 114 9.33 26.45 -13.24
C ILE E 114 9.44 27.96 -13.10
N ASN E 115 8.28 28.60 -13.26
CA ASN E 115 8.11 30.04 -13.19
C ASN E 115 7.57 30.37 -11.81
N LEU E 116 7.95 31.53 -11.32
CA LEU E 116 7.63 31.91 -9.97
C LEU E 116 6.47 32.89 -9.82
N HIS E 117 6.10 33.56 -10.91
CA HIS E 117 5.08 34.63 -10.87
C HIS E 117 4.36 34.65 -12.16
N HIS E 118 3.06 34.32 -12.13
CA HIS E 118 2.20 34.36 -13.32
C HIS E 118 0.92 35.12 -12.97
N PHE E 119 0.99 36.46 -13.03
CA PHE E 119 -0.17 37.35 -12.87
C PHE E 119 -0.90 37.12 -11.55
N ASP E 120 -0.25 36.46 -10.60
CA ASP E 120 -0.93 35.92 -9.43
C ASP E 120 -0.45 36.47 -8.08
N LEU E 121 -0.16 37.78 -8.03
CA LEU E 121 0.15 38.46 -6.75
C LEU E 121 -0.93 38.13 -5.72
N PRO E 122 -0.55 38.04 -4.43
CA PRO E 122 -1.68 37.77 -3.53
C PRO E 122 -2.43 39.06 -3.26
N ILE E 123 -3.74 38.97 -3.16
CA ILE E 123 -4.56 40.17 -2.93
C ILE E 123 -4.18 40.93 -1.63
N ALA E 124 -3.88 40.21 -0.55
CA ALA E 124 -3.46 40.87 0.69
C ALA E 124 -2.33 41.88 0.44
N LEU E 125 -1.30 41.43 -0.26
CA LEU E 125 -0.14 42.26 -0.55
C LEU E 125 -0.47 43.45 -1.43
N TYR E 126 -1.52 43.34 -2.25
CA TYR E 126 -1.99 44.54 -2.94
C TYR E 126 -2.67 45.43 -1.93
N GLN E 127 -3.59 44.83 -1.17
CA GLN E 127 -4.41 45.55 -0.22
C GLN E 127 -3.63 46.29 0.85
N ALA E 128 -2.64 45.64 1.42
CA ALA E 128 -1.80 46.25 2.44
C ALA E 128 -0.91 47.32 1.80
N TYR E 129 -0.20 46.96 0.73
CA TYR E 129 0.94 47.74 0.27
C TYR E 129 0.91 48.34 -1.15
N GLY E 130 -0.12 48.04 -1.93
CA GLY E 130 -0.14 48.42 -3.33
C GLY E 130 0.64 47.47 -4.23
N GLY E 131 0.66 46.19 -3.86
CA GLY E 131 1.22 45.14 -4.70
C GLY E 131 2.63 45.43 -5.14
N TRP E 132 2.84 45.42 -6.45
CA TRP E 132 4.17 45.65 -6.98
C TRP E 132 4.56 47.11 -6.94
N GLU E 133 3.68 48.00 -6.47
CA GLU E 133 4.12 49.39 -6.21
C GLU E 133 5.16 49.52 -5.07
N SER E 134 5.34 48.44 -4.29
CA SER E 134 6.09 48.43 -3.05
C SER E 134 7.37 47.60 -3.08
N LYS E 135 8.50 48.24 -2.76
CA LYS E 135 9.84 47.59 -2.78
C LYS E 135 10.01 46.67 -1.59
N HIS E 136 9.11 46.82 -0.64
CA HIS E 136 8.95 45.88 0.46
C HIS E 136 8.43 44.58 -0.09
N VAL E 137 7.28 44.63 -0.78
CA VAL E 137 6.61 43.46 -1.43
C VAL E 137 7.59 42.63 -2.26
N VAL E 138 8.42 43.35 -3.01
CA VAL E 138 9.55 42.78 -3.72
C VAL E 138 10.38 41.94 -2.77
N ASP E 139 10.79 42.47 -1.61
CA ASP E 139 11.55 41.63 -0.67
C ASP E 139 10.78 40.38 -0.28
N LEU E 140 9.46 40.50 -0.07
CA LEU E 140 8.64 39.28 0.21
C LEU E 140 8.66 38.25 -0.92
N PHE E 141 8.72 38.76 -2.15
CA PHE E 141 8.78 37.87 -3.30
C PHE E 141 10.12 37.14 -3.33
N VAL E 142 11.18 37.92 -3.24
CA VAL E 142 12.52 37.40 -2.99
C VAL E 142 12.47 36.32 -1.93
N ALA E 143 11.79 36.61 -0.82
CA ALA E 143 11.73 35.61 0.28
C ALA E 143 11.01 34.32 -0.13
N PHE E 144 9.94 34.49 -0.90
CA PHE E 144 9.17 33.35 -1.39
C PHE E 144 10.00 32.56 -2.41
N SER E 145 10.85 33.26 -3.15
CA SER E 145 11.63 32.59 -4.19
C SER E 145 12.65 31.70 -3.50
N LYS E 146 13.27 32.29 -2.46
CA LYS E 146 14.29 31.65 -1.62
C LYS E 146 13.77 30.29 -1.11
N VAL E 147 12.51 30.26 -0.66
CA VAL E 147 11.94 29.00 -0.17
C VAL E 147 11.90 28.00 -1.30
N CYS E 148 11.30 28.40 -2.42
CA CYS E 148 11.17 27.55 -3.61
C CYS E 148 12.47 26.84 -3.96
N PHE E 149 13.55 27.64 -4.02
CA PHE E 149 14.89 27.12 -4.31
C PHE E 149 15.27 26.06 -3.25
N GLU E 150 15.12 26.44 -1.98
CA GLU E 150 15.53 25.55 -0.89
C GLU E 150 14.78 24.23 -0.98
N GLN E 151 13.48 24.31 -1.22
CA GLN E 151 12.65 23.14 -1.25
C GLN E 151 12.73 22.36 -2.55
N PHE E 152 13.08 23.00 -3.66
CA PHE E 152 12.91 22.31 -4.95
C PHE E 152 14.16 22.26 -5.81
N GLY E 153 15.14 23.09 -5.43
CA GLY E 153 16.45 23.24 -6.12
C GLY E 153 17.36 22.02 -6.23
N ASP E 154 16.90 20.90 -5.67
CA ASP E 154 17.57 19.61 -5.78
C ASP E 154 17.09 18.90 -7.03
N ARG E 155 15.84 19.14 -7.42
CA ARG E 155 15.25 18.43 -8.55
C ARG E 155 14.93 19.30 -9.77
N VAL E 156 14.69 20.58 -9.52
CA VAL E 156 14.31 21.52 -10.55
C VAL E 156 15.55 22.34 -10.82
N LYS E 157 15.94 22.34 -12.09
CA LYS E 157 17.19 22.94 -12.55
C LYS E 157 16.95 24.18 -13.42
N ASP E 158 15.69 24.46 -13.70
CA ASP E 158 15.29 25.48 -14.67
C ASP E 158 14.32 26.51 -14.13
N TRP E 159 14.80 27.72 -13.86
CA TRP E 159 13.98 28.69 -13.13
C TRP E 159 13.66 29.95 -13.89
N PHE E 160 12.39 30.34 -13.91
CA PHE E 160 12.07 31.70 -14.36
C PHE E 160 11.35 32.54 -13.30
N VAL E 161 11.69 33.80 -13.29
CA VAL E 161 11.24 34.68 -12.24
C VAL E 161 9.84 35.18 -12.48
N HIS E 162 9.56 35.48 -13.76
CA HIS E 162 8.30 36.11 -14.20
C HIS E 162 7.80 35.56 -15.49
N ASN E 163 6.49 35.60 -15.64
CA ASN E 163 5.94 35.48 -16.97
C ASN E 163 5.51 36.85 -17.43
N GLU E 164 6.15 37.35 -18.48
CA GLU E 164 5.89 38.65 -19.10
C GLU E 164 5.56 39.75 -18.09
N PRO E 165 6.57 40.25 -17.37
CA PRO E 165 6.30 41.41 -16.52
C PRO E 165 5.44 42.46 -17.19
N MET E 166 5.78 42.84 -18.41
CA MET E 166 5.14 44.01 -19.01
C MET E 166 3.61 43.84 -19.07
N VAL E 167 3.14 42.59 -19.18
CA VAL E 167 1.72 42.30 -19.20
C VAL E 167 1.08 42.64 -17.84
N VAL E 168 1.83 42.51 -16.75
CA VAL E 168 1.36 42.88 -15.40
C VAL E 168 1.27 44.39 -15.20
N VAL E 169 2.28 45.10 -15.74
CA VAL E 169 2.33 46.57 -15.77
C VAL E 169 1.11 47.07 -16.52
N GLU E 170 1.06 46.74 -17.81
CA GLU E 170 -0.07 47.07 -18.72
C GLU E 170 -1.39 46.70 -18.09
N GLY E 171 -1.44 45.45 -17.60
CA GLY E 171 -2.69 44.85 -17.14
C GLY E 171 -3.31 45.63 -16.00
N SER E 172 -2.49 45.92 -15.02
CA SER E 172 -3.03 46.46 -13.78
C SER E 172 -3.04 47.96 -13.74
N TYR E 173 -2.17 48.60 -14.53
CA TYR E 173 -2.01 50.03 -14.34
C TYR E 173 -2.14 50.87 -15.58
N LEU E 174 -2.57 50.25 -16.68
CA LEU E 174 -2.67 50.99 -17.94
C LEU E 174 -3.91 50.66 -18.73
N MET E 175 -4.10 49.36 -19.02
CA MET E 175 -5.22 48.94 -19.90
C MET E 175 -6.30 48.11 -19.24
N GLN E 176 -6.29 47.95 -17.92
CA GLN E 176 -7.52 47.52 -17.24
C GLN E 176 -7.95 46.09 -17.56
N PHE E 177 -6.99 45.15 -17.65
CA PHE E 177 -7.39 43.72 -17.81
C PHE E 177 -6.90 42.76 -16.71
N HIS E 178 -6.05 43.27 -15.79
CA HIS E 178 -5.73 42.61 -14.49
C HIS E 178 -6.21 43.51 -13.40
N TYR E 179 -6.60 42.93 -12.25
CA TYR E 179 -6.97 43.72 -11.08
C TYR E 179 -5.78 44.55 -10.65
N PRO E 180 -6.01 45.80 -10.20
CA PRO E 180 -7.27 46.52 -9.96
C PRO E 180 -7.74 47.31 -11.16
N ALA E 181 -7.01 47.17 -12.26
CA ALA E 181 -7.48 47.74 -13.50
C ALA E 181 -7.66 49.25 -13.34
N ILE E 182 -6.64 49.91 -12.79
CA ILE E 182 -6.59 51.36 -12.79
C ILE E 182 -5.77 51.89 -13.98
N VAL E 183 -6.06 53.12 -14.39
CA VAL E 183 -5.26 53.88 -15.31
C VAL E 183 -4.41 54.90 -14.52
N ASP E 184 -3.11 54.65 -14.45
CA ASP E 184 -2.17 55.50 -13.73
C ASP E 184 -0.73 55.24 -14.17
N GLY E 185 -0.25 56.11 -15.04
CA GLY E 185 1.11 56.07 -15.56
C GLY E 185 2.25 56.00 -14.55
N LYS E 186 2.27 56.94 -13.60
CA LYS E 186 3.37 57.02 -12.61
C LYS E 186 3.66 55.64 -11.96
N LYS E 187 2.58 54.95 -11.56
CA LYS E 187 2.62 53.63 -10.93
C LYS E 187 3.06 52.58 -11.92
N ALA E 188 2.57 52.67 -13.14
CA ALA E 188 2.86 51.69 -14.16
C ALA E 188 4.37 51.63 -14.35
N VAL E 189 5.00 52.79 -14.33
CA VAL E 189 6.45 52.88 -14.48
C VAL E 189 7.20 52.45 -13.24
N GLN E 190 6.69 52.78 -12.07
CA GLN E 190 7.36 52.31 -10.85
C GLN E 190 7.28 50.78 -10.81
N VAL E 191 6.09 50.26 -11.11
CA VAL E 191 5.85 48.82 -11.07
C VAL E 191 6.77 48.07 -12.04
N ALA E 192 7.02 48.67 -13.20
CA ALA E 192 7.90 48.08 -14.18
C ALA E 192 9.31 48.05 -13.60
N TYR E 193 9.74 49.20 -13.08
CA TYR E 193 11.02 49.26 -12.33
C TYR E 193 11.12 48.17 -11.26
N ASN E 194 10.04 47.96 -10.49
CA ASN E 194 10.09 47.05 -9.35
C ASN E 194 10.23 45.59 -9.79
N LEU E 195 9.55 45.29 -10.88
CA LEU E 195 9.60 43.96 -11.43
C LEU E 195 10.97 43.59 -11.99
N ALA E 196 11.69 44.59 -12.49
CA ALA E 196 13.02 44.32 -13.07
C ALA E 196 14.04 44.05 -11.95
N LEU E 197 13.96 44.87 -10.90
CA LEU E 197 14.72 44.72 -9.67
C LEU E 197 14.49 43.36 -9.03
N ALA E 198 13.22 42.95 -8.98
CA ALA E 198 12.81 41.69 -8.36
C ALA E 198 13.41 40.54 -9.09
N THR E 199 13.65 40.76 -10.36
CA THR E 199 14.26 39.75 -11.20
C THR E 199 15.73 39.67 -10.76
N ALA E 200 16.34 40.83 -10.61
CA ALA E 200 17.73 40.87 -10.19
C ALA E 200 17.85 40.21 -8.82
N LYS E 201 16.99 40.64 -7.89
CA LYS E 201 17.05 40.20 -6.52
C LYS E 201 16.79 38.73 -6.48
N VAL E 202 15.92 38.22 -7.34
CA VAL E 202 15.68 36.79 -7.27
C VAL E 202 16.85 36.01 -7.85
N ILE E 203 17.48 36.59 -8.88
CA ILE E 203 18.65 35.97 -9.45
C ILE E 203 19.77 35.91 -8.41
N GLN E 204 20.08 37.06 -7.80
CA GLN E 204 21.07 37.14 -6.71
C GLN E 204 20.85 36.05 -5.66
N ALA E 205 19.65 36.04 -5.09
CA ALA E 205 19.27 35.00 -4.13
C ALA E 205 19.39 33.55 -4.64
N TYR E 206 19.22 33.31 -5.94
CA TYR E 206 19.37 31.95 -6.43
C TYR E 206 20.80 31.58 -6.24
N ARG E 207 21.68 32.49 -6.66
CA ARG E 207 23.13 32.20 -6.86
C ARG E 207 23.93 32.05 -5.56
N ARG E 208 23.33 32.51 -4.47
CA ARG E 208 23.85 32.40 -3.12
C ARG E 208 23.45 31.10 -2.43
N GLY E 209 22.66 30.25 -3.07
CA GLY E 209 22.21 29.02 -2.42
C GLY E 209 23.29 27.96 -2.38
N PRO E 210 23.15 26.98 -1.46
CA PRO E 210 23.97 25.75 -1.50
C PRO E 210 24.12 25.24 -2.92
N ALA E 211 25.32 25.30 -3.45
CA ALA E 211 25.56 24.95 -4.82
C ALA E 211 24.76 23.72 -5.32
N GLU E 212 24.46 22.75 -4.45
CA GLU E 212 23.77 21.53 -4.94
C GLU E 212 22.28 21.80 -5.22
N LEU E 213 21.88 23.02 -4.85
CA LEU E 213 20.54 23.52 -4.94
C LEU E 213 20.42 24.70 -5.90
N SER E 214 21.56 25.22 -6.34
CA SER E 214 21.67 26.43 -7.15
C SER E 214 22.67 26.29 -8.31
N ASP E 215 22.76 25.08 -8.84
CA ASP E 215 23.71 24.80 -9.89
C ASP E 215 22.93 24.61 -11.19
N GLY E 216 21.68 25.07 -11.20
CA GLY E 216 20.86 25.05 -12.41
C GLY E 216 21.00 26.39 -13.12
N ARG E 217 19.99 26.70 -13.96
CA ARG E 217 19.86 27.98 -14.71
C ARG E 217 18.61 28.79 -14.30
N ILE E 218 18.77 30.10 -14.17
CA ILE E 218 17.66 30.96 -13.91
C ILE E 218 17.53 32.13 -14.90
N GLY E 219 16.30 32.36 -15.39
CA GLY E 219 15.95 33.55 -16.20
C GLY E 219 14.59 34.21 -15.92
N THR E 220 14.10 34.95 -16.92
CA THR E 220 12.80 35.64 -16.89
C THR E 220 12.19 35.37 -18.27
N ILE E 221 10.89 35.52 -18.42
CA ILE E 221 10.24 35.25 -19.72
C ILE E 221 9.60 36.50 -20.28
N LEU E 222 10.15 36.98 -21.39
CA LEU E 222 9.82 38.31 -21.86
C LEU E 222 9.11 38.26 -23.20
N ASN E 223 9.09 39.41 -23.87
CA ASN E 223 8.54 39.54 -25.21
C ASN E 223 9.50 40.27 -26.15
N LEU E 224 9.70 39.74 -27.34
CA LEU E 224 10.52 40.47 -28.26
C LEU E 224 9.85 40.75 -29.60
N THR E 225 8.52 40.74 -29.65
CA THR E 225 7.89 40.76 -30.96
C THR E 225 8.17 42.16 -31.52
N PRO E 226 8.63 42.25 -32.78
CA PRO E 226 8.90 43.63 -33.15
C PRO E 226 7.58 44.38 -33.40
N ALA E 227 7.65 45.70 -33.25
CA ALA E 227 6.57 46.57 -33.66
C ALA E 227 6.89 47.02 -35.08
N TYR E 228 6.19 46.48 -36.05
CA TYR E 228 6.43 46.89 -37.42
C TYR E 228 5.73 48.22 -37.73
N PRO E 229 6.53 49.26 -38.08
CA PRO E 229 5.96 50.54 -38.52
C PRO E 229 5.12 50.39 -39.79
N ALA E 230 3.93 51.01 -39.78
CA ALA E 230 3.05 51.00 -40.94
C ALA E 230 3.70 51.46 -42.23
N SER E 231 4.66 52.38 -42.15
CA SER E 231 5.41 52.84 -43.34
C SER E 231 6.86 53.15 -42.98
N GLN E 232 7.61 53.60 -43.98
CA GLN E 232 9.01 53.94 -43.80
C GLN E 232 9.22 55.45 -43.46
N SER E 233 8.13 56.20 -43.37
CA SER E 233 8.17 57.60 -42.97
C SER E 233 8.93 57.77 -41.65
N GLU E 234 9.51 58.95 -41.49
CA GLU E 234 10.28 59.26 -40.30
C GLU E 234 9.42 59.10 -39.06
N ALA E 235 8.19 59.59 -39.14
CA ALA E 235 7.26 59.61 -37.98
C ALA E 235 6.69 58.23 -37.61
N ASP E 236 6.48 57.35 -38.59
CA ASP E 236 6.01 56.00 -38.26
C ASP E 236 7.18 55.26 -37.65
N MET E 237 8.35 55.47 -38.23
CA MET E 237 9.52 54.81 -37.71
C MET E 237 9.84 55.27 -36.29
N ALA E 238 9.45 56.50 -35.97
CA ALA E 238 9.71 57.02 -34.63
C ALA E 238 8.84 56.25 -33.66
N ALA E 239 7.59 56.05 -34.10
CA ALA E 239 6.57 55.42 -33.30
C ALA E 239 6.95 53.96 -33.04
N ALA E 240 7.42 53.27 -34.09
CA ALA E 240 7.77 51.86 -33.97
C ALA E 240 8.92 51.71 -32.99
N HIS E 241 9.88 52.60 -33.16
CA HIS E 241 11.02 52.71 -32.29
C HIS E 241 10.60 52.92 -30.86
N PHE E 242 9.72 53.87 -30.56
CA PHE E 242 9.38 54.02 -29.15
C PHE E 242 8.71 52.75 -28.60
N ALA E 243 7.84 52.16 -29.41
CA ALA E 243 7.05 51.02 -28.98
C ALA E 243 7.99 49.88 -28.63
N GLU E 244 9.06 49.74 -29.39
CA GLU E 244 10.06 48.76 -29.01
C GLU E 244 10.75 49.10 -27.69
N LEU E 245 11.07 50.39 -27.51
CA LEU E 245 11.78 50.84 -26.34
C LEU E 245 11.05 50.43 -25.09
N TRP E 246 9.79 50.83 -25.00
CA TRP E 246 8.93 50.48 -23.87
C TRP E 246 8.61 48.99 -23.79
N ASN E 247 8.05 48.44 -24.85
CA ASN E 247 7.44 47.10 -24.77
C ASN E 247 8.42 45.95 -24.78
N ASN E 248 9.55 46.16 -25.41
CA ASN E 248 10.53 45.12 -25.54
C ASN E 248 11.78 45.44 -24.70
N ASP E 249 12.36 46.61 -24.95
CA ASP E 249 13.76 46.84 -24.62
C ASP E 249 13.94 46.97 -23.11
N LEU E 250 12.95 47.61 -22.48
CA LEU E 250 13.00 47.85 -21.07
C LEU E 250 13.42 46.63 -20.30
N PHE E 251 12.62 45.56 -20.38
CA PHE E 251 12.90 44.38 -19.59
C PHE E 251 14.08 43.55 -20.11
N MET E 252 14.21 43.47 -21.44
CA MET E 252 15.31 42.75 -22.11
C MET E 252 16.71 43.30 -21.73
N GLU E 253 16.87 44.63 -21.86
CA GLU E 253 18.09 45.31 -21.49
C GLU E 253 18.43 45.03 -20.04
N ALA E 254 17.47 45.28 -19.14
CA ALA E 254 17.65 44.98 -17.72
C ALA E 254 18.08 43.52 -17.50
N ALA E 255 17.44 42.57 -18.17
CA ALA E 255 17.73 41.17 -17.95
C ALA E 255 19.05 40.73 -18.57
N VAL E 256 19.38 41.24 -19.75
CA VAL E 256 20.54 40.68 -20.44
C VAL E 256 21.80 41.52 -20.27
N HIS E 257 21.63 42.83 -20.23
CA HIS E 257 22.75 43.74 -20.04
C HIS E 257 22.66 44.50 -18.73
N GLY E 258 21.91 44.01 -17.76
CA GLY E 258 21.86 44.66 -16.44
C GLY E 258 21.80 46.18 -16.44
N LYS E 259 21.17 46.75 -17.46
CA LYS E 259 21.10 48.19 -17.57
C LYS E 259 19.74 48.56 -18.20
N PHE E 260 19.21 49.71 -17.82
CA PHE E 260 18.00 50.21 -18.44
C PHE E 260 18.31 51.04 -19.68
N PRO E 261 17.52 50.83 -20.76
CA PRO E 261 17.62 51.59 -22.01
C PRO E 261 17.65 53.09 -21.76
N GLU E 262 18.86 53.64 -21.77
CA GLU E 262 19.07 55.05 -21.53
C GLU E 262 18.01 55.93 -22.22
N GLU E 263 17.72 55.64 -23.49
CA GLU E 263 16.88 56.52 -24.28
C GLU E 263 15.47 56.63 -23.71
N LEU E 264 14.97 55.49 -23.20
CA LEU E 264 13.65 55.45 -22.59
C LEU E 264 13.68 56.28 -21.33
N VAL E 265 14.69 56.03 -20.48
CA VAL E 265 14.91 56.84 -19.26
C VAL E 265 14.74 58.32 -19.64
N ALA E 266 15.50 58.77 -20.64
CA ALA E 266 15.39 60.15 -21.11
C ALA E 266 13.93 60.50 -21.28
N VAL E 267 13.21 59.72 -22.06
CA VAL E 267 11.77 59.95 -22.31
C VAL E 267 10.91 59.93 -21.02
N LEU E 268 11.21 59.01 -20.11
CA LEU E 268 10.44 58.91 -18.88
C LEU E 268 10.72 60.13 -17.97
N LYS E 269 12.00 60.52 -17.89
CA LYS E 269 12.40 61.73 -17.15
C LYS E 269 11.70 62.98 -17.71
N LYS E 270 11.78 63.21 -19.02
CA LYS E 270 11.11 64.36 -19.67
C LYS E 270 9.61 64.45 -19.37
N ASP E 271 8.93 63.31 -19.39
CA ASP E 271 7.48 63.25 -19.13
C ASP E 271 7.19 63.34 -17.64
N GLY E 272 8.19 62.95 -16.84
CA GLY E 272 8.18 63.22 -15.41
C GLY E 272 7.40 62.14 -14.74
N VAL E 273 7.97 60.94 -14.80
CA VAL E 273 7.20 59.76 -14.49
C VAL E 273 8.16 58.62 -14.22
N LEU E 274 9.43 58.88 -14.56
CA LEU E 274 10.54 58.00 -14.23
C LEU E 274 10.47 57.46 -12.80
N TRP E 275 10.78 56.17 -12.63
CA TRP E 275 10.74 55.45 -11.35
C TRP E 275 11.79 55.97 -10.39
N GLN E 276 11.65 55.66 -9.10
CA GLN E 276 12.56 56.09 -8.04
C GLN E 276 13.50 54.93 -7.70
N SER E 277 14.77 55.07 -8.07
CA SER E 277 15.71 54.00 -7.89
C SER E 277 16.84 54.38 -6.91
N THR E 278 17.35 53.35 -6.21
CA THR E 278 18.55 53.43 -5.38
C THR E 278 19.73 53.11 -6.27
N PRO E 279 20.83 53.88 -6.11
CA PRO E 279 22.09 53.61 -6.79
C PRO E 279 22.54 52.15 -6.65
N GLU E 280 22.44 51.60 -5.45
CA GLU E 280 22.86 50.22 -5.20
C GLU E 280 21.92 49.23 -5.86
N GLU E 281 20.65 49.59 -6.00
CA GLU E 281 19.71 48.77 -6.75
C GLU E 281 20.21 48.56 -8.19
N LEU E 282 20.50 49.66 -8.87
CA LEU E 282 21.05 49.62 -10.22
C LEU E 282 22.34 48.82 -10.28
N ALA E 283 23.03 48.75 -9.14
CA ALA E 283 24.24 47.95 -9.04
C ALA E 283 23.91 46.43 -8.93
N LEU E 284 22.78 46.12 -8.30
CA LEU E 284 22.28 44.75 -8.12
C LEU E 284 21.83 44.11 -9.43
N ILE E 285 21.04 44.92 -10.16
CA ILE E 285 20.58 44.61 -11.50
C ILE E 285 21.78 44.37 -12.41
N ALA E 286 22.73 45.30 -12.35
CA ALA E 286 23.89 45.27 -13.24
C ALA E 286 24.74 44.00 -13.05
N GLU E 287 24.66 43.40 -11.86
CA GLU E 287 25.49 42.22 -11.58
C GLU E 287 24.70 40.92 -11.49
N ASN E 288 23.39 41.01 -11.58
CA ASN E 288 22.59 39.82 -11.76
C ASN E 288 21.78 39.77 -13.05
N ARG E 289 22.40 39.19 -14.07
CA ARG E 289 21.83 39.01 -15.36
C ARG E 289 21.42 37.54 -15.45
N VAL E 290 20.59 37.26 -16.45
CA VAL E 290 19.98 35.96 -16.65
C VAL E 290 20.96 34.98 -17.29
N ASP E 291 20.87 33.73 -16.90
CA ASP E 291 21.55 32.67 -17.58
C ASP E 291 21.04 32.51 -18.99
N TYR E 292 19.74 32.81 -19.14
CA TYR E 292 18.96 32.49 -20.33
C TYR E 292 17.56 33.08 -20.23
N LEU E 293 16.84 33.10 -21.37
CA LEU E 293 15.51 33.72 -21.50
C LEU E 293 14.48 32.75 -22.14
N GLY E 294 13.23 33.01 -21.79
CA GLY E 294 12.09 32.56 -22.56
C GLY E 294 11.49 33.79 -23.22
N LEU E 295 11.11 33.64 -24.48
CA LEU E 295 10.40 34.67 -25.20
C LEU E 295 9.09 34.09 -25.63
N ASN E 296 7.99 34.81 -25.35
CA ASN E 296 6.67 34.37 -25.88
C ASN E 296 6.21 35.06 -27.17
N PHE E 297 5.62 34.31 -28.11
CA PHE E 297 5.07 34.92 -29.31
C PHE E 297 3.68 34.39 -29.69
N TYR E 298 2.72 35.31 -29.80
CA TYR E 298 1.33 34.98 -30.24
C TYR E 298 0.82 35.63 -31.55
N HIS E 299 1.27 36.85 -31.81
CA HIS E 299 0.88 37.62 -32.98
C HIS E 299 1.83 38.78 -33.06
N PRO E 300 1.93 39.39 -34.24
CA PRO E 300 2.82 40.51 -34.35
C PRO E 300 2.18 41.78 -33.82
N LYS E 301 2.92 42.88 -33.79
CA LYS E 301 2.38 44.16 -33.34
C LYS E 301 2.70 45.21 -34.45
N ARG E 302 1.73 46.03 -34.81
CA ARG E 302 1.99 46.99 -35.90
C ARG E 302 1.59 48.32 -35.41
N VAL E 303 2.42 49.34 -35.68
CA VAL E 303 2.11 50.65 -35.13
C VAL E 303 2.30 51.76 -36.10
N LYS E 304 1.70 52.89 -35.74
CA LYS E 304 1.84 54.10 -36.52
C LYS E 304 1.99 55.30 -35.63
N ALA E 305 2.38 56.40 -36.27
CA ALA E 305 2.42 57.71 -35.65
C ALA E 305 1.02 58.07 -35.14
N PRO E 306 0.94 58.68 -33.95
CA PRO E 306 -0.37 58.97 -33.36
C PRO E 306 -1.21 59.79 -34.30
N ASP E 307 -2.47 59.42 -34.47
CA ASP E 307 -3.41 60.23 -35.25
C ASP E 307 -3.69 61.52 -34.47
N ALA E 308 -3.47 61.46 -33.16
CA ALA E 308 -3.76 62.58 -32.25
C ALA E 308 -2.66 62.79 -31.20
N ILE E 309 -2.23 64.04 -31.03
CA ILE E 309 -1.32 64.45 -29.93
C ILE E 309 -2.10 65.38 -28.99
N PRO E 310 -2.34 64.92 -27.75
CA PRO E 310 -3.23 65.66 -26.84
C PRO E 310 -2.49 66.61 -25.92
N VAL E 311 -3.15 67.70 -25.54
CA VAL E 311 -2.57 68.66 -24.60
C VAL E 311 -2.50 67.95 -23.29
N ILE E 312 -3.63 67.40 -22.92
CA ILE E 312 -3.80 66.82 -21.62
C ILE E 312 -4.15 65.35 -21.80
N SER E 313 -3.48 64.52 -21.02
CA SER E 313 -3.97 63.19 -20.75
C SER E 313 -3.98 63.10 -19.25
N PRO E 314 -5.14 62.77 -18.68
CA PRO E 314 -5.24 62.56 -17.24
C PRO E 314 -4.18 61.58 -16.69
N SER E 315 -3.56 60.78 -17.57
CA SER E 315 -2.44 59.88 -17.17
C SER E 315 -1.36 59.67 -18.26
N TRP E 316 -0.17 59.23 -17.85
CA TRP E 316 0.88 58.91 -18.80
C TRP E 316 0.70 57.51 -19.39
N SER E 317 0.71 57.42 -20.72
CA SER E 317 0.66 56.13 -21.40
C SER E 317 1.75 56.05 -22.46
N PRO E 318 2.28 54.85 -22.74
CA PRO E 318 3.24 54.85 -23.83
C PRO E 318 2.51 55.10 -25.14
N GLU E 319 1.20 54.90 -25.17
CA GLU E 319 0.44 55.08 -26.42
C GLU E 319 0.31 56.55 -26.85
N TRP E 320 1.03 57.43 -26.14
CA TRP E 320 1.15 58.83 -26.55
C TRP E 320 1.90 58.85 -27.84
N TYR E 321 2.90 57.97 -27.98
CA TYR E 321 3.85 58.00 -29.11
C TYR E 321 3.53 57.02 -30.24
N TYR E 322 2.43 56.28 -30.11
CA TYR E 322 2.02 55.35 -31.15
C TYR E 322 0.57 54.92 -31.07
N ASP E 323 0.04 54.58 -32.24
CA ASP E 323 -1.28 54.03 -32.37
C ASP E 323 -1.19 52.69 -33.06
N PRO E 324 -2.04 51.76 -32.65
CA PRO E 324 -2.17 50.49 -33.39
C PRO E 324 -2.41 50.68 -34.89
N TYR E 325 -1.93 49.74 -35.70
CA TYR E 325 -2.13 49.75 -37.16
C TYR E 325 -2.54 48.37 -37.71
N LEU E 326 -3.53 48.36 -38.60
CA LEU E 326 -4.06 47.14 -39.21
C LEU E 326 -3.58 47.10 -40.64
N MET E 327 -2.96 46.02 -41.04
CA MET E 327 -2.47 46.01 -42.38
C MET E 327 -3.49 45.36 -43.32
N PRO E 328 -3.99 46.13 -44.30
CA PRO E 328 -4.90 45.54 -45.28
C PRO E 328 -4.33 44.22 -45.76
N GLY E 329 -5.17 43.21 -45.92
CA GLY E 329 -4.71 41.94 -46.47
C GLY E 329 -4.05 40.97 -45.51
N ARG E 330 -3.97 41.31 -44.24
CA ARG E 330 -3.27 40.45 -43.30
C ARG E 330 -4.07 39.21 -42.97
N ARG E 331 -3.36 38.15 -42.63
CA ARG E 331 -4.01 36.89 -42.28
C ARG E 331 -4.42 37.02 -40.83
N MET E 332 -5.61 36.55 -40.50
CA MET E 332 -6.25 36.90 -39.24
C MET E 332 -6.90 35.69 -38.55
N ASN E 333 -6.77 35.65 -37.24
CA ASN E 333 -7.52 34.70 -36.40
C ASN E 333 -8.69 35.45 -35.86
N VAL E 334 -9.87 35.21 -36.42
CA VAL E 334 -11.05 36.01 -36.04
C VAL E 334 -11.46 35.97 -34.56
N ASP E 335 -11.52 34.77 -33.99
CA ASP E 335 -11.97 34.62 -32.59
C ASP E 335 -11.23 35.60 -31.72
N LYS E 336 -9.95 35.76 -32.03
CA LYS E 336 -9.07 36.55 -31.19
C LYS E 336 -8.88 37.99 -31.75
N GLY E 337 -9.25 38.18 -33.00
CA GLY E 337 -8.87 39.42 -33.69
C GLY E 337 -7.35 39.65 -33.80
N TRP E 338 -6.56 38.58 -33.90
CA TRP E 338 -5.12 38.76 -33.98
C TRP E 338 -4.59 38.41 -35.31
N GLU E 339 -3.62 39.19 -35.77
CA GLU E 339 -2.98 38.91 -37.03
C GLU E 339 -2.10 37.70 -36.82
N ILE E 340 -1.96 36.93 -37.88
CA ILE E 340 -1.12 35.76 -37.94
C ILE E 340 0.03 36.00 -38.94
N TYR E 341 1.26 36.02 -38.44
CA TYR E 341 2.44 36.38 -39.23
C TYR E 341 3.64 35.65 -38.63
N PRO E 342 3.80 34.36 -38.95
CA PRO E 342 4.88 33.59 -38.31
C PRO E 342 6.24 34.12 -38.70
N GLU E 343 6.35 34.83 -39.82
CA GLU E 343 7.66 35.42 -40.15
C GLU E 343 8.27 36.11 -38.93
N ALA E 344 7.43 36.66 -38.07
CA ALA E 344 7.92 37.34 -36.88
C ALA E 344 8.84 36.48 -36.00
N VAL E 345 8.66 35.16 -36.01
CA VAL E 345 9.60 34.33 -35.25
C VAL E 345 11.04 34.52 -35.78
N TYR E 346 11.23 34.44 -37.09
CA TYR E 346 12.56 34.67 -37.63
C TYR E 346 13.16 35.99 -37.15
N ASP E 347 12.37 37.06 -37.12
CA ASP E 347 12.90 38.37 -36.76
C ASP E 347 13.34 38.40 -35.29
N ILE E 348 12.55 37.79 -34.41
CA ILE E 348 12.89 37.65 -32.98
C ILE E 348 14.26 36.97 -32.79
N ALA E 349 14.40 35.84 -33.50
CA ALA E 349 15.60 35.02 -33.48
C ALA E 349 16.84 35.84 -33.85
N ILE E 350 16.72 36.59 -34.95
CA ILE E 350 17.77 37.47 -35.46
C ILE E 350 18.09 38.53 -34.46
N LYS E 351 17.06 39.01 -33.77
CA LYS E 351 17.21 40.08 -32.81
C LYS E 351 17.97 39.51 -31.64
N MET E 352 17.64 38.27 -31.31
CA MET E 352 18.42 37.51 -30.32
C MET E 352 19.90 37.41 -30.74
N ARG E 353 20.15 37.01 -31.98
CA ARG E 353 21.47 36.84 -32.50
C ARG E 353 22.33 38.08 -32.45
N ASP E 354 21.80 39.24 -32.79
CA ASP E 354 22.68 40.39 -33.02
C ASP E 354 22.69 41.44 -31.92
N HIS E 355 21.64 41.50 -31.12
CA HIS E 355 21.49 42.62 -30.15
C HIS E 355 21.44 42.15 -28.73
N TYR E 356 21.33 40.83 -28.56
CA TYR E 356 21.31 40.29 -27.21
C TYR E 356 22.40 39.24 -26.97
N ASP E 357 23.60 39.55 -27.50
CA ASP E 357 24.81 38.70 -27.43
C ASP E 357 24.54 37.20 -27.58
N ASN E 358 23.70 36.85 -28.56
CA ASN E 358 23.28 35.46 -28.75
C ASN E 358 23.13 34.52 -27.53
N ILE E 359 22.74 35.05 -26.39
CA ILE E 359 22.55 34.16 -25.24
C ILE E 359 21.48 33.09 -25.46
N PRO E 360 21.57 31.98 -24.73
CA PRO E 360 20.62 30.91 -25.05
C PRO E 360 19.19 31.41 -24.75
N TRP E 361 18.21 30.92 -25.51
CA TRP E 361 16.81 31.36 -25.35
C TRP E 361 15.89 30.34 -25.91
N PHE E 362 14.70 30.24 -25.36
CA PHE E 362 13.72 29.40 -26.04
C PHE E 362 12.40 30.11 -26.31
N LEU E 363 11.61 29.56 -27.25
CA LEU E 363 10.25 30.06 -27.50
C LEU E 363 9.33 29.38 -26.49
N SER E 364 9.12 30.07 -25.39
CA SER E 364 8.43 29.54 -24.24
C SER E 364 6.91 29.49 -24.29
N GLU E 365 6.32 30.16 -25.29
CA GLU E 365 4.88 30.09 -25.58
C GLU E 365 4.62 30.41 -27.04
N ASN E 366 3.85 29.54 -27.68
CA ASN E 366 3.38 29.78 -28.99
C ASN E 366 2.14 28.91 -29.14
N GLY E 367 1.02 29.53 -29.55
CA GLY E 367 -0.23 28.81 -29.73
C GLY E 367 -1.31 29.60 -30.47
N VAL E 368 -2.47 29.01 -30.64
CA VAL E 368 -3.54 29.60 -31.38
C VAL E 368 -4.82 29.18 -30.66
N GLY E 369 -5.69 30.15 -30.43
CA GLY E 369 -6.95 29.95 -29.65
C GLY E 369 -8.21 30.04 -30.53
N ILE E 370 -9.07 29.02 -30.45
CA ILE E 370 -10.31 29.00 -31.20
C ILE E 370 -11.47 28.54 -30.32
N SER E 371 -12.67 29.05 -30.59
CA SER E 371 -13.88 28.56 -29.90
C SER E 371 -14.56 27.47 -30.75
N GLY E 372 -15.65 26.91 -30.26
CA GLY E 372 -16.43 25.95 -31.02
C GLY E 372 -15.62 24.80 -31.59
N GLU E 373 -14.67 24.28 -30.80
CA GLU E 373 -13.84 23.17 -31.23
C GLU E 373 -14.71 21.92 -31.49
N ASP E 374 -15.82 21.86 -30.78
CA ASP E 374 -16.83 20.82 -30.94
C ASP E 374 -17.21 20.51 -32.39
N ARG E 375 -17.26 21.53 -33.24
CA ARG E 375 -17.55 21.36 -34.66
C ARG E 375 -16.48 20.61 -35.43
N TYR E 376 -15.41 20.19 -34.77
CA TYR E 376 -14.30 19.67 -35.52
C TYR E 376 -13.86 18.24 -35.20
N ARG E 377 -14.76 17.41 -34.64
CA ARG E 377 -14.37 16.03 -34.33
C ARG E 377 -14.73 14.97 -35.36
N ASP E 378 -13.83 14.03 -35.53
CA ASP E 378 -14.11 12.86 -36.34
C ASP E 378 -15.12 11.90 -35.63
N GLU E 379 -15.54 10.87 -36.38
CA GLU E 379 -16.39 9.78 -35.87
C GLU E 379 -15.95 9.31 -34.47
N THR E 380 -14.64 9.39 -34.21
CA THR E 380 -14.07 8.90 -32.95
C THR E 380 -14.27 9.85 -31.75
N GLY E 381 -14.52 11.13 -32.01
CA GLY E 381 -14.62 12.13 -30.91
C GLY E 381 -13.43 13.08 -30.84
N GLN E 382 -12.32 12.66 -31.45
CA GLN E 382 -11.11 13.46 -31.52
C GLN E 382 -11.28 14.75 -32.33
N ILE E 383 -10.87 15.88 -31.75
CA ILE E 383 -10.90 17.18 -32.42
C ILE E 383 -9.83 17.23 -33.50
N GLN E 384 -10.30 17.49 -34.72
CA GLN E 384 -9.44 17.50 -35.87
C GLN E 384 -8.93 18.90 -36.18
N ASP E 385 -8.08 19.42 -35.29
CA ASP E 385 -7.62 20.80 -35.32
C ASP E 385 -6.43 21.09 -36.29
N ASP E 386 -6.70 20.93 -37.59
CA ASP E 386 -5.72 21.15 -38.65
C ASP E 386 -5.13 22.56 -38.62
N TYR E 387 -6.02 23.54 -38.38
CA TYR E 387 -5.64 24.93 -38.15
C TYR E 387 -4.55 25.01 -37.08
N ARG E 388 -4.66 24.22 -36.01
CA ARG E 388 -3.64 24.29 -34.96
C ARG E 388 -2.29 23.78 -35.44
N ILE E 389 -2.28 22.59 -36.00
CA ILE E 389 -1.09 22.02 -36.63
C ILE E 389 -0.47 23.02 -37.64
N GLN E 390 -1.28 23.45 -38.60
CA GLN E 390 -0.83 24.36 -39.63
C GLN E 390 -0.18 25.55 -38.95
N PHE E 391 -0.86 26.11 -37.97
CA PHE E 391 -0.34 27.29 -37.28
C PHE E 391 1.00 27.04 -36.59
N LEU E 392 1.16 25.89 -35.92
CA LEU E 392 2.40 25.70 -35.13
C LEU E 392 3.55 25.26 -36.02
N LYS E 393 3.22 24.54 -37.09
CA LYS E 393 4.17 24.18 -38.11
C LYS E 393 4.87 25.41 -38.72
N GLU E 394 4.07 26.36 -39.20
CA GLU E 394 4.64 27.55 -39.84
C GLU E 394 5.50 28.32 -38.87
N HIS E 395 5.14 28.38 -37.61
CA HIS E 395 5.98 29.15 -36.68
C HIS E 395 7.28 28.48 -36.36
N LEU E 396 7.21 27.15 -36.22
CA LEU E 396 8.35 26.32 -35.92
C LEU E 396 9.35 26.42 -37.08
N THR E 397 8.82 26.37 -38.30
CA THR E 397 9.59 26.51 -39.55
C THR E 397 10.45 27.79 -39.61
N TYR E 398 9.83 28.91 -39.26
CA TYR E 398 10.55 30.16 -39.14
C TYR E 398 11.51 30.13 -37.98
N LEU E 399 11.18 29.37 -36.93
CA LEU E 399 12.10 29.15 -35.81
C LEU E 399 13.35 28.37 -36.28
N HIS E 400 13.09 27.39 -37.14
CA HIS E 400 14.16 26.59 -37.68
C HIS E 400 15.07 27.48 -38.42
N LYS E 401 14.56 28.16 -39.45
CA LYS E 401 15.36 29.16 -40.13
C LYS E 401 16.25 29.95 -39.13
N GLY E 402 15.68 30.39 -38.02
CA GLY E 402 16.40 31.24 -37.11
C GLY E 402 17.61 30.55 -36.59
N ILE E 403 17.44 29.28 -36.22
CA ILE E 403 18.53 28.49 -35.62
C ILE E 403 19.61 28.33 -36.73
N GLU E 404 19.19 27.81 -37.88
CA GLU E 404 20.03 27.79 -39.11
C GLU E 404 20.81 29.08 -39.38
N ALA E 405 20.21 30.23 -39.13
CA ALA E 405 20.93 31.47 -39.29
C ALA E 405 21.73 31.78 -38.03
N GLY E 406 21.91 30.76 -37.20
CA GLY E 406 22.77 30.79 -36.02
C GLY E 406 22.17 31.27 -34.71
N SER E 407 20.84 31.38 -34.64
CA SER E 407 20.24 31.84 -33.37
C SER E 407 20.33 30.76 -32.32
N ASN E 408 20.77 31.18 -31.14
CA ASN E 408 20.94 30.30 -29.98
C ASN E 408 19.64 29.85 -29.25
N CYS E 409 18.71 29.23 -29.97
CA CYS E 409 17.46 28.84 -29.40
C CYS E 409 17.54 27.38 -29.07
N PHE E 410 17.14 27.02 -27.86
CA PHE E 410 17.27 25.64 -27.38
C PHE E 410 15.95 24.93 -27.11
N GLY E 411 14.82 25.61 -27.33
CA GLY E 411 13.56 24.88 -27.27
C GLY E 411 12.33 25.61 -27.71
N TYR E 412 11.20 24.90 -27.56
CA TYR E 412 9.89 25.36 -28.04
C TYR E 412 8.75 24.77 -27.27
N HIS E 413 7.97 25.65 -26.66
CA HIS E 413 6.81 25.22 -25.86
C HIS E 413 5.54 25.67 -26.44
N VAL E 414 4.65 24.73 -26.70
CA VAL E 414 3.30 25.10 -27.09
C VAL E 414 2.47 25.66 -25.93
N TRP E 415 1.87 26.86 -26.09
CA TRP E 415 0.76 27.24 -25.22
C TRP E 415 -0.51 26.67 -25.83
N THR E 416 -1.06 25.59 -25.28
CA THR E 416 -0.75 25.02 -23.97
C THR E 416 -1.05 23.52 -24.11
N PRO E 417 -0.45 22.64 -23.27
CA PRO E 417 -0.71 21.17 -23.42
C PRO E 417 -2.19 20.82 -23.29
N ILE E 418 -2.80 21.22 -22.19
CA ILE E 418 -4.23 20.93 -21.97
C ILE E 418 -4.99 22.23 -21.86
N ASP E 419 -6.13 22.32 -22.57
CA ASP E 419 -7.06 23.48 -22.51
C ASP E 419 -7.11 24.11 -21.11
N GLY E 420 -6.88 25.42 -21.04
CA GLY E 420 -6.75 26.13 -19.78
C GLY E 420 -7.63 27.35 -19.54
N TRP E 421 -7.70 27.79 -18.30
CA TRP E 421 -8.50 28.94 -17.98
C TRP E 421 -7.79 30.19 -18.37
N SER E 422 -8.25 30.86 -19.43
CA SER E 422 -7.57 32.02 -19.98
C SER E 422 -8.03 33.41 -19.41
N TRP E 423 -8.06 33.55 -18.07
CA TRP E 423 -8.35 34.83 -17.40
C TRP E 423 -9.76 35.30 -17.64
N LEU E 424 -9.94 36.56 -18.07
CA LEU E 424 -11.29 37.07 -18.26
C LEU E 424 -11.96 36.25 -19.32
N ASN E 425 -11.18 35.80 -20.29
CA ASN E 425 -11.73 34.98 -21.32
C ASN E 425 -12.04 33.55 -20.97
N ALA E 426 -11.59 33.09 -19.80
CA ALA E 426 -11.88 31.74 -19.31
C ALA E 426 -11.71 30.72 -20.45
N TYR E 427 -12.69 29.85 -20.69
CA TYR E 427 -12.61 28.78 -21.70
C TYR E 427 -13.31 29.16 -23.02
N LYS E 428 -13.48 30.44 -23.27
CA LYS E 428 -13.99 30.92 -24.56
C LYS E 428 -13.20 30.44 -25.75
N ASN E 429 -11.88 30.52 -25.68
CA ASN E 429 -10.99 30.06 -26.74
C ASN E 429 -10.09 28.95 -26.20
N ARG E 430 -10.01 27.84 -26.93
CA ARG E 430 -9.20 26.75 -26.43
C ARG E 430 -7.86 26.81 -27.14
N TYR E 431 -6.76 26.62 -26.37
CA TYR E 431 -5.37 26.68 -26.94
C TYR E 431 -4.65 25.35 -26.95
N GLY E 432 -5.30 24.34 -26.35
CA GLY E 432 -4.66 23.08 -25.98
C GLY E 432 -4.40 22.07 -27.10
N LEU E 433 -3.30 21.30 -26.93
CA LEU E 433 -3.00 20.14 -27.75
C LEU E 433 -3.96 19.05 -27.35
N VAL E 434 -4.36 19.07 -26.08
CA VAL E 434 -5.35 18.12 -25.57
C VAL E 434 -6.58 18.85 -25.04
N GLU E 435 -7.75 18.34 -25.47
CA GLU E 435 -9.03 18.85 -25.04
C GLU E 435 -9.24 18.65 -23.56
N ASN E 436 -9.84 19.64 -22.91
CA ASN E 436 -10.42 19.47 -21.58
C ASN E 436 -11.91 19.77 -21.60
N ASN E 437 -12.69 18.81 -21.17
CA ASN E 437 -14.09 19.03 -21.01
C ASN E 437 -14.28 19.67 -19.64
N ILE E 438 -14.82 20.87 -19.56
CA ILE E 438 -14.87 21.61 -18.29
C ILE E 438 -16.06 21.18 -17.39
N HIS E 439 -16.97 20.37 -17.90
CA HIS E 439 -17.93 19.77 -16.97
C HIS E 439 -17.35 18.56 -16.24
N THR E 440 -16.76 17.61 -16.99
CA THR E 440 -16.21 16.38 -16.41
C THR E 440 -14.68 16.30 -16.27
N GLN E 441 -13.95 17.30 -16.74
CA GLN E 441 -12.50 17.35 -16.60
C GLN E 441 -11.75 16.15 -17.22
N VAL E 442 -12.39 15.48 -18.20
CA VAL E 442 -11.79 14.40 -18.94
C VAL E 442 -10.98 15.04 -20.05
N ARG E 443 -9.69 14.71 -20.09
CA ARG E 443 -8.82 15.22 -21.14
C ARG E 443 -8.92 14.26 -22.33
N ARG E 444 -8.89 14.79 -23.56
CA ARG E 444 -8.92 13.95 -24.77
C ARG E 444 -8.03 14.56 -25.86
N PRO E 445 -6.91 13.92 -26.17
CA PRO E 445 -5.99 14.48 -27.19
C PRO E 445 -6.67 14.80 -28.53
N LYS E 446 -6.27 15.92 -29.15
CA LYS E 446 -6.77 16.36 -30.46
C LYS E 446 -5.68 16.02 -31.48
N ALA E 447 -5.98 16.12 -32.77
CA ALA E 447 -4.94 15.83 -33.78
C ALA E 447 -3.61 16.55 -33.48
N SER E 448 -3.67 17.84 -33.18
CA SER E 448 -2.45 18.59 -32.95
C SER E 448 -1.48 17.82 -32.06
N ALA E 449 -2.03 17.18 -31.02
CA ALA E 449 -1.30 16.35 -30.07
C ALA E 449 -0.39 15.27 -30.71
N TYR E 450 -0.99 14.49 -31.60
CA TYR E 450 -0.31 13.37 -32.29
C TYR E 450 0.64 13.86 -33.35
N TRP E 451 0.29 14.99 -33.97
CA TRP E 451 1.22 15.68 -34.83
C TRP E 451 2.43 16.12 -34.03
N PHE E 452 2.20 16.73 -32.88
CA PHE E 452 3.30 17.25 -32.10
C PHE E 452 4.13 16.13 -31.48
N LYS E 453 3.53 14.96 -31.30
CA LYS E 453 4.26 13.78 -30.86
C LYS E 453 5.34 13.40 -31.89
N LYS E 454 4.93 13.12 -33.12
CA LYS E 454 5.88 12.85 -34.20
C LYS E 454 7.08 13.83 -34.22
N VAL E 455 6.79 15.12 -34.32
CA VAL E 455 7.82 16.14 -34.34
C VAL E 455 8.85 15.90 -33.24
N ALA E 456 8.37 15.78 -32.00
CA ALA E 456 9.19 15.74 -30.79
C ALA E 456 9.98 14.43 -30.61
N THR E 457 9.37 13.33 -31.01
CA THR E 457 9.97 12.01 -30.94
C THR E 457 11.20 11.95 -31.85
N HIS E 458 11.08 12.55 -33.04
CA HIS E 458 12.15 12.54 -34.04
C HIS E 458 13.07 13.76 -34.07
N ASN E 459 12.78 14.76 -33.24
CA ASN E 459 13.51 16.04 -33.24
C ASN E 459 13.61 16.77 -34.63
N ARG E 460 12.54 16.72 -35.41
CA ARG E 460 12.55 17.25 -36.79
C ARG E 460 11.13 17.60 -37.36
N LEU E 461 11.07 18.39 -38.43
CA LEU E 461 9.75 18.71 -39.03
C LEU E 461 9.30 17.77 -40.16
N LEU F 1 -33.54 13.61 28.76
CA LEU F 1 -34.21 13.49 27.40
C LEU F 1 -33.52 12.57 26.34
N ALA F 2 -33.85 11.27 26.41
CA ALA F 2 -33.07 10.19 25.77
C ALA F 2 -33.80 9.38 24.71
N PHE F 3 -33.06 9.03 23.66
CA PHE F 3 -33.63 8.35 22.47
C PHE F 3 -33.34 6.87 22.50
N PRO F 4 -34.02 6.11 21.65
CA PRO F 4 -33.74 4.66 21.71
C PRO F 4 -32.23 4.27 21.56
N LYS F 5 -31.88 3.05 21.98
CA LYS F 5 -30.53 2.49 21.73
C LYS F 5 -30.42 2.18 20.22
N GLU F 6 -29.22 2.37 19.67
CA GLU F 6 -28.97 2.24 18.20
C GLU F 6 -29.66 3.31 17.30
N PHE F 7 -29.72 4.54 17.79
CA PHE F 7 -30.41 5.65 17.07
C PHE F 7 -29.46 6.21 15.97
N TRP F 8 -29.94 6.36 14.75
CA TRP F 8 -29.16 7.08 13.71
C TRP F 8 -28.97 8.54 14.10
N TRP F 9 -27.82 9.05 13.73
CA TRP F 9 -27.38 10.40 13.99
C TRP F 9 -26.46 10.66 12.81
N GLY F 10 -26.65 11.80 12.14
CA GLY F 10 -25.87 12.16 10.96
C GLY F 10 -26.72 13.01 10.03
N GLY F 11 -26.35 13.05 8.75
CA GLY F 11 -27.07 13.86 7.76
C GLY F 11 -27.29 13.25 6.39
N ALA F 12 -28.25 13.81 5.65
CA ALA F 12 -28.51 13.35 4.30
C ALA F 12 -27.96 14.31 3.23
N THR F 13 -27.80 13.78 2.04
CA THR F 13 -27.24 14.52 0.95
C THR F 13 -27.54 13.77 -0.32
N SER F 14 -26.94 14.17 -1.42
CA SER F 14 -27.16 13.40 -2.63
C SER F 14 -25.96 13.51 -3.55
N GLY F 15 -25.99 12.72 -4.61
CA GLY F 15 -24.85 12.64 -5.47
C GLY F 15 -24.77 13.88 -6.33
N PRO F 16 -25.92 14.22 -7.01
CA PRO F 16 -25.98 15.41 -7.87
C PRO F 16 -25.72 16.73 -7.11
N GLN F 17 -25.75 16.72 -5.79
CA GLN F 17 -25.60 17.92 -4.99
C GLN F 17 -24.25 18.03 -4.28
N SER F 18 -23.55 16.90 -4.17
CA SER F 18 -22.24 16.82 -3.42
C SER F 18 -21.05 16.54 -4.32
N GLU F 19 -21.26 15.74 -5.36
CA GLU F 19 -20.13 15.08 -6.03
C GLU F 19 -19.25 16.00 -6.92
N GLY F 20 -19.94 16.60 -7.90
CA GLY F 20 -19.31 17.34 -8.95
C GLY F 20 -19.63 16.50 -10.16
N ARG F 21 -19.20 16.96 -11.31
CA ARG F 21 -19.44 16.25 -12.53
C ARG F 21 -18.15 15.57 -12.97
N PHE F 22 -17.10 15.71 -12.17
CA PHE F 22 -15.85 15.04 -12.44
C PHE F 22 -16.09 13.62 -12.88
N ALA F 23 -15.42 13.23 -13.96
CA ALA F 23 -15.48 11.87 -14.56
C ALA F 23 -16.85 11.29 -14.87
N LYS F 24 -17.90 11.98 -14.43
CA LYS F 24 -19.27 11.55 -14.69
C LYS F 24 -19.57 11.47 -16.16
N GLN F 25 -19.78 10.26 -16.66
CA GLN F 25 -20.14 10.04 -18.07
C GLN F 25 -21.27 10.90 -18.66
N HIS F 26 -22.47 10.86 -18.08
CA HIS F 26 -23.68 11.47 -18.70
C HIS F 26 -24.20 12.73 -18.00
N ARG F 27 -25.13 13.42 -18.68
CA ARG F 27 -25.88 14.51 -18.01
C ARG F 27 -27.24 14.13 -17.38
N ASN F 28 -27.47 14.55 -16.13
CA ASN F 28 -28.85 14.45 -15.56
C ASN F 28 -29.70 15.68 -16.00
N LEU F 29 -30.96 15.77 -15.57
CA LEU F 29 -31.77 16.97 -15.93
C LEU F 29 -31.16 18.32 -15.54
N PHE F 30 -30.53 18.36 -14.37
CA PHE F 30 -30.03 19.60 -13.81
C PHE F 30 -28.70 19.98 -14.47
N ASP F 31 -27.92 18.97 -14.88
CA ASP F 31 -26.63 19.22 -15.54
C ASP F 31 -26.97 19.86 -16.88
N TYR F 32 -28.02 19.32 -17.49
CA TYR F 32 -28.40 19.75 -18.82
C TYR F 32 -28.96 21.16 -18.73
N TRP F 33 -29.79 21.40 -17.73
CA TRP F 33 -30.39 22.71 -17.47
C TRP F 33 -29.37 23.80 -17.24
N TYR F 34 -28.40 23.54 -16.37
CA TYR F 34 -27.36 24.51 -16.05
C TYR F 34 -26.57 24.82 -17.33
N GLU F 35 -26.33 23.81 -18.15
CA GLU F 35 -25.63 24.04 -19.40
C GLU F 35 -26.45 24.93 -20.37
N GLU F 36 -27.79 24.92 -20.27
CA GLU F 36 -28.68 25.65 -21.19
C GLU F 36 -29.09 27.04 -20.68
N GLU F 37 -29.57 27.11 -19.45
CA GLU F 37 -29.86 28.40 -18.85
C GLU F 37 -29.16 28.56 -17.51
N PRO F 38 -27.83 28.77 -17.58
CA PRO F 38 -27.01 28.99 -16.40
C PRO F 38 -27.52 30.08 -15.48
N ASP F 39 -28.24 31.07 -16.03
CA ASP F 39 -28.54 32.24 -15.21
C ASP F 39 -29.79 32.06 -14.40
N LEU F 40 -30.45 30.93 -14.55
CA LEU F 40 -31.54 30.61 -13.61
C LEU F 40 -31.06 30.17 -12.20
N PHE F 41 -29.73 30.02 -12.05
CA PHE F 41 -29.03 29.40 -10.91
C PHE F 41 -28.26 30.43 -10.18
N TYR F 42 -28.49 30.50 -8.88
CA TYR F 42 -27.95 31.56 -8.08
C TYR F 42 -26.46 31.67 -8.25
N ASP F 43 -26.03 32.91 -8.49
CA ASP F 43 -24.63 33.28 -8.73
C ASP F 43 -24.02 32.53 -9.88
N TYR F 44 -24.85 31.90 -10.72
CA TYR F 44 -24.33 31.16 -11.88
C TYR F 44 -23.48 29.93 -11.50
N VAL F 45 -23.56 29.52 -10.23
CA VAL F 45 -22.92 28.28 -9.82
C VAL F 45 -23.76 27.08 -10.22
N GLY F 46 -23.18 26.19 -11.03
CA GLY F 46 -23.88 24.96 -11.45
C GLY F 46 -23.33 23.74 -10.73
N PRO F 47 -23.72 22.51 -11.19
CA PRO F 47 -23.29 21.29 -10.50
C PRO F 47 -21.90 20.72 -10.89
N ASP F 48 -21.13 21.37 -11.78
CA ASP F 48 -19.82 20.84 -12.23
C ASP F 48 -18.89 20.47 -11.08
N THR F 49 -18.81 21.34 -10.09
CA THR F 49 -17.96 21.07 -8.95
C THR F 49 -18.81 20.63 -7.76
N ALA F 50 -19.93 21.30 -7.48
CA ALA F 50 -20.75 21.04 -6.27
C ALA F 50 -19.86 21.09 -5.05
N SER F 51 -20.13 20.24 -4.09
CA SER F 51 -19.30 20.20 -2.88
C SER F 51 -18.13 19.22 -2.97
N ASP F 52 -17.72 18.92 -4.21
CA ASP F 52 -16.44 18.27 -4.53
C ASP F 52 -16.22 17.02 -3.71
N ALA F 53 -17.31 16.25 -3.54
CA ALA F 53 -17.26 15.01 -2.79
C ALA F 53 -16.45 14.02 -3.58
N TYR F 54 -16.47 14.14 -4.91
CA TYR F 54 -15.66 13.24 -5.74
C TYR F 54 -14.23 13.10 -5.24
N HIS F 55 -13.61 14.19 -4.81
CA HIS F 55 -12.26 14.13 -4.26
C HIS F 55 -12.20 14.12 -2.76
N GLN F 56 -13.26 14.56 -2.08
CA GLN F 56 -13.14 14.87 -0.68
C GLN F 56 -13.90 13.89 0.19
N ILE F 57 -14.51 12.89 -0.44
CA ILE F 57 -15.42 12.01 0.30
C ILE F 57 -14.74 11.46 1.58
N GLU F 58 -13.55 10.86 1.44
CA GLU F 58 -12.80 10.28 2.55
C GLU F 58 -12.61 11.29 3.64
N SER F 59 -11.82 12.35 3.40
CA SER F 59 -11.52 13.24 4.54
C SER F 59 -12.78 13.76 5.23
N ASP F 60 -13.90 13.80 4.48
CA ASP F 60 -15.27 14.12 4.99
C ASP F 60 -15.72 13.17 6.09
N LEU F 61 -15.95 11.90 5.72
CA LEU F 61 -16.35 10.89 6.71
C LEU F 61 -15.42 10.89 7.96
N THR F 62 -14.14 11.07 7.74
CA THR F 62 -13.23 11.24 8.91
C THR F 62 -13.59 12.44 9.79
N LEU F 63 -14.01 13.54 9.15
CA LEU F 63 -14.55 14.70 9.88
C LEU F 63 -15.90 14.36 10.44
N LEU F 64 -16.76 13.70 9.65
CA LEU F 64 -18.07 13.32 10.13
C LEU F 64 -18.02 12.37 11.31
N ALA F 65 -17.22 11.31 11.20
CA ALA F 65 -17.04 10.37 12.34
C ALA F 65 -16.51 11.11 13.55
N SER F 66 -15.50 11.99 13.38
CA SER F 66 -14.99 12.81 14.55
C SER F 66 -15.98 13.88 15.08
N LEU F 67 -17.11 14.02 14.39
CA LEU F 67 -18.19 14.92 14.79
C LEU F 67 -19.37 14.13 15.41
N GLY F 68 -19.14 12.82 15.59
CA GLY F 68 -20.04 12.01 16.37
C GLY F 68 -21.12 11.36 15.54
N HIS F 69 -21.08 11.54 14.23
CA HIS F 69 -22.11 10.90 13.38
C HIS F 69 -21.88 9.47 13.27
N ASN F 70 -22.95 8.69 13.35
CA ASN F 70 -22.82 7.23 13.13
C ASN F 70 -23.46 6.71 11.84
N SER F 71 -24.17 7.56 11.12
CA SER F 71 -24.78 7.20 9.81
C SER F 71 -24.67 8.39 8.84
N TYR F 72 -25.13 8.16 7.59
CA TYR F 72 -24.88 9.05 6.42
C TYR F 72 -25.50 8.48 5.19
N ARG F 73 -26.46 9.20 4.65
CA ARG F 73 -27.22 8.80 3.47
C ARG F 73 -26.85 9.77 2.30
N THR F 74 -26.55 9.21 1.15
CA THR F 74 -26.29 10.04 -0.01
C THR F 74 -26.99 9.25 -1.06
N SER F 75 -26.63 9.51 -2.31
CA SER F 75 -27.31 8.81 -3.42
C SER F 75 -26.33 8.39 -4.52
N ILE F 76 -26.70 7.31 -5.21
CA ILE F 76 -25.88 6.76 -6.28
C ILE F 76 -26.51 7.31 -7.51
N GLN F 77 -25.69 7.93 -8.36
CA GLN F 77 -26.24 8.65 -9.50
C GLN F 77 -26.30 7.81 -10.78
N TRP F 78 -27.52 7.57 -11.24
CA TRP F 78 -27.72 6.76 -12.41
C TRP F 78 -26.67 7.10 -13.46
N THR F 79 -26.63 8.35 -13.89
CA THR F 79 -25.73 8.84 -14.94
C THR F 79 -24.23 8.76 -14.63
N ARG F 80 -23.85 8.42 -13.40
CA ARG F 80 -22.43 8.22 -13.12
C ARG F 80 -21.96 6.77 -13.18
N LEU F 81 -22.90 5.81 -13.10
CA LEU F 81 -22.54 4.38 -12.95
C LEU F 81 -22.92 3.57 -14.17
N ILE F 82 -23.98 3.96 -14.86
CA ILE F 82 -24.33 3.29 -16.07
C ILE F 82 -23.63 3.91 -17.31
N ASP F 83 -23.02 3.03 -18.11
CA ASP F 83 -22.49 3.37 -19.43
C ASP F 83 -23.66 3.39 -20.39
N ASP F 84 -24.02 2.24 -20.96
CA ASP F 84 -25.18 2.21 -21.86
C ASP F 84 -26.45 2.00 -21.03
N PHE F 85 -27.39 2.93 -21.12
CA PHE F 85 -28.61 2.92 -20.29
C PHE F 85 -29.43 1.66 -20.55
N GLU F 86 -29.38 1.17 -21.80
CA GLU F 86 -30.12 -0.02 -22.23
C GLU F 86 -29.64 -1.34 -21.59
N GLN F 87 -28.36 -1.64 -21.75
CA GLN F 87 -27.80 -2.87 -21.23
C GLN F 87 -27.23 -2.61 -19.82
N ALA F 88 -27.44 -1.40 -19.28
CA ALA F 88 -27.08 -1.11 -17.88
C ALA F 88 -25.61 -1.46 -17.52
N THR F 89 -24.67 -1.17 -18.42
CA THR F 89 -23.30 -1.62 -18.19
C THR F 89 -22.49 -0.75 -17.22
N ILE F 90 -21.67 -1.38 -16.40
CA ILE F 90 -20.83 -0.66 -15.44
C ILE F 90 -19.74 0.30 -16.01
N ASN F 91 -19.79 1.53 -15.51
CA ASN F 91 -18.78 2.47 -15.84
C ASN F 91 -17.69 2.23 -14.80
N PRO F 92 -16.53 1.80 -15.29
CA PRO F 92 -15.48 1.34 -14.41
C PRO F 92 -15.15 2.41 -13.41
N ASP F 93 -15.15 3.67 -13.85
CA ASP F 93 -14.67 4.74 -12.98
C ASP F 93 -15.68 5.08 -11.91
N GLY F 94 -16.96 4.86 -12.24
CA GLY F 94 -18.05 5.05 -11.29
C GLY F 94 -18.06 4.03 -10.16
N LEU F 95 -17.94 2.75 -10.54
CA LEU F 95 -17.82 1.66 -9.60
C LEU F 95 -16.76 2.02 -8.55
N ALA F 96 -15.53 2.29 -8.96
CA ALA F 96 -14.49 2.77 -8.03
C ALA F 96 -14.91 4.00 -7.18
N TYR F 97 -15.81 4.82 -7.71
CA TYR F 97 -16.26 5.95 -6.92
C TYR F 97 -17.07 5.45 -5.75
N TYR F 98 -18.17 4.75 -6.03
CA TYR F 98 -19.06 4.36 -4.98
C TYR F 98 -18.39 3.51 -3.88
N ASN F 99 -17.47 2.64 -4.32
CA ASN F 99 -16.61 1.92 -3.40
C ASN F 99 -15.71 2.79 -2.50
N ARG F 100 -15.11 3.85 -3.01
CA ARG F 100 -14.29 4.67 -2.10
C ARG F 100 -15.23 5.22 -1.04
N VAL F 101 -16.51 5.35 -1.46
CA VAL F 101 -17.59 5.98 -0.66
C VAL F 101 -18.15 5.02 0.39
N ILE F 102 -18.69 3.87 -0.05
CA ILE F 102 -19.05 2.83 0.90
C ILE F 102 -17.95 2.50 1.94
N ASP F 103 -16.73 2.34 1.46
CA ASP F 103 -15.61 1.90 2.25
C ASP F 103 -15.10 2.95 3.24
N ALA F 104 -15.03 4.23 2.85
CA ALA F 104 -14.59 5.29 3.82
C ALA F 104 -15.56 5.25 5.00
N CYS F 105 -16.82 4.83 4.68
CA CYS F 105 -17.89 4.81 5.66
C CYS F 105 -17.47 3.84 6.75
N LEU F 106 -17.35 2.57 6.32
CA LEU F 106 -17.00 1.42 7.17
C LEU F 106 -15.74 1.65 7.99
N ALA F 107 -14.61 1.88 7.31
CA ALA F 107 -13.32 2.36 7.89
C ALA F 107 -13.48 3.51 8.88
N ASN F 108 -14.58 4.25 8.75
CA ASN F 108 -14.80 5.38 9.63
C ASN F 108 -15.84 5.12 10.76
N GLY F 109 -16.40 3.89 10.82
CA GLY F 109 -17.41 3.55 11.84
C GLY F 109 -18.81 4.05 11.54
N ILE F 110 -19.04 4.42 10.27
CA ILE F 110 -20.29 5.07 9.82
C ILE F 110 -21.15 4.14 8.93
N ARG F 111 -22.38 3.85 9.37
CA ARG F 111 -23.33 3.12 8.55
C ARG F 111 -23.52 3.86 7.25
N PRO F 112 -23.53 3.13 6.13
CA PRO F 112 -23.97 3.85 4.92
C PRO F 112 -25.41 3.54 4.51
N VAL F 113 -26.24 4.59 4.44
CA VAL F 113 -27.61 4.54 3.88
C VAL F 113 -27.54 5.18 2.50
N ILE F 114 -28.27 4.60 1.53
CA ILE F 114 -28.10 4.97 0.15
C ILE F 114 -29.40 4.99 -0.63
N ASN F 115 -29.69 6.15 -1.25
CA ASN F 115 -30.79 6.35 -2.18
C ASN F 115 -30.35 6.26 -3.66
N LEU F 116 -31.28 5.91 -4.55
CA LEU F 116 -30.98 5.58 -5.93
C LEU F 116 -31.29 6.67 -6.92
N HIS F 117 -32.38 7.36 -6.65
CA HIS F 117 -32.88 8.43 -7.47
C HIS F 117 -33.09 9.66 -6.59
N HIS F 118 -32.75 10.82 -7.17
CA HIS F 118 -32.84 12.10 -6.48
C HIS F 118 -32.86 13.16 -7.55
N PHE F 119 -34.00 13.28 -8.21
CA PHE F 119 -34.27 14.32 -9.21
C PHE F 119 -33.26 14.28 -10.37
N ASP F 120 -32.52 13.18 -10.49
CA ASP F 120 -31.37 13.11 -11.39
C ASP F 120 -31.52 12.18 -12.59
N LEU F 121 -32.75 12.08 -13.09
CA LEU F 121 -33.03 11.33 -14.28
C LEU F 121 -32.08 11.76 -15.39
N PRO F 122 -31.51 10.79 -16.13
CA PRO F 122 -30.67 11.11 -17.29
C PRO F 122 -31.48 11.81 -18.38
N ILE F 123 -30.91 12.87 -18.97
CA ILE F 123 -31.59 13.69 -19.99
C ILE F 123 -31.78 12.96 -21.32
N ALA F 124 -30.89 11.99 -21.57
CA ALA F 124 -30.95 11.20 -22.80
C ALA F 124 -32.23 10.39 -22.74
N LEU F 125 -32.51 9.84 -21.56
CA LEU F 125 -33.79 9.13 -21.34
C LEU F 125 -34.97 10.06 -21.37
N TYR F 126 -34.79 11.32 -20.93
CA TYR F 126 -35.89 12.28 -21.15
C TYR F 126 -36.12 12.62 -22.60
N GLN F 127 -35.06 12.96 -23.33
CA GLN F 127 -35.16 13.35 -24.77
C GLN F 127 -35.66 12.19 -25.66
N ALA F 128 -35.13 11.00 -25.40
CA ALA F 128 -35.49 9.77 -26.13
C ALA F 128 -36.94 9.34 -25.92
N TYR F 129 -37.27 8.98 -24.68
CA TYR F 129 -38.56 8.38 -24.36
C TYR F 129 -39.45 9.19 -23.38
N GLY F 130 -39.04 10.42 -23.03
CA GLY F 130 -39.83 11.31 -22.11
C GLY F 130 -39.61 10.95 -20.64
N GLY F 131 -38.44 10.41 -20.32
CA GLY F 131 -38.11 10.01 -18.97
C GLY F 131 -39.26 9.25 -18.31
N TRP F 132 -39.89 9.88 -17.32
CA TRP F 132 -40.88 9.19 -16.51
C TRP F 132 -42.25 9.22 -17.11
N GLU F 133 -42.32 9.14 -18.42
CA GLU F 133 -43.61 8.78 -18.99
C GLU F 133 -43.56 7.33 -19.53
N SER F 134 -42.36 6.74 -19.50
CA SER F 134 -42.08 5.42 -20.09
C SER F 134 -41.76 4.32 -19.08
N LYS F 135 -42.45 3.19 -19.24
CA LYS F 135 -42.19 2.02 -18.40
C LYS F 135 -40.77 1.51 -18.67
N HIS F 136 -40.32 1.73 -19.91
CA HIS F 136 -38.98 1.36 -20.30
C HIS F 136 -37.98 1.95 -19.32
N VAL F 137 -38.09 3.28 -19.11
CA VAL F 137 -37.24 3.92 -18.14
C VAL F 137 -37.38 3.19 -16.79
N VAL F 138 -38.63 2.85 -16.43
CA VAL F 138 -38.85 2.16 -15.17
C VAL F 138 -37.87 0.96 -15.17
N ASP F 139 -37.85 0.23 -16.28
CA ASP F 139 -37.15 -1.06 -16.31
C ASP F 139 -35.67 -0.84 -16.17
N LEU F 140 -35.22 0.21 -16.87
CA LEU F 140 -33.82 0.60 -16.96
C LEU F 140 -33.35 1.02 -15.59
N PHE F 141 -34.28 1.72 -14.93
CA PHE F 141 -34.09 2.16 -13.55
C PHE F 141 -34.00 0.91 -12.63
N VAL F 142 -34.87 -0.06 -12.86
CA VAL F 142 -34.69 -1.38 -12.20
C VAL F 142 -33.28 -2.02 -12.39
N ALA F 143 -32.83 -2.04 -13.65
CA ALA F 143 -31.56 -2.70 -13.99
C ALA F 143 -30.33 -2.11 -13.23
N PHE F 144 -30.42 -0.79 -13.07
CA PHE F 144 -29.45 0.04 -12.36
C PHE F 144 -29.49 -0.22 -10.82
N SER F 145 -30.61 -0.74 -10.33
CA SER F 145 -30.69 -1.12 -8.91
C SER F 145 -29.97 -2.44 -8.74
N LYS F 146 -30.35 -3.40 -9.60
CA LYS F 146 -29.68 -4.68 -9.72
C LYS F 146 -28.19 -4.45 -9.61
N VAL F 147 -27.67 -3.53 -10.44
CA VAL F 147 -26.22 -3.30 -10.49
C VAL F 147 -25.68 -2.86 -9.10
N CYS F 148 -26.34 -1.85 -8.51
CA CYS F 148 -25.95 -1.27 -7.18
C CYS F 148 -25.98 -2.30 -6.06
N PHE F 149 -27.06 -3.10 -6.07
CA PHE F 149 -27.30 -4.15 -5.06
C PHE F 149 -26.15 -5.12 -5.14
N GLU F 150 -25.84 -5.49 -6.38
CA GLU F 150 -24.81 -6.47 -6.71
C GLU F 150 -23.40 -6.07 -6.29
N GLN F 151 -23.02 -4.83 -6.58
CA GLN F 151 -21.67 -4.36 -6.28
C GLN F 151 -21.55 -3.83 -4.86
N PHE F 152 -22.68 -3.43 -4.31
CA PHE F 152 -22.58 -2.72 -3.06
C PHE F 152 -23.25 -3.44 -1.89
N GLY F 153 -24.26 -4.27 -2.18
CA GLY F 153 -25.04 -4.97 -1.16
C GLY F 153 -24.26 -5.91 -0.28
N ASP F 154 -22.97 -6.03 -0.51
CA ASP F 154 -22.12 -6.76 0.42
C ASP F 154 -21.81 -5.91 1.66
N ARG F 155 -21.65 -4.58 1.48
CA ARG F 155 -21.27 -3.67 2.59
C ARG F 155 -22.43 -2.72 3.01
N VAL F 156 -23.34 -2.46 2.06
CA VAL F 156 -24.52 -1.58 2.25
C VAL F 156 -25.73 -2.49 2.44
N LYS F 157 -26.43 -2.20 3.55
CA LYS F 157 -27.56 -2.94 4.09
C LYS F 157 -28.83 -2.08 4.16
N ASP F 158 -28.65 -0.77 4.01
CA ASP F 158 -29.73 0.23 4.14
C ASP F 158 -29.98 0.98 2.81
N TRP F 159 -31.08 0.63 2.14
CA TRP F 159 -31.40 1.09 0.80
C TRP F 159 -32.67 1.89 0.75
N PHE F 160 -32.72 2.89 -0.14
CA PHE F 160 -33.95 3.61 -0.51
C PHE F 160 -34.00 3.94 -1.99
N VAL F 161 -35.20 3.83 -2.56
CA VAL F 161 -35.42 3.94 -4.02
C VAL F 161 -35.24 5.40 -4.46
N HIS F 162 -36.12 6.25 -3.93
CA HIS F 162 -36.32 7.63 -4.35
C HIS F 162 -36.18 8.56 -3.23
N ASN F 163 -35.83 9.81 -3.56
CA ASN F 163 -36.10 10.95 -2.69
C ASN F 163 -37.33 11.73 -3.17
N GLU F 164 -38.38 11.70 -2.36
CA GLU F 164 -39.64 12.43 -2.62
C GLU F 164 -40.13 12.49 -4.05
N PRO F 165 -40.66 11.40 -4.58
CA PRO F 165 -41.22 11.33 -5.92
C PRO F 165 -42.12 12.49 -6.28
N MET F 166 -42.90 12.97 -5.32
CA MET F 166 -43.89 14.00 -5.63
C MET F 166 -43.23 15.34 -6.06
N VAL F 167 -42.09 15.66 -5.47
CA VAL F 167 -41.35 16.84 -5.90
C VAL F 167 -41.00 16.74 -7.41
N VAL F 168 -40.49 15.58 -7.81
CA VAL F 168 -40.26 15.27 -9.23
C VAL F 168 -41.50 15.49 -10.11
N VAL F 169 -42.64 14.99 -9.64
CA VAL F 169 -43.93 15.21 -10.34
C VAL F 169 -44.18 16.69 -10.47
N GLU F 170 -44.22 17.38 -9.33
CA GLU F 170 -44.55 18.80 -9.25
C GLU F 170 -43.55 19.70 -9.98
N GLY F 171 -42.25 19.41 -9.79
CA GLY F 171 -41.22 20.26 -10.32
C GLY F 171 -41.23 20.17 -11.83
N SER F 172 -41.19 18.94 -12.35
CA SER F 172 -41.09 18.71 -13.79
C SER F 172 -42.38 19.08 -14.52
N TYR F 173 -43.53 18.85 -13.88
CA TYR F 173 -44.78 18.85 -14.66
C TYR F 173 -45.86 19.85 -14.23
N LEU F 174 -45.63 20.67 -13.19
CA LEU F 174 -46.67 21.61 -12.69
C LEU F 174 -46.15 22.99 -12.33
N MET F 175 -45.09 23.00 -11.53
CA MET F 175 -44.69 24.20 -10.82
C MET F 175 -43.37 24.76 -11.32
N GLN F 176 -42.83 24.17 -12.37
CA GLN F 176 -41.67 24.72 -13.08
C GLN F 176 -40.37 24.89 -12.31
N PHE F 177 -40.04 23.95 -11.42
CA PHE F 177 -38.72 24.00 -10.77
C PHE F 177 -37.74 22.86 -11.11
N HIS F 178 -38.13 21.97 -12.03
CA HIS F 178 -37.28 20.91 -12.63
C HIS F 178 -37.46 20.93 -14.14
N TYR F 179 -36.40 20.64 -14.89
CA TYR F 179 -36.54 20.52 -16.35
C TYR F 179 -37.50 19.35 -16.57
N PRO F 180 -38.32 19.40 -17.64
CA PRO F 180 -38.55 20.39 -18.68
C PRO F 180 -39.37 21.54 -18.19
N ALA F 181 -39.83 21.46 -16.96
CA ALA F 181 -40.57 22.60 -16.41
C ALA F 181 -41.79 22.95 -17.26
N ILE F 182 -42.58 21.94 -17.63
CA ILE F 182 -43.82 22.30 -18.29
C ILE F 182 -45.04 22.21 -17.40
N VAL F 183 -46.14 22.75 -17.89
CA VAL F 183 -47.41 22.70 -17.18
C VAL F 183 -48.40 21.86 -18.01
N ASP F 184 -48.48 20.56 -17.68
CA ASP F 184 -49.55 19.65 -18.16
C ASP F 184 -49.84 18.54 -17.13
N GLY F 185 -51.04 18.60 -16.56
CA GLY F 185 -51.53 17.66 -15.56
C GLY F 185 -51.56 16.15 -15.87
N LYS F 186 -51.85 15.81 -17.13
CA LYS F 186 -51.95 14.38 -17.51
C LYS F 186 -50.62 13.67 -17.24
N LYS F 187 -49.57 14.24 -17.82
CA LYS F 187 -48.21 13.74 -17.64
C LYS F 187 -47.85 13.66 -16.15
N ALA F 188 -48.26 14.71 -15.42
CA ALA F 188 -48.05 14.69 -13.99
C ALA F 188 -48.63 13.41 -13.37
N VAL F 189 -49.88 13.11 -13.65
CA VAL F 189 -50.49 11.96 -12.99
C VAL F 189 -49.90 10.66 -13.46
N GLN F 190 -49.68 10.54 -14.77
CA GLN F 190 -49.00 9.36 -15.26
C GLN F 190 -47.66 9.21 -14.52
N VAL F 191 -46.92 10.32 -14.48
CA VAL F 191 -45.56 10.28 -13.96
C VAL F 191 -45.71 9.90 -12.50
N ALA F 192 -46.77 10.46 -11.90
CA ALA F 192 -47.15 10.08 -10.54
C ALA F 192 -47.10 8.56 -10.36
N TYR F 193 -47.89 7.82 -11.13
CA TYR F 193 -47.88 6.36 -11.07
C TYR F 193 -46.51 5.66 -11.09
N ASN F 194 -45.67 6.08 -12.04
CA ASN F 194 -44.58 5.25 -12.50
C ASN F 194 -43.54 4.98 -11.42
N LEU F 195 -43.32 5.99 -10.57
CA LEU F 195 -42.33 5.88 -9.52
C LEU F 195 -42.91 5.06 -8.36
N ALA F 196 -44.22 5.11 -8.20
CA ALA F 196 -44.87 4.11 -7.33
C ALA F 196 -44.49 2.69 -7.85
N LEU F 197 -44.86 2.41 -9.10
CA LEU F 197 -44.48 1.16 -9.74
C LEU F 197 -43.02 0.85 -9.43
N ALA F 198 -42.16 1.71 -9.97
CA ALA F 198 -40.76 1.48 -10.00
C ALA F 198 -40.15 1.21 -8.61
N THR F 199 -40.88 1.61 -7.56
CA THR F 199 -40.46 1.36 -6.15
C THR F 199 -40.69 -0.12 -5.81
N ALA F 200 -41.92 -0.61 -6.03
CA ALA F 200 -42.20 -2.05 -5.89
C ALA F 200 -41.18 -2.84 -6.68
N LYS F 201 -41.02 -2.49 -7.95
CA LYS F 201 -40.19 -3.26 -8.88
C LYS F 201 -38.77 -3.34 -8.37
N VAL F 202 -38.28 -2.23 -7.85
CA VAL F 202 -36.90 -2.17 -7.38
C VAL F 202 -36.71 -2.97 -6.09
N ILE F 203 -37.74 -2.88 -5.22
CA ILE F 203 -37.77 -3.64 -3.98
C ILE F 203 -37.76 -5.17 -4.34
N GLN F 204 -38.71 -5.56 -5.21
CA GLN F 204 -38.73 -6.87 -5.90
C GLN F 204 -37.33 -7.28 -6.32
N ALA F 205 -36.74 -6.53 -7.26
CA ALA F 205 -35.37 -6.86 -7.67
C ALA F 205 -34.38 -7.08 -6.51
N TYR F 206 -34.48 -6.30 -5.43
CA TYR F 206 -33.51 -6.46 -4.32
C TYR F 206 -33.63 -7.78 -3.54
N ARG F 207 -34.87 -8.16 -3.22
CA ARG F 207 -35.16 -9.40 -2.47
C ARG F 207 -34.81 -10.71 -3.24
N ARG F 208 -34.90 -10.74 -4.59
CA ARG F 208 -34.48 -11.90 -5.45
C ARG F 208 -33.00 -12.15 -5.39
N GLY F 209 -32.29 -11.16 -4.85
CA GLY F 209 -30.84 -11.17 -4.77
C GLY F 209 -30.32 -12.40 -4.09
N PRO F 210 -29.00 -12.62 -4.21
CA PRO F 210 -28.33 -13.62 -3.38
C PRO F 210 -28.41 -13.17 -1.91
N ALA F 211 -28.47 -14.15 -1.03
CA ALA F 211 -28.61 -13.95 0.40
C ALA F 211 -27.66 -12.90 1.01
N GLU F 212 -26.36 -13.06 0.78
CA GLU F 212 -25.34 -12.17 1.35
C GLU F 212 -25.50 -10.68 0.94
N LEU F 213 -26.27 -10.42 -0.12
CA LEU F 213 -26.51 -9.06 -0.64
C LEU F 213 -27.94 -8.52 -0.42
N SER F 214 -28.85 -9.42 -0.04
CA SER F 214 -30.30 -9.19 0.04
C SER F 214 -30.85 -9.30 1.48
N ASP F 215 -29.92 -9.48 2.42
CA ASP F 215 -30.24 -9.68 3.84
C ASP F 215 -30.31 -8.38 4.63
N GLY F 216 -30.69 -7.30 3.96
CA GLY F 216 -30.68 -5.97 4.59
C GLY F 216 -32.03 -5.28 4.59
N ARG F 217 -32.01 -3.96 4.42
CA ARG F 217 -33.24 -3.21 4.39
C ARG F 217 -33.34 -2.29 3.17
N ILE F 218 -34.55 -2.28 2.56
CA ILE F 218 -34.94 -1.26 1.60
C ILE F 218 -36.23 -0.54 2.00
N GLY F 219 -36.30 0.71 1.57
CA GLY F 219 -37.47 1.55 1.67
C GLY F 219 -37.39 2.66 0.63
N THR F 220 -37.95 3.80 1.02
CA THR F 220 -37.94 5.02 0.22
C THR F 220 -38.13 6.19 1.18
N ILE F 221 -37.99 7.40 0.62
CA ILE F 221 -38.12 8.66 1.35
C ILE F 221 -39.35 9.46 0.90
N LEU F 222 -40.23 9.80 1.84
CA LEU F 222 -41.46 10.49 1.47
C LEU F 222 -41.85 11.67 2.35
N ASN F 223 -43.07 12.11 2.08
CA ASN F 223 -43.61 13.29 2.70
C ASN F 223 -45.00 13.08 3.29
N LEU F 224 -45.11 13.37 4.59
CA LEU F 224 -46.41 13.35 5.27
C LEU F 224 -46.61 14.63 6.11
N THR F 225 -46.04 15.75 5.66
CA THR F 225 -46.28 17.03 6.33
C THR F 225 -47.75 17.34 6.13
N PRO F 226 -48.48 17.60 7.23
CA PRO F 226 -49.92 17.65 7.06
C PRO F 226 -50.35 18.96 6.42
N ALA F 227 -51.56 18.97 5.85
CA ALA F 227 -52.13 20.21 5.34
C ALA F 227 -53.10 20.84 6.33
N TYR F 228 -52.61 21.60 7.29
CA TYR F 228 -53.53 22.25 8.21
C TYR F 228 -54.53 23.15 7.49
N PRO F 229 -55.84 22.86 7.63
CA PRO F 229 -56.86 23.75 7.05
C PRO F 229 -56.83 25.13 7.72
N ALA F 230 -57.17 26.20 7.03
CA ALA F 230 -57.19 27.57 7.61
C ALA F 230 -58.20 27.77 8.76
N SER F 231 -59.31 27.05 8.70
CA SER F 231 -60.38 27.15 9.72
C SER F 231 -61.07 25.81 9.78
N GLN F 232 -61.99 25.68 10.73
CA GLN F 232 -62.70 24.43 10.91
C GLN F 232 -63.93 24.34 9.95
N SER F 233 -64.08 25.34 9.06
CA SER F 233 -65.16 25.36 8.05
C SER F 233 -65.16 24.08 7.25
N GLU F 234 -66.25 23.79 6.55
CA GLU F 234 -66.27 22.54 5.79
C GLU F 234 -65.47 22.71 4.49
N ALA F 235 -65.52 23.90 3.92
CA ALA F 235 -64.76 24.18 2.71
C ALA F 235 -63.23 24.03 2.96
N ASP F 236 -62.66 24.92 3.75
CA ASP F 236 -61.30 24.75 4.25
C ASP F 236 -60.97 23.31 4.68
N MET F 237 -61.94 22.65 5.31
CA MET F 237 -61.81 21.24 5.69
C MET F 237 -61.61 20.32 4.46
N ALA F 238 -62.37 20.57 3.41
CA ALA F 238 -62.30 19.77 2.19
C ALA F 238 -60.95 19.98 1.46
N ALA F 239 -60.66 21.22 1.10
CA ALA F 239 -59.34 21.64 0.68
C ALA F 239 -58.23 20.86 1.44
N ALA F 240 -58.19 20.98 2.75
CA ALA F 240 -57.13 20.31 3.48
C ALA F 240 -57.15 18.81 3.18
N HIS F 241 -58.36 18.24 3.13
CA HIS F 241 -58.50 16.82 2.89
C HIS F 241 -57.99 16.39 1.52
N PHE F 242 -58.29 17.16 0.47
CA PHE F 242 -57.69 16.82 -0.80
C PHE F 242 -56.16 16.94 -0.74
N ALA F 243 -55.68 18.12 -0.35
CA ALA F 243 -54.23 18.40 -0.33
C ALA F 243 -53.44 17.27 0.33
N GLU F 244 -54.04 16.57 1.28
CA GLU F 244 -53.39 15.44 1.91
C GLU F 244 -53.48 14.17 1.03
N LEU F 245 -54.60 14.00 0.32
CA LEU F 245 -54.79 12.85 -0.58
C LEU F 245 -53.66 12.74 -1.58
N TRP F 246 -53.57 13.83 -2.35
CA TRP F 246 -52.52 14.10 -3.30
C TRP F 246 -51.09 14.17 -2.77
N ASN F 247 -50.76 15.20 -1.99
CA ASN F 247 -49.35 15.41 -1.62
C ASN F 247 -48.79 14.34 -0.71
N ASN F 248 -49.66 13.70 0.06
CA ASN F 248 -49.23 12.81 1.10
C ASN F 248 -49.63 11.34 0.83
N ASP F 249 -50.93 11.09 0.72
CA ASP F 249 -51.48 9.73 0.86
C ASP F 249 -51.12 8.80 -0.30
N LEU F 250 -51.34 9.31 -1.52
CA LEU F 250 -50.95 8.60 -2.72
C LEU F 250 -49.61 7.83 -2.60
N PHE F 251 -48.50 8.53 -2.45
CA PHE F 251 -47.24 7.83 -2.43
C PHE F 251 -47.03 7.01 -1.15
N MET F 252 -47.56 7.49 -0.02
CA MET F 252 -47.42 6.82 1.29
C MET F 252 -48.17 5.48 1.36
N GLU F 253 -49.31 5.42 0.67
CA GLU F 253 -50.20 4.27 0.67
C GLU F 253 -49.60 3.13 -0.17
N ALA F 254 -48.97 3.49 -1.28
CA ALA F 254 -48.36 2.51 -2.14
C ALA F 254 -47.22 1.80 -1.47
N ALA F 255 -46.34 2.53 -0.79
CA ALA F 255 -45.12 1.94 -0.19
C ALA F 255 -45.33 1.10 1.09
N VAL F 256 -46.44 1.37 1.79
CA VAL F 256 -46.75 0.74 3.09
C VAL F 256 -47.97 -0.19 2.97
N HIS F 257 -49.05 0.30 2.35
CA HIS F 257 -50.30 -0.48 2.16
C HIS F 257 -50.27 -1.36 0.93
N GLY F 258 -49.42 -1.05 -0.05
CA GLY F 258 -49.41 -1.77 -1.34
C GLY F 258 -50.58 -1.39 -2.24
N LYS F 259 -51.38 -0.43 -1.81
CA LYS F 259 -52.49 0.07 -2.60
C LYS F 259 -52.47 1.62 -2.80
N PHE F 260 -53.23 2.04 -3.80
CA PHE F 260 -53.55 3.44 -4.00
C PHE F 260 -54.80 3.80 -3.25
N PRO F 261 -54.87 5.06 -2.76
CA PRO F 261 -56.06 5.67 -2.16
C PRO F 261 -57.21 5.80 -3.14
N GLU F 262 -58.25 5.00 -2.89
CA GLU F 262 -59.49 4.96 -3.69
C GLU F 262 -60.07 6.33 -3.89
N GLU F 263 -60.20 7.07 -2.79
CA GLU F 263 -60.92 8.33 -2.83
C GLU F 263 -60.31 9.26 -3.86
N LEU F 264 -58.98 9.18 -3.98
CA LEU F 264 -58.21 9.97 -4.94
C LEU F 264 -58.32 9.38 -6.33
N VAL F 265 -58.13 8.06 -6.40
CA VAL F 265 -58.27 7.28 -7.64
C VAL F 265 -59.59 7.71 -8.30
N ALA F 266 -60.58 8.02 -7.46
CA ALA F 266 -61.91 8.43 -7.88
C ALA F 266 -61.99 9.90 -8.34
N VAL F 267 -61.17 10.76 -7.72
CA VAL F 267 -61.19 12.20 -8.05
C VAL F 267 -60.52 12.35 -9.40
N LEU F 268 -59.38 11.66 -9.51
CA LEU F 268 -58.60 11.65 -10.73
C LEU F 268 -59.40 11.23 -11.98
N LYS F 269 -60.09 10.07 -11.90
CA LYS F 269 -60.96 9.60 -12.99
C LYS F 269 -62.04 10.65 -13.36
N LYS F 270 -62.75 11.13 -12.34
CA LYS F 270 -63.71 12.21 -12.46
C LYS F 270 -63.19 13.38 -13.31
N ASP F 271 -61.86 13.50 -13.44
CA ASP F 271 -61.27 14.61 -14.21
C ASP F 271 -60.51 14.14 -15.44
N GLY F 272 -60.72 12.88 -15.80
CA GLY F 272 -60.19 12.31 -17.05
C GLY F 272 -58.69 12.52 -17.15
N VAL F 273 -57.99 12.13 -16.10
CA VAL F 273 -56.60 12.48 -15.96
C VAL F 273 -55.84 11.32 -15.27
N LEU F 274 -56.50 10.17 -15.15
CA LEU F 274 -55.92 9.07 -14.37
C LEU F 274 -54.88 8.24 -15.18
N TRP F 275 -53.87 7.74 -14.45
CA TRP F 275 -52.82 6.87 -14.98
C TRP F 275 -53.33 5.55 -15.55
N GLN F 276 -52.61 5.04 -16.56
CA GLN F 276 -52.91 3.77 -17.23
C GLN F 276 -52.36 2.61 -16.37
N SER F 277 -53.26 1.70 -15.98
CA SER F 277 -52.87 0.60 -15.08
C SER F 277 -53.39 -0.76 -15.55
N THR F 278 -52.44 -1.62 -15.87
CA THR F 278 -52.74 -3.03 -16.14
C THR F 278 -52.58 -3.80 -14.82
N PRO F 279 -53.51 -4.77 -14.56
CA PRO F 279 -53.70 -5.46 -13.27
C PRO F 279 -52.46 -6.10 -12.60
N GLU F 280 -51.51 -6.58 -13.40
CA GLU F 280 -50.24 -7.18 -12.93
C GLU F 280 -49.41 -6.26 -12.02
N GLU F 281 -49.39 -4.98 -12.38
CA GLU F 281 -48.54 -3.97 -11.75
C GLU F 281 -49.12 -3.61 -10.39
N LEU F 282 -50.41 -3.28 -10.38
CA LEU F 282 -51.17 -3.16 -9.14
C LEU F 282 -50.70 -4.19 -8.08
N ALA F 283 -50.61 -5.46 -8.52
CA ALA F 283 -50.18 -6.59 -7.69
C ALA F 283 -48.69 -6.60 -7.32
N LEU F 284 -47.83 -6.25 -8.30
CA LEU F 284 -46.36 -6.18 -8.09
C LEU F 284 -46.14 -5.16 -7.00
N ILE F 285 -46.91 -4.09 -7.09
CA ILE F 285 -46.90 -3.06 -6.07
C ILE F 285 -47.34 -3.67 -4.74
N ALA F 286 -48.48 -4.39 -4.80
CA ALA F 286 -49.09 -5.03 -3.64
C ALA F 286 -48.16 -6.08 -2.96
N GLU F 287 -47.27 -6.72 -3.72
CA GLU F 287 -46.38 -7.76 -3.15
C GLU F 287 -44.95 -7.31 -2.68
N ASN F 288 -44.54 -6.11 -3.05
CA ASN F 288 -43.28 -5.57 -2.55
C ASN F 288 -43.50 -4.18 -1.96
N ARG F 289 -43.61 -4.15 -0.64
CA ARG F 289 -43.74 -2.92 0.17
C ARG F 289 -42.49 -2.76 1.05
N VAL F 290 -42.28 -1.56 1.54
CA VAL F 290 -41.03 -1.24 2.25
C VAL F 290 -40.84 -1.97 3.56
N ASP F 291 -39.59 -2.31 3.85
CA ASP F 291 -39.16 -2.52 5.26
C ASP F 291 -39.25 -1.22 6.05
N TYR F 292 -38.91 -0.08 5.42
CA TYR F 292 -38.96 1.15 6.18
C TYR F 292 -39.31 2.40 5.40
N LEU F 293 -39.34 3.54 6.09
CA LEU F 293 -39.50 4.87 5.47
C LEU F 293 -38.54 5.88 6.07
N GLY F 294 -38.01 6.66 5.15
CA GLY F 294 -37.47 7.96 5.45
C GLY F 294 -38.59 8.93 5.13
N LEU F 295 -38.83 9.83 6.09
CA LEU F 295 -39.77 10.92 5.83
C LEU F 295 -39.08 12.25 5.96
N ASN F 296 -39.33 13.11 4.95
CA ASN F 296 -38.77 14.47 4.92
C ASN F 296 -39.71 15.56 5.44
N PHE F 297 -39.16 16.42 6.28
CA PHE F 297 -39.94 17.49 6.82
C PHE F 297 -39.13 18.77 6.92
N TYR F 298 -39.61 19.83 6.29
CA TYR F 298 -38.96 21.13 6.39
C TYR F 298 -39.81 22.26 7.00
N HIS F 299 -41.11 22.24 6.71
CA HIS F 299 -42.00 23.33 7.11
C HIS F 299 -43.40 22.78 7.03
N PRO F 300 -44.35 23.39 7.75
CA PRO F 300 -45.75 23.00 7.62
C PRO F 300 -46.35 23.57 6.33
N LYS F 301 -47.53 23.07 5.97
CA LYS F 301 -48.24 23.50 4.81
C LYS F 301 -49.65 23.82 5.32
N ARG F 302 -50.27 24.83 4.74
CA ARG F 302 -51.54 25.37 5.23
C ARG F 302 -52.40 25.75 4.04
N VAL F 303 -53.64 25.30 4.06
CA VAL F 303 -54.52 25.55 2.92
C VAL F 303 -55.87 26.10 3.31
N LYS F 304 -56.44 26.81 2.35
CA LYS F 304 -57.82 27.26 2.44
C LYS F 304 -58.55 26.84 1.18
N ALA F 305 -59.89 26.86 1.26
CA ALA F 305 -60.81 26.75 0.09
C ALA F 305 -60.35 27.73 -0.96
N PRO F 306 -60.47 27.34 -2.24
CA PRO F 306 -60.16 28.25 -3.34
C PRO F 306 -60.85 29.63 -3.17
N ASP F 307 -60.10 30.71 -3.40
CA ASP F 307 -60.63 32.09 -3.44
C ASP F 307 -61.45 32.34 -4.69
N ALA F 308 -61.10 31.60 -5.73
CA ALA F 308 -61.63 31.80 -7.07
C ALA F 308 -61.87 30.44 -7.71
N ILE F 309 -63.05 30.27 -8.30
CA ILE F 309 -63.33 29.09 -9.10
C ILE F 309 -63.37 29.54 -10.56
N PRO F 310 -62.50 28.97 -11.41
CA PRO F 310 -62.39 29.45 -12.81
C PRO F 310 -63.25 28.71 -13.83
N VAL F 311 -63.77 29.41 -14.83
CA VAL F 311 -64.51 28.75 -15.92
C VAL F 311 -63.64 27.83 -16.72
N ILE F 312 -62.41 28.26 -16.93
CA ILE F 312 -61.49 27.53 -17.73
C ILE F 312 -60.21 27.31 -16.99
N SER F 313 -59.72 26.09 -17.13
CA SER F 313 -58.39 25.75 -16.73
C SER F 313 -57.69 25.05 -17.87
N PRO F 314 -56.68 25.72 -18.44
CA PRO F 314 -55.62 25.23 -19.32
C PRO F 314 -55.06 23.83 -18.97
N SER F 315 -54.66 23.60 -17.71
CA SER F 315 -54.12 22.29 -17.24
C SER F 315 -54.72 21.86 -15.89
N TRP F 316 -54.83 20.55 -15.66
CA TRP F 316 -55.25 20.01 -14.35
C TRP F 316 -54.23 20.19 -13.24
N SER F 317 -54.71 20.65 -12.07
CA SER F 317 -53.83 21.03 -10.93
C SER F 317 -54.44 20.74 -9.56
N PRO F 318 -53.69 20.05 -8.68
CA PRO F 318 -54.28 19.77 -7.38
C PRO F 318 -54.83 21.05 -6.77
N GLU F 319 -54.21 22.19 -7.10
CA GLU F 319 -54.55 23.51 -6.58
C GLU F 319 -55.86 24.05 -7.10
N TRP F 320 -56.58 23.18 -7.80
CA TRP F 320 -57.97 23.40 -8.20
C TRP F 320 -58.82 23.42 -6.97
N TYR F 321 -58.60 22.41 -6.13
CA TYR F 321 -59.33 22.25 -4.89
C TYR F 321 -58.69 22.90 -3.63
N TYR F 322 -57.78 23.88 -3.83
CA TYR F 322 -57.13 24.65 -2.71
C TYR F 322 -56.16 25.80 -3.04
N ASP F 323 -55.96 26.64 -2.05
CA ASP F 323 -55.00 27.70 -2.08
C ASP F 323 -54.17 27.70 -0.79
N PRO F 324 -52.92 28.17 -0.89
CA PRO F 324 -52.05 28.47 0.24
C PRO F 324 -52.74 29.42 1.20
N TYR F 325 -52.48 29.24 2.49
CA TYR F 325 -52.94 30.15 3.53
C TYR F 325 -51.75 30.56 4.36
N LEU F 326 -51.70 31.82 4.78
CA LEU F 326 -50.71 32.32 5.70
C LEU F 326 -51.36 32.58 7.03
N MET F 327 -50.88 31.92 8.05
CA MET F 327 -51.49 32.14 9.33
C MET F 327 -50.90 33.40 9.96
N PRO F 328 -51.77 34.34 10.36
CA PRO F 328 -51.25 35.53 11.03
C PRO F 328 -50.55 35.10 12.29
N GLY F 329 -49.41 35.72 12.58
CA GLY F 329 -48.68 35.40 13.79
C GLY F 329 -47.60 34.34 13.59
N ARG F 330 -47.59 33.65 12.46
CA ARG F 330 -46.71 32.47 12.41
C ARG F 330 -45.18 32.75 12.51
N ARG F 331 -44.45 31.70 12.84
CA ARG F 331 -43.04 31.82 12.99
C ARG F 331 -42.41 31.59 11.60
N MET F 332 -41.34 32.31 11.32
CA MET F 332 -40.91 32.49 9.97
C MET F 332 -39.39 32.43 9.82
N ASN F 333 -38.94 31.65 8.84
CA ASN F 333 -37.56 31.77 8.30
C ASN F 333 -37.52 32.68 7.06
N VAL F 334 -37.11 33.91 7.30
CA VAL F 334 -37.12 34.99 6.31
C VAL F 334 -36.50 34.64 4.97
N ASP F 335 -35.24 34.20 4.98
CA ASP F 335 -34.54 33.84 3.76
C ASP F 335 -35.29 32.86 2.90
N LYS F 336 -36.14 32.09 3.53
CA LYS F 336 -36.78 31.05 2.78
C LYS F 336 -38.26 31.35 2.57
N GLY F 337 -38.79 32.29 3.37
CA GLY F 337 -40.25 32.51 3.51
C GLY F 337 -41.00 31.22 3.87
N TRP F 338 -40.47 30.50 4.86
CA TRP F 338 -41.04 29.24 5.27
C TRP F 338 -41.41 29.37 6.69
N GLU F 339 -42.63 28.97 7.03
CA GLU F 339 -43.08 29.01 8.43
C GLU F 339 -42.21 28.04 9.17
N ILE F 340 -42.05 28.26 10.46
CA ILE F 340 -41.35 27.32 11.31
C ILE F 340 -42.36 26.86 12.35
N TYR F 341 -42.70 25.59 12.28
CA TYR F 341 -43.68 25.00 13.15
C TYR F 341 -43.27 23.55 13.51
N PRO F 342 -42.31 23.36 14.42
CA PRO F 342 -41.86 22.00 14.72
C PRO F 342 -42.95 21.00 15.18
N GLU F 343 -44.03 21.48 15.80
CA GLU F 343 -45.14 20.60 16.26
C GLU F 343 -45.48 19.61 15.19
N ALA F 344 -45.40 20.04 13.94
CA ALA F 344 -45.86 19.20 12.88
C ALA F 344 -45.07 17.87 12.86
N VAL F 345 -43.84 17.86 13.41
CA VAL F 345 -43.05 16.64 13.49
C VAL F 345 -43.85 15.65 14.34
N TYR F 346 -44.37 16.11 15.47
CA TYR F 346 -45.18 15.27 16.33
C TYR F 346 -46.35 14.70 15.57
N ASP F 347 -47.07 15.53 14.81
CA ASP F 347 -48.26 15.07 14.11
C ASP F 347 -47.89 14.01 13.09
N ILE F 348 -46.65 14.09 12.59
CA ILE F 348 -46.13 13.16 11.58
C ILE F 348 -45.87 11.80 12.25
N ALA F 349 -45.12 11.83 13.34
CA ALA F 349 -44.97 10.67 14.20
C ALA F 349 -46.31 9.99 14.51
N ILE F 350 -47.34 10.76 14.87
CA ILE F 350 -48.63 10.18 15.29
C ILE F 350 -49.35 9.50 14.11
N LYS F 351 -49.29 10.10 12.95
CA LYS F 351 -49.92 9.59 11.75
C LYS F 351 -49.12 8.34 11.27
N MET F 352 -47.87 8.22 11.74
CA MET F 352 -47.09 7.00 11.51
C MET F 352 -47.74 5.91 12.34
N ARG F 353 -47.75 6.15 13.66
CA ARG F 353 -48.38 5.26 14.65
C ARG F 353 -49.85 4.83 14.35
N ASP F 354 -50.75 5.76 14.05
CA ASP F 354 -52.18 5.42 13.92
C ASP F 354 -52.68 5.16 12.51
N HIS F 355 -51.83 5.32 11.51
CA HIS F 355 -52.34 5.17 10.14
C HIS F 355 -51.42 4.42 9.21
N TYR F 356 -50.19 4.14 9.69
CA TYR F 356 -49.26 3.27 8.93
C TYR F 356 -48.57 2.15 9.77
N ASP F 357 -49.37 1.61 10.69
CA ASP F 357 -49.08 0.35 11.36
C ASP F 357 -47.79 0.46 12.15
N ASN F 358 -47.46 1.69 12.48
CA ASN F 358 -46.20 2.00 13.14
C ASN F 358 -44.97 1.24 12.55
N ILE F 359 -44.95 1.07 11.23
CA ILE F 359 -43.79 0.49 10.55
C ILE F 359 -42.55 1.33 10.88
N PRO F 360 -41.37 0.73 10.80
CA PRO F 360 -40.22 1.54 11.23
C PRO F 360 -39.90 2.70 10.24
N TRP F 361 -39.67 3.91 10.74
CA TRP F 361 -39.40 5.06 9.86
C TRP F 361 -38.34 5.86 10.50
N PHE F 362 -37.75 6.76 9.71
CA PHE F 362 -36.91 7.81 10.31
C PHE F 362 -37.16 9.14 9.66
N LEU F 363 -36.72 10.19 10.33
CA LEU F 363 -36.86 11.53 9.77
C LEU F 363 -35.59 11.69 8.95
N SER F 364 -35.77 11.45 7.65
CA SER F 364 -34.62 11.33 6.77
C SER F 364 -33.96 12.69 6.52
N GLU F 365 -34.77 13.73 6.36
CA GLU F 365 -34.30 15.11 6.20
C GLU F 365 -34.97 16.05 7.15
N ASN F 366 -34.16 16.90 7.76
CA ASN F 366 -34.72 17.98 8.53
C ASN F 366 -33.61 19.00 8.65
N GLY F 367 -33.86 20.23 8.24
CA GLY F 367 -32.79 21.21 8.29
C GLY F 367 -33.34 22.61 8.15
N VAL F 368 -32.46 23.61 8.27
CA VAL F 368 -32.81 24.98 8.09
C VAL F 368 -31.70 25.65 7.30
N GLY F 369 -32.14 26.40 6.26
CA GLY F 369 -31.26 27.02 5.28
C GLY F 369 -31.19 28.52 5.45
N ILE F 370 -29.98 29.07 5.49
CA ILE F 370 -29.79 30.52 5.61
C ILE F 370 -28.72 31.03 4.68
N SER F 371 -28.83 32.29 4.32
CA SER F 371 -27.82 32.90 3.46
C SER F 371 -26.92 33.82 4.30
N GLY F 372 -25.75 34.11 3.75
CA GLY F 372 -24.78 34.98 4.43
C GLY F 372 -24.40 34.61 5.86
N GLU F 373 -24.18 33.32 6.12
CA GLU F 373 -23.72 32.87 7.43
C GLU F 373 -22.44 33.62 7.88
N ASP F 374 -21.70 34.08 6.89
CA ASP F 374 -20.64 35.07 7.09
C ASP F 374 -20.84 36.16 8.16
N ARG F 375 -22.07 36.59 8.40
CA ARG F 375 -22.34 37.60 9.43
C ARG F 375 -22.21 37.08 10.86
N TYR F 376 -22.18 35.75 10.99
CA TYR F 376 -22.32 35.05 12.26
C TYR F 376 -21.03 34.35 12.70
N ARG F 377 -19.91 34.83 12.18
CA ARG F 377 -18.60 34.35 12.62
C ARG F 377 -18.24 35.04 13.93
N ASP F 378 -17.66 34.30 14.87
CA ASP F 378 -17.09 34.90 16.08
C ASP F 378 -15.68 35.48 15.83
N GLU F 379 -15.03 35.93 16.91
CA GLU F 379 -13.61 36.36 16.88
C GLU F 379 -12.65 35.22 16.43
N THR F 380 -13.02 33.95 16.65
CA THR F 380 -12.19 32.80 16.17
C THR F 380 -12.37 32.57 14.67
N GLY F 381 -13.51 32.99 14.13
CA GLY F 381 -13.87 32.77 12.72
C GLY F 381 -14.76 31.54 12.46
N GLN F 382 -15.40 31.02 13.49
CA GLN F 382 -16.28 29.90 13.26
C GLN F 382 -17.70 30.43 13.11
N ILE F 383 -18.57 29.65 12.45
CA ILE F 383 -19.97 30.05 12.30
C ILE F 383 -20.77 29.65 13.54
N GLN F 384 -21.09 30.63 14.38
CA GLN F 384 -21.97 30.44 15.52
C GLN F 384 -23.38 30.45 14.98
N ASP F 385 -23.83 29.31 14.46
CA ASP F 385 -25.14 29.28 13.86
C ASP F 385 -26.17 28.85 14.95
N ASP F 386 -26.42 29.78 15.85
CA ASP F 386 -27.31 29.55 16.98
C ASP F 386 -28.70 29.08 16.52
N TYR F 387 -29.22 29.84 15.54
CA TYR F 387 -30.48 29.62 14.87
C TYR F 387 -30.71 28.18 14.41
N ARG F 388 -29.65 27.53 13.94
CA ARG F 388 -29.76 26.17 13.42
C ARG F 388 -29.84 25.21 14.57
N ILE F 389 -29.27 25.63 15.69
CA ILE F 389 -29.22 24.77 16.86
C ILE F 389 -30.62 24.73 17.42
N GLN F 390 -31.10 25.93 17.74
CA GLN F 390 -32.46 26.14 18.15
C GLN F 390 -33.40 25.36 17.19
N PHE F 391 -33.24 25.54 15.88
CA PHE F 391 -34.15 24.87 14.99
C PHE F 391 -34.12 23.35 15.18
N LEU F 392 -32.95 22.77 15.29
CA LEU F 392 -32.87 21.29 15.35
C LEU F 392 -33.27 20.76 16.74
N LYS F 393 -32.93 21.50 17.80
CA LYS F 393 -33.41 21.13 19.14
C LYS F 393 -34.94 21.09 19.24
N GLU F 394 -35.62 22.20 18.93
CA GLU F 394 -37.12 22.24 18.86
C GLU F 394 -37.73 21.05 18.12
N HIS F 395 -37.20 20.73 16.93
CA HIS F 395 -37.67 19.60 16.12
C HIS F 395 -37.35 18.24 16.69
N LEU F 396 -36.13 18.05 17.24
CA LEU F 396 -35.78 16.74 17.83
C LEU F 396 -36.75 16.44 18.95
N THR F 397 -36.89 17.45 19.83
CA THR F 397 -37.88 17.47 20.92
C THR F 397 -39.25 16.90 20.56
N TYR F 398 -39.83 17.31 19.43
CA TYR F 398 -41.18 16.83 19.04
C TYR F 398 -41.12 15.46 18.45
N LEU F 399 -39.90 15.07 18.04
CA LEU F 399 -39.65 13.70 17.58
C LEU F 399 -39.61 12.83 18.84
N HIS F 400 -38.83 13.27 19.83
CA HIS F 400 -38.71 12.59 21.11
C HIS F 400 -40.05 12.43 21.82
N LYS F 401 -41.00 13.35 21.60
CA LYS F 401 -42.38 13.18 22.09
C LYS F 401 -43.14 12.15 21.24
N GLY F 402 -42.85 12.06 19.95
CA GLY F 402 -43.53 11.05 19.15
C GLY F 402 -43.04 9.67 19.58
N ILE F 403 -41.76 9.61 19.90
CA ILE F 403 -41.12 8.36 20.24
C ILE F 403 -41.78 7.90 21.56
N GLU F 404 -41.59 8.70 22.61
CA GLU F 404 -42.24 8.56 23.91
C GLU F 404 -43.70 8.11 23.87
N ALA F 405 -44.45 8.60 22.88
CA ALA F 405 -45.89 8.38 22.77
C ALA F 405 -46.17 7.22 21.83
N GLY F 406 -45.13 6.42 21.65
CA GLY F 406 -45.25 5.14 20.95
C GLY F 406 -44.67 5.02 19.55
N SER F 407 -44.31 6.14 18.90
CA SER F 407 -43.99 6.05 17.45
C SER F 407 -42.61 5.48 17.13
N ASN F 408 -42.59 4.66 16.08
CA ASN F 408 -41.44 3.81 15.78
C ASN F 408 -40.39 4.44 14.83
N CYS F 409 -39.54 5.28 15.39
CA CYS F 409 -38.54 6.01 14.61
C CYS F 409 -37.12 5.81 15.16
N PHE F 410 -36.23 5.38 14.28
CA PHE F 410 -34.91 4.95 14.68
C PHE F 410 -33.80 5.97 14.39
N GLY F 411 -34.15 7.04 13.70
CA GLY F 411 -33.16 8.01 13.30
C GLY F 411 -33.71 9.36 12.86
N TYR F 412 -32.81 10.33 12.96
CA TYR F 412 -32.97 11.66 12.53
C TYR F 412 -31.75 11.92 11.66
N HIS F 413 -31.96 12.40 10.42
CA HIS F 413 -30.86 12.96 9.61
C HIS F 413 -31.04 14.42 9.33
N VAL F 414 -30.04 15.21 9.72
CA VAL F 414 -29.95 16.64 9.43
C VAL F 414 -29.53 16.88 7.99
N TRP F 415 -30.44 17.44 7.15
CA TRP F 415 -30.05 18.06 5.86
C TRP F 415 -29.37 19.32 6.22
N THR F 416 -28.04 19.42 6.10
CA THR F 416 -27.12 18.47 5.41
C THR F 416 -25.76 18.55 6.15
N PRO F 417 -24.96 17.46 6.13
CA PRO F 417 -23.64 17.49 6.77
C PRO F 417 -22.75 18.63 6.37
N ILE F 418 -22.45 18.72 5.09
CA ILE F 418 -21.64 19.86 4.58
C ILE F 418 -22.46 20.70 3.59
N ASP F 419 -22.34 22.02 3.61
CA ASP F 419 -23.08 22.84 2.63
C ASP F 419 -23.02 22.21 1.25
N GLY F 420 -24.19 21.97 0.68
CA GLY F 420 -24.36 21.42 -0.67
C GLY F 420 -25.06 22.32 -1.69
N TRP F 421 -25.22 21.78 -2.89
CA TRP F 421 -25.71 22.53 -4.01
C TRP F 421 -27.17 22.34 -4.16
N SER F 422 -27.91 23.42 -3.92
CA SER F 422 -29.35 23.32 -3.74
C SER F 422 -30.11 23.69 -5.02
N TRP F 423 -29.97 22.88 -6.06
CA TRP F 423 -30.75 23.12 -7.28
C TRP F 423 -30.63 24.57 -7.78
N LEU F 424 -31.75 25.17 -8.22
CA LEU F 424 -31.74 26.54 -8.75
C LEU F 424 -31.09 27.49 -7.75
N ASN F 425 -31.30 27.23 -6.46
CA ASN F 425 -30.71 28.05 -5.42
C ASN F 425 -29.21 27.89 -5.23
N ALA F 426 -28.62 26.86 -5.82
CA ALA F 426 -27.19 26.64 -5.71
C ALA F 426 -26.73 26.88 -4.27
N TYR F 427 -25.86 27.86 -4.06
CA TYR F 427 -25.22 28.02 -2.76
C TYR F 427 -25.72 29.21 -1.95
N LYS F 428 -26.79 29.83 -2.45
CA LYS F 428 -27.57 30.90 -1.79
C LYS F 428 -27.86 30.60 -0.34
N ASN F 429 -28.57 29.50 -0.08
CA ASN F 429 -28.88 29.11 1.29
C ASN F 429 -28.07 27.90 1.74
N ARG F 430 -27.32 28.04 2.83
CA ARG F 430 -26.48 26.96 3.35
C ARG F 430 -27.27 26.20 4.40
N TYR F 431 -27.15 24.87 4.37
CA TYR F 431 -27.87 24.00 5.30
C TYR F 431 -26.93 23.27 6.24
N GLY F 432 -25.63 23.41 5.97
CA GLY F 432 -24.65 22.50 6.52
C GLY F 432 -24.37 22.64 8.00
N LEU F 433 -24.17 21.49 8.64
CA LEU F 433 -23.49 21.48 9.94
C LEU F 433 -22.07 21.99 9.75
N VAL F 434 -21.49 21.60 8.60
CA VAL F 434 -20.19 22.15 8.25
C VAL F 434 -20.20 22.99 6.99
N GLU F 435 -19.52 24.10 7.10
CA GLU F 435 -19.46 25.09 6.07
C GLU F 435 -18.55 24.68 4.97
N ASN F 436 -19.01 24.81 3.73
CA ASN F 436 -18.09 24.63 2.59
C ASN F 436 -17.73 25.93 1.91
N ASN F 437 -16.44 26.30 1.94
CA ASN F 437 -15.98 27.36 1.06
C ASN F 437 -15.93 26.90 -0.42
N ILE F 438 -16.88 27.33 -1.24
CA ILE F 438 -17.12 26.74 -2.58
C ILE F 438 -16.02 27.11 -3.61
N HIS F 439 -15.11 28.00 -3.22
CA HIS F 439 -13.89 28.25 -3.97
C HIS F 439 -12.77 27.21 -3.76
N THR F 440 -12.43 27.00 -2.49
CA THR F 440 -11.25 26.21 -2.08
C THR F 440 -11.71 24.83 -1.65
N GLN F 441 -13.00 24.72 -1.33
CA GLN F 441 -13.62 23.50 -0.86
C GLN F 441 -13.08 23.09 0.52
N VAL F 442 -12.49 24.06 1.22
CA VAL F 442 -12.01 23.89 2.61
C VAL F 442 -13.25 23.81 3.55
N ARG F 443 -13.45 22.63 4.15
CA ARG F 443 -14.48 22.45 5.19
C ARG F 443 -14.16 23.17 6.52
N ARG F 444 -15.17 23.71 7.21
CA ARG F 444 -14.97 24.23 8.59
C ARG F 444 -16.26 24.12 9.39
N PRO F 445 -16.23 23.28 10.44
CA PRO F 445 -17.43 23.01 11.27
C PRO F 445 -18.04 24.28 11.86
N LYS F 446 -19.36 24.33 11.90
CA LYS F 446 -20.06 25.46 12.52
C LYS F 446 -20.41 25.07 13.95
N ALA F 447 -20.85 26.07 14.72
CA ALA F 447 -21.14 25.82 16.14
C ALA F 447 -22.20 24.72 16.30
N SER F 448 -23.06 24.56 15.29
CA SER F 448 -24.10 23.52 15.25
C SER F 448 -23.54 22.11 15.12
N ALA F 449 -22.32 22.02 14.58
CA ALA F 449 -21.67 20.69 14.37
C ALA F 449 -21.34 20.01 15.71
N TYR F 450 -20.83 20.86 16.62
CA TYR F 450 -20.38 20.56 17.98
C TYR F 450 -21.56 20.39 18.91
N TRP F 451 -22.64 21.14 18.63
CA TRP F 451 -23.88 20.89 19.32
C TRP F 451 -24.42 19.51 19.03
N PHE F 452 -24.55 19.20 17.74
CA PHE F 452 -25.12 17.94 17.31
C PHE F 452 -24.18 16.84 17.71
N LYS F 453 -22.88 17.17 17.78
CA LYS F 453 -21.84 16.22 18.16
C LYS F 453 -22.14 15.71 19.57
N LYS F 454 -22.13 16.67 20.49
CA LYS F 454 -22.56 16.50 21.89
C LYS F 454 -23.82 15.59 22.01
N VAL F 455 -24.87 15.85 21.23
CA VAL F 455 -26.09 15.03 21.19
C VAL F 455 -25.81 13.65 20.61
N ALA F 456 -24.89 13.57 19.67
CA ALA F 456 -24.70 12.37 18.88
C ALA F 456 -24.03 11.31 19.77
N THR F 457 -22.91 11.72 20.35
CA THR F 457 -22.19 10.96 21.37
C THR F 457 -23.13 10.40 22.45
N HIS F 458 -23.72 11.27 23.28
CA HIS F 458 -24.39 10.81 24.51
C HIS F 458 -25.81 10.36 24.30
N ASN F 459 -26.32 10.40 23.07
CA ASN F 459 -27.66 9.87 22.71
C ASN F 459 -28.94 10.51 23.35
N ARG F 460 -28.89 11.82 23.59
CA ARG F 460 -29.97 12.55 24.27
C ARG F 460 -29.90 14.04 23.93
N LEU F 461 -30.84 14.86 24.45
CA LEU F 461 -30.72 16.34 24.37
C LEU F 461 -30.22 17.02 25.66
#